data_2KOT
#
_entry.id   2KOT
#
loop_
_entity.id
_entity.type
_entity.pdbx_description
1 polymer 'Protein S100-A13'
2 non-polymer '2-amino-7-(1-methylethyl)-5-oxo-5H-chromeno[2,3-b]pyridine-3-carboxylic acid'
#
_entity_poly.entity_id   1
_entity_poly.type   'polypeptide(L)'
_entity_poly.pdbx_seq_one_letter_code
;MAAEPLTELEESIETVVTTFFTFARQEGRKDSLSVNEFKELVTQQLPHLLKDVGSLDEKMKSLDVNQDSELKFNEYWRLI
GELAKEIRKKKDLKIRKK
;
_entity_poly.pdbx_strand_id   A,B
#
loop_
_chem_comp.id
_chem_comp.type
_chem_comp.name
_chem_comp.formula
ANW non-polymer '2-amino-7-(1-methylethyl)-5-oxo-5H-chromeno[2,3-b]pyridine-3-carboxylic acid' 'C16 H14 N2 O4'
#
# COMPACT_ATOMS: atom_id res chain seq x y z
N MET A 1 -12.07 14.14 -3.74
CA MET A 1 -11.15 13.35 -4.62
C MET A 1 -9.73 13.97 -4.71
N ALA A 2 -9.22 14.49 -3.57
CA ALA A 2 -7.88 15.11 -3.50
C ALA A 2 -7.17 14.69 -2.20
N ALA A 3 -5.95 14.11 -2.35
CA ALA A 3 -5.16 13.63 -1.20
C ALA A 3 -4.34 14.76 -0.57
N GLU A 4 -4.64 15.08 0.71
CA GLU A 4 -3.94 16.15 1.46
C GLU A 4 -3.07 15.55 2.61
N PRO A 5 -1.84 16.11 2.89
CA PRO A 5 -0.96 15.60 3.97
C PRO A 5 -1.51 15.89 5.38
N LEU A 6 -1.43 14.88 6.30
CA LEU A 6 -1.93 15.03 7.68
C LEU A 6 -0.87 14.57 8.72
N THR A 7 -0.68 13.25 8.88
CA THR A 7 0.30 12.67 9.84
C THR A 7 1.41 11.93 9.05
N GLU A 8 2.54 11.60 9.73
CA GLU A 8 3.69 10.89 9.07
C GLU A 8 3.26 9.57 8.39
N LEU A 9 2.38 8.78 9.04
CA LEU A 9 1.90 7.49 8.47
C LEU A 9 0.86 7.71 7.35
N GLU A 10 0.01 8.75 7.51
CA GLU A 10 -1.02 9.09 6.50
C GLU A 10 -0.39 9.82 5.30
N GLU A 11 0.74 10.53 5.53
CA GLU A 11 1.46 11.26 4.49
C GLU A 11 2.19 10.29 3.53
N SER A 12 2.69 9.14 4.05
CA SER A 12 3.39 8.14 3.21
C SER A 12 2.45 7.61 2.10
N ILE A 13 1.24 7.14 2.47
CA ILE A 13 0.25 6.65 1.49
C ILE A 13 -0.29 7.80 0.60
N GLU A 14 -0.21 9.06 1.09
CA GLU A 14 -0.63 10.26 0.34
C GLU A 14 0.44 10.66 -0.69
N THR A 15 1.74 10.48 -0.35
CA THR A 15 2.86 10.83 -1.25
C THR A 15 2.83 9.99 -2.54
N VAL A 16 2.48 8.68 -2.42
CA VAL A 16 2.42 7.76 -3.59
C VAL A 16 1.26 8.17 -4.55
N VAL A 17 0.16 8.73 -3.98
CA VAL A 17 -1.00 9.16 -4.78
C VAL A 17 -0.73 10.53 -5.44
N THR A 18 -0.32 11.53 -4.65
CA THR A 18 -0.07 12.90 -5.16
C THR A 18 1.10 13.01 -6.16
N THR A 19 2.09 12.10 -6.10
CA THR A 19 3.26 12.15 -6.99
C THR A 19 3.00 11.59 -8.41
N PHE A 20 2.27 10.46 -8.54
CA PHE A 20 2.01 9.85 -9.86
C PHE A 20 0.60 10.14 -10.43
N PHE A 21 -0.39 10.47 -9.58
CA PHE A 21 -1.77 10.75 -10.09
C PHE A 21 -1.86 12.04 -10.93
N THR A 22 -0.80 12.89 -10.91
CA THR A 22 -0.75 14.11 -11.74
C THR A 22 -0.65 13.74 -13.24
N PHE A 23 -0.02 12.57 -13.52
CA PHE A 23 0.14 12.05 -14.90
C PHE A 23 -0.91 10.96 -15.21
N ALA A 24 -1.40 10.24 -14.16
CA ALA A 24 -2.42 9.19 -14.33
C ALA A 24 -3.79 9.75 -14.73
N ARG A 25 -4.07 11.01 -14.33
CA ARG A 25 -5.34 11.70 -14.66
C ARG A 25 -5.48 11.96 -16.19
N GLN A 26 -4.33 11.95 -16.94
CA GLN A 26 -4.30 12.17 -18.40
C GLN A 26 -5.28 11.24 -19.15
N GLU A 27 -5.29 9.95 -18.76
CA GLU A 27 -6.18 8.95 -19.38
C GLU A 27 -7.51 8.85 -18.59
N GLY A 28 -8.43 7.96 -19.02
CA GLY A 28 -9.73 7.77 -18.36
C GLY A 28 -9.65 7.53 -16.85
N ARG A 29 -10.68 8.01 -16.10
CA ARG A 29 -10.76 7.88 -14.61
C ARG A 29 -9.64 8.68 -13.91
N LYS A 30 -9.99 9.38 -12.82
CA LYS A 30 -9.03 10.18 -12.05
C LYS A 30 -8.29 9.32 -11.01
N ASP A 31 -9.03 8.40 -10.35
CA ASP A 31 -8.46 7.51 -9.33
C ASP A 31 -7.71 6.30 -9.94
N SER A 32 -7.93 6.01 -11.25
CA SER A 32 -7.28 4.86 -11.94
C SER A 32 -5.95 5.26 -12.58
N LEU A 33 -4.99 4.31 -12.54
CA LEU A 33 -3.65 4.48 -13.15
C LEU A 33 -3.64 3.86 -14.56
N SER A 34 -2.90 4.47 -15.50
CA SER A 34 -2.83 3.97 -16.90
C SER A 34 -2.07 2.63 -17.00
N VAL A 35 -2.40 1.82 -18.02
CA VAL A 35 -1.76 0.51 -18.25
C VAL A 35 -0.37 0.63 -18.93
N ASN A 36 -0.14 1.74 -19.67
CA ASN A 36 1.14 1.96 -20.38
C ASN A 36 2.10 2.85 -19.57
N GLU A 37 1.57 3.72 -18.69
CA GLU A 37 2.40 4.64 -17.87
C GLU A 37 2.97 3.98 -16.61
N PHE A 38 2.23 3.02 -15.99
CA PHE A 38 2.71 2.34 -14.77
C PHE A 38 3.94 1.46 -15.09
N LYS A 39 3.98 0.89 -16.30
CA LYS A 39 5.11 0.05 -16.76
C LYS A 39 6.38 0.91 -16.92
N GLU A 40 6.21 2.18 -17.38
CA GLU A 40 7.34 3.12 -17.54
C GLU A 40 7.82 3.64 -16.17
N LEU A 41 6.88 3.79 -15.21
CA LEU A 41 7.19 4.25 -13.84
C LEU A 41 8.02 3.20 -13.07
N VAL A 42 7.66 1.91 -13.23
CA VAL A 42 8.37 0.80 -12.58
C VAL A 42 9.79 0.59 -13.17
N THR A 43 10.06 1.11 -14.39
CA THR A 43 11.38 0.99 -15.03
C THR A 43 12.14 2.35 -15.06
N GLN A 44 11.68 3.36 -14.28
CA GLN A 44 12.33 4.68 -14.25
C GLN A 44 12.42 5.25 -12.81
N GLN A 45 11.26 5.38 -12.13
CA GLN A 45 11.20 5.92 -10.75
C GLN A 45 11.13 4.82 -9.68
N LEU A 46 10.76 3.57 -10.06
CA LEU A 46 10.67 2.45 -9.11
C LEU A 46 11.39 1.18 -9.66
N PRO A 47 12.67 1.29 -10.19
CA PRO A 47 13.41 0.12 -10.75
C PRO A 47 14.17 -0.73 -9.71
N HIS A 48 14.72 -0.10 -8.65
CA HIS A 48 15.51 -0.82 -7.61
C HIS A 48 14.63 -1.72 -6.71
N LEU A 49 13.39 -1.29 -6.43
CA LEU A 49 12.45 -2.04 -5.58
C LEU A 49 12.04 -3.38 -6.24
N LEU A 50 11.25 -3.31 -7.33
CA LEU A 50 10.79 -4.51 -8.04
C LEU A 50 11.88 -4.96 -9.04
N LYS A 51 12.67 -6.00 -8.64
CA LYS A 51 13.78 -6.52 -9.47
C LYS A 51 13.36 -6.89 -10.91
N ASP A 52 12.14 -7.46 -11.08
CA ASP A 52 11.64 -7.83 -12.41
C ASP A 52 10.94 -6.64 -13.09
N VAL A 53 11.75 -5.66 -13.56
CA VAL A 53 11.22 -4.46 -14.25
C VAL A 53 10.67 -4.82 -15.64
N GLY A 54 11.32 -5.79 -16.32
CA GLY A 54 10.91 -6.25 -17.64
C GLY A 54 9.86 -7.35 -17.59
N SER A 55 10.03 -8.31 -16.65
CA SER A 55 9.08 -9.42 -16.47
C SER A 55 7.97 -9.01 -15.48
N LEU A 56 7.10 -8.09 -15.95
CA LEU A 56 5.98 -7.57 -15.14
C LEU A 56 4.63 -8.20 -15.60
N ASP A 57 4.67 -9.13 -16.59
CA ASP A 57 3.45 -9.78 -17.11
C ASP A 57 2.74 -10.64 -16.02
N GLU A 58 3.52 -11.19 -15.07
CA GLU A 58 2.96 -12.02 -13.96
C GLU A 58 2.00 -11.19 -13.10
N LYS A 59 2.41 -9.95 -12.73
CA LYS A 59 1.57 -9.04 -11.92
C LYS A 59 0.58 -8.26 -12.80
N MET A 60 0.97 -7.92 -14.06
CA MET A 60 0.10 -7.17 -14.99
C MET A 60 -1.28 -7.86 -15.20
N LYS A 61 -1.28 -9.21 -15.23
CA LYS A 61 -2.52 -9.99 -15.39
C LYS A 61 -3.30 -10.07 -14.07
N SER A 62 -2.58 -10.26 -12.94
CA SER A 62 -3.20 -10.34 -11.59
C SER A 62 -3.83 -9.00 -11.17
N LEU A 63 -3.24 -7.87 -11.63
CA LEU A 63 -3.74 -6.52 -11.31
C LEU A 63 -5.12 -6.27 -11.94
N ASP A 64 -5.22 -6.36 -13.28
CA ASP A 64 -6.49 -6.16 -14.00
C ASP A 64 -7.31 -7.46 -13.99
N VAL A 65 -7.99 -7.72 -12.87
CA VAL A 65 -8.83 -8.93 -12.71
C VAL A 65 -10.19 -8.80 -13.44
N ASN A 66 -10.69 -7.55 -13.59
CA ASN A 66 -11.97 -7.29 -14.29
C ASN A 66 -11.75 -7.12 -15.82
N GLN A 67 -10.54 -6.68 -16.23
CA GLN A 67 -10.18 -6.47 -17.65
C GLN A 67 -11.12 -5.45 -18.33
N ASP A 68 -10.81 -4.15 -18.17
CA ASP A 68 -11.60 -3.05 -18.75
C ASP A 68 -10.73 -2.27 -19.76
N SER A 69 -9.74 -1.51 -19.25
CA SER A 69 -8.83 -0.70 -20.08
C SER A 69 -7.60 -0.26 -19.27
N GLU A 70 -7.84 0.40 -18.12
CA GLU A 70 -6.78 0.88 -17.22
C GLU A 70 -6.82 0.13 -15.88
N LEU A 71 -5.83 0.41 -15.00
CA LEU A 71 -5.73 -0.25 -13.69
C LEU A 71 -6.27 0.66 -12.56
N LYS A 72 -7.53 0.40 -12.12
CA LYS A 72 -8.16 1.16 -11.01
C LYS A 72 -7.40 0.86 -9.71
N PHE A 73 -7.54 1.68 -8.65
CA PHE A 73 -6.81 1.40 -7.39
C PHE A 73 -7.19 0.04 -6.78
N ASN A 74 -8.43 -0.44 -7.03
CA ASN A 74 -8.89 -1.76 -6.54
C ASN A 74 -8.17 -2.88 -7.33
N GLU A 75 -7.79 -2.59 -8.59
CA GLU A 75 -7.07 -3.54 -9.47
C GLU A 75 -5.54 -3.40 -9.28
N TYR A 76 -5.05 -2.13 -9.20
CA TYR A 76 -3.62 -1.82 -9.01
C TYR A 76 -3.13 -2.20 -7.59
N TRP A 77 -4.08 -2.41 -6.65
CA TRP A 77 -3.78 -2.79 -5.24
C TRP A 77 -2.88 -4.05 -5.11
N ARG A 78 -2.87 -4.94 -6.14
CA ARG A 78 -2.02 -6.16 -6.12
C ARG A 78 -0.51 -5.80 -6.19
N LEU A 79 -0.18 -4.61 -6.75
CA LEU A 79 1.22 -4.15 -6.86
C LEU A 79 1.58 -3.26 -5.65
N ILE A 80 0.56 -2.61 -5.04
CA ILE A 80 0.74 -1.76 -3.85
C ILE A 80 1.26 -2.62 -2.66
N GLY A 81 0.74 -3.88 -2.55
CA GLY A 81 1.18 -4.80 -1.50
C GLY A 81 2.59 -5.31 -1.76
N GLU A 82 2.89 -5.63 -3.05
CA GLU A 82 4.24 -6.11 -3.46
C GLU A 82 5.26 -4.97 -3.33
N LEU A 83 4.79 -3.70 -3.36
CA LEU A 83 5.66 -2.52 -3.22
C LEU A 83 6.37 -2.51 -1.85
N ALA A 84 5.59 -2.73 -0.77
CA ALA A 84 6.14 -2.76 0.61
C ALA A 84 6.59 -4.17 1.03
N LYS A 85 6.23 -5.22 0.25
CA LYS A 85 6.63 -6.60 0.55
C LYS A 85 8.00 -6.94 -0.04
N GLU A 86 8.30 -6.42 -1.26
CA GLU A 86 9.59 -6.67 -1.94
C GLU A 86 10.67 -5.64 -1.52
N ILE A 87 10.30 -4.59 -0.76
CA ILE A 87 11.25 -3.56 -0.30
C ILE A 87 12.28 -4.15 0.69
N ARG A 88 11.82 -5.05 1.58
CA ARG A 88 12.68 -5.69 2.60
C ARG A 88 13.03 -7.15 2.25
N LYS A 89 12.12 -7.87 1.55
CA LYS A 89 12.36 -9.29 1.18
C LYS A 89 12.03 -9.59 -0.30
N LYS A 90 12.79 -8.99 -1.24
CA LYS A 90 12.59 -9.24 -2.68
C LYS A 90 13.17 -10.62 -3.05
N LYS A 91 14.29 -10.98 -2.40
CA LYS A 91 14.97 -12.27 -2.60
C LYS A 91 15.39 -12.84 -1.23
N ASP A 92 14.39 -13.27 -0.44
CA ASP A 92 14.64 -13.83 0.91
C ASP A 92 15.18 -15.29 0.82
N LEU A 93 16.45 -15.40 0.38
CA LEU A 93 17.13 -16.70 0.21
C LEU A 93 18.63 -16.48 -0.10
N LYS A 94 18.93 -15.59 -1.07
CA LYS A 94 20.30 -15.25 -1.48
C LYS A 94 20.84 -14.08 -0.64
N ILE A 95 20.09 -12.94 -0.64
CA ILE A 95 20.46 -11.73 0.13
C ILE A 95 19.42 -11.49 1.25
N ARG A 96 19.90 -11.37 2.50
CA ARG A 96 19.01 -11.17 3.67
C ARG A 96 19.63 -10.21 4.72
N LYS A 97 20.30 -9.14 4.27
CA LYS A 97 20.92 -8.16 5.18
C LYS A 97 21.02 -6.75 4.55
N LYS A 98 19.85 -6.10 4.38
CA LYS A 98 19.77 -4.74 3.80
C LYS A 98 19.45 -3.72 4.90
N MET B 1 16.45 -8.31 4.77
CA MET B 1 15.40 -8.57 5.74
C MET B 1 14.74 -7.29 6.25
N ALA B 2 15.54 -6.22 6.46
CA ALA B 2 15.03 -4.92 6.95
C ALA B 2 14.80 -3.93 5.81
N ALA B 3 13.99 -2.89 6.07
CA ALA B 3 13.66 -1.86 5.07
C ALA B 3 14.61 -0.65 5.17
N GLU B 4 15.26 -0.30 4.04
CA GLU B 4 16.21 0.84 3.97
C GLU B 4 15.72 1.87 2.91
N PRO B 5 15.86 3.22 3.17
CA PRO B 5 15.42 4.28 2.21
C PRO B 5 15.96 4.10 0.78
N LEU B 6 15.11 4.40 -0.24
CA LEU B 6 15.48 4.28 -1.66
C LEU B 6 14.99 5.53 -2.46
N THR B 7 14.26 5.34 -3.59
CA THR B 7 13.75 6.46 -4.43
C THR B 7 12.47 7.06 -3.81
N GLU B 8 12.11 8.31 -4.21
CA GLU B 8 10.91 9.03 -3.70
C GLU B 8 9.65 8.14 -3.52
N LEU B 9 9.30 7.34 -4.56
CA LEU B 9 8.11 6.44 -4.50
C LEU B 9 8.36 5.23 -3.60
N GLU B 10 9.57 4.65 -3.70
CA GLU B 10 9.97 3.47 -2.90
C GLU B 10 10.11 3.83 -1.39
N GLU B 11 10.64 5.05 -1.11
CA GLU B 11 10.86 5.54 0.27
C GLU B 11 9.53 5.75 1.03
N SER B 12 8.45 6.16 0.31
CA SER B 12 7.13 6.38 0.95
C SER B 12 6.59 5.08 1.55
N ILE B 13 6.47 4.02 0.72
CA ILE B 13 6.00 2.69 1.19
C ILE B 13 7.04 1.99 2.10
N GLU B 14 8.31 2.45 2.06
CA GLU B 14 9.42 1.91 2.88
C GLU B 14 9.33 2.48 4.32
N THR B 15 9.02 3.79 4.45
CA THR B 15 8.91 4.46 5.76
C THR B 15 7.78 3.87 6.63
N VAL B 16 6.66 3.45 5.99
CA VAL B 16 5.52 2.85 6.72
C VAL B 16 5.94 1.55 7.46
N VAL B 17 6.92 0.81 6.89
CA VAL B 17 7.44 -0.43 7.49
C VAL B 17 8.29 -0.12 8.74
N THR B 18 9.29 0.75 8.59
CA THR B 18 10.23 1.12 9.68
C THR B 18 9.58 1.81 10.89
N THR B 19 8.45 2.54 10.67
CA THR B 19 7.77 3.27 11.77
C THR B 19 7.05 2.33 12.76
N PHE B 20 6.24 1.37 12.25
CA PHE B 20 5.49 0.44 13.12
C PHE B 20 6.26 -0.85 13.45
N PHE B 21 7.30 -1.22 12.66
CA PHE B 21 8.08 -2.46 12.92
C PHE B 21 8.84 -2.40 14.27
N THR B 22 9.09 -1.17 14.80
CA THR B 22 9.79 -0.99 16.08
C THR B 22 8.99 -1.61 17.26
N PHE B 23 7.63 -1.61 17.13
CA PHE B 23 6.73 -2.16 18.16
C PHE B 23 6.21 -3.56 17.77
N ALA B 24 6.12 -3.85 16.45
CA ALA B 24 5.65 -5.16 15.96
C ALA B 24 6.68 -6.30 16.19
N ARG B 25 7.98 -5.93 16.30
CA ARG B 25 9.08 -6.89 16.52
C ARG B 25 8.92 -7.71 17.82
N GLN B 26 8.30 -7.09 18.86
CA GLN B 26 8.11 -7.74 20.18
C GLN B 26 7.28 -9.04 20.09
N GLU B 27 6.30 -9.09 19.15
CA GLU B 27 5.45 -10.29 18.97
C GLU B 27 6.08 -11.26 17.95
N GLY B 28 5.44 -12.43 17.74
CA GLY B 28 5.95 -13.45 16.80
C GLY B 28 6.10 -12.94 15.36
N ARG B 29 7.18 -13.41 14.67
CA ARG B 29 7.50 -13.02 13.27
C ARG B 29 7.74 -11.50 13.12
N LYS B 30 8.99 -11.12 12.77
CA LYS B 30 9.37 -9.70 12.59
C LYS B 30 8.56 -9.04 11.44
N ASP B 31 8.35 -9.79 10.34
CA ASP B 31 7.58 -9.28 9.18
C ASP B 31 6.07 -9.18 9.50
N SER B 32 5.58 -10.02 10.42
CA SER B 32 4.16 -10.01 10.81
C SER B 32 3.84 -8.94 11.86
N LEU B 33 2.61 -8.40 11.77
CA LEU B 33 2.10 -7.36 12.69
C LEU B 33 1.11 -7.99 13.69
N SER B 34 1.02 -7.40 14.90
CA SER B 34 0.12 -7.90 15.96
C SER B 34 -1.35 -7.54 15.66
N VAL B 35 -2.29 -8.29 16.28
CA VAL B 35 -3.74 -8.06 16.09
C VAL B 35 -4.30 -6.98 17.05
N ASN B 36 -3.56 -6.67 18.15
CA ASN B 36 -3.99 -5.65 19.12
C ASN B 36 -3.25 -4.33 18.91
N GLU B 37 -1.92 -4.38 18.65
CA GLU B 37 -1.10 -3.16 18.45
C GLU B 37 -1.47 -2.40 17.15
N PHE B 38 -1.81 -3.13 16.06
CA PHE B 38 -2.20 -2.49 14.78
C PHE B 38 -3.54 -1.74 14.95
N LYS B 39 -4.47 -2.32 15.76
CA LYS B 39 -5.77 -1.72 16.06
C LYS B 39 -5.58 -0.40 16.84
N GLU B 40 -4.57 -0.37 17.74
CA GLU B 40 -4.23 0.83 18.54
C GLU B 40 -3.58 1.92 17.67
N LEU B 41 -2.87 1.50 16.59
CA LEU B 41 -2.21 2.44 15.65
C LEU B 41 -3.27 3.29 14.90
N VAL B 42 -4.43 2.67 14.58
CA VAL B 42 -5.53 3.36 13.88
C VAL B 42 -6.29 4.31 14.85
N THR B 43 -6.33 3.97 16.16
CA THR B 43 -7.02 4.80 17.17
C THR B 43 -6.02 5.71 17.94
N GLN B 44 -4.88 6.10 17.30
CA GLN B 44 -3.88 6.97 17.94
C GLN B 44 -3.05 7.77 16.92
N GLN B 45 -2.45 7.07 15.92
CA GLN B 45 -1.60 7.71 14.89
C GLN B 45 -2.21 7.67 13.47
N LEU B 46 -3.35 6.97 13.27
CA LEU B 46 -4.01 6.88 11.96
C LEU B 46 -5.57 7.02 12.06
N PRO B 47 -6.13 7.91 12.96
CA PRO B 47 -7.60 8.07 13.11
C PRO B 47 -8.27 8.89 11.98
N HIS B 48 -7.56 9.91 11.45
CA HIS B 48 -8.10 10.77 10.37
C HIS B 48 -8.19 10.05 9.02
N LEU B 49 -7.28 9.08 8.77
CA LEU B 49 -7.28 8.32 7.51
C LEU B 49 -8.49 7.37 7.43
N LEU B 50 -8.67 6.52 8.47
CA LEU B 50 -9.79 5.59 8.53
C LEU B 50 -10.89 6.19 9.44
N LYS B 51 -11.95 6.72 8.80
CA LYS B 51 -13.09 7.36 9.51
C LYS B 51 -13.77 6.41 10.52
N ASP B 52 -13.81 5.10 10.21
CA ASP B 52 -14.44 4.10 11.07
C ASP B 52 -13.38 3.47 11.99
N VAL B 53 -13.09 4.15 13.12
CA VAL B 53 -12.09 3.67 14.10
C VAL B 53 -12.71 2.71 15.13
N GLY B 54 -14.01 2.89 15.45
CA GLY B 54 -14.70 2.04 16.41
C GLY B 54 -14.96 0.62 15.90
N SER B 55 -15.63 0.50 14.74
CA SER B 55 -15.93 -0.81 14.14
C SER B 55 -14.79 -1.27 13.21
N LEU B 56 -13.63 -1.60 13.81
CA LEU B 56 -12.45 -2.07 13.06
C LEU B 56 -12.61 -3.54 12.62
N ASP B 57 -13.51 -4.30 13.30
CA ASP B 57 -13.75 -5.73 12.96
C ASP B 57 -14.18 -5.97 11.50
N GLU B 58 -14.79 -4.93 10.85
CA GLU B 58 -15.22 -5.04 9.43
C GLU B 58 -14.01 -5.34 8.51
N LYS B 59 -12.84 -4.74 8.81
CA LYS B 59 -11.60 -4.96 8.04
C LYS B 59 -10.73 -6.06 8.71
N MET B 60 -10.71 -6.10 10.06
CA MET B 60 -9.92 -7.09 10.84
C MET B 60 -10.16 -8.54 10.37
N LYS B 61 -11.44 -8.90 10.11
CA LYS B 61 -11.79 -10.26 9.62
C LYS B 61 -11.25 -10.51 8.21
N SER B 62 -11.22 -9.45 7.37
CA SER B 62 -10.70 -9.54 6.00
C SER B 62 -9.15 -9.63 5.98
N LEU B 63 -8.49 -9.10 7.04
CA LEU B 63 -7.02 -9.12 7.15
C LEU B 63 -6.53 -10.53 7.52
N ASP B 64 -6.87 -11.00 8.74
CA ASP B 64 -6.46 -12.33 9.22
C ASP B 64 -7.36 -13.42 8.57
N VAL B 65 -7.09 -13.71 7.28
CA VAL B 65 -7.85 -14.72 6.50
C VAL B 65 -7.37 -16.16 6.80
N ASN B 66 -6.07 -16.32 7.14
CA ASN B 66 -5.49 -17.64 7.45
C ASN B 66 -5.93 -18.15 8.85
N GLN B 67 -6.25 -17.20 9.78
CA GLN B 67 -6.70 -17.52 11.15
C GLN B 67 -5.56 -18.15 11.98
N ASP B 68 -4.56 -17.31 12.34
CA ASP B 68 -3.39 -17.75 13.12
C ASP B 68 -2.99 -16.68 14.19
N SER B 69 -3.89 -15.70 14.48
CA SER B 69 -3.63 -14.62 15.46
C SER B 69 -2.37 -13.78 15.10
N GLU B 70 -2.02 -13.74 13.80
CA GLU B 70 -0.86 -13.00 13.31
C GLU B 70 -1.19 -12.38 11.95
N LEU B 71 -1.10 -11.03 11.85
CA LEU B 71 -1.40 -10.32 10.60
C LEU B 71 -0.11 -10.06 9.81
N LYS B 72 0.27 -11.05 8.97
CA LYS B 72 1.47 -10.93 8.10
C LYS B 72 1.22 -9.82 7.05
N PHE B 73 2.23 -9.41 6.25
CA PHE B 73 2.01 -8.35 5.25
C PHE B 73 1.03 -8.80 4.15
N ASN B 74 0.90 -10.13 3.93
CA ASN B 74 -0.06 -10.69 2.96
C ASN B 74 -1.51 -10.57 3.53
N GLU B 75 -1.63 -10.66 4.87
CA GLU B 75 -2.91 -10.52 5.58
C GLU B 75 -3.24 -9.02 5.76
N TYR B 76 -2.24 -8.24 6.23
CA TYR B 76 -2.36 -6.77 6.44
C TYR B 76 -2.50 -6.01 5.10
N TRP B 77 -2.15 -6.67 3.97
CA TRP B 77 -2.24 -6.12 2.60
C TRP B 77 -3.64 -5.52 2.30
N ARG B 78 -4.72 -6.12 2.84
CA ARG B 78 -6.09 -5.61 2.63
C ARG B 78 -6.29 -4.20 3.23
N LEU B 79 -5.58 -3.90 4.37
CA LEU B 79 -5.69 -2.57 5.00
C LEU B 79 -4.80 -1.55 4.29
N ILE B 80 -3.66 -2.00 3.71
CA ILE B 80 -2.74 -1.11 2.95
C ILE B 80 -3.49 -0.52 1.74
N GLY B 81 -4.34 -1.35 1.09
CA GLY B 81 -5.15 -0.89 -0.03
C GLY B 81 -6.24 0.09 0.41
N GLU B 82 -6.89 -0.20 1.56
CA GLU B 82 -7.95 0.67 2.14
C GLU B 82 -7.35 1.97 2.73
N LEU B 83 -6.04 1.94 3.10
CA LEU B 83 -5.36 3.12 3.67
C LEU B 83 -5.22 4.22 2.61
N ALA B 84 -4.67 3.86 1.44
CA ALA B 84 -4.48 4.80 0.32
C ALA B 84 -5.81 5.08 -0.43
N LYS B 85 -6.82 4.20 -0.27
CA LYS B 85 -8.14 4.37 -0.91
C LYS B 85 -9.07 5.28 -0.09
N GLU B 86 -8.98 5.21 1.25
CA GLU B 86 -9.80 6.03 2.15
C GLU B 86 -9.10 7.35 2.55
N ILE B 87 -8.39 7.99 1.59
CA ILE B 87 -7.70 9.27 1.83
C ILE B 87 -8.30 10.40 0.96
N ARG B 88 -8.57 10.10 -0.33
CA ARG B 88 -9.14 11.08 -1.27
C ARG B 88 -10.66 10.86 -1.46
N LYS B 89 -11.10 9.59 -1.46
CA LYS B 89 -12.54 9.25 -1.65
C LYS B 89 -13.11 8.48 -0.43
N LYS B 90 -12.77 8.92 0.80
CA LYS B 90 -13.25 8.27 2.04
C LYS B 90 -14.79 8.36 2.15
N LYS B 91 -15.35 9.55 1.86
CA LYS B 91 -16.81 9.78 1.89
C LYS B 91 -17.26 10.31 0.52
N ASP B 92 -17.27 9.43 -0.49
CA ASP B 92 -17.68 9.80 -1.86
C ASP B 92 -19.22 9.86 -1.98
N LEU B 93 -19.80 10.89 -1.34
CA LEU B 93 -21.27 11.10 -1.32
C LEU B 93 -21.60 12.52 -0.78
N LYS B 94 -21.01 12.87 0.38
CA LYS B 94 -21.24 14.18 1.03
C LYS B 94 -20.08 15.16 0.72
N ILE B 95 -18.81 14.70 0.91
CA ILE B 95 -17.62 15.53 0.67
C ILE B 95 -16.71 14.90 -0.41
N ARG B 96 -16.34 15.69 -1.46
CA ARG B 96 -15.47 15.20 -2.54
C ARG B 96 -14.36 16.24 -2.90
N LYS B 97 -13.84 16.96 -1.88
CA LYS B 97 -12.76 17.95 -2.09
C LYS B 97 -12.06 18.33 -0.77
N LYS B 98 -10.80 17.86 -0.60
CA LYS B 98 -10.00 18.15 0.60
C LYS B 98 -8.58 18.58 0.20
NAA ANW C . -10.28 16.97 -10.63
NAB ANW C . -11.68 18.02 -12.16
CAC ANW C . -2.85 14.20 -8.02
CAD ANW C . -3.79 15.02 -7.12
CAE ANW C . -3.95 14.31 -5.77
CAF ANW C . -5.03 15.15 -7.75
CAG ANW C . -5.37 16.36 -8.35
CAH ANW C . -6.58 16.49 -9.02
CAI ANW C . -7.45 15.42 -9.09
CAJ ANW C . -7.12 14.20 -8.50
CAK ANW C . -5.89 14.07 -7.85
CAL ANW C . -9.04 16.81 -10.13
CAM ANW C . -10.56 18.00 -11.45
CAN ANW C . -9.59 18.93 -11.80
CAO ANW C . -8.29 18.77 -11.30
CAP ANW C . -8.03 17.70 -10.46
CAQ ANW C . -6.83 17.64 -9.76
CAR ANW C . -9.92 20.08 -12.52
OAS ANW C . -8.69 15.58 -9.64
OAT ANW C . -6.03 18.57 -9.78
OAU ANW C . -9.02 20.86 -12.89
OAV ANW C . -11.12 20.34 -12.75
HNAB ANW C . -12.42 17.37 -11.96
HNAA ANW C . -11.79 18.65 -12.93
HAC ANW C . -3.34 13.24 -8.17
HACA ANW C . -2.78 14.67 -9.00
HACB ANW C . -1.89 13.96 -7.56
HAD ANW C . -3.36 16.00 -6.96
HAE ANW C . -4.31 13.30 -6.00
HAEA ANW C . -2.97 14.17 -5.32
HAEB ANW C . -4.70 14.75 -5.12
HAG ANW C . -4.69 17.20 -8.26
HAJ ANW C . -7.81 13.36 -8.54
HAK ANW C . -5.60 13.09 -7.44
HAO ANW C . -7.50 19.47 -11.58
NAA ANW D . 12.90 -7.45 9.13
NAB ANW D . 12.69 -9.74 8.84
CAC ANW D . 13.23 -0.05 13.25
CAD ANW D . 14.35 -0.78 12.52
CAE ANW D . 15.00 0.17 11.50
CAF ANW D . 13.85 -1.90 11.86
CAG ANW D . 14.39 -3.15 12.13
CAH ANW D . 13.92 -4.27 11.46
CAI ANW D . 12.91 -4.15 10.51
CAJ ANW D . 12.37 -2.90 10.25
CAK ANW D . 12.84 -1.78 10.92
CAL ANW D . 13.22 -6.41 9.91
CAM ANW D . 13.24 -8.70 9.46
CAN ANW D . 13.93 -8.97 10.63
CAO ANW D . 14.26 -7.91 11.48
CAP ANW D . 13.89 -6.62 11.11
CAQ ANW D . 14.40 -5.54 11.81
CAR ANW D . 14.46 -10.23 10.87
OAS ANW D . 12.56 -5.23 9.75
OAT ANW D . 15.25 -5.68 12.69
OAU ANW D . 15.05 -10.47 11.95
OAV ANW D . 14.36 -11.13 10.01
HNAB ANW D . 12.18 -9.60 7.98
HNAA ANW D . 12.76 -10.66 9.23
HAC ANW D . 12.51 0.24 12.49
HACA ANW D . 12.71 -0.75 13.91
HACB ANW D . 13.54 0.88 13.73
HAD ANW D . 15.11 -1.10 13.24
HAE ANW D . 14.20 0.47 10.82
HAEA ANW D . 15.32 1.08 12.01
HAEB ANW D . 15.75 -0.29 10.87
HAG ANW D . 15.21 -3.25 12.86
HAJ ANW D . 11.58 -2.80 9.51
HAK ANW D . 12.45 -0.79 10.67
HAO ANW D . 14.75 -8.10 12.42
N MET A 1 -12.10 14.79 -2.45
CA MET A 1 -11.63 14.02 -3.65
C MET A 1 -10.17 14.36 -4.05
N ALA A 2 -9.40 14.97 -3.12
CA ALA A 2 -7.99 15.33 -3.37
C ALA A 2 -7.11 14.80 -2.23
N ALA A 3 -5.84 14.48 -2.54
CA ALA A 3 -4.89 13.94 -1.55
C ALA A 3 -4.06 15.07 -0.90
N GLU A 4 -4.02 15.08 0.45
CA GLU A 4 -3.27 16.09 1.22
C GLU A 4 -2.61 15.45 2.48
N PRO A 5 -1.31 15.78 2.78
CA PRO A 5 -0.61 15.18 3.94
C PRO A 5 -1.03 15.76 5.31
N LEU A 6 -1.09 14.88 6.34
CA LEU A 6 -1.48 15.29 7.71
C LEU A 6 -0.53 14.65 8.75
N THR A 7 -0.51 13.31 8.81
CA THR A 7 0.33 12.53 9.76
C THR A 7 1.44 11.78 9.00
N GLU A 8 2.47 11.28 9.73
CA GLU A 8 3.60 10.53 9.11
C GLU A 8 3.13 9.25 8.39
N LEU A 9 2.21 8.48 9.01
CA LEU A 9 1.68 7.24 8.38
C LEU A 9 0.73 7.55 7.23
N GLU A 10 0.01 8.70 7.29
CA GLU A 10 -0.89 9.13 6.21
C GLU A 10 -0.07 9.61 5.00
N GLU A 11 1.03 10.36 5.28
CA GLU A 11 1.94 10.88 4.24
C GLU A 11 2.63 9.73 3.46
N SER A 12 2.82 8.55 4.11
CA SER A 12 3.46 7.39 3.46
C SER A 12 2.63 6.91 2.24
N ILE A 13 1.29 6.84 2.41
CA ILE A 13 0.37 6.42 1.32
C ILE A 13 -0.17 7.63 0.52
N GLU A 14 -0.06 8.86 1.07
CA GLU A 14 -0.53 10.09 0.41
C GLU A 14 0.48 10.61 -0.62
N THR A 15 1.80 10.53 -0.30
CA THR A 15 2.88 10.97 -1.21
C THR A 15 2.88 10.17 -2.53
N VAL A 16 2.46 8.88 -2.46
CA VAL A 16 2.39 8.02 -3.66
C VAL A 16 1.26 8.50 -4.62
N VAL A 17 0.20 9.10 -4.04
CA VAL A 17 -0.95 9.63 -4.81
C VAL A 17 -0.59 10.96 -5.50
N THR A 18 -0.33 12.03 -4.71
CA THR A 18 -0.02 13.38 -5.23
C THR A 18 1.15 13.43 -6.24
N THR A 19 2.18 12.59 -6.04
CA THR A 19 3.37 12.60 -6.92
C THR A 19 3.10 11.99 -8.32
N PHE A 20 2.43 10.83 -8.40
CA PHE A 20 2.17 10.17 -9.71
C PHE A 20 0.76 10.48 -10.30
N PHE A 21 -0.23 10.89 -9.46
CA PHE A 21 -1.59 11.20 -9.97
C PHE A 21 -1.59 12.32 -11.03
N THR A 22 -0.53 13.16 -11.06
CA THR A 22 -0.39 14.23 -12.08
C THR A 22 -0.25 13.61 -13.49
N PHE A 23 0.45 12.45 -13.57
CA PHE A 23 0.64 11.71 -14.83
C PHE A 23 -0.48 10.66 -15.03
N ALA A 24 -0.98 10.09 -13.91
CA ALA A 24 -2.06 9.07 -13.94
C ALA A 24 -3.44 9.65 -14.31
N ARG A 25 -3.63 10.99 -14.18
CA ARG A 25 -4.91 11.65 -14.49
C ARG A 25 -5.06 12.02 -15.99
N GLN A 26 -4.15 11.53 -16.87
CA GLN A 26 -4.19 11.82 -18.31
C GLN A 26 -5.21 10.94 -19.06
N GLU A 27 -5.34 9.65 -18.64
CA GLU A 27 -6.29 8.70 -19.27
C GLU A 27 -7.62 8.62 -18.49
N GLY A 28 -8.53 7.70 -18.90
CA GLY A 28 -9.85 7.54 -18.25
C GLY A 28 -9.77 7.35 -16.73
N ARG A 29 -10.73 7.99 -15.99
CA ARG A 29 -10.81 7.95 -14.51
C ARG A 29 -9.58 8.64 -13.88
N LYS A 30 -9.84 9.69 -13.09
CA LYS A 30 -8.76 10.47 -12.44
C LYS A 30 -8.08 9.68 -11.30
N ASP A 31 -8.84 8.74 -10.68
CA ASP A 31 -8.31 7.91 -9.58
C ASP A 31 -7.88 6.52 -10.12
N SER A 32 -6.99 6.52 -11.15
CA SER A 32 -6.50 5.27 -11.75
C SER A 32 -5.14 5.47 -12.47
N LEU A 33 -4.35 4.38 -12.54
CA LEU A 33 -3.05 4.39 -13.21
C LEU A 33 -3.16 3.66 -14.56
N SER A 34 -2.79 4.35 -15.67
CA SER A 34 -2.86 3.77 -17.03
C SER A 34 -2.00 2.49 -17.17
N VAL A 35 -2.39 1.61 -18.11
CA VAL A 35 -1.69 0.33 -18.36
C VAL A 35 -0.26 0.55 -18.95
N ASN A 36 -0.07 1.67 -19.67
CA ASN A 36 1.24 2.00 -20.30
C ASN A 36 2.10 2.94 -19.42
N GLU A 37 1.46 3.69 -18.49
CA GLU A 37 2.17 4.63 -17.60
C GLU A 37 2.69 3.96 -16.32
N PHE A 38 1.99 2.92 -15.82
CA PHE A 38 2.41 2.18 -14.60
C PHE A 38 3.66 1.31 -14.88
N LYS A 39 3.72 0.71 -16.08
CA LYS A 39 4.84 -0.16 -16.49
C LYS A 39 6.16 0.64 -16.59
N GLU A 40 6.08 1.88 -17.12
CA GLU A 40 7.25 2.76 -17.27
C GLU A 40 7.73 3.30 -15.90
N LEU A 41 6.79 3.46 -14.94
CA LEU A 41 7.12 3.95 -13.58
C LEU A 41 8.00 2.91 -12.83
N VAL A 42 7.72 1.61 -13.05
CA VAL A 42 8.48 0.52 -12.42
C VAL A 42 9.88 0.37 -13.07
N THR A 43 10.02 0.79 -14.35
CA THR A 43 11.31 0.69 -15.07
C THR A 43 12.05 2.06 -15.17
N GLN A 44 11.82 2.98 -14.20
CA GLN A 44 12.49 4.30 -14.23
C GLN A 44 12.64 4.90 -12.81
N GLN A 45 11.50 5.19 -12.13
CA GLN A 45 11.51 5.78 -10.78
C GLN A 45 11.31 4.72 -9.66
N LEU A 46 10.99 3.45 -10.04
CA LEU A 46 10.77 2.37 -9.06
C LEU A 46 11.39 1.01 -9.54
N PRO A 47 12.68 0.98 -10.04
CA PRO A 47 13.30 -0.26 -10.52
C PRO A 47 14.01 -1.12 -9.44
N HIS A 48 14.63 -0.46 -8.43
CA HIS A 48 15.37 -1.19 -7.36
C HIS A 48 14.43 -1.88 -6.35
N LEU A 49 13.14 -1.43 -6.29
CA LEU A 49 12.15 -2.01 -5.37
C LEU A 49 11.68 -3.39 -5.86
N LEU A 50 11.17 -3.45 -7.10
CA LEU A 50 10.72 -4.72 -7.71
C LEU A 50 11.83 -5.31 -8.58
N LYS A 51 12.32 -6.51 -8.20
CA LYS A 51 13.40 -7.20 -8.94
C LYS A 51 13.00 -7.55 -10.39
N ASP A 52 11.70 -7.78 -10.64
CA ASP A 52 11.20 -8.11 -11.98
C ASP A 52 10.64 -6.84 -12.66
N VAL A 53 11.48 -6.14 -13.44
CA VAL A 53 11.08 -4.90 -14.14
C VAL A 53 10.69 -5.16 -15.61
N GLY A 54 11.41 -6.10 -16.28
CA GLY A 54 11.13 -6.42 -17.68
C GLY A 54 9.88 -7.30 -17.85
N SER A 55 9.82 -8.42 -17.10
CA SER A 55 8.67 -9.33 -17.16
C SER A 55 7.58 -8.89 -16.17
N LEU A 56 6.85 -7.82 -16.53
CA LEU A 56 5.78 -7.26 -15.68
C LEU A 56 4.40 -7.90 -15.99
N ASP A 57 4.33 -8.87 -16.95
CA ASP A 57 3.06 -9.55 -17.33
C ASP A 57 2.49 -10.44 -16.19
N GLU A 58 3.37 -10.96 -15.31
CA GLU A 58 2.93 -11.82 -14.19
C GLU A 58 2.07 -11.04 -13.17
N LYS A 59 2.48 -9.80 -12.83
CA LYS A 59 1.72 -8.95 -11.88
C LYS A 59 0.63 -8.14 -12.61
N MET A 60 0.89 -7.75 -13.89
CA MET A 60 -0.09 -6.98 -14.70
C MET A 60 -1.43 -7.71 -14.88
N LYS A 61 -1.37 -9.06 -15.08
CA LYS A 61 -2.59 -9.88 -15.23
C LYS A 61 -3.39 -9.93 -13.90
N SER A 62 -2.68 -9.97 -12.76
CA SER A 62 -3.32 -9.98 -11.43
C SER A 62 -4.03 -8.64 -11.15
N LEU A 63 -3.44 -7.53 -11.61
CA LEU A 63 -4.02 -6.17 -11.43
C LEU A 63 -5.28 -5.99 -12.28
N ASP A 64 -5.18 -6.26 -13.60
CA ASP A 64 -6.32 -6.11 -14.51
C ASP A 64 -7.24 -7.34 -14.42
N VAL A 65 -8.06 -7.38 -13.36
CA VAL A 65 -9.01 -8.48 -13.11
C VAL A 65 -10.39 -8.21 -13.75
N ASN A 66 -10.83 -6.92 -13.73
CA ASN A 66 -12.13 -6.54 -14.32
C ASN A 66 -12.05 -6.42 -15.87
N GLN A 67 -10.82 -6.29 -16.43
CA GLN A 67 -10.59 -6.18 -17.89
C GLN A 67 -11.17 -4.86 -18.45
N ASP A 68 -10.73 -3.73 -17.90
CA ASP A 68 -11.21 -2.40 -18.35
C ASP A 68 -10.05 -1.51 -18.87
N SER A 69 -8.89 -2.13 -19.22
CA SER A 69 -7.69 -1.41 -19.73
C SER A 69 -7.01 -0.59 -18.61
N GLU A 70 -7.68 0.47 -18.11
CA GLU A 70 -7.10 1.31 -17.04
C GLU A 70 -7.10 0.57 -15.69
N LEU A 71 -5.96 0.63 -14.99
CA LEU A 71 -5.81 -0.02 -13.68
C LEU A 71 -6.24 0.93 -12.55
N LYS A 72 -7.51 0.80 -12.11
CA LYS A 72 -8.04 1.64 -11.00
C LYS A 72 -7.31 1.27 -9.70
N PHE A 73 -7.30 2.17 -8.70
CA PHE A 73 -6.60 1.89 -7.43
C PHE A 73 -7.10 0.60 -6.73
N ASN A 74 -8.38 0.23 -6.97
CA ASN A 74 -8.95 -1.02 -6.41
C ASN A 74 -8.32 -2.24 -7.11
N GLU A 75 -8.01 -2.09 -8.42
CA GLU A 75 -7.36 -3.14 -9.23
C GLU A 75 -5.82 -3.09 -9.01
N TYR A 76 -5.27 -1.87 -8.86
CA TYR A 76 -3.82 -1.65 -8.63
C TYR A 76 -3.38 -2.13 -7.22
N TRP A 77 -4.36 -2.41 -6.33
CA TRP A 77 -4.10 -2.91 -4.95
C TRP A 77 -3.22 -4.19 -4.92
N ARG A 78 -3.22 -4.99 -6.02
CA ARG A 78 -2.39 -6.22 -6.09
C ARG A 78 -0.87 -5.90 -6.18
N LEU A 79 -0.53 -4.70 -6.74
CA LEU A 79 0.88 -4.27 -6.90
C LEU A 79 1.30 -3.40 -5.70
N ILE A 80 0.34 -2.62 -5.13
CA ILE A 80 0.61 -1.79 -3.94
C ILE A 80 1.13 -2.66 -2.78
N GLY A 81 0.58 -3.89 -2.65
CA GLY A 81 1.04 -4.85 -1.64
C GLY A 81 2.43 -5.37 -1.98
N GLU A 82 2.68 -5.65 -3.28
CA GLU A 82 3.99 -6.12 -3.77
C GLU A 82 5.08 -5.04 -3.58
N LEU A 83 4.71 -3.75 -3.72
CA LEU A 83 5.67 -2.63 -3.52
C LEU A 83 6.14 -2.58 -2.06
N ALA A 84 5.18 -2.76 -1.12
CA ALA A 84 5.46 -2.76 0.32
C ALA A 84 6.14 -4.08 0.79
N LYS A 85 5.82 -5.21 0.13
CA LYS A 85 6.38 -6.53 0.50
C LYS A 85 7.79 -6.78 -0.10
N GLU A 86 8.03 -6.33 -1.34
CA GLU A 86 9.33 -6.56 -2.03
C GLU A 86 10.38 -5.45 -1.73
N ILE A 87 10.37 -4.90 -0.50
CA ILE A 87 11.32 -3.84 -0.10
C ILE A 87 12.44 -4.42 0.79
N ARG A 88 12.11 -5.40 1.68
CA ARG A 88 13.09 -6.01 2.59
C ARG A 88 13.36 -7.50 2.30
N LYS A 89 12.31 -8.27 1.91
CA LYS A 89 12.48 -9.71 1.63
C LYS A 89 12.12 -10.08 0.18
N LYS A 90 12.63 -9.29 -0.79
CA LYS A 90 12.39 -9.56 -2.23
C LYS A 90 13.11 -10.84 -2.69
N LYS A 91 14.32 -11.09 -2.13
CA LYS A 91 15.12 -12.29 -2.41
C LYS A 91 15.52 -12.98 -1.09
N ASP A 92 14.51 -13.25 -0.23
CA ASP A 92 14.72 -13.89 1.11
C ASP A 92 15.60 -15.17 1.08
N LEU A 93 15.52 -15.95 -0.01
CA LEU A 93 16.31 -17.19 -0.15
C LEU A 93 17.78 -16.89 -0.55
N LYS A 94 17.98 -15.91 -1.46
CA LYS A 94 19.33 -15.54 -1.94
C LYS A 94 20.03 -14.59 -0.94
N ILE A 95 19.50 -13.35 -0.77
CA ILE A 95 20.07 -12.36 0.16
C ILE A 95 19.01 -11.94 1.22
N ARG A 96 19.40 -11.96 2.50
CA ARG A 96 18.48 -11.59 3.61
C ARG A 96 19.11 -10.56 4.60
N LYS A 97 19.81 -9.54 4.06
CA LYS A 97 20.42 -8.49 4.90
C LYS A 97 20.63 -7.20 4.07
N LYS A 98 19.72 -6.22 4.25
CA LYS A 98 19.79 -4.93 3.52
C LYS A 98 19.32 -3.78 4.42
N MET B 1 16.55 -8.40 5.03
CA MET B 1 15.46 -8.55 5.99
C MET B 1 14.96 -7.19 6.54
N ALA B 2 15.86 -6.19 6.63
CA ALA B 2 15.51 -4.86 7.14
C ALA B 2 15.26 -3.87 5.98
N ALA B 3 14.33 -2.91 6.20
CA ALA B 3 13.98 -1.90 5.18
C ALA B 3 15.05 -0.80 5.11
N GLU B 4 15.28 -0.22 3.91
CA GLU B 4 16.30 0.82 3.71
C GLU B 4 15.73 2.02 2.90
N PRO B 5 16.05 3.31 3.28
CA PRO B 5 15.56 4.50 2.54
C PRO B 5 16.09 4.58 1.10
N LEU B 6 15.18 4.46 0.11
CA LEU B 6 15.53 4.51 -1.33
C LEU B 6 14.92 5.79 -1.98
N THR B 7 14.65 5.76 -3.32
CA THR B 7 14.06 6.92 -4.04
C THR B 7 12.67 7.29 -3.48
N GLU B 8 12.20 8.53 -3.76
CA GLU B 8 10.90 9.07 -3.27
C GLU B 8 9.73 8.03 -3.23
N LEU B 9 9.39 7.41 -4.38
CA LEU B 9 8.26 6.42 -4.43
C LEU B 9 8.62 5.10 -3.70
N GLU B 10 9.92 4.75 -3.68
CA GLU B 10 10.40 3.53 -3.01
C GLU B 10 10.52 3.76 -1.49
N GLU B 11 10.74 5.02 -1.08
CA GLU B 11 10.86 5.42 0.34
C GLU B 11 9.47 5.65 0.98
N SER B 12 8.45 6.01 0.16
CA SER B 12 7.08 6.24 0.66
C SER B 12 6.49 4.97 1.30
N ILE B 13 6.61 3.83 0.60
CA ILE B 13 6.13 2.52 1.12
C ILE B 13 7.09 1.95 2.19
N GLU B 14 8.37 2.42 2.17
CA GLU B 14 9.40 1.97 3.15
C GLU B 14 9.13 2.56 4.55
N THR B 15 8.60 3.81 4.61
CA THR B 15 8.27 4.49 5.89
C THR B 15 7.32 3.64 6.78
N VAL B 16 6.44 2.84 6.14
CA VAL B 16 5.49 1.96 6.87
C VAL B 16 6.23 0.74 7.48
N VAL B 17 7.37 0.32 6.85
CA VAL B 17 8.18 -0.82 7.34
C VAL B 17 9.43 -0.31 8.12
N THR B 18 9.27 0.80 8.88
CA THR B 18 10.36 1.38 9.68
C THR B 18 9.85 2.04 10.97
N THR B 19 8.79 2.88 10.85
CA THR B 19 8.20 3.59 12.01
C THR B 19 7.48 2.62 12.97
N PHE B 20 6.63 1.72 12.42
CA PHE B 20 5.87 0.75 13.22
C PHE B 20 6.48 -0.68 13.22
N PHE B 21 7.48 -0.96 12.34
CA PHE B 21 8.12 -2.30 12.29
C PHE B 21 8.80 -2.68 13.64
N THR B 22 9.29 -1.66 14.38
CA THR B 22 9.94 -1.88 15.69
C THR B 22 8.94 -2.45 16.73
N PHE B 23 7.68 -1.98 16.69
CA PHE B 23 6.62 -2.44 17.61
C PHE B 23 5.95 -3.73 17.09
N ALA B 24 5.89 -3.89 15.74
CA ALA B 24 5.28 -5.07 15.09
C ALA B 24 6.09 -6.36 15.34
N ARG B 25 7.43 -6.24 15.45
CA ARG B 25 8.32 -7.41 15.69
C ARG B 25 8.31 -7.90 17.16
N GLN B 26 7.72 -7.09 18.09
CA GLN B 26 7.66 -7.46 19.53
C GLN B 26 6.92 -8.81 19.73
N GLU B 27 5.92 -9.11 18.88
CA GLU B 27 5.14 -10.36 18.94
C GLU B 27 5.72 -11.38 17.92
N GLY B 28 5.01 -12.53 17.70
CA GLY B 28 5.46 -13.55 16.76
C GLY B 28 5.66 -13.04 15.33
N ARG B 29 6.69 -13.60 14.63
CA ARG B 29 7.06 -13.22 13.24
C ARG B 29 7.56 -11.77 13.14
N LYS B 30 8.59 -11.55 12.29
CA LYS B 30 9.19 -10.22 12.10
C LYS B 30 8.29 -9.32 11.23
N ASP B 31 7.89 -9.81 10.04
CA ASP B 31 7.04 -9.06 9.12
C ASP B 31 5.55 -9.41 9.35
N SER B 32 5.08 -9.19 10.60
CA SER B 32 3.68 -9.49 10.97
C SER B 32 3.18 -8.57 12.09
N LEU B 33 2.10 -7.82 11.80
CA LEU B 33 1.49 -6.90 12.76
C LEU B 33 0.41 -7.65 13.56
N SER B 34 0.46 -7.54 14.91
CA SER B 34 -0.51 -8.24 15.79
C SER B 34 -1.93 -7.69 15.62
N VAL B 35 -2.95 -8.54 15.91
CA VAL B 35 -4.38 -8.16 15.79
C VAL B 35 -4.78 -7.02 16.77
N ASN B 36 -4.09 -6.94 17.92
CA ASN B 36 -4.36 -5.91 18.94
C ASN B 36 -3.49 -4.64 18.73
N GLU B 37 -2.22 -4.83 18.27
CA GLU B 37 -1.29 -3.71 18.04
C GLU B 37 -1.71 -2.81 16.86
N PHE B 38 -2.34 -3.41 15.81
CA PHE B 38 -2.80 -2.62 14.65
C PHE B 38 -4.08 -1.81 15.00
N LYS B 39 -4.93 -2.34 15.90
CA LYS B 39 -6.17 -1.65 16.33
C LYS B 39 -5.84 -0.34 17.07
N GLU B 40 -4.78 -0.37 17.90
CA GLU B 40 -4.30 0.82 18.65
C GLU B 40 -3.65 1.84 17.69
N LEU B 41 -3.03 1.33 16.60
CA LEU B 41 -2.38 2.17 15.57
C LEU B 41 -3.42 3.01 14.80
N VAL B 42 -4.62 2.43 14.55
CA VAL B 42 -5.70 3.13 13.83
C VAL B 42 -6.39 4.19 14.73
N THR B 43 -6.49 3.91 16.04
CA THR B 43 -7.14 4.84 16.99
C THR B 43 -6.11 5.70 17.77
N GLN B 44 -5.03 6.16 17.08
CA GLN B 44 -3.98 6.97 17.74
C GLN B 44 -3.09 7.71 16.71
N GLN B 45 -2.49 6.96 15.77
CA GLN B 45 -1.60 7.53 14.75
C GLN B 45 -2.25 7.60 13.34
N LEU B 46 -3.38 6.87 13.14
CA LEU B 46 -4.08 6.86 11.83
C LEU B 46 -5.63 6.99 12.00
N PRO B 47 -6.16 7.90 12.89
CA PRO B 47 -7.62 8.05 13.10
C PRO B 47 -8.34 8.91 12.03
N HIS B 48 -7.65 9.94 11.48
CA HIS B 48 -8.24 10.84 10.47
C HIS B 48 -8.37 10.18 9.09
N LEU B 49 -7.44 9.27 8.73
CA LEU B 49 -7.48 8.58 7.42
C LEU B 49 -8.63 7.56 7.34
N LEU B 50 -8.70 6.63 8.31
CA LEU B 50 -9.78 5.62 8.37
C LEU B 50 -10.96 6.17 9.19
N LYS B 51 -12.08 6.50 8.51
CA LYS B 51 -13.29 7.04 9.16
C LYS B 51 -13.82 6.14 10.30
N ASP B 52 -13.70 4.81 10.14
CA ASP B 52 -14.16 3.84 11.16
C ASP B 52 -12.98 3.42 12.06
N VAL B 53 -12.79 4.12 13.19
CA VAL B 53 -11.71 3.81 14.15
C VAL B 53 -12.15 2.75 15.18
N GLY B 54 -13.39 2.89 15.70
CA GLY B 54 -13.95 1.94 16.68
C GLY B 54 -14.74 0.79 16.03
N SER B 55 -15.13 0.95 14.75
CA SER B 55 -15.89 -0.08 14.01
C SER B 55 -14.99 -0.79 12.99
N LEU B 56 -13.75 -1.16 13.42
CA LEU B 56 -12.79 -1.87 12.54
C LEU B 56 -12.99 -3.39 12.69
N ASP B 57 -14.14 -3.88 12.22
CA ASP B 57 -14.50 -5.33 12.27
C ASP B 57 -14.72 -5.88 10.84
N GLU B 58 -15.40 -5.10 9.96
CA GLU B 58 -15.65 -5.53 8.57
C GLU B 58 -14.31 -5.72 7.81
N LYS B 59 -13.32 -4.83 8.09
CA LYS B 59 -11.98 -4.92 7.48
C LYS B 59 -11.09 -5.95 8.22
N MET B 60 -11.26 -6.08 9.56
CA MET B 60 -10.47 -7.04 10.38
C MET B 60 -10.73 -8.51 9.97
N LYS B 61 -12.00 -8.84 9.63
CA LYS B 61 -12.36 -10.21 9.19
C LYS B 61 -11.80 -10.49 7.78
N SER B 62 -11.83 -9.48 6.90
CA SER B 62 -11.27 -9.60 5.54
C SER B 62 -9.73 -9.63 5.57
N LEU B 63 -9.15 -9.01 6.63
CA LEU B 63 -7.69 -8.95 6.85
C LEU B 63 -7.12 -10.34 7.21
N ASP B 64 -7.55 -10.88 8.37
CA ASP B 64 -7.07 -12.20 8.84
C ASP B 64 -7.80 -13.34 8.09
N VAL B 65 -7.38 -13.58 6.84
CA VAL B 65 -7.97 -14.63 5.99
C VAL B 65 -7.33 -16.02 6.26
N ASN B 66 -6.03 -16.04 6.64
CA ASN B 66 -5.31 -17.29 6.94
C ASN B 66 -5.79 -17.94 8.26
N GLN B 67 -6.29 -17.12 9.22
CA GLN B 67 -6.82 -17.59 10.52
C GLN B 67 -5.72 -18.28 11.36
N ASP B 68 -4.84 -17.47 11.99
CA ASP B 68 -3.73 -17.98 12.83
C ASP B 68 -3.73 -17.28 14.21
N SER B 69 -3.37 -15.97 14.24
CA SER B 69 -3.32 -15.18 15.50
C SER B 69 -2.93 -13.71 15.21
N GLU B 70 -1.82 -13.51 14.46
CA GLU B 70 -1.34 -12.15 14.11
C GLU B 70 -1.47 -11.92 12.59
N LEU B 71 -1.71 -10.66 12.20
CA LEU B 71 -1.86 -10.30 10.78
C LEU B 71 -0.49 -10.20 10.07
N LYS B 72 -0.15 -11.23 9.28
CA LYS B 72 1.12 -11.23 8.51
C LYS B 72 1.06 -10.14 7.43
N PHE B 73 2.20 -9.75 6.81
CA PHE B 73 2.19 -8.70 5.77
C PHE B 73 1.32 -9.11 4.56
N ASN B 74 1.19 -10.43 4.31
CA ASN B 74 0.33 -10.96 3.22
C ASN B 74 -1.17 -10.78 3.59
N GLU B 75 -1.49 -10.96 4.89
CA GLU B 75 -2.88 -10.79 5.40
C GLU B 75 -3.20 -9.29 5.62
N TYR B 76 -2.18 -8.49 6.02
CA TYR B 76 -2.34 -7.04 6.26
C TYR B 76 -2.38 -6.22 4.93
N TRP B 77 -2.06 -6.89 3.80
CA TRP B 77 -2.08 -6.26 2.45
C TRP B 77 -3.47 -5.66 2.12
N ARG B 78 -4.56 -6.18 2.75
CA ARG B 78 -5.94 -5.67 2.55
C ARG B 78 -6.09 -4.21 3.05
N LEU B 79 -5.51 -3.89 4.22
CA LEU B 79 -5.63 -2.52 4.80
C LEU B 79 -4.72 -1.52 4.07
N ILE B 80 -3.57 -2.00 3.53
CA ILE B 80 -2.64 -1.14 2.76
C ILE B 80 -3.36 -0.53 1.54
N GLY B 81 -4.26 -1.33 0.89
CA GLY B 81 -5.05 -0.85 -0.23
C GLY B 81 -6.20 0.05 0.21
N GLU B 82 -6.79 -0.26 1.39
CA GLU B 82 -7.89 0.54 1.97
C GLU B 82 -7.36 1.90 2.49
N LEU B 83 -6.09 1.91 2.95
CA LEU B 83 -5.41 3.12 3.45
C LEU B 83 -5.35 4.21 2.36
N ALA B 84 -4.89 3.81 1.14
CA ALA B 84 -4.80 4.73 0.00
C ALA B 84 -6.17 5.00 -0.65
N LYS B 85 -7.13 4.07 -0.47
CA LYS B 85 -8.51 4.23 -1.01
C LYS B 85 -9.31 5.27 -0.22
N GLU B 86 -9.10 5.35 1.11
CA GLU B 86 -9.82 6.28 2.00
C GLU B 86 -8.97 7.54 2.33
N ILE B 87 -8.19 8.04 1.34
CA ILE B 87 -7.36 9.25 1.52
C ILE B 87 -8.04 10.46 0.85
N ARG B 88 -8.65 10.24 -0.33
CA ARG B 88 -9.34 11.31 -1.08
C ARG B 88 -10.86 11.05 -1.18
N LYS B 89 -11.27 9.77 -1.31
CA LYS B 89 -12.69 9.41 -1.44
C LYS B 89 -13.17 8.46 -0.31
N LYS B 90 -13.01 8.93 0.95
CA LYS B 90 -13.47 8.15 2.13
C LYS B 90 -14.98 8.32 2.30
N LYS B 91 -15.48 9.53 1.96
CA LYS B 91 -16.92 9.87 2.02
C LYS B 91 -17.27 10.68 0.75
N ASP B 92 -17.13 10.05 -0.45
CA ASP B 92 -17.41 10.70 -1.75
C ASP B 92 -18.86 11.23 -1.89
N LEU B 93 -19.83 10.53 -1.26
CA LEU B 93 -21.25 10.92 -1.32
C LEU B 93 -21.55 12.16 -0.44
N LYS B 94 -20.88 12.25 0.72
CA LYS B 94 -21.08 13.38 1.67
C LYS B 94 -20.21 14.59 1.31
N ILE B 95 -18.94 14.36 0.92
CA ILE B 95 -17.99 15.43 0.56
C ILE B 95 -17.21 15.09 -0.72
N ARG B 96 -16.68 16.13 -1.41
CA ARG B 96 -15.93 15.94 -2.66
C ARG B 96 -14.82 17.00 -2.87
N LYS B 97 -14.07 17.35 -1.78
CA LYS B 97 -12.96 18.33 -1.86
C LYS B 97 -12.23 18.48 -0.52
N LYS B 98 -10.94 18.08 -0.49
CA LYS B 98 -10.10 18.18 0.72
C LYS B 98 -8.62 18.38 0.35
NAA ANW C . -10.29 13.95 -9.56
NAB ANW C . -12.32 14.00 -10.68
CAC ANW C . -2.10 14.84 -8.14
CAD ANW C . -3.13 15.93 -7.83
CAE ANW C . -2.93 16.43 -6.39
CAF ANW C . -4.42 15.42 -7.97
CAG ANW C . -5.31 16.04 -8.84
CAH ANW C . -6.61 15.59 -8.94
CAI ANW C . -7.04 14.50 -8.18
CAJ ANW C . -6.14 13.88 -7.31
CAK ANW C . -4.85 14.35 -7.19
CAL ANW C . -9.09 14.51 -9.34
CAM ANW C . -11.27 14.64 -10.18
CAN ANW C . -11.07 15.94 -10.61
CAO ANW C . -9.83 16.53 -10.39
CAP ANW C . -8.84 15.81 -9.76
CAQ ANW C . -7.54 16.30 -9.70
CAR ANW C . -12.14 16.70 -11.07
OAS ANW C . -8.27 13.97 -8.39
OAT ANW C . -7.23 17.35 -10.26
OAU ANW C . -11.94 17.86 -11.49
OAV ANW C . -13.30 16.24 -11.07
HNAB ANW C . -12.50 13.05 -10.41
HNAA ANW C . -12.91 14.44 -11.35
HAC ANW C . -2.29 14.04 -7.42
HACA ANW C . -2.31 14.42 -9.13
HACB ANW C . -1.07 15.15 -7.98
HAD ANW C . -3.00 16.76 -8.52
HAE ANW C . -3.06 15.56 -5.75
HAEA ANW C . -1.88 16.74 -6.27
HAEB ANW C . -3.66 17.15 -6.06
HAG ANW C . -4.98 16.89 -9.44
HAJ ANW C . -6.48 13.02 -6.72
HAK ANW C . -4.15 13.86 -6.51
HAO ANW C . -9.64 17.54 -10.76
NAA ANW D . 14.47 -6.86 10.40
NAB ANW D . 14.68 -9.12 10.91
CAC ANW D . 13.72 1.13 12.34
CAD ANW D . 14.89 0.69 11.46
CAE ANW D . 15.00 1.61 10.26
CAF ANW D . 14.69 -0.62 11.05
CAG ANW D . 15.55 -1.62 11.49
CAH ANW D . 15.29 -2.96 11.23
CAI ANW D . 14.15 -3.30 10.50
CAJ ANW D . 13.29 -2.30 10.04
CAK ANW D . 13.57 -0.97 10.30
CAL ANW D . 14.73 -5.58 10.69
CAM ANW D . 15.08 -7.86 11.05
CAN ANW D . 16.00 -7.60 12.06
CAO ANW D . 16.29 -6.28 12.37
CAP ANW D . 15.64 -5.25 11.67
CAQ ANW D . 16.04 -3.94 11.85
CAR ANW D . 16.67 -8.62 12.71
OAS ANW D . 13.88 -4.61 10.24
OAT ANW D . 17.05 -3.65 12.50
OAU ANW D . 17.46 -8.37 13.65
OAV ANW D . 16.51 -9.81 12.36
HNAB ANW D . 14.03 -9.35 10.19
HNAA ANW D . 15.02 -9.83 11.52
HAC ANW D . 12.83 1.08 11.71
HACA ANW D . 13.56 0.41 13.15
HACB ANW D . 13.77 2.17 12.67
HAD ANW D . 15.81 0.74 12.05
HAE ANW D . 14.06 1.53 9.72
HAEA ANW D . 15.05 2.65 10.59
HAEB ANW D . 15.77 1.34 9.54
HAG ANW D . 16.46 -1.34 12.04
HAJ ANW D . 12.40 -2.57 9.46
HAK ANW D . 12.90 -0.19 9.93
HAO ANW D . 17.05 -6.03 13.12
N MET A 1 -12.10 13.94 -3.61
CA MET A 1 -11.32 13.23 -4.66
C MET A 1 -9.81 13.60 -4.67
N ALA A 2 -9.42 14.66 -3.91
CA ALA A 2 -8.03 15.10 -3.82
C ALA A 2 -7.36 14.53 -2.55
N ALA A 3 -6.02 14.45 -2.54
CA ALA A 3 -5.27 13.91 -1.39
C ALA A 3 -4.35 14.96 -0.76
N GLU A 4 -4.55 15.23 0.55
CA GLU A 4 -3.76 16.20 1.32
C GLU A 4 -3.04 15.51 2.50
N PRO A 5 -1.74 15.86 2.81
CA PRO A 5 -0.99 15.24 3.91
C PRO A 5 -1.24 15.92 5.28
N LEU A 6 -1.35 15.09 6.33
CA LEU A 6 -1.59 15.57 7.71
C LEU A 6 -0.65 14.90 8.73
N THR A 7 -0.69 13.55 8.79
CA THR A 7 0.16 12.75 9.71
C THR A 7 1.27 12.03 8.91
N GLU A 8 2.37 11.65 9.59
CA GLU A 8 3.51 10.95 8.95
C GLU A 8 3.08 9.65 8.24
N LEU A 9 2.23 8.83 8.91
CA LEU A 9 1.75 7.56 8.34
C LEU A 9 0.74 7.81 7.19
N GLU A 10 -0.05 8.91 7.28
CA GLU A 10 -1.00 9.29 6.21
C GLU A 10 -0.24 9.83 4.99
N GLU A 11 0.90 10.52 5.23
CA GLU A 11 1.73 11.07 4.15
C GLU A 11 2.44 9.95 3.37
N SER A 12 2.68 8.79 4.02
CA SER A 12 3.31 7.63 3.37
C SER A 12 2.46 7.11 2.20
N ILE A 13 1.12 7.03 2.40
CA ILE A 13 0.19 6.58 1.35
C ILE A 13 -0.31 7.76 0.47
N GLU A 14 -0.09 9.02 0.91
CA GLU A 14 -0.50 10.22 0.16
C GLU A 14 0.55 10.58 -0.92
N THR A 15 1.85 10.51 -0.55
CA THR A 15 2.97 10.82 -1.47
C THR A 15 2.97 9.90 -2.71
N VAL A 16 2.56 8.63 -2.54
CA VAL A 16 2.49 7.66 -3.66
C VAL A 16 1.37 8.03 -4.66
N VAL A 17 0.32 8.75 -4.18
CA VAL A 17 -0.81 9.16 -5.03
C VAL A 17 -0.51 10.44 -5.83
N THR A 18 -0.45 11.62 -5.17
CA THR A 18 -0.23 12.93 -5.84
C THR A 18 0.99 12.96 -6.80
N THR A 19 2.09 12.26 -6.45
CA THR A 19 3.31 12.23 -7.27
C THR A 19 3.11 11.57 -8.65
N PHE A 20 2.38 10.44 -8.71
CA PHE A 20 2.14 9.72 -9.98
C PHE A 20 0.73 9.96 -10.56
N PHE A 21 -0.29 10.19 -9.70
CA PHE A 21 -1.68 10.42 -10.18
C PHE A 21 -1.82 11.69 -11.04
N THR A 22 -0.84 12.63 -10.97
CA THR A 22 -0.86 13.85 -11.81
C THR A 22 -0.79 13.48 -13.31
N PHE A 23 -0.05 12.39 -13.63
CA PHE A 23 0.10 11.89 -15.01
C PHE A 23 -0.86 10.72 -15.30
N ALA A 24 -1.34 10.03 -14.24
CA ALA A 24 -2.26 8.88 -14.38
C ALA A 24 -3.73 9.29 -14.66
N ARG A 25 -4.09 10.57 -14.41
CA ARG A 25 -5.47 11.06 -14.62
C ARG A 25 -5.71 11.59 -16.06
N GLN A 26 -4.73 11.42 -16.98
CA GLN A 26 -4.85 11.89 -18.38
C GLN A 26 -5.75 10.96 -19.23
N GLU A 27 -5.77 9.64 -18.90
CA GLU A 27 -6.58 8.65 -19.64
C GLU A 27 -7.47 7.83 -18.70
N GLY A 28 -8.73 7.59 -19.10
CA GLY A 28 -9.68 6.79 -18.33
C GLY A 28 -9.83 7.15 -16.85
N ARG A 29 -10.81 8.03 -16.53
CA ARG A 29 -11.12 8.46 -15.13
C ARG A 29 -9.93 9.12 -14.39
N LYS A 30 -10.22 9.71 -13.21
CA LYS A 30 -9.20 10.38 -12.37
C LYS A 30 -8.61 9.43 -11.31
N ASP A 31 -9.42 8.49 -10.79
CA ASP A 31 -8.98 7.54 -9.74
C ASP A 31 -8.51 6.20 -10.33
N SER A 32 -7.38 6.21 -11.08
CA SER A 32 -6.83 4.97 -11.69
C SER A 32 -5.41 5.17 -12.27
N LEU A 33 -4.64 4.06 -12.36
CA LEU A 33 -3.29 4.06 -12.94
C LEU A 33 -3.36 3.49 -14.37
N SER A 34 -2.59 4.05 -15.31
CA SER A 34 -2.60 3.60 -16.71
C SER A 34 -1.77 2.32 -16.90
N VAL A 35 -2.23 1.41 -17.78
CA VAL A 35 -1.52 0.12 -18.07
C VAL A 35 -0.17 0.34 -18.79
N ASN A 36 -0.03 1.45 -19.53
CA ASN A 36 1.21 1.77 -20.26
C ASN A 36 2.19 2.55 -19.35
N GLU A 37 1.66 3.38 -18.43
CA GLU A 37 2.50 4.19 -17.50
C GLU A 37 2.92 3.40 -16.24
N PHE A 38 2.16 2.34 -15.85
CA PHE A 38 2.52 1.51 -14.67
C PHE A 38 3.84 0.75 -14.92
N LYS A 39 4.05 0.33 -16.18
CA LYS A 39 5.27 -0.39 -16.58
C LYS A 39 6.48 0.57 -16.65
N GLU A 40 6.26 1.78 -17.20
CA GLU A 40 7.34 2.80 -17.28
C GLU A 40 7.75 3.28 -15.87
N LEU A 41 6.78 3.35 -14.93
CA LEU A 41 7.04 3.76 -13.54
C LEU A 41 7.99 2.76 -12.84
N VAL A 42 7.81 1.46 -13.13
CA VAL A 42 8.65 0.38 -12.56
C VAL A 42 10.06 0.37 -13.20
N THR A 43 10.15 0.76 -14.49
CA THR A 43 11.44 0.79 -15.21
C THR A 43 12.00 2.23 -15.37
N GLN A 44 11.72 3.13 -14.39
CA GLN A 44 12.21 4.52 -14.43
C GLN A 44 12.41 5.11 -13.02
N GLN A 45 11.32 5.20 -12.22
CA GLN A 45 11.39 5.75 -10.85
C GLN A 45 11.18 4.67 -9.75
N LEU A 46 11.01 3.39 -10.14
CA LEU A 46 10.82 2.30 -9.16
C LEU A 46 11.54 0.98 -9.60
N PRO A 47 12.85 1.04 -10.03
CA PRO A 47 13.58 -0.16 -10.48
C PRO A 47 14.21 -1.00 -9.33
N HIS A 48 14.76 -0.34 -8.30
CA HIS A 48 15.41 -1.03 -7.15
C HIS A 48 14.39 -1.69 -6.20
N LEU A 49 13.12 -1.23 -6.22
CA LEU A 49 12.07 -1.80 -5.33
C LEU A 49 11.69 -3.25 -5.74
N LEU A 50 11.36 -3.45 -7.03
CA LEU A 50 10.99 -4.79 -7.53
C LEU A 50 12.21 -5.46 -8.19
N LYS A 51 12.44 -6.76 -7.86
CA LYS A 51 13.57 -7.53 -8.45
C LYS A 51 13.42 -7.69 -9.99
N ASP A 52 12.17 -7.76 -10.47
CA ASP A 52 11.88 -7.91 -11.91
C ASP A 52 11.26 -6.60 -12.45
N VAL A 53 11.93 -5.99 -13.45
CA VAL A 53 11.46 -4.72 -14.07
C VAL A 53 10.98 -4.92 -15.53
N GLY A 54 11.33 -6.07 -16.17
CA GLY A 54 10.92 -6.35 -17.55
C GLY A 54 9.75 -7.32 -17.63
N SER A 55 9.84 -8.45 -16.92
CA SER A 55 8.78 -9.48 -16.93
C SER A 55 7.70 -9.17 -15.87
N LEU A 56 6.81 -8.21 -16.19
CA LEU A 56 5.70 -7.82 -15.30
C LEU A 56 4.37 -8.50 -15.73
N ASP A 57 4.45 -9.53 -16.62
CA ASP A 57 3.24 -10.25 -17.11
C ASP A 57 2.54 -11.04 -15.97
N GLU A 58 3.35 -11.58 -15.02
CA GLU A 58 2.80 -12.35 -13.88
C GLU A 58 2.00 -11.42 -12.93
N LYS A 59 2.38 -10.12 -12.89
CA LYS A 59 1.72 -9.11 -12.05
C LYS A 59 0.60 -8.39 -12.82
N MET A 60 0.88 -7.98 -14.07
CA MET A 60 -0.10 -7.25 -14.93
C MET A 60 -1.45 -7.99 -15.03
N LYS A 61 -1.41 -9.33 -15.22
CA LYS A 61 -2.65 -10.15 -15.30
C LYS A 61 -3.34 -10.25 -13.93
N SER A 62 -2.54 -10.35 -12.84
CA SER A 62 -3.07 -10.42 -11.47
C SER A 62 -3.73 -9.08 -11.05
N LEU A 63 -3.19 -7.97 -11.58
CA LEU A 63 -3.69 -6.62 -11.29
C LEU A 63 -5.00 -6.34 -12.05
N ASP A 64 -4.97 -6.50 -13.39
CA ASP A 64 -6.15 -6.27 -14.25
C ASP A 64 -7.01 -7.55 -14.30
N VAL A 65 -7.71 -7.83 -13.17
CA VAL A 65 -8.57 -9.02 -13.06
C VAL A 65 -10.04 -8.69 -13.45
N ASN A 66 -10.45 -7.41 -13.35
CA ASN A 66 -11.80 -6.94 -13.72
C ASN A 66 -12.00 -6.93 -15.26
N GLN A 67 -10.90 -6.74 -16.03
CA GLN A 67 -10.91 -6.70 -17.51
C GLN A 67 -11.71 -5.48 -18.02
N ASP A 68 -11.02 -4.32 -18.19
CA ASP A 68 -11.67 -3.08 -18.68
C ASP A 68 -10.74 -2.33 -19.66
N SER A 69 -9.64 -1.74 -19.13
CA SER A 69 -8.67 -0.99 -19.95
C SER A 69 -7.46 -0.57 -19.09
N GLU A 70 -7.72 0.20 -18.01
CA GLU A 70 -6.67 0.69 -17.11
C GLU A 70 -6.80 0.06 -15.72
N LEU A 71 -5.68 0.06 -14.97
CA LEU A 71 -5.62 -0.54 -13.63
C LEU A 71 -6.00 0.47 -12.53
N LYS A 72 -7.23 0.34 -11.98
CA LYS A 72 -7.71 1.22 -10.87
C LYS A 72 -6.93 0.91 -9.58
N PHE A 73 -7.18 1.63 -8.47
CA PHE A 73 -6.49 1.35 -7.19
C PHE A 73 -6.94 -0.01 -6.63
N ASN A 74 -8.21 -0.39 -6.91
CA ASN A 74 -8.76 -1.70 -6.49
C ASN A 74 -8.11 -2.85 -7.31
N GLU A 75 -7.71 -2.56 -8.56
CA GLU A 75 -7.05 -3.56 -9.44
C GLU A 75 -5.53 -3.54 -9.22
N TYR A 76 -4.95 -2.33 -9.05
CA TYR A 76 -3.51 -2.14 -8.80
C TYR A 76 -3.14 -2.55 -7.35
N TRP A 77 -4.18 -2.75 -6.49
CA TRP A 77 -4.02 -3.17 -5.08
C TRP A 77 -3.17 -4.45 -4.90
N ARG A 78 -3.12 -5.32 -5.94
CA ARG A 78 -2.30 -6.56 -5.89
C ARG A 78 -0.79 -6.24 -5.89
N LEU A 79 -0.39 -5.09 -6.48
CA LEU A 79 1.03 -4.68 -6.54
C LEU A 79 1.38 -3.83 -5.32
N ILE A 80 0.39 -3.06 -4.79
CA ILE A 80 0.59 -2.21 -3.59
C ILE A 80 1.19 -3.06 -2.45
N GLY A 81 0.74 -4.33 -2.32
CA GLY A 81 1.29 -5.26 -1.34
C GLY A 81 2.72 -5.65 -1.70
N GLU A 82 2.96 -5.91 -3.02
CA GLU A 82 4.29 -6.28 -3.54
C GLU A 82 5.33 -5.16 -3.32
N LEU A 83 4.91 -3.87 -3.40
CA LEU A 83 5.80 -2.72 -3.19
C LEU A 83 6.40 -2.73 -1.76
N ALA A 84 5.53 -2.97 -0.75
CA ALA A 84 5.94 -3.01 0.67
C ALA A 84 6.48 -4.41 1.08
N LYS A 85 6.21 -5.45 0.27
CA LYS A 85 6.67 -6.82 0.52
C LYS A 85 8.03 -7.10 -0.14
N GLU A 86 8.33 -6.41 -1.26
CA GLU A 86 9.59 -6.58 -2.01
C GLU A 86 10.71 -5.66 -1.46
N ILE A 87 10.35 -4.50 -0.86
CA ILE A 87 11.34 -3.55 -0.30
C ILE A 87 12.22 -4.22 0.80
N ARG A 88 11.58 -4.96 1.74
CA ARG A 88 12.31 -5.63 2.82
C ARG A 88 12.89 -6.99 2.36
N LYS A 89 12.15 -7.73 1.50
CA LYS A 89 12.63 -9.03 1.00
C LYS A 89 12.03 -9.38 -0.39
N LYS A 90 12.89 -9.35 -1.43
CA LYS A 90 12.49 -9.75 -2.81
C LYS A 90 13.02 -11.15 -3.11
N LYS A 91 14.25 -11.44 -2.63
CA LYS A 91 14.91 -12.74 -2.77
C LYS A 91 15.33 -13.19 -1.36
N ASP A 92 14.32 -13.50 -0.51
CA ASP A 92 14.52 -13.90 0.90
C ASP A 92 15.58 -15.01 1.11
N LEU A 93 15.68 -15.96 0.15
CA LEU A 93 16.65 -17.06 0.25
C LEU A 93 18.08 -16.63 -0.20
N LYS A 94 18.17 -15.69 -1.18
CA LYS A 94 19.47 -15.20 -1.68
C LYS A 94 20.05 -14.09 -0.78
N ILE A 95 19.31 -12.96 -0.65
CA ILE A 95 19.73 -11.82 0.20
C ILE A 95 18.77 -11.65 1.39
N ARG A 96 19.32 -11.52 2.61
CA ARG A 96 18.49 -11.41 3.84
C ARG A 96 19.11 -10.46 4.91
N LYS A 97 19.73 -9.35 4.47
CA LYS A 97 20.33 -8.37 5.39
C LYS A 97 20.60 -7.03 4.69
N LYS A 98 19.50 -6.30 4.37
CA LYS A 98 19.58 -5.00 3.68
C LYS A 98 19.11 -3.89 4.63
N MET B 1 16.48 -8.17 4.75
CA MET B 1 15.34 -8.36 5.65
C MET B 1 14.80 -7.02 6.19
N ALA B 2 15.68 -6.00 6.33
CA ALA B 2 15.27 -4.68 6.85
C ALA B 2 14.87 -3.71 5.72
N ALA B 3 14.21 -2.60 6.08
CA ALA B 3 13.75 -1.59 5.11
C ALA B 3 14.67 -0.36 5.09
N GLU B 4 15.14 0.02 3.89
CA GLU B 4 16.05 1.17 3.69
C GLU B 4 15.52 2.09 2.57
N PRO B 5 15.54 3.45 2.75
CA PRO B 5 15.05 4.40 1.72
C PRO B 5 16.05 4.62 0.56
N LEU B 6 15.55 4.58 -0.69
CA LEU B 6 16.39 4.77 -1.89
C LEU B 6 15.89 5.95 -2.76
N THR B 7 14.63 5.86 -3.23
CA THR B 7 14.00 6.90 -4.07
C THR B 7 12.74 7.45 -3.37
N GLU B 8 12.17 8.57 -3.88
CA GLU B 8 10.95 9.20 -3.28
C GLU B 8 9.77 8.22 -3.17
N LEU B 9 9.47 7.46 -4.25
CA LEU B 9 8.36 6.49 -4.26
C LEU B 9 8.66 5.25 -3.39
N GLU B 10 9.93 4.79 -3.39
CA GLU B 10 10.34 3.64 -2.56
C GLU B 10 10.31 4.02 -1.07
N GLU B 11 10.83 5.24 -0.77
CA GLU B 11 10.86 5.78 0.60
C GLU B 11 9.44 5.96 1.19
N SER B 12 8.46 6.32 0.34
CA SER B 12 7.07 6.53 0.78
C SER B 12 6.47 5.25 1.41
N ILE B 13 6.47 4.11 0.65
CA ILE B 13 5.95 2.83 1.18
C ILE B 13 6.92 2.22 2.22
N GLU B 14 8.23 2.57 2.13
CA GLU B 14 9.27 2.08 3.06
C GLU B 14 9.11 2.69 4.47
N THR B 15 8.59 3.94 4.55
CA THR B 15 8.36 4.62 5.85
C THR B 15 7.37 3.84 6.75
N VAL B 16 6.46 3.07 6.12
CA VAL B 16 5.47 2.25 6.85
C VAL B 16 6.15 0.98 7.43
N VAL B 17 7.25 0.52 6.78
CA VAL B 17 8.00 -0.68 7.21
C VAL B 17 9.16 -0.33 8.20
N THR B 18 9.20 0.94 8.71
CA THR B 18 10.26 1.38 9.65
C THR B 18 9.69 2.02 10.93
N THR B 19 8.66 2.88 10.78
CA THR B 19 8.03 3.58 11.92
C THR B 19 7.26 2.62 12.86
N PHE B 20 6.40 1.75 12.28
CA PHE B 20 5.58 0.80 13.06
C PHE B 20 6.25 -0.58 13.21
N PHE B 21 7.37 -0.83 12.49
CA PHE B 21 8.07 -2.13 12.57
C PHE B 21 8.83 -2.30 13.91
N THR B 22 9.16 -1.19 14.59
CA THR B 22 9.86 -1.23 15.90
C THR B 22 8.93 -1.79 17.00
N PHE B 23 7.61 -1.49 16.90
CA PHE B 23 6.60 -1.95 17.88
C PHE B 23 5.89 -3.24 17.42
N ALA B 24 5.76 -3.43 16.08
CA ALA B 24 5.09 -4.62 15.50
C ALA B 24 5.95 -5.91 15.56
N ARG B 25 7.29 -5.75 15.72
CA ARG B 25 8.21 -6.91 15.79
C ARG B 25 8.31 -7.54 17.20
N GLN B 26 7.57 -6.98 18.19
CA GLN B 26 7.60 -7.48 19.58
C GLN B 26 6.74 -8.76 19.75
N GLU B 27 5.64 -8.89 18.97
CA GLU B 27 4.76 -10.07 19.05
C GLU B 27 4.42 -10.66 17.67
N GLY B 28 4.35 -12.00 17.59
CA GLY B 28 4.02 -12.70 16.34
C GLY B 28 4.96 -12.38 15.17
N ARG B 29 6.14 -13.05 15.13
CA ARG B 29 7.17 -12.84 14.08
C ARG B 29 7.67 -11.38 14.02
N LYS B 30 8.72 -11.13 13.22
CA LYS B 30 9.32 -9.79 13.07
C LYS B 30 8.66 -9.00 11.92
N ASP B 31 8.41 -9.69 10.78
CA ASP B 31 7.79 -9.06 9.60
C ASP B 31 6.26 -8.90 9.76
N SER B 32 5.63 -9.72 10.62
CA SER B 32 4.18 -9.69 10.85
C SER B 32 3.76 -8.73 11.98
N LEU B 33 2.56 -8.13 11.82
CA LEU B 33 1.98 -7.20 12.80
C LEU B 33 1.01 -7.96 13.73
N SER B 34 0.73 -7.38 14.91
CA SER B 34 -0.18 -8.01 15.90
C SER B 34 -1.64 -7.60 15.63
N VAL B 35 -2.58 -8.48 16.06
CA VAL B 35 -4.03 -8.24 15.87
C VAL B 35 -4.59 -7.13 16.80
N ASN B 36 -3.88 -6.83 17.91
CA ASN B 36 -4.30 -5.79 18.88
C ASN B 36 -3.55 -4.47 18.65
N GLU B 37 -2.24 -4.55 18.28
CA GLU B 37 -1.41 -3.33 18.05
C GLU B 37 -1.88 -2.50 16.84
N PHE B 38 -2.31 -3.17 15.74
CA PHE B 38 -2.78 -2.45 14.52
C PHE B 38 -4.04 -1.61 14.83
N LYS B 39 -4.94 -2.16 15.68
CA LYS B 39 -6.17 -1.46 16.09
C LYS B 39 -5.84 -0.16 16.87
N GLU B 40 -4.78 -0.19 17.70
CA GLU B 40 -4.34 0.99 18.48
C GLU B 40 -3.72 2.06 17.56
N LEU B 41 -3.08 1.61 16.45
CA LEU B 41 -2.47 2.53 15.48
C LEU B 41 -3.55 3.31 14.69
N VAL B 42 -4.69 2.65 14.38
CA VAL B 42 -5.81 3.28 13.65
C VAL B 42 -6.62 4.23 14.57
N THR B 43 -6.65 3.95 15.87
CA THR B 43 -7.40 4.79 16.83
C THR B 43 -6.54 5.91 17.48
N GLN B 44 -5.20 5.90 17.25
CA GLN B 44 -4.30 6.90 17.86
C GLN B 44 -3.47 7.69 16.80
N GLN B 45 -2.67 6.96 15.99
CA GLN B 45 -1.78 7.60 14.98
C GLN B 45 -2.38 7.65 13.57
N LEU B 46 -3.52 6.98 13.32
CA LEU B 46 -4.16 6.96 11.99
C LEU B 46 -5.72 6.99 12.08
N PRO B 47 -6.33 7.92 12.88
CA PRO B 47 -7.80 8.01 13.03
C PRO B 47 -8.51 8.86 11.95
N HIS B 48 -7.80 9.83 11.35
CA HIS B 48 -8.38 10.72 10.32
C HIS B 48 -8.41 10.06 8.92
N LEU B 49 -7.59 9.01 8.68
CA LEU B 49 -7.56 8.32 7.38
C LEU B 49 -8.76 7.36 7.23
N LEU B 50 -8.88 6.38 8.14
CA LEU B 50 -10.00 5.43 8.12
C LEU B 50 -11.18 6.05 8.90
N LYS B 51 -12.29 6.35 8.19
CA LYS B 51 -13.49 6.98 8.80
C LYS B 51 -13.99 6.21 10.06
N ASP B 52 -13.95 4.87 10.03
CA ASP B 52 -14.38 4.04 11.16
C ASP B 52 -13.18 3.70 12.07
N VAL B 53 -13.17 4.28 13.28
CA VAL B 53 -12.08 4.04 14.26
C VAL B 53 -12.45 2.91 15.26
N GLY B 54 -13.77 2.79 15.58
CA GLY B 54 -14.25 1.77 16.50
C GLY B 54 -14.64 0.47 15.79
N SER B 55 -15.44 0.58 14.73
CA SER B 55 -15.88 -0.59 13.95
C SER B 55 -14.79 -0.99 12.94
N LEU B 56 -13.88 -1.88 13.38
CA LEU B 56 -12.76 -2.38 12.56
C LEU B 56 -12.85 -3.91 12.37
N ASP B 57 -14.03 -4.52 12.66
CA ASP B 57 -14.20 -5.98 12.52
C ASP B 57 -14.34 -6.42 11.05
N GLU B 58 -14.93 -5.56 10.19
CA GLU B 58 -15.09 -5.87 8.74
C GLU B 58 -13.73 -5.98 8.04
N LYS B 59 -12.77 -5.10 8.42
CA LYS B 59 -11.41 -5.11 7.85
C LYS B 59 -10.53 -6.16 8.56
N MET B 60 -10.61 -6.23 9.92
CA MET B 60 -9.82 -7.20 10.74
C MET B 60 -10.06 -8.66 10.30
N LYS B 61 -11.33 -9.02 10.04
CA LYS B 61 -11.68 -10.38 9.57
C LYS B 61 -11.07 -10.66 8.19
N SER B 62 -11.06 -9.64 7.31
CA SER B 62 -10.49 -9.74 5.97
C SER B 62 -8.94 -9.78 6.03
N LEU B 63 -8.34 -9.10 7.04
CA LEU B 63 -6.87 -9.08 7.21
C LEU B 63 -6.35 -10.46 7.63
N ASP B 64 -6.77 -10.95 8.82
CA ASP B 64 -6.34 -12.25 9.34
C ASP B 64 -7.19 -13.37 8.70
N VAL B 65 -6.85 -13.71 7.45
CA VAL B 65 -7.56 -14.74 6.67
C VAL B 65 -7.00 -16.15 6.95
N ASN B 66 -5.68 -16.26 7.23
CA ASN B 66 -5.03 -17.55 7.53
C ASN B 66 -5.46 -18.12 8.91
N GLN B 67 -5.96 -17.25 9.82
CA GLN B 67 -6.42 -17.66 11.17
C GLN B 67 -5.25 -18.25 12.00
N ASP B 68 -4.21 -17.43 12.22
CA ASP B 68 -3.01 -17.82 12.98
C ASP B 68 -2.56 -16.72 13.98
N SER B 69 -3.47 -15.75 14.30
CA SER B 69 -3.17 -14.63 15.22
C SER B 69 -1.94 -13.80 14.76
N GLU B 70 -1.72 -13.72 13.44
CA GLU B 70 -0.60 -12.97 12.85
C GLU B 70 -1.05 -12.19 11.61
N LEU B 71 -0.80 -10.87 11.59
CA LEU B 71 -1.18 -10.00 10.47
C LEU B 71 0.07 -9.64 9.63
N LYS B 72 0.64 -10.64 8.92
CA LYS B 72 1.82 -10.44 8.05
C LYS B 72 1.47 -9.49 6.89
N PHE B 73 2.48 -8.88 6.22
CA PHE B 73 2.21 -7.96 5.08
C PHE B 73 1.32 -8.60 3.99
N ASN B 74 1.39 -9.94 3.85
CA ASN B 74 0.55 -10.69 2.89
C ASN B 74 -0.93 -10.70 3.37
N GLU B 75 -1.14 -10.76 4.71
CA GLU B 75 -2.49 -10.73 5.31
C GLU B 75 -2.93 -9.29 5.60
N TYR B 76 -1.94 -8.40 5.91
CA TYR B 76 -2.17 -6.97 6.18
C TYR B 76 -2.34 -6.16 4.86
N TRP B 77 -2.08 -6.83 3.70
CA TRP B 77 -2.21 -6.22 2.35
C TRP B 77 -3.66 -5.72 2.07
N ARG B 78 -4.67 -6.24 2.81
CA ARG B 78 -6.07 -5.81 2.65
C ARG B 78 -6.32 -4.41 3.23
N LEU B 79 -5.52 -3.99 4.25
CA LEU B 79 -5.67 -2.65 4.89
C LEU B 79 -4.83 -1.59 4.18
N ILE B 80 -3.65 -1.98 3.61
CA ILE B 80 -2.78 -1.04 2.88
C ILE B 80 -3.52 -0.51 1.63
N GLY B 81 -4.31 -1.39 0.98
CA GLY B 81 -5.10 -1.00 -0.19
C GLY B 81 -6.22 -0.03 0.18
N GLU B 82 -6.86 -0.26 1.35
CA GLU B 82 -7.93 0.61 1.87
C GLU B 82 -7.34 1.90 2.49
N LEU B 83 -6.08 1.84 2.96
CA LEU B 83 -5.39 3.01 3.56
C LEU B 83 -5.24 4.15 2.53
N ALA B 84 -4.76 3.80 1.32
CA ALA B 84 -4.55 4.77 0.23
C ALA B 84 -5.87 5.21 -0.42
N LYS B 85 -6.86 4.30 -0.48
CA LYS B 85 -8.18 4.59 -1.07
C LYS B 85 -9.04 5.50 -0.15
N GLU B 86 -8.80 5.44 1.19
CA GLU B 86 -9.55 6.26 2.18
C GLU B 86 -8.94 7.66 2.40
N ILE B 87 -7.90 8.05 1.62
CA ILE B 87 -7.26 9.37 1.75
C ILE B 87 -7.97 10.42 0.85
N ARG B 88 -8.40 9.99 -0.36
CA ARG B 88 -9.06 10.88 -1.32
C ARG B 88 -10.58 10.63 -1.46
N LYS B 89 -11.05 9.38 -1.25
CA LYS B 89 -12.49 9.07 -1.38
C LYS B 89 -13.01 8.11 -0.29
N LYS B 90 -12.92 8.52 0.99
CA LYS B 90 -13.45 7.70 2.11
C LYS B 90 -14.99 7.82 2.17
N LYS B 91 -15.49 9.03 1.85
CA LYS B 91 -16.93 9.34 1.79
C LYS B 91 -17.19 10.19 0.55
N ASP B 92 -17.07 9.56 -0.65
CA ASP B 92 -17.26 10.24 -1.95
C ASP B 92 -18.64 10.92 -2.10
N LEU B 93 -19.69 10.32 -1.51
CA LEU B 93 -21.07 10.87 -1.58
C LEU B 93 -21.23 12.12 -0.68
N LYS B 94 -20.71 12.05 0.57
CA LYS B 94 -20.81 13.17 1.54
C LYS B 94 -19.83 14.31 1.18
N ILE B 95 -18.56 13.95 0.92
CA ILE B 95 -17.49 14.94 0.57
C ILE B 95 -16.79 14.52 -0.74
N ARG B 96 -16.36 15.51 -1.56
CA ARG B 96 -15.65 15.22 -2.83
C ARG B 96 -14.52 16.23 -3.12
N LYS B 97 -13.92 16.84 -2.06
CA LYS B 97 -12.82 17.81 -2.22
C LYS B 97 -12.11 18.10 -0.88
N LYS B 98 -10.93 17.47 -0.68
CA LYS B 98 -10.12 17.66 0.54
C LYS B 98 -8.62 17.60 0.19
NAA ANW C . -7.87 21.03 -8.59
NAB ANW C . -9.45 22.68 -8.97
CAC ANW C . -4.75 13.37 -6.71
CAD ANW C . -4.71 14.15 -8.01
CAE ANW C . -3.27 14.27 -8.51
CAF ANW C . -5.25 15.42 -7.83
CAG ANW C . -6.37 15.81 -8.56
CAH ANW C . -6.88 17.09 -8.43
CAI ANW C . -6.26 18.00 -7.57
CAJ ANW C . -5.16 17.60 -6.83
CAK ANW C . -4.65 16.32 -6.95
CAL ANW C . -7.57 19.72 -8.51
CAM ANW C . -9.02 21.45 -9.15
CAN ANW C . -9.92 20.54 -9.69
CAO ANW C . -9.63 19.18 -9.61
CAP ANW C . -8.45 18.78 -9.02
CAQ ANW C . -8.04 17.45 -9.11
CAR ANW C . -10.98 20.98 -10.48
OAS ANW C . -6.62 19.32 -7.62
OAT ANW C . -8.70 16.62 -9.73
OAU ANW C . -11.83 20.16 -10.89
OAV ANW C . -11.07 22.19 -10.79
HNAB ANW C . -8.85 23.38 -8.59
HNAA ANW C . -10.40 22.92 -9.20
HAC ANW C . -4.14 13.93 -6.00
HACA ANW C . -5.77 13.38 -6.30
HACB ANW C . -4.29 12.38 -6.76
HAD ANW C . -5.30 13.62 -8.77
HAE ANW C . -2.72 14.79 -7.72
HAEA ANW C . -2.83 13.26 -8.56
HAEB ANW C . -3.15 14.87 -9.40
HAG ANW C . -6.87 15.08 -9.20
HAJ ANW C . -4.73 18.30 -6.11
HAK ANW C . -3.79 16.02 -6.36
HAO ANW C . -10.35 18.44 -9.97
NAA ANW D . 13.45 -7.73 9.74
NAB ANW D . 13.81 -10.02 9.84
CAC ANW D . 13.46 0.33 11.96
CAD ANW D . 14.61 -0.31 11.16
CAE ANW D . 14.93 0.55 9.94
CAF ANW D . 14.24 -1.59 10.75
CAG ANW D . 14.92 -2.69 11.26
CAH ANW D . 14.51 -3.97 10.93
CAI ANW D . 13.44 -4.16 10.06
CAJ ANW D . 12.78 -3.06 9.54
CAK ANW D . 13.16 -1.77 9.89
CAL ANW D . 13.78 -6.49 10.15
CAM ANW D . 13.86 -8.81 10.40
CAN ANW D . 14.63 -8.71 11.55
CAO ANW D . 15.00 -7.44 11.99
CAP ANW D . 14.57 -6.33 11.29
CAQ ANW D . 15.06 -5.07 11.60
CAR ANW D . 14.94 -9.83 12.32
OAS ANW D . 13.09 -5.42 9.68
OAT ANW D . 15.93 -4.92 12.46
OAU ANW D . 15.66 -9.71 13.33
OAV ANW D . 14.47 -10.94 12.01
HNAB ANW D . 13.26 -10.15 9.01
HNAA ANW D . 14.32 -10.78 10.22
HAC ANW D . 12.63 0.38 11.27
HACA ANW D . 13.16 -0.34 12.76
HACB ANW D . 13.66 1.36 12.26
HAD ANW D . 15.49 -0.39 11.80
HAE ANW D . 14.02 0.60 9.35
HAEA ANW D . 15.13 1.57 10.27
HAEB ANW D . 15.68 0.13 9.28
HAG ANW D . 15.78 -2.55 11.92
HAJ ANW D . 11.94 -3.21 8.85
HAK ANW D . 12.61 -0.91 9.53
HAO ANW D . 15.62 -7.32 12.88
N MET A 1 -11.84 14.50 -2.93
CA MET A 1 -11.20 13.58 -3.92
C MET A 1 -9.76 14.05 -4.29
N ALA A 2 -8.99 14.45 -3.26
CA ALA A 2 -7.62 14.93 -3.44
C ALA A 2 -6.71 14.48 -2.29
N ALA A 3 -5.41 14.29 -2.58
CA ALA A 3 -4.43 13.87 -1.57
C ALA A 3 -3.94 15.09 -0.76
N GLU A 4 -4.39 15.19 0.50
CA GLU A 4 -4.01 16.31 1.39
C GLU A 4 -3.00 15.82 2.45
N PRO A 5 -1.83 16.53 2.65
CA PRO A 5 -0.81 16.13 3.64
C PRO A 5 -1.34 15.97 5.09
N LEU A 6 -1.10 14.78 5.69
CA LEU A 6 -1.51 14.45 7.07
C LEU A 6 -0.28 14.01 7.90
N THR A 7 -0.49 13.35 9.07
CA THR A 7 0.62 12.86 9.94
C THR A 7 1.57 11.91 9.15
N GLU A 8 2.83 11.74 9.65
CA GLU A 8 3.88 10.90 9.00
C GLU A 8 3.36 9.60 8.33
N LEU A 9 2.69 8.71 9.09
CA LEU A 9 2.18 7.43 8.55
C LEU A 9 0.98 7.65 7.61
N GLU A 10 0.17 8.69 7.86
CA GLU A 10 -0.97 9.03 7.00
C GLU A 10 -0.46 9.64 5.67
N GLU A 11 0.70 10.33 5.73
CA GLU A 11 1.34 10.96 4.55
C GLU A 11 2.12 9.92 3.71
N SER A 12 2.42 8.72 4.28
CA SER A 12 3.15 7.65 3.56
C SER A 12 2.41 7.25 2.28
N ILE A 13 1.08 7.02 2.38
CA ILE A 13 0.24 6.64 1.22
C ILE A 13 -0.28 7.89 0.47
N GLU A 14 -0.15 9.09 1.09
CA GLU A 14 -0.60 10.37 0.48
C GLU A 14 0.35 10.83 -0.64
N THR A 15 1.68 10.72 -0.39
CA THR A 15 2.71 11.11 -1.38
C THR A 15 2.64 10.25 -2.67
N VAL A 16 2.13 9.01 -2.55
CA VAL A 16 1.97 8.08 -3.70
C VAL A 16 0.78 8.54 -4.59
N VAL A 17 -0.22 9.22 -3.99
CA VAL A 17 -1.41 9.72 -4.70
C VAL A 17 -1.18 11.19 -5.24
N THR A 18 0.08 11.67 -5.22
CA THR A 18 0.42 13.03 -5.70
C THR A 18 1.52 13.00 -6.78
N THR A 19 2.59 12.23 -6.52
CA THR A 19 3.75 12.12 -7.45
C THR A 19 3.38 11.51 -8.82
N PHE A 20 2.58 10.42 -8.85
CA PHE A 20 2.21 9.75 -10.11
C PHE A 20 0.77 10.05 -10.58
N PHE A 21 -0.15 10.41 -9.66
CA PHE A 21 -1.55 10.70 -10.03
C PHE A 21 -1.68 11.93 -10.97
N THR A 22 -0.67 12.83 -10.98
CA THR A 22 -0.67 13.99 -11.88
C THR A 22 -0.47 13.57 -13.36
N PHE A 23 0.24 12.44 -13.56
CA PHE A 23 0.50 11.89 -14.91
C PHE A 23 -0.56 10.83 -15.30
N ALA A 24 -1.01 10.03 -14.30
CA ALA A 24 -2.01 8.97 -14.51
C ALA A 24 -3.45 9.49 -14.69
N ARG A 25 -3.75 10.69 -14.15
CA ARG A 25 -5.10 11.30 -14.25
C ARG A 25 -5.54 11.57 -15.72
N GLN A 26 -4.57 11.72 -16.64
CA GLN A 26 -4.84 12.00 -18.06
C GLN A 26 -5.42 10.78 -18.82
N GLU A 27 -5.33 9.56 -18.25
CA GLU A 27 -5.83 8.35 -18.93
C GLU A 27 -6.88 7.58 -18.09
N GLY A 28 -8.16 7.70 -18.50
CA GLY A 28 -9.27 6.98 -17.86
C GLY A 28 -9.51 7.33 -16.39
N ARG A 29 -10.50 8.22 -16.12
CA ARG A 29 -10.88 8.66 -14.75
C ARG A 29 -9.71 9.26 -13.94
N LYS A 30 -10.03 9.89 -12.80
CA LYS A 30 -9.02 10.54 -11.93
C LYS A 30 -8.53 9.64 -10.78
N ASP A 31 -9.16 8.47 -10.57
CA ASP A 31 -8.79 7.56 -9.48
C ASP A 31 -7.91 6.38 -9.93
N SER A 32 -8.08 5.91 -11.19
CA SER A 32 -7.31 4.76 -11.73
C SER A 32 -6.01 5.17 -12.45
N LEU A 33 -5.08 4.21 -12.55
CA LEU A 33 -3.77 4.41 -13.23
C LEU A 33 -3.82 3.89 -14.68
N SER A 34 -2.80 4.24 -15.50
CA SER A 34 -2.73 3.81 -16.91
C SER A 34 -2.07 2.42 -17.04
N VAL A 35 -2.39 1.69 -18.12
CA VAL A 35 -1.84 0.34 -18.37
C VAL A 35 -0.38 0.38 -18.91
N ASN A 36 0.00 1.48 -19.59
CA ASN A 36 1.35 1.63 -20.18
C ASN A 36 2.28 2.54 -19.35
N GLU A 37 1.75 3.66 -18.79
CA GLU A 37 2.57 4.61 -17.99
C GLU A 37 3.01 4.02 -16.62
N PHE A 38 2.24 3.06 -16.05
CA PHE A 38 2.61 2.45 -14.75
C PHE A 38 3.90 1.61 -14.89
N LYS A 39 4.00 0.83 -16.00
CA LYS A 39 5.19 0.00 -16.28
C LYS A 39 6.45 0.87 -16.46
N GLU A 40 6.28 2.08 -17.06
CA GLU A 40 7.39 3.03 -17.27
C GLU A 40 7.92 3.53 -15.91
N LEU A 41 7.02 3.71 -14.92
CA LEU A 41 7.39 4.14 -13.56
C LEU A 41 8.22 3.07 -12.84
N VAL A 42 7.84 1.78 -13.02
CA VAL A 42 8.55 0.64 -12.40
C VAL A 42 9.96 0.47 -13.00
N THR A 43 10.17 0.91 -14.27
CA THR A 43 11.47 0.80 -14.95
C THR A 43 12.17 2.17 -15.06
N GLN A 44 11.87 3.13 -14.14
CA GLN A 44 12.48 4.47 -14.17
C GLN A 44 12.72 5.03 -12.76
N GLN A 45 11.63 5.24 -11.99
CA GLN A 45 11.71 5.80 -10.63
C GLN A 45 11.55 4.72 -9.53
N LEU A 46 11.10 3.50 -9.90
CA LEU A 46 10.90 2.41 -8.94
C LEU A 46 11.57 1.07 -9.42
N PRO A 47 12.79 1.09 -10.04
CA PRO A 47 13.46 -0.15 -10.51
C PRO A 47 14.20 -0.93 -9.40
N HIS A 48 14.68 -0.23 -8.35
CA HIS A 48 15.42 -0.87 -7.24
C HIS A 48 14.47 -1.57 -6.22
N LEU A 49 13.15 -1.35 -6.33
CA LEU A 49 12.17 -1.96 -5.41
C LEU A 49 11.73 -3.35 -5.90
N LEU A 50 11.06 -3.41 -7.07
CA LEU A 50 10.62 -4.68 -7.66
C LEU A 50 11.78 -5.31 -8.42
N LYS A 51 12.35 -6.41 -7.88
CA LYS A 51 13.51 -7.12 -8.48
C LYS A 51 13.33 -7.42 -9.99
N ASP A 52 12.09 -7.79 -10.40
CA ASP A 52 11.79 -8.09 -11.80
C ASP A 52 11.02 -6.92 -12.44
N VAL A 53 11.74 -6.06 -13.18
CA VAL A 53 11.14 -4.89 -13.85
C VAL A 53 10.80 -5.19 -15.33
N GLY A 54 11.60 -6.08 -15.98
CA GLY A 54 11.38 -6.44 -17.38
C GLY A 54 10.14 -7.31 -17.59
N SER A 55 10.06 -8.44 -16.86
CA SER A 55 8.93 -9.37 -16.95
C SER A 55 7.85 -9.00 -15.93
N LEU A 56 7.09 -7.94 -16.25
CA LEU A 56 5.99 -7.46 -15.39
C LEU A 56 4.64 -7.87 -16.03
N ASP A 57 4.54 -9.18 -16.38
CA ASP A 57 3.32 -9.75 -17.00
C ASP A 57 2.54 -10.62 -15.99
N GLU A 58 3.28 -11.34 -15.11
CA GLU A 58 2.64 -12.18 -14.07
C GLU A 58 1.85 -11.32 -13.07
N LYS A 59 2.31 -10.06 -12.86
CA LYS A 59 1.66 -9.11 -11.94
C LYS A 59 0.58 -8.27 -12.69
N MET A 60 0.83 -7.93 -13.98
CA MET A 60 -0.12 -7.14 -14.80
C MET A 60 -1.50 -7.83 -14.90
N LYS A 61 -1.52 -9.18 -15.03
CA LYS A 61 -2.80 -9.94 -15.11
C LYS A 61 -3.56 -9.86 -13.77
N SER A 62 -2.80 -9.82 -12.64
CA SER A 62 -3.39 -9.70 -11.31
C SER A 62 -4.04 -8.33 -11.10
N LEU A 63 -3.42 -7.26 -11.69
CA LEU A 63 -3.94 -5.89 -11.58
C LEU A 63 -5.23 -5.74 -12.42
N ASP A 64 -5.13 -5.99 -13.74
CA ASP A 64 -6.29 -5.89 -14.63
C ASP A 64 -7.16 -7.17 -14.53
N VAL A 65 -8.07 -7.18 -13.54
CA VAL A 65 -8.97 -8.32 -13.29
C VAL A 65 -10.41 -8.05 -13.82
N ASN A 66 -10.78 -6.76 -13.97
CA ASN A 66 -12.11 -6.36 -14.47
C ASN A 66 -12.20 -6.43 -16.02
N GLN A 67 -11.05 -6.46 -16.73
CA GLN A 67 -10.99 -6.52 -18.21
C GLN A 67 -11.55 -5.22 -18.84
N ASP A 68 -10.68 -4.21 -18.99
CA ASP A 68 -11.06 -2.90 -19.59
C ASP A 68 -9.81 -2.16 -20.13
N SER A 69 -9.03 -1.52 -19.20
CA SER A 69 -7.79 -0.76 -19.54
C SER A 69 -7.23 -0.04 -18.30
N GLU A 70 -8.14 0.59 -17.50
CA GLU A 70 -7.77 1.32 -16.28
C GLU A 70 -7.36 0.40 -15.12
N LEU A 71 -6.51 0.93 -14.21
CA LEU A 71 -6.04 0.20 -13.03
C LEU A 71 -6.41 0.95 -11.75
N LYS A 72 -7.65 0.72 -11.25
CA LYS A 72 -8.17 1.35 -10.01
C LYS A 72 -7.28 0.94 -8.81
N PHE A 73 -7.36 1.64 -7.66
CA PHE A 73 -6.54 1.28 -6.48
C PHE A 73 -6.89 -0.13 -5.95
N ASN A 74 -8.15 -0.57 -6.13
CA ASN A 74 -8.56 -1.94 -5.72
C ASN A 74 -7.92 -2.97 -6.68
N GLU A 75 -7.69 -2.56 -7.95
CA GLU A 75 -7.04 -3.38 -8.97
C GLU A 75 -5.51 -3.32 -8.79
N TYR A 76 -4.98 -2.08 -8.59
CA TYR A 76 -3.54 -1.82 -8.36
C TYR A 76 -3.07 -2.36 -6.99
N TRP A 77 -4.04 -2.66 -6.08
CA TRP A 77 -3.76 -3.20 -4.72
C TRP A 77 -2.82 -4.43 -4.78
N ARG A 78 -2.91 -5.23 -5.87
CA ARG A 78 -2.05 -6.43 -6.05
C ARG A 78 -0.56 -6.06 -6.11
N LEU A 79 -0.23 -4.92 -6.77
CA LEU A 79 1.17 -4.46 -6.86
C LEU A 79 1.57 -3.65 -5.60
N ILE A 80 0.62 -2.86 -5.03
CA ILE A 80 0.90 -2.06 -3.81
C ILE A 80 1.45 -2.96 -2.68
N GLY A 81 0.92 -4.19 -2.59
CA GLY A 81 1.43 -5.16 -1.62
C GLY A 81 2.84 -5.61 -1.97
N GLU A 82 3.09 -5.85 -3.28
CA GLU A 82 4.42 -6.27 -3.76
C GLU A 82 5.48 -5.16 -3.52
N LEU A 83 5.05 -3.88 -3.49
CA LEU A 83 5.98 -2.76 -3.21
C LEU A 83 6.50 -2.84 -1.75
N ALA A 84 5.56 -2.95 -0.79
CA ALA A 84 5.91 -3.03 0.66
C ALA A 84 6.36 -4.44 1.09
N LYS A 85 6.15 -5.47 0.22
CA LYS A 85 6.55 -6.86 0.50
C LYS A 85 7.95 -7.13 -0.08
N GLU A 86 8.23 -6.60 -1.29
CA GLU A 86 9.52 -6.79 -1.97
C GLU A 86 10.49 -5.60 -1.71
N ILE A 87 10.38 -4.95 -0.53
CA ILE A 87 11.27 -3.83 -0.16
C ILE A 87 12.42 -4.32 0.73
N ARG A 88 12.10 -5.17 1.73
CA ARG A 88 13.10 -5.69 2.66
C ARG A 88 13.51 -7.14 2.31
N LYS A 89 12.56 -7.98 1.83
CA LYS A 89 12.84 -9.38 1.48
C LYS A 89 12.36 -9.73 0.04
N LYS A 90 12.86 -9.01 -0.98
CA LYS A 90 12.51 -9.29 -2.40
C LYS A 90 13.08 -10.66 -2.85
N LYS A 91 14.28 -11.00 -2.34
CA LYS A 91 14.96 -12.28 -2.61
C LYS A 91 15.50 -12.83 -1.27
N ASP A 92 14.58 -13.34 -0.43
CA ASP A 92 14.93 -13.87 0.92
C ASP A 92 15.93 -15.05 0.87
N LEU A 93 15.84 -15.89 -0.17
CA LEU A 93 16.74 -17.06 -0.31
C LEU A 93 18.17 -16.65 -0.74
N LYS A 94 18.27 -15.65 -1.65
CA LYS A 94 19.57 -15.17 -2.16
C LYS A 94 20.27 -14.23 -1.15
N ILE A 95 19.57 -13.14 -0.76
CA ILE A 95 20.10 -12.15 0.19
C ILE A 95 19.22 -12.04 1.45
N ARG A 96 19.84 -11.72 2.60
CA ARG A 96 19.12 -11.57 3.88
C ARG A 96 19.67 -10.38 4.72
N LYS A 97 19.95 -9.24 4.06
CA LYS A 97 20.48 -8.03 4.74
C LYS A 97 20.43 -6.78 3.84
N LYS A 98 19.71 -5.72 4.28
CA LYS A 98 19.60 -4.46 3.53
C LYS A 98 19.25 -3.30 4.48
N MET B 1 16.98 -8.22 4.25
CA MET B 1 15.89 -8.57 5.16
C MET B 1 15.30 -7.33 5.87
N ALA B 2 16.13 -6.25 6.00
CA ALA B 2 15.69 -5.00 6.66
C ALA B 2 15.32 -3.93 5.63
N ALA B 3 14.36 -3.04 5.99
CA ALA B 3 13.91 -1.95 5.10
C ALA B 3 14.87 -0.76 5.14
N GLU B 4 15.18 -0.18 3.95
CA GLU B 4 16.11 0.96 3.82
C GLU B 4 15.57 2.00 2.81
N PRO B 5 15.83 3.34 3.01
CA PRO B 5 15.35 4.39 2.08
C PRO B 5 16.25 4.55 0.84
N LEU B 6 15.63 4.80 -0.35
CA LEU B 6 16.37 4.95 -1.61
C LEU B 6 15.80 6.09 -2.49
N THR B 7 14.53 5.96 -2.91
CA THR B 7 13.84 6.97 -3.75
C THR B 7 12.58 7.51 -3.05
N GLU B 8 11.98 8.59 -3.60
CA GLU B 8 10.75 9.22 -3.03
C GLU B 8 9.56 8.22 -2.97
N LEU B 9 9.39 7.40 -4.03
CA LEU B 9 8.30 6.41 -4.08
C LEU B 9 8.62 5.15 -3.24
N GLU B 10 9.91 4.73 -3.25
CA GLU B 10 10.36 3.56 -2.47
C GLU B 10 10.36 3.86 -0.95
N GLU B 11 10.68 5.11 -0.59
CA GLU B 11 10.70 5.54 0.83
C GLU B 11 9.27 5.64 1.39
N SER B 12 8.30 6.07 0.55
CA SER B 12 6.88 6.19 0.94
C SER B 12 6.31 4.86 1.49
N ILE B 13 6.53 3.76 0.74
CA ILE B 13 6.07 2.42 1.17
C ILE B 13 6.97 1.83 2.29
N GLU B 14 8.25 2.27 2.34
CA GLU B 14 9.22 1.81 3.35
C GLU B 14 8.96 2.45 4.73
N THR B 15 8.46 3.71 4.76
CA THR B 15 8.16 4.44 6.01
C THR B 15 7.11 3.71 6.87
N VAL B 16 6.15 3.00 6.23
CA VAL B 16 5.09 2.27 6.95
C VAL B 16 5.68 1.06 7.72
N VAL B 17 6.75 0.44 7.18
CA VAL B 17 7.40 -0.72 7.82
C VAL B 17 8.41 -0.27 8.89
N THR B 18 9.35 0.62 8.51
CA THR B 18 10.44 1.11 9.42
C THR B 18 9.92 1.80 10.70
N THR B 19 8.95 2.71 10.56
CA THR B 19 8.40 3.48 11.72
C THR B 19 7.66 2.57 12.73
N PHE B 20 6.75 1.69 12.26
CA PHE B 20 5.98 0.80 13.15
C PHE B 20 6.66 -0.59 13.34
N PHE B 21 7.98 -0.72 13.05
CA PHE B 21 8.70 -2.01 13.25
C PHE B 21 8.98 -2.25 14.75
N THR B 22 9.09 -1.16 15.55
CA THR B 22 9.34 -1.26 17.00
C THR B 22 8.19 -2.01 17.71
N PHE B 23 6.93 -1.71 17.32
CA PHE B 23 5.75 -2.38 17.89
C PHE B 23 5.52 -3.76 17.23
N ALA B 24 5.73 -3.83 15.89
CA ALA B 24 5.55 -5.07 15.10
C ALA B 24 6.47 -6.22 15.55
N ARG B 25 7.67 -5.89 16.08
CA ARG B 25 8.63 -6.92 16.53
C ARG B 25 8.44 -7.34 18.01
N GLN B 26 7.34 -6.89 18.65
CA GLN B 26 7.04 -7.23 20.05
C GLN B 26 6.54 -8.69 20.19
N GLU B 27 5.74 -9.14 19.20
CA GLU B 27 5.19 -10.51 19.16
C GLU B 27 5.84 -11.32 18.00
N GLY B 28 5.37 -12.57 17.79
CA GLY B 28 5.90 -13.45 16.73
C GLY B 28 5.91 -12.83 15.33
N ARG B 29 6.69 -13.44 14.40
CA ARG B 29 6.86 -12.96 13.01
C ARG B 29 7.55 -11.58 12.97
N LYS B 30 8.47 -11.38 12.01
CA LYS B 30 9.20 -10.10 11.88
C LYS B 30 8.32 -9.01 11.23
N ASP B 31 7.94 -9.21 9.96
CA ASP B 31 7.08 -8.24 9.23
C ASP B 31 5.60 -8.61 9.46
N SER B 32 5.11 -8.37 10.69
CA SER B 32 3.72 -8.68 11.07
C SER B 32 3.23 -7.84 12.25
N LEU B 33 1.94 -7.43 12.18
CA LEU B 33 1.29 -6.63 13.24
C LEU B 33 0.44 -7.55 14.13
N SER B 34 0.44 -7.28 15.45
CA SER B 34 -0.34 -8.10 16.40
C SER B 34 -1.82 -7.68 16.41
N VAL B 35 -2.70 -8.56 16.93
CA VAL B 35 -4.16 -8.29 17.01
C VAL B 35 -4.49 -7.01 17.82
N ASN B 36 -3.68 -6.69 18.83
CA ASN B 36 -3.90 -5.50 19.69
C ASN B 36 -2.90 -4.35 19.34
N GLU B 37 -2.40 -4.32 18.08
CA GLU B 37 -1.45 -3.28 17.62
C GLU B 37 -2.01 -2.52 16.41
N PHE B 38 -2.57 -3.24 15.41
CA PHE B 38 -3.15 -2.60 14.21
C PHE B 38 -4.38 -1.75 14.59
N LYS B 39 -5.14 -2.20 15.62
CA LYS B 39 -6.33 -1.48 16.12
C LYS B 39 -5.90 -0.20 16.86
N GLU B 40 -4.82 -0.30 17.68
CA GLU B 40 -4.28 0.86 18.43
C GLU B 40 -3.61 1.88 17.48
N LEU B 41 -3.05 1.40 16.35
CA LEU B 41 -2.41 2.30 15.35
C LEU B 41 -3.50 3.16 14.65
N VAL B 42 -4.69 2.58 14.42
CA VAL B 42 -5.83 3.28 13.79
C VAL B 42 -6.47 4.27 14.79
N THR B 43 -6.30 4.05 16.11
CA THR B 43 -6.86 4.92 17.15
C THR B 43 -5.84 5.94 17.71
N GLN B 44 -4.53 5.74 17.45
CA GLN B 44 -3.48 6.63 17.99
C GLN B 44 -2.79 7.50 16.90
N GLN B 45 -2.14 6.86 15.90
CA GLN B 45 -1.40 7.60 14.84
C GLN B 45 -2.09 7.58 13.45
N LEU B 46 -3.30 6.95 13.33
CA LEU B 46 -4.02 6.89 12.04
C LEU B 46 -5.57 6.95 12.23
N PRO B 47 -6.13 7.90 13.05
CA PRO B 47 -7.59 8.01 13.28
C PRO B 47 -8.36 8.90 12.27
N HIS B 48 -7.66 9.87 11.63
CA HIS B 48 -8.28 10.78 10.65
C HIS B 48 -8.37 10.16 9.24
N LEU B 49 -7.43 9.24 8.90
CA LEU B 49 -7.40 8.60 7.59
C LEU B 49 -8.58 7.62 7.40
N LEU B 50 -8.76 6.68 8.35
CA LEU B 50 -9.85 5.71 8.30
C LEU B 50 -11.01 6.18 9.20
N LYS B 51 -12.17 6.46 8.59
CA LYS B 51 -13.38 6.94 9.32
C LYS B 51 -13.84 5.96 10.42
N ASP B 52 -13.79 4.64 10.14
CA ASP B 52 -14.22 3.62 11.12
C ASP B 52 -13.06 3.29 12.08
N VAL B 53 -12.87 4.13 13.12
CA VAL B 53 -11.79 3.91 14.12
C VAL B 53 -12.20 2.84 15.15
N GLY B 54 -13.50 2.80 15.53
CA GLY B 54 -13.99 1.81 16.49
C GLY B 54 -14.50 0.53 15.83
N SER B 55 -15.16 0.66 14.67
CA SER B 55 -15.72 -0.50 13.93
C SER B 55 -14.70 -1.03 12.90
N LEU B 56 -13.66 -1.72 13.40
CA LEU B 56 -12.59 -2.29 12.56
C LEU B 56 -12.76 -3.83 12.41
N ASP B 57 -13.85 -4.41 12.98
CA ASP B 57 -14.10 -5.87 12.90
C ASP B 57 -14.39 -6.35 11.47
N GLU B 58 -14.95 -5.46 10.61
CA GLU B 58 -15.27 -5.81 9.20
C GLU B 58 -14.00 -6.10 8.39
N LYS B 59 -12.99 -5.22 8.49
CA LYS B 59 -11.72 -5.41 7.78
C LYS B 59 -10.86 -6.50 8.47
N MET B 60 -10.95 -6.58 9.82
CA MET B 60 -10.20 -7.60 10.62
C MET B 60 -10.39 -9.04 10.07
N LYS B 61 -11.64 -9.40 9.70
CA LYS B 61 -11.97 -10.72 9.15
C LYS B 61 -11.36 -10.90 7.74
N SER B 62 -11.45 -9.84 6.91
CA SER B 62 -10.90 -9.84 5.54
C SER B 62 -9.36 -9.81 5.54
N LEU B 63 -8.76 -9.17 6.57
CA LEU B 63 -7.29 -9.05 6.71
C LEU B 63 -6.67 -10.41 7.05
N ASP B 64 -7.04 -10.98 8.22
CA ASP B 64 -6.53 -12.28 8.66
C ASP B 64 -7.44 -13.41 8.15
N VAL B 65 -7.27 -13.73 6.84
CA VAL B 65 -8.04 -14.81 6.17
C VAL B 65 -7.53 -16.21 6.57
N ASN B 66 -6.21 -16.31 6.87
CA ASN B 66 -5.57 -17.58 7.26
C ASN B 66 -6.03 -18.06 8.65
N GLN B 67 -6.30 -17.11 9.58
CA GLN B 67 -6.76 -17.42 10.96
C GLN B 67 -5.64 -18.15 11.74
N ASP B 68 -4.54 -17.40 12.04
CA ASP B 68 -3.39 -17.94 12.76
C ASP B 68 -3.29 -17.33 14.17
N SER B 69 -3.05 -16.01 14.25
CA SER B 69 -2.92 -15.26 15.53
C SER B 69 -2.61 -13.77 15.28
N GLU B 70 -1.60 -13.51 14.41
CA GLU B 70 -1.17 -12.14 14.05
C GLU B 70 -1.42 -11.85 12.58
N LEU B 71 -1.40 -10.55 12.22
CA LEU B 71 -1.60 -10.10 10.85
C LEU B 71 -0.27 -9.86 10.14
N LYS B 72 0.19 -10.85 9.33
CA LYS B 72 1.43 -10.69 8.56
C LYS B 72 1.19 -9.64 7.46
N PHE B 73 2.23 -9.12 6.80
CA PHE B 73 2.03 -8.11 5.74
C PHE B 73 1.17 -8.65 4.56
N ASN B 74 1.10 -9.99 4.41
CA ASN B 74 0.25 -10.63 3.40
C ASN B 74 -1.24 -10.54 3.83
N GLU B 75 -1.47 -10.52 5.18
CA GLU B 75 -2.82 -10.39 5.76
C GLU B 75 -3.19 -8.89 5.90
N TYR B 76 -2.20 -8.07 6.32
CA TYR B 76 -2.35 -6.60 6.47
C TYR B 76 -2.52 -5.93 5.07
N TRP B 77 -2.13 -6.69 4.01
CA TRP B 77 -2.21 -6.31 2.58
C TRP B 77 -3.50 -5.53 2.22
N ARG B 78 -4.67 -5.98 2.74
CA ARG B 78 -5.97 -5.33 2.45
C ARG B 78 -6.11 -3.94 3.07
N LEU B 79 -5.49 -3.69 4.25
CA LEU B 79 -5.59 -2.37 4.91
C LEU B 79 -4.73 -1.32 4.20
N ILE B 80 -3.62 -1.76 3.53
CA ILE B 80 -2.74 -0.86 2.77
C ILE B 80 -3.49 -0.33 1.52
N GLY B 81 -4.29 -1.21 0.87
CA GLY B 81 -5.08 -0.83 -0.30
C GLY B 81 -6.21 0.14 0.07
N GLU B 82 -6.85 -0.10 1.23
CA GLU B 82 -7.92 0.78 1.75
C GLU B 82 -7.31 2.07 2.34
N LEU B 83 -6.03 2.00 2.78
CA LEU B 83 -5.30 3.16 3.34
C LEU B 83 -5.19 4.30 2.30
N ALA B 84 -4.76 3.96 1.07
CA ALA B 84 -4.60 4.92 -0.02
C ALA B 84 -5.96 5.35 -0.63
N LYS B 85 -6.99 4.49 -0.54
CA LYS B 85 -8.33 4.79 -1.09
C LYS B 85 -9.10 5.80 -0.20
N GLU B 86 -8.92 5.71 1.14
CA GLU B 86 -9.61 6.60 2.10
C GLU B 86 -8.93 7.99 2.22
N ILE B 87 -7.69 8.16 1.69
CA ILE B 87 -6.99 9.46 1.77
C ILE B 87 -7.69 10.53 0.90
N ARG B 88 -8.13 10.15 -0.31
CA ARG B 88 -8.80 11.09 -1.23
C ARG B 88 -10.34 10.91 -1.17
N LYS B 89 -10.83 9.64 -1.15
CA LYS B 89 -12.27 9.36 -1.11
C LYS B 89 -12.67 8.45 0.07
N LYS B 90 -12.83 9.05 1.27
CA LYS B 90 -13.27 8.31 2.48
C LYS B 90 -14.81 8.24 2.49
N LYS B 91 -15.46 9.31 1.96
CA LYS B 91 -16.91 9.40 1.84
C LYS B 91 -17.27 10.08 0.49
N ASP B 92 -17.12 9.31 -0.62
CA ASP B 92 -17.42 9.83 -1.98
C ASP B 92 -18.94 9.88 -2.23
N LEU B 93 -19.60 10.82 -1.53
CA LEU B 93 -21.07 11.02 -1.61
C LEU B 93 -21.46 12.31 -0.86
N LYS B 94 -20.92 12.46 0.37
CA LYS B 94 -21.18 13.65 1.21
C LYS B 94 -20.07 14.70 0.99
N ILE B 95 -18.79 14.27 0.96
CA ILE B 95 -17.63 15.15 0.75
C ILE B 95 -16.69 14.60 -0.35
N ARG B 96 -16.55 15.36 -1.47
CA ARG B 96 -15.68 14.95 -2.59
C ARG B 96 -14.91 16.16 -3.18
N LYS B 97 -14.24 16.94 -2.32
CA LYS B 97 -13.46 18.13 -2.74
C LYS B 97 -12.45 18.58 -1.66
N LYS B 98 -11.77 17.60 -1.01
CA LYS B 98 -10.78 17.90 0.04
C LYS B 98 -9.61 16.91 -0.04
NAA ANW C . -10.55 16.12 -9.77
NAB ANW C . -12.36 16.70 -11.11
CAC ANW C . -2.48 14.39 -8.39
CAD ANW C . -3.22 15.52 -7.69
CAE ANW C . -2.97 15.44 -6.17
CAF ANW C . -4.58 15.44 -7.95
CAG ANW C . -5.22 16.48 -8.62
CAH ANW C . -6.56 16.38 -8.96
CAI ANW C . -7.27 15.24 -8.62
CAJ ANW C . -6.65 14.19 -7.94
CAK ANW C . -5.31 14.30 -7.60
CAL ANW C . -9.23 16.19 -9.52
CAM ANW C . -11.14 16.95 -10.64
CAN ANW C . -10.42 17.94 -11.30
CAO ANW C . -9.05 18.03 -11.06
CAP ANW C . -8.46 17.15 -10.17
CAQ ANW C . -7.13 17.33 -9.80
CAR ANW C . -11.07 18.96 -11.99
OAS ANW C . -8.61 15.16 -8.91
OAT ANW C . -6.47 18.28 -10.22
OAU ANW C . -10.40 19.81 -12.61
OAV ANW C . -12.31 19.03 -11.97
HNAB ANW C . -12.93 16.00 -10.68
HNAA ANW C . -12.70 17.21 -11.90
HAC ANW C . -2.87 13.46 -7.97
HACA ANW C . -2.76 14.37 -9.44
HACB ANW C . -1.41 14.36 -8.20
HAD ANW C . -2.84 16.48 -8.05
HAE ANW C . -3.34 14.47 -5.86
HAEA ANW C . -1.89 15.43 -5.99
HAEB ANW C . -3.53 16.17 -5.59
HAG ANW C . -4.65 17.36 -8.91
HAJ ANW C . -7.21 13.31 -7.67
HAK ANW C . -4.81 13.48 -7.06
HAO ANW C . -8.45 18.77 -11.60
NAA ANW D . 12.44 -6.91 8.61
NAB ANW D . 11.98 -9.18 8.45
CAC ANW D . 14.22 -0.02 12.95
CAD ANW D . 15.10 -0.49 11.79
CAE ANW D . 15.37 0.68 10.83
CAF ANW D . 14.46 -1.52 11.10
CAG ANW D . 15.04 -2.78 11.08
CAH ANW D . 14.38 -3.84 10.47
CAI ANW D . 13.16 -3.64 9.86
CAJ ANW D . 12.58 -2.37 9.87
CAK ANW D . 13.24 -1.31 10.49
CAL ANW D . 13.08 -5.91 9.22
CAM ANW D . 12.78 -8.19 8.82
CAN ANW D . 13.83 -8.52 9.67
CAO ANW D . 14.51 -7.50 10.32
CAP ANW D . 14.13 -6.18 10.10
CAQ ANW D . 14.87 -5.14 10.62
CAR ANW D . 14.31 -9.83 9.74
OAS ANW D . 12.51 -4.67 9.24
OAT ANW D . 15.92 -5.35 11.24
OAU ANW D . 15.22 -10.11 10.56
OAV ANW D . 13.85 -10.71 8.98
HNAB ANW D . 11.22 -9.01 7.83
HNAA ANW D . 12.12 -10.10 8.82
HAC ANW D . 13.29 0.34 12.50
HACA ANW D . 13.94 -0.87 13.56
HACB ANW D . 14.62 0.83 13.49
HAD ANW D . 16.05 -0.85 12.18
HAE ANW D . 14.40 1.01 10.49
HAEA ANW D . 15.78 1.52 11.40
HAEB ANW D . 15.92 0.41 9.94
HAG ANW D . 16.02 -2.95 11.53
HAJ ANW D . 11.62 -2.21 9.38
HAK ANW D . 12.78 -0.32 10.50
HAO ANW D . 15.34 -7.72 10.99
N MET A 1 -11.60 14.25 -3.51
CA MET A 1 -10.91 13.32 -4.48
C MET A 1 -9.39 13.59 -4.60
N ALA A 2 -8.86 14.58 -3.85
CA ALA A 2 -7.43 14.92 -3.86
C ALA A 2 -6.76 14.52 -2.54
N ALA A 3 -5.55 13.92 -2.61
CA ALA A 3 -4.82 13.48 -1.42
C ALA A 3 -4.04 14.63 -0.77
N GLU A 4 -4.41 14.98 0.47
CA GLU A 4 -3.76 16.08 1.22
C GLU A 4 -2.82 15.51 2.31
N PRO A 5 -1.61 16.13 2.55
CA PRO A 5 -0.66 15.65 3.58
C PRO A 5 -1.23 15.73 5.02
N LEU A 6 -0.99 14.69 5.83
CA LEU A 6 -1.47 14.63 7.23
C LEU A 6 -0.34 14.10 8.17
N THR A 7 -0.57 12.98 8.94
CA THR A 7 0.45 12.40 9.86
C THR A 7 1.58 11.71 9.05
N GLU A 8 2.74 11.42 9.69
CA GLU A 8 3.89 10.76 9.01
C GLU A 8 3.47 9.47 8.25
N LEU A 9 2.56 8.65 8.83
CA LEU A 9 2.09 7.42 8.15
C LEU A 9 1.07 7.75 7.05
N GLU A 10 0.14 8.70 7.33
CA GLU A 10 -0.87 9.12 6.33
C GLU A 10 -0.20 9.87 5.15
N GLU A 11 0.91 10.58 5.44
CA GLU A 11 1.68 11.34 4.43
C GLU A 11 2.48 10.37 3.52
N SER A 12 2.88 9.20 4.05
CA SER A 12 3.66 8.20 3.28
C SER A 12 2.89 7.77 2.02
N ILE A 13 1.67 7.19 2.20
CA ILE A 13 0.83 6.77 1.06
C ILE A 13 0.33 7.98 0.24
N GLU A 14 0.19 9.16 0.89
CA GLU A 14 -0.27 10.41 0.22
C GLU A 14 0.74 10.87 -0.85
N THR A 15 2.05 10.77 -0.56
CA THR A 15 3.12 11.18 -1.49
C THR A 15 3.10 10.30 -2.76
N VAL A 16 2.74 9.01 -2.62
CA VAL A 16 2.66 8.06 -3.75
C VAL A 16 1.47 8.41 -4.68
N VAL A 17 0.37 8.95 -4.10
CA VAL A 17 -0.85 9.31 -4.85
C VAL A 17 -0.67 10.64 -5.64
N THR A 18 -0.33 11.73 -4.93
CA THR A 18 -0.17 13.06 -5.55
C THR A 18 0.96 13.16 -6.61
N THR A 19 2.02 12.34 -6.46
CA THR A 19 3.17 12.37 -7.40
C THR A 19 2.87 11.70 -8.76
N PHE A 20 2.04 10.63 -8.79
CA PHE A 20 1.75 9.91 -10.06
C PHE A 20 0.32 10.16 -10.60
N PHE A 21 -0.67 10.46 -9.74
CA PHE A 21 -2.06 10.70 -10.19
C PHE A 21 -2.19 11.97 -11.07
N THR A 22 -1.20 12.90 -10.97
CA THR A 22 -1.19 14.14 -11.79
C THR A 22 -0.92 13.82 -13.29
N PHE A 23 -0.12 12.76 -13.56
CA PHE A 23 0.22 12.36 -14.95
C PHE A 23 -0.66 11.18 -15.43
N ALA A 24 -1.12 10.33 -14.50
CA ALA A 24 -1.96 9.15 -14.83
C ALA A 24 -3.42 9.50 -15.14
N ARG A 25 -3.91 10.65 -14.62
CA ARG A 25 -5.31 11.11 -14.80
C ARG A 25 -5.68 11.42 -16.28
N GLN A 26 -4.68 11.74 -17.12
CA GLN A 26 -4.92 12.10 -18.54
C GLN A 26 -5.29 10.88 -19.42
N GLU A 27 -4.89 9.66 -19.02
CA GLU A 27 -5.17 8.42 -19.80
C GLU A 27 -6.62 7.93 -19.64
N GLY A 28 -7.17 7.97 -18.41
CA GLY A 28 -8.54 7.51 -18.18
C GLY A 28 -8.93 7.49 -16.71
N ARG A 29 -10.03 8.23 -16.34
CA ARG A 29 -10.52 8.33 -14.96
C ARG A 29 -9.47 9.00 -14.04
N LYS A 30 -9.94 9.85 -13.10
CA LYS A 30 -9.04 10.60 -12.19
C LYS A 30 -8.45 9.71 -11.06
N ASP A 31 -9.26 8.80 -10.50
CA ASP A 31 -8.79 7.90 -9.42
C ASP A 31 -8.36 6.51 -9.96
N SER A 32 -7.89 6.46 -11.24
CA SER A 32 -7.43 5.21 -11.87
C SER A 32 -6.11 5.43 -12.63
N LEU A 33 -5.24 4.40 -12.63
CA LEU A 33 -3.93 4.47 -13.30
C LEU A 33 -4.00 3.77 -14.67
N SER A 34 -3.00 4.07 -15.54
CA SER A 34 -2.93 3.49 -16.90
C SER A 34 -2.20 2.15 -16.90
N VAL A 35 -2.33 1.40 -18.02
CA VAL A 35 -1.69 0.08 -18.19
C VAL A 35 -0.27 0.20 -18.80
N ASN A 36 -0.01 1.28 -19.58
CA ASN A 36 1.30 1.50 -20.22
C ASN A 36 2.18 2.46 -19.39
N GLU A 37 1.58 3.51 -18.79
CA GLU A 37 2.33 4.50 -18.00
C GLU A 37 2.85 3.92 -16.67
N PHE A 38 2.07 3.02 -16.03
CA PHE A 38 2.50 2.40 -14.75
C PHE A 38 3.72 1.47 -14.96
N LYS A 39 3.86 0.90 -16.17
CA LYS A 39 5.01 0.04 -16.52
C LYS A 39 6.31 0.87 -16.57
N GLU A 40 6.20 2.13 -17.07
CA GLU A 40 7.34 3.06 -17.13
C GLU A 40 7.75 3.52 -15.72
N LEU A 41 6.75 3.65 -14.82
CA LEU A 41 6.97 4.06 -13.40
C LEU A 41 7.87 3.05 -12.67
N VAL A 42 7.69 1.74 -12.96
CA VAL A 42 8.48 0.67 -12.34
C VAL A 42 9.86 0.49 -13.04
N THR A 43 9.94 0.90 -14.33
CA THR A 43 11.18 0.80 -15.11
C THR A 43 12.07 2.07 -15.00
N GLN A 44 11.62 3.13 -14.29
CA GLN A 44 12.39 4.37 -14.16
C GLN A 44 12.49 4.88 -12.70
N GLN A 45 11.34 5.08 -12.03
CA GLN A 45 11.31 5.59 -10.63
C GLN A 45 11.11 4.49 -9.57
N LEU A 46 11.03 3.21 -9.99
CA LEU A 46 10.86 2.08 -9.04
C LEU A 46 11.59 0.80 -9.55
N PRO A 47 12.89 0.88 -10.00
CA PRO A 47 13.63 -0.28 -10.52
C PRO A 47 14.27 -1.17 -9.42
N HIS A 48 14.90 -0.54 -8.40
CA HIS A 48 15.55 -1.29 -7.29
C HIS A 48 14.55 -2.11 -6.48
N LEU A 49 13.31 -1.59 -6.32
CA LEU A 49 12.24 -2.29 -5.58
C LEU A 49 11.81 -3.57 -6.34
N LEU A 50 11.41 -3.39 -7.62
CA LEU A 50 11.00 -4.51 -8.48
C LEU A 50 12.02 -4.66 -9.62
N LYS A 51 13.14 -5.34 -9.32
CA LYS A 51 14.25 -5.55 -10.29
C LYS A 51 13.83 -6.25 -11.59
N ASP A 52 12.84 -7.17 -11.51
CA ASP A 52 12.36 -7.90 -12.70
C ASP A 52 11.36 -7.01 -13.49
N VAL A 53 11.92 -6.05 -14.26
CA VAL A 53 11.11 -5.11 -15.08
C VAL A 53 10.47 -5.79 -16.30
N GLY A 54 11.15 -6.81 -16.87
CA GLY A 54 10.63 -7.56 -18.02
C GLY A 54 9.46 -8.48 -17.68
N SER A 55 9.53 -9.14 -16.50
CA SER A 55 8.45 -10.06 -16.06
C SER A 55 7.39 -9.33 -15.22
N LEU A 56 6.83 -8.23 -15.78
CA LEU A 56 5.78 -7.44 -15.11
C LEU A 56 4.39 -8.03 -15.41
N ASP A 57 4.28 -8.87 -16.48
CA ASP A 57 3.01 -9.53 -16.86
C ASP A 57 2.49 -10.43 -15.70
N GLU A 58 3.43 -11.02 -14.92
CA GLU A 58 3.08 -11.87 -13.75
C GLU A 58 2.22 -11.08 -12.73
N LYS A 59 2.53 -9.78 -12.58
CA LYS A 59 1.80 -8.88 -11.67
C LYS A 59 0.61 -8.23 -12.40
N MET A 60 0.83 -7.83 -13.68
CA MET A 60 -0.22 -7.20 -14.51
C MET A 60 -1.49 -8.07 -14.63
N LYS A 61 -1.32 -9.41 -14.66
CA LYS A 61 -2.47 -10.36 -14.72
C LYS A 61 -3.31 -10.27 -13.44
N SER A 62 -2.64 -10.09 -12.28
CA SER A 62 -3.31 -9.95 -10.98
C SER A 62 -3.96 -8.57 -10.83
N LEU A 63 -3.35 -7.52 -11.47
CA LEU A 63 -3.89 -6.15 -11.44
C LEU A 63 -5.11 -6.03 -12.37
N ASP A 64 -4.92 -6.29 -13.69
CA ASP A 64 -6.01 -6.21 -14.68
C ASP A 64 -6.88 -7.49 -14.63
N VAL A 65 -7.69 -7.62 -13.56
CA VAL A 65 -8.58 -8.79 -13.36
C VAL A 65 -10.02 -8.48 -13.86
N ASN A 66 -10.48 -7.22 -13.70
CA ASN A 66 -11.82 -6.79 -14.16
C ASN A 66 -11.88 -6.68 -15.70
N GLN A 67 -10.71 -6.39 -16.35
CA GLN A 67 -10.59 -6.26 -17.81
C GLN A 67 -11.34 -5.04 -18.35
N ASP A 68 -10.73 -3.85 -18.18
CA ASP A 68 -11.31 -2.58 -18.67
C ASP A 68 -10.22 -1.61 -19.21
N SER A 69 -8.94 -2.07 -19.34
CA SER A 69 -7.82 -1.24 -19.81
C SER A 69 -7.54 -0.02 -18.87
N GLU A 70 -8.06 -0.08 -17.62
CA GLU A 70 -7.88 1.00 -16.63
C GLU A 70 -7.61 0.38 -15.25
N LEU A 71 -6.38 0.57 -14.73
CA LEU A 71 -5.99 0.02 -13.43
C LEU A 71 -6.48 0.89 -12.26
N LYS A 72 -7.76 0.69 -11.84
CA LYS A 72 -8.34 1.42 -10.69
C LYS A 72 -7.53 1.10 -9.42
N PHE A 73 -7.68 1.88 -8.32
CA PHE A 73 -6.90 1.59 -7.08
C PHE A 73 -7.27 0.22 -6.47
N ASN A 74 -8.49 -0.28 -6.74
CA ASN A 74 -8.91 -1.63 -6.27
C ASN A 74 -8.17 -2.72 -7.08
N GLU A 75 -7.82 -2.40 -8.34
CA GLU A 75 -7.05 -3.31 -9.21
C GLU A 75 -5.54 -3.13 -8.95
N TYR A 76 -5.10 -1.86 -8.76
CA TYR A 76 -3.68 -1.53 -8.47
C TYR A 76 -3.31 -1.94 -7.01
N TRP A 77 -4.33 -2.19 -6.18
CA TRP A 77 -4.18 -2.62 -4.76
C TRP A 77 -3.27 -3.88 -4.61
N ARG A 78 -3.27 -4.79 -5.62
CA ARG A 78 -2.44 -6.01 -5.58
C ARG A 78 -0.94 -5.71 -5.73
N LEU A 79 -0.57 -4.57 -6.37
CA LEU A 79 0.84 -4.20 -6.55
C LEU A 79 1.39 -3.45 -5.31
N ILE A 80 0.53 -2.68 -4.60
CA ILE A 80 0.94 -1.93 -3.39
C ILE A 80 1.45 -2.90 -2.30
N GLY A 81 0.82 -4.10 -2.22
CA GLY A 81 1.26 -5.13 -1.27
C GLY A 81 2.63 -5.68 -1.63
N GLU A 82 2.88 -5.85 -2.96
CA GLU A 82 4.18 -6.33 -3.47
C GLU A 82 5.27 -5.24 -3.30
N LEU A 83 4.86 -3.95 -3.41
CA LEU A 83 5.80 -2.80 -3.24
C LEU A 83 6.47 -2.82 -1.85
N ALA A 84 5.65 -2.95 -0.79
CA ALA A 84 6.16 -2.98 0.60
C ALA A 84 6.67 -4.36 1.04
N LYS A 85 6.32 -5.44 0.31
CA LYS A 85 6.79 -6.81 0.64
C LYS A 85 8.21 -7.05 0.09
N GLU A 86 8.50 -6.48 -1.11
CA GLU A 86 9.82 -6.66 -1.76
C GLU A 86 10.90 -5.71 -1.18
N ILE A 87 10.49 -4.58 -0.54
CA ILE A 87 11.44 -3.61 0.05
C ILE A 87 12.28 -4.26 1.19
N ARG A 88 11.62 -5.08 2.04
CA ARG A 88 12.30 -5.76 3.16
C ARG A 88 13.00 -7.05 2.70
N LYS A 89 12.30 -7.89 1.91
CA LYS A 89 12.87 -9.15 1.41
C LYS A 89 12.31 -9.52 0.03
N LYS A 90 13.12 -9.27 -1.03
CA LYS A 90 12.74 -9.61 -2.42
C LYS A 90 13.23 -11.02 -2.76
N LYS A 91 14.44 -11.37 -2.27
CA LYS A 91 15.05 -12.69 -2.46
C LYS A 91 15.22 -13.34 -1.08
N ASP A 92 14.14 -13.94 -0.54
CA ASP A 92 14.16 -14.57 0.80
C ASP A 92 14.89 -15.93 0.80
N LEU A 93 16.21 -15.89 0.49
CA LEU A 93 17.08 -17.09 0.43
C LEU A 93 18.54 -16.70 0.14
N LYS A 94 18.74 -15.85 -0.90
CA LYS A 94 20.08 -15.40 -1.33
C LYS A 94 20.59 -14.23 -0.46
N ILE A 95 19.78 -13.16 -0.35
CA ILE A 95 20.14 -11.96 0.42
C ILE A 95 19.01 -11.57 1.39
N ARG A 96 19.34 -11.39 2.69
CA ARG A 96 18.34 -11.01 3.70
C ARG A 96 18.90 -9.96 4.69
N LYS A 97 19.48 -8.88 4.15
CA LYS A 97 20.02 -7.78 4.96
C LYS A 97 20.42 -6.59 4.08
N LYS A 98 19.56 -5.56 4.04
CA LYS A 98 19.80 -4.36 3.23
C LYS A 98 19.74 -3.09 4.08
N MET B 1 16.18 -8.24 4.78
CA MET B 1 15.18 -8.29 5.85
C MET B 1 14.86 -6.88 6.37
N ALA B 2 15.87 -5.98 6.37
CA ALA B 2 15.69 -4.59 6.83
C ALA B 2 15.24 -3.68 5.68
N ALA B 3 14.41 -2.67 6.00
CA ALA B 3 13.89 -1.73 4.99
C ALA B 3 14.75 -0.47 4.92
N GLU B 4 15.47 -0.29 3.78
CA GLU B 4 16.34 0.87 3.55
C GLU B 4 15.77 1.79 2.46
N PRO B 5 15.79 3.15 2.64
CA PRO B 5 15.23 4.10 1.64
C PRO B 5 16.23 4.43 0.51
N LEU B 6 15.70 4.63 -0.72
CA LEU B 6 16.53 4.98 -1.90
C LEU B 6 15.84 6.06 -2.76
N THR B 7 14.68 5.71 -3.36
CA THR B 7 13.92 6.63 -4.22
C THR B 7 12.73 7.22 -3.43
N GLU B 8 12.17 8.36 -3.91
CA GLU B 8 11.01 9.02 -3.24
C GLU B 8 9.81 8.06 -3.06
N LEU B 9 9.53 7.22 -4.09
CA LEU B 9 8.42 6.25 -4.06
C LEU B 9 8.75 5.04 -3.16
N GLU B 10 10.02 4.56 -3.21
CA GLU B 10 10.46 3.43 -2.37
C GLU B 10 10.51 3.85 -0.89
N GLU B 11 10.89 5.13 -0.64
CA GLU B 11 10.96 5.70 0.72
C GLU B 11 9.56 5.76 1.36
N SER B 12 8.52 6.06 0.54
CA SER B 12 7.13 6.13 1.03
C SER B 12 6.67 4.78 1.59
N ILE B 13 6.79 3.70 0.78
CA ILE B 13 6.40 2.35 1.21
C ILE B 13 7.37 1.75 2.26
N GLU B 14 8.60 2.32 2.35
CA GLU B 14 9.63 1.89 3.32
C GLU B 14 9.41 2.54 4.70
N THR B 15 9.00 3.83 4.72
CA THR B 15 8.75 4.57 5.99
C THR B 15 7.61 3.92 6.80
N VAL B 16 6.62 3.32 6.12
CA VAL B 16 5.50 2.63 6.80
C VAL B 16 6.01 1.40 7.60
N VAL B 17 7.09 0.75 7.08
CA VAL B 17 7.70 -0.42 7.74
C VAL B 17 8.66 0.01 8.87
N THR B 18 9.60 0.94 8.55
CA THR B 18 10.61 1.41 9.53
C THR B 18 10.01 2.08 10.80
N THR B 19 8.77 2.61 10.72
CA THR B 19 8.15 3.26 11.89
C THR B 19 7.43 2.25 12.82
N PHE B 20 6.66 1.30 12.23
CA PHE B 20 5.92 0.30 13.05
C PHE B 20 6.63 -1.07 13.19
N PHE B 21 7.85 -1.25 12.63
CA PHE B 21 8.56 -2.54 12.77
C PHE B 21 8.97 -2.79 14.24
N THR B 22 9.29 -1.70 14.98
CA THR B 22 9.69 -1.77 16.40
C THR B 22 8.53 -2.34 17.27
N PHE B 23 7.28 -1.95 16.95
CA PHE B 23 6.08 -2.44 17.68
C PHE B 23 5.57 -3.78 17.10
N ALA B 24 5.73 -4.00 15.77
CA ALA B 24 5.26 -5.23 15.10
C ALA B 24 6.10 -6.48 15.45
N ARG B 25 7.38 -6.30 15.82
CA ARG B 25 8.28 -7.43 16.17
C ARG B 25 8.06 -7.99 17.60
N GLN B 26 7.14 -7.39 18.38
CA GLN B 26 6.86 -7.84 19.76
C GLN B 26 6.18 -9.23 19.80
N GLU B 27 5.29 -9.52 18.83
CA GLU B 27 4.60 -10.82 18.74
C GLU B 27 5.23 -11.72 17.65
N GLY B 28 4.63 -12.91 17.40
CA GLY B 28 5.14 -13.87 16.40
C GLY B 28 5.42 -13.27 15.02
N ARG B 29 6.48 -13.80 14.34
CA ARG B 29 6.93 -13.33 13.00
C ARG B 29 7.43 -11.87 13.05
N LYS B 30 8.66 -11.63 12.53
CA LYS B 30 9.26 -10.28 12.52
C LYS B 30 8.56 -9.34 11.51
N ASP B 31 8.07 -9.91 10.38
CA ASP B 31 7.37 -9.12 9.34
C ASP B 31 5.84 -9.24 9.48
N SER B 32 5.34 -9.35 10.74
CA SER B 32 3.90 -9.49 11.01
C SER B 32 3.45 -8.56 12.14
N LEU B 33 2.21 -8.06 12.04
CA LEU B 33 1.62 -7.16 13.05
C LEU B 33 0.68 -7.93 13.97
N SER B 34 0.53 -7.47 15.22
CA SER B 34 -0.37 -8.11 16.18
C SER B 34 -1.81 -7.66 15.92
N VAL B 35 -2.81 -8.54 16.21
CA VAL B 35 -4.24 -8.22 15.99
C VAL B 35 -4.75 -7.12 16.97
N ASN B 36 -3.99 -6.82 18.04
CA ASN B 36 -4.37 -5.79 19.02
C ASN B 36 -3.55 -4.48 18.81
N GLU B 37 -2.26 -4.61 18.40
CA GLU B 37 -1.38 -3.44 18.18
C GLU B 37 -1.76 -2.62 16.93
N PHE B 38 -2.22 -3.30 15.85
CA PHE B 38 -2.63 -2.60 14.61
C PHE B 38 -3.86 -1.72 14.85
N LYS B 39 -4.78 -2.20 15.73
CA LYS B 39 -5.99 -1.46 16.11
C LYS B 39 -5.63 -0.18 16.90
N GLU B 40 -4.60 -0.29 17.77
CA GLU B 40 -4.12 0.85 18.59
C GLU B 40 -3.46 1.92 17.70
N LEU B 41 -2.73 1.48 16.64
CA LEU B 41 -2.07 2.40 15.70
C LEU B 41 -3.12 3.20 14.89
N VAL B 42 -4.26 2.55 14.58
CA VAL B 42 -5.37 3.18 13.84
C VAL B 42 -6.12 4.20 14.74
N THR B 43 -6.14 3.97 16.07
CA THR B 43 -6.82 4.88 17.02
C THR B 43 -5.82 5.82 17.76
N GLN B 44 -4.56 5.91 17.27
CA GLN B 44 -3.54 6.78 17.91
C GLN B 44 -2.73 7.58 16.87
N GLN B 45 -2.27 6.93 15.78
CA GLN B 45 -1.47 7.60 14.73
C GLN B 45 -2.15 7.61 13.34
N LEU B 46 -3.21 6.79 13.14
CA LEU B 46 -3.93 6.72 11.84
C LEU B 46 -5.48 6.87 11.99
N PRO B 47 -6.02 7.76 12.90
CA PRO B 47 -7.48 7.92 13.09
C PRO B 47 -8.20 8.71 11.98
N HIS B 48 -7.53 9.75 11.44
CA HIS B 48 -8.11 10.60 10.37
C HIS B 48 -8.20 9.87 9.02
N LEU B 49 -7.35 8.84 8.80
CA LEU B 49 -7.34 8.06 7.55
C LEU B 49 -8.61 7.21 7.43
N LEU B 50 -8.83 6.30 8.39
CA LEU B 50 -10.00 5.43 8.42
C LEU B 50 -11.12 6.10 9.24
N LYS B 51 -12.18 6.58 8.55
CA LYS B 51 -13.32 7.27 9.20
C LYS B 51 -13.93 6.45 10.36
N ASP B 52 -13.98 5.12 10.21
CA ASP B 52 -14.53 4.23 11.26
C ASP B 52 -13.40 3.59 12.10
N VAL B 53 -12.90 4.34 13.11
CA VAL B 53 -11.83 3.82 14.02
C VAL B 53 -12.37 2.73 14.98
N GLY B 54 -13.66 2.82 15.36
CA GLY B 54 -14.28 1.83 16.24
C GLY B 54 -14.75 0.59 15.48
N SER B 55 -15.40 0.81 14.31
CA SER B 55 -15.89 -0.30 13.48
C SER B 55 -14.77 -0.79 12.53
N LEU B 56 -13.84 -1.58 13.10
CA LEU B 56 -12.70 -2.14 12.36
C LEU B 56 -12.84 -3.68 12.24
N ASP B 57 -14.01 -4.24 12.64
CA ASP B 57 -14.26 -5.71 12.59
C ASP B 57 -14.47 -6.20 11.14
N GLU B 58 -15.11 -5.38 10.29
CA GLU B 58 -15.36 -5.73 8.87
C GLU B 58 -14.02 -5.96 8.12
N LYS B 59 -13.00 -5.16 8.47
CA LYS B 59 -11.65 -5.27 7.87
C LYS B 59 -10.75 -6.27 8.65
N MET B 60 -10.98 -6.43 9.98
CA MET B 60 -10.18 -7.35 10.82
C MET B 60 -10.34 -8.83 10.43
N LYS B 61 -11.58 -9.27 10.11
CA LYS B 61 -11.83 -10.67 9.71
C LYS B 61 -11.21 -10.95 8.33
N SER B 62 -11.35 -9.99 7.38
CA SER B 62 -10.75 -10.11 6.04
C SER B 62 -9.21 -10.06 6.13
N LEU B 63 -8.69 -9.19 7.05
CA LEU B 63 -7.24 -9.04 7.30
C LEU B 63 -6.64 -10.38 7.79
N ASP B 64 -7.37 -11.07 8.69
CA ASP B 64 -6.93 -12.36 9.25
C ASP B 64 -7.76 -13.51 8.64
N VAL B 65 -7.61 -13.72 7.31
CA VAL B 65 -8.32 -14.80 6.60
C VAL B 65 -7.63 -16.17 6.82
N ASN B 66 -6.30 -16.15 7.10
CA ASN B 66 -5.51 -17.36 7.35
C ASN B 66 -5.89 -18.02 8.70
N GLN B 67 -6.35 -17.20 9.67
CA GLN B 67 -6.79 -17.66 11.01
C GLN B 67 -5.63 -18.27 11.84
N ASP B 68 -4.74 -17.39 12.34
CA ASP B 68 -3.59 -17.80 13.17
C ASP B 68 -3.14 -16.67 14.16
N SER B 69 -4.00 -15.63 14.37
CA SER B 69 -3.71 -14.47 15.26
C SER B 69 -2.41 -13.72 14.86
N GLU B 70 -2.06 -13.75 13.56
CA GLU B 70 -0.86 -13.07 13.05
C GLU B 70 -1.17 -12.35 11.73
N LEU B 71 -0.92 -11.02 11.69
CA LEU B 71 -1.19 -10.21 10.49
C LEU B 71 0.10 -9.96 9.68
N LYS B 72 0.57 -10.99 8.94
CA LYS B 72 1.77 -10.86 8.09
C LYS B 72 1.46 -9.85 6.96
N PHE B 73 2.49 -9.18 6.40
CA PHE B 73 2.26 -8.18 5.34
C PHE B 73 1.45 -8.74 4.13
N ASN B 74 1.53 -10.07 3.88
CA ASN B 74 0.76 -10.72 2.80
C ASN B 74 -0.76 -10.71 3.16
N GLU B 75 -1.07 -10.95 4.45
CA GLU B 75 -2.47 -10.94 4.95
C GLU B 75 -2.89 -9.52 5.40
N TYR B 76 -1.91 -8.65 5.75
CA TYR B 76 -2.17 -7.27 6.17
C TYR B 76 -2.40 -6.34 4.95
N TRP B 77 -2.21 -6.89 3.72
CA TRP B 77 -2.41 -6.15 2.46
C TRP B 77 -3.88 -5.67 2.27
N ARG B 78 -4.86 -6.29 2.98
CA ARG B 78 -6.28 -5.91 2.88
C ARG B 78 -6.50 -4.43 3.31
N LEU B 79 -5.85 -4.01 4.41
CA LEU B 79 -5.95 -2.62 4.92
C LEU B 79 -5.03 -1.67 4.12
N ILE B 80 -3.96 -2.23 3.48
CA ILE B 80 -3.04 -1.43 2.64
C ILE B 80 -3.79 -0.80 1.44
N GLY B 81 -4.81 -1.51 0.90
CA GLY B 81 -5.62 -0.98 -0.19
C GLY B 81 -6.55 0.14 0.29
N GLU B 82 -7.08 -0.01 1.52
CA GLU B 82 -7.97 0.99 2.14
C GLU B 82 -7.16 2.18 2.71
N LEU B 83 -5.81 2.01 2.85
CA LEU B 83 -4.90 3.05 3.38
C LEU B 83 -4.90 4.30 2.48
N ALA B 84 -4.56 4.12 1.19
CA ALA B 84 -4.53 5.23 0.22
C ALA B 84 -5.90 5.47 -0.48
N LYS B 85 -6.89 4.58 -0.24
CA LYS B 85 -8.23 4.72 -0.82
C LYS B 85 -9.15 5.55 0.08
N GLU B 86 -8.95 5.46 1.42
CA GLU B 86 -9.76 6.22 2.39
C GLU B 86 -9.05 7.52 2.84
N ILE B 87 -8.18 8.09 1.97
CA ILE B 87 -7.46 9.34 2.24
C ILE B 87 -8.04 10.50 1.39
N ARG B 88 -8.31 10.22 0.09
CA ARG B 88 -8.86 11.23 -0.83
C ARG B 88 -10.37 11.01 -1.08
N LYS B 89 -10.84 9.74 -1.05
CA LYS B 89 -12.26 9.40 -1.26
C LYS B 89 -12.80 8.48 -0.14
N LYS B 90 -12.69 8.96 1.11
CA LYS B 90 -13.16 8.21 2.30
C LYS B 90 -14.70 8.16 2.35
N LYS B 91 -15.34 9.28 1.99
CA LYS B 91 -16.80 9.40 1.96
C LYS B 91 -17.20 9.94 0.57
N ASP B 92 -17.12 9.05 -0.46
CA ASP B 92 -17.44 9.41 -1.86
C ASP B 92 -18.95 9.53 -2.12
N LEU B 93 -19.56 10.63 -1.61
CA LEU B 93 -21.00 10.92 -1.79
C LEU B 93 -21.36 12.31 -1.23
N LYS B 94 -20.97 12.58 0.03
CA LYS B 94 -21.26 13.87 0.69
C LYS B 94 -20.10 14.88 0.47
N ILE B 95 -18.85 14.39 0.49
CA ILE B 95 -17.65 15.23 0.29
C ILE B 95 -16.81 14.72 -0.89
N ARG B 96 -16.24 15.65 -1.69
CA ARG B 96 -15.41 15.28 -2.86
C ARG B 96 -14.30 16.33 -3.16
N LYS B 97 -13.94 17.17 -2.16
CA LYS B 97 -12.88 18.19 -2.33
C LYS B 97 -12.25 18.55 -0.98
N LYS B 98 -11.05 17.99 -0.72
CA LYS B 98 -10.33 18.24 0.55
C LYS B 98 -8.82 18.00 0.36
NAA ANW C . -10.25 18.22 -11.19
NAB ANW C . -11.53 20.02 -11.90
CAC ANW C . -3.57 14.18 -8.00
CAD ANW C . -4.95 14.32 -7.34
CAE ANW C . -5.44 12.93 -6.92
CAF ANW C . -5.85 14.89 -8.22
CAG ANW C . -6.47 16.09 -7.88
CAH ANW C . -7.35 16.69 -8.76
CAI ANW C . -7.61 16.11 -9.99
CAJ ANW C . -6.98 14.93 -10.35
CAK ANW C . -6.11 14.32 -9.46
CAL ANW C . -9.28 17.73 -10.40
CAM ANW C . -10.74 19.46 -10.99
CAN ANW C . -10.28 20.27 -9.97
CAO ANW C . -9.26 19.79 -9.15
CAP ANW C . -8.76 18.51 -9.37
CAQ ANW C . -7.88 17.94 -8.46
CAR ANW C . -10.96 21.43 -9.62
OAS ANW C . -8.58 16.64 -10.80
OAT ANW C . -7.56 18.54 -7.43
OAU ANW C . -10.49 22.19 -8.74
OAV ANW C . -12.05 21.70 -10.17
HNAB ANW C . -11.89 19.49 -12.66
HNAA ANW C . -11.74 21.00 -11.83
HAC ANW C . -3.71 13.55 -8.88
HACA ANW C . -3.25 15.15 -8.39
HACB ANW C . -2.83 13.67 -7.40
HAD ANW C . -4.85 14.94 -6.45
HAE ANW C . -5.50 12.34 -7.83
HAEA ANW C . -4.70 12.45 -6.29
HAEB ANW C . -6.45 12.93 -6.51
HAG ANW C . -6.23 16.57 -6.93
HAJ ANW C . -7.14 14.49 -11.33
HAK ANW C . -5.63 13.37 -9.72
HAO ANW C . -8.87 20.41 -8.34
NAA ANW D . 14.17 -7.32 9.81
NAB ANW D . 14.08 -9.62 10.10
CAC ANW D . 13.28 0.56 12.65
CAD ANW D . 14.55 -0.02 12.01
CAE ANW D . 15.02 0.91 10.90
CAF ANW D . 14.30 -1.28 11.50
CAG ANW D . 15.01 -2.37 11.98
CAH ANW D . 14.76 -3.65 11.47
CAI ANW D . 13.80 -3.83 10.48
CAJ ANW D . 13.09 -2.74 10.00
CAK ANW D . 13.34 -1.46 10.50
CAL ANW D . 14.36 -6.12 10.37
CAM ANW D . 14.59 -8.44 10.42
CAN ANW D . 15.26 -8.39 11.64
CAO ANW D . 15.49 -7.15 12.22
CAP ANW D . 15.02 -6.00 11.59
CAQ ANW D . 15.37 -4.75 12.07
CAR ANW D . 15.84 -9.53 12.18
OAS ANW D . 13.61 -5.06 9.94
OAT ANW D . 16.20 -4.62 12.96
OAU ANW D . 16.37 -9.49 13.32
OAV ANW D . 15.85 -10.61 11.53
HNAB ANW D . 13.57 -9.73 9.24
HNAA ANW D . 14.14 -10.40 10.73
HAC ANW D . 12.53 0.57 11.86
HACA ANW D . 12.90 -0.13 13.40
HACB ANW D . 13.37 1.58 12.97
HAD ANW D . 15.33 -0.09 12.78
HAE ANW D . 14.21 0.97 10.17
HAEA ANW D . 15.15 1.92 11.29
HAEB ANW D . 15.88 0.55 10.33
HAG ANW D . 15.73 -2.24 12.78
HAJ ANW D . 12.30 -2.89 9.26
HAK ANW D . 12.85 -0.60 10.06
HAO ANW D . 16.07 -7.07 13.14
N MET A 1 -12.15 13.81 -3.60
CA MET A 1 -11.43 13.33 -4.82
C MET A 1 -9.92 13.70 -4.82
N ALA A 2 -9.47 14.52 -3.84
CA ALA A 2 -8.06 14.96 -3.75
C ALA A 2 -7.38 14.43 -2.48
N ALA A 3 -6.05 14.18 -2.57
CA ALA A 3 -5.26 13.67 -1.45
C ALA A 3 -4.48 14.81 -0.76
N GLU A 4 -4.96 15.24 0.43
CA GLU A 4 -4.34 16.34 1.20
C GLU A 4 -3.34 15.80 2.26
N PRO A 5 -2.20 16.53 2.51
CA PRO A 5 -1.20 16.12 3.54
C PRO A 5 -1.79 15.99 4.95
N LEU A 6 -1.50 14.85 5.62
CA LEU A 6 -1.97 14.58 6.99
C LEU A 6 -0.75 14.19 7.89
N THR A 7 -0.93 13.29 8.89
CA THR A 7 0.17 12.86 9.78
C THR A 7 1.30 12.13 9.00
N GLU A 8 2.39 11.73 9.72
CA GLU A 8 3.55 11.04 9.10
C GLU A 8 3.16 9.77 8.31
N LEU A 9 2.30 8.91 8.89
CA LEU A 9 1.86 7.66 8.22
C LEU A 9 0.74 7.94 7.20
N GLU A 10 -0.20 8.82 7.57
CA GLU A 10 -1.33 9.21 6.67
C GLU A 10 -0.82 9.98 5.43
N GLU A 11 0.36 10.65 5.54
CA GLU A 11 0.97 11.40 4.44
C GLU A 11 1.81 10.46 3.53
N SER A 12 2.36 9.36 4.10
CA SER A 12 3.19 8.39 3.34
C SER A 12 2.40 7.82 2.14
N ILE A 13 1.20 7.27 2.40
CA ILE A 13 0.33 6.72 1.33
C ILE A 13 -0.27 7.84 0.45
N GLU A 14 -0.36 9.08 1.00
CA GLU A 14 -0.86 10.25 0.25
C GLU A 14 0.17 10.69 -0.81
N THR A 15 1.47 10.64 -0.47
CA THR A 15 2.56 11.02 -1.39
C THR A 15 2.53 10.18 -2.68
N VAL A 16 2.18 8.88 -2.57
CA VAL A 16 2.10 7.97 -3.73
C VAL A 16 0.95 8.38 -4.68
N VAL A 17 -0.16 8.93 -4.11
CA VAL A 17 -1.31 9.37 -4.91
C VAL A 17 -0.98 10.65 -5.70
N THR A 18 -0.62 11.75 -4.98
CA THR A 18 -0.29 13.05 -5.62
C THR A 18 0.87 12.97 -6.63
N THR A 19 1.85 12.08 -6.38
CA THR A 19 3.02 11.93 -7.28
C THR A 19 2.64 11.34 -8.65
N PHE A 20 1.75 10.32 -8.67
CA PHE A 20 1.34 9.68 -9.94
C PHE A 20 -0.09 10.08 -10.41
N PHE A 21 -0.77 11.03 -9.72
CA PHE A 21 -2.13 11.46 -10.12
C PHE A 21 -2.07 12.30 -11.42
N THR A 22 -0.92 12.96 -11.67
CA THR A 22 -0.70 13.78 -12.90
C THR A 22 -0.64 12.87 -14.15
N PHE A 23 -0.07 11.65 -13.99
CA PHE A 23 0.03 10.66 -15.10
C PHE A 23 -1.26 9.83 -15.18
N ALA A 24 -1.85 9.49 -14.01
CA ALA A 24 -3.09 8.67 -13.93
C ALA A 24 -4.31 9.39 -14.55
N ARG A 25 -4.37 10.73 -14.45
CA ARG A 25 -5.49 11.52 -15.02
C ARG A 25 -5.39 11.70 -16.55
N GLN A 26 -4.20 11.42 -17.14
CA GLN A 26 -3.96 11.56 -18.59
C GLN A 26 -4.86 10.63 -19.44
N GLU A 27 -5.10 9.40 -18.95
CA GLU A 27 -5.94 8.40 -19.66
C GLU A 27 -7.34 8.29 -19.00
N GLY A 28 -8.15 7.27 -19.42
CA GLY A 28 -9.51 7.07 -18.89
C GLY A 28 -9.59 7.02 -17.35
N ARG A 29 -10.58 7.75 -16.79
CA ARG A 29 -10.82 7.84 -15.32
C ARG A 29 -9.63 8.44 -14.54
N LYS A 30 -9.95 9.26 -13.51
CA LYS A 30 -8.94 9.92 -12.68
C LYS A 30 -8.41 8.98 -11.56
N ASP A 31 -9.31 8.14 -11.01
CA ASP A 31 -8.96 7.20 -9.94
C ASP A 31 -8.18 5.96 -10.43
N SER A 32 -8.21 5.68 -11.75
CA SER A 32 -7.53 4.49 -12.32
C SER A 32 -6.23 4.84 -13.06
N LEU A 33 -5.23 3.93 -12.94
CA LEU A 33 -3.91 4.08 -13.59
C LEU A 33 -3.92 3.30 -14.93
N SER A 34 -3.17 3.77 -15.93
CA SER A 34 -3.11 3.11 -17.25
C SER A 34 -2.13 1.92 -17.23
N VAL A 35 -2.47 0.83 -17.96
CA VAL A 35 -1.63 -0.39 -18.02
C VAL A 35 -0.26 -0.13 -18.71
N ASN A 36 -0.17 0.94 -19.54
CA ASN A 36 1.08 1.29 -20.25
C ASN A 36 1.91 2.35 -19.45
N GLU A 37 1.21 3.27 -18.74
CA GLU A 37 1.89 4.33 -17.95
C GLU A 37 2.50 3.79 -16.64
N PHE A 38 1.79 2.86 -15.95
CA PHE A 38 2.28 2.29 -14.68
C PHE A 38 3.54 1.42 -14.91
N LYS A 39 3.60 0.74 -16.09
CA LYS A 39 4.76 -0.10 -16.45
C LYS A 39 6.04 0.74 -16.58
N GLU A 40 5.91 1.99 -17.09
CA GLU A 40 7.06 2.91 -17.24
C GLU A 40 7.56 3.38 -15.85
N LEU A 41 6.63 3.50 -14.87
CA LEU A 41 6.97 3.89 -13.48
C LEU A 41 7.88 2.83 -12.81
N VAL A 42 7.72 1.55 -13.20
CA VAL A 42 8.51 0.42 -12.64
C VAL A 42 9.93 0.37 -13.26
N THR A 43 10.08 0.77 -14.54
CA THR A 43 11.39 0.73 -15.23
C THR A 43 12.09 2.12 -15.29
N GLN A 44 11.64 3.10 -14.47
CA GLN A 44 12.26 4.45 -14.47
C GLN A 44 12.36 5.06 -13.06
N GLN A 45 11.22 5.15 -12.33
CA GLN A 45 11.19 5.74 -10.97
C GLN A 45 11.01 4.68 -9.85
N LEU A 46 10.87 3.38 -10.21
CA LEU A 46 10.69 2.30 -9.23
C LEU A 46 11.41 0.98 -9.67
N PRO A 47 12.70 1.03 -10.15
CA PRO A 47 13.42 -0.18 -10.60
C PRO A 47 14.10 -0.98 -9.45
N HIS A 48 14.70 -0.28 -8.46
CA HIS A 48 15.38 -0.93 -7.32
C HIS A 48 14.39 -1.70 -6.42
N LEU A 49 13.11 -1.28 -6.42
CA LEU A 49 12.05 -1.93 -5.62
C LEU A 49 11.70 -3.32 -6.18
N LEU A 50 11.32 -3.35 -7.48
CA LEU A 50 10.95 -4.60 -8.17
C LEU A 50 12.13 -5.14 -8.98
N LYS A 51 12.76 -6.22 -8.47
CA LYS A 51 13.93 -6.87 -9.13
C LYS A 51 13.67 -7.21 -10.61
N ASP A 52 12.43 -7.63 -10.94
CA ASP A 52 12.05 -8.00 -12.31
C ASP A 52 11.24 -6.87 -12.96
N VAL A 53 11.94 -5.99 -13.71
CA VAL A 53 11.28 -4.85 -14.40
C VAL A 53 10.73 -5.25 -15.79
N GLY A 54 11.33 -6.29 -16.42
CA GLY A 54 10.87 -6.75 -17.73
C GLY A 54 9.67 -7.67 -17.65
N SER A 55 9.79 -8.78 -16.88
CA SER A 55 8.68 -9.74 -16.73
C SER A 55 7.71 -9.27 -15.63
N LEU A 56 6.87 -8.29 -16.00
CA LEU A 56 5.85 -7.72 -15.10
C LEU A 56 4.47 -8.37 -15.36
N ASP A 57 4.37 -9.23 -16.41
CA ASP A 57 3.10 -9.92 -16.78
C ASP A 57 2.53 -10.80 -15.64
N GLU A 58 3.41 -11.40 -14.81
CA GLU A 58 2.95 -12.26 -13.68
C GLU A 58 2.02 -11.48 -12.73
N LYS A 59 2.36 -10.20 -12.45
CA LYS A 59 1.54 -9.33 -11.60
C LYS A 59 0.54 -8.50 -12.43
N MET A 60 0.87 -8.23 -13.71
CA MET A 60 0.00 -7.45 -14.62
C MET A 60 -1.30 -8.22 -14.94
N LYS A 61 -1.20 -9.56 -15.13
CA LYS A 61 -2.39 -10.39 -15.41
C LYS A 61 -3.35 -10.38 -14.20
N SER A 62 -2.79 -10.39 -12.97
CA SER A 62 -3.59 -10.33 -11.73
C SER A 62 -4.10 -8.90 -11.48
N LEU A 63 -3.26 -7.89 -11.84
CA LEU A 63 -3.61 -6.45 -11.70
C LEU A 63 -4.90 -6.12 -12.47
N ASP A 64 -4.94 -6.51 -13.77
CA ASP A 64 -6.10 -6.29 -14.63
C ASP A 64 -7.05 -7.52 -14.57
N VAL A 65 -7.70 -7.69 -13.40
CA VAL A 65 -8.62 -8.82 -13.15
C VAL A 65 -10.08 -8.46 -13.54
N ASN A 66 -10.40 -7.15 -13.65
CA ASN A 66 -11.76 -6.70 -14.01
C ASN A 66 -11.97 -6.66 -15.56
N GLN A 67 -10.85 -6.60 -16.33
CA GLN A 67 -10.88 -6.55 -17.82
C GLN A 67 -11.61 -5.28 -18.33
N ASP A 68 -10.91 -4.13 -18.23
CA ASP A 68 -11.46 -2.83 -18.67
C ASP A 68 -10.35 -1.86 -19.16
N SER A 69 -9.13 -2.40 -19.49
CA SER A 69 -7.97 -1.60 -19.96
C SER A 69 -7.32 -0.77 -18.81
N GLU A 70 -8.13 0.06 -18.12
CA GLU A 70 -7.65 0.90 -17.01
C GLU A 70 -7.60 0.11 -15.70
N LEU A 71 -6.62 0.44 -14.83
CA LEU A 71 -6.43 -0.22 -13.54
C LEU A 71 -6.88 0.68 -12.39
N LYS A 72 -8.08 0.42 -11.84
CA LYS A 72 -8.60 1.21 -10.69
C LYS A 72 -7.71 0.95 -9.46
N PHE A 73 -7.89 1.69 -8.34
CA PHE A 73 -7.03 1.45 -7.16
C PHE A 73 -7.26 0.04 -6.57
N ASN A 74 -8.50 -0.50 -6.71
CA ASN A 74 -8.79 -1.87 -6.24
C ASN A 74 -8.06 -2.90 -7.14
N GLU A 75 -7.86 -2.53 -8.42
CA GLU A 75 -7.13 -3.36 -9.39
C GLU A 75 -5.61 -3.16 -9.23
N TYR A 76 -5.17 -1.91 -8.99
CA TYR A 76 -3.74 -1.56 -8.75
C TYR A 76 -3.24 -2.12 -7.40
N TRP A 77 -4.20 -2.45 -6.50
CA TRP A 77 -3.94 -3.03 -5.15
C TRP A 77 -2.97 -4.24 -5.17
N ARG A 78 -2.95 -5.00 -6.29
CA ARG A 78 -2.05 -6.18 -6.45
C ARG A 78 -0.57 -5.77 -6.37
N LEU A 79 -0.24 -4.60 -6.95
CA LEU A 79 1.14 -4.07 -6.93
C LEU A 79 1.43 -3.34 -5.61
N ILE A 80 0.36 -2.79 -4.97
CA ILE A 80 0.48 -2.08 -3.67
C ILE A 80 1.04 -3.05 -2.59
N GLY A 81 0.57 -4.33 -2.63
CA GLY A 81 1.04 -5.34 -1.69
C GLY A 81 2.51 -5.68 -1.89
N GLU A 82 2.92 -5.85 -3.17
CA GLU A 82 4.32 -6.15 -3.53
C GLU A 82 5.24 -4.92 -3.39
N LEU A 83 4.66 -3.70 -3.30
CA LEU A 83 5.42 -2.45 -3.15
C LEU A 83 6.27 -2.45 -1.85
N ALA A 84 5.66 -2.87 -0.71
CA ALA A 84 6.37 -2.94 0.58
C ALA A 84 6.89 -4.36 0.90
N LYS A 85 6.42 -5.38 0.15
CA LYS A 85 6.86 -6.76 0.33
C LYS A 85 8.22 -6.99 -0.36
N GLU A 86 8.48 -6.25 -1.47
CA GLU A 86 9.73 -6.36 -2.22
C GLU A 86 10.80 -5.33 -1.75
N ILE A 87 10.42 -4.36 -0.88
CA ILE A 87 11.38 -3.36 -0.37
C ILE A 87 12.34 -4.00 0.67
N ARG A 88 11.79 -4.89 1.53
CA ARG A 88 12.58 -5.58 2.57
C ARG A 88 12.92 -7.04 2.19
N LYS A 89 11.95 -7.77 1.57
CA LYS A 89 12.18 -9.17 1.17
C LYS A 89 11.85 -9.44 -0.31
N LYS A 90 12.76 -9.02 -1.22
CA LYS A 90 12.59 -9.25 -2.67
C LYS A 90 13.12 -10.65 -3.06
N LYS A 91 14.23 -11.06 -2.41
CA LYS A 91 14.86 -12.37 -2.65
C LYS A 91 15.15 -13.01 -1.27
N ASP A 92 14.09 -13.55 -0.64
CA ASP A 92 14.17 -14.18 0.71
C ASP A 92 15.31 -15.20 0.87
N LEU A 93 15.58 -16.02 -0.17
CA LEU A 93 16.65 -17.03 -0.09
C LEU A 93 17.86 -16.62 -0.97
N LYS A 94 18.42 -15.42 -0.69
CA LYS A 94 19.58 -14.89 -1.44
C LYS A 94 20.23 -13.72 -0.66
N ILE A 95 19.41 -12.72 -0.27
CA ILE A 95 19.86 -11.53 0.49
C ILE A 95 18.94 -11.27 1.69
N ARG A 96 19.52 -11.22 2.92
CA ARG A 96 18.75 -11.00 4.16
C ARG A 96 19.35 -9.86 5.02
N LYS A 97 20.02 -8.87 4.40
CA LYS A 97 20.64 -7.75 5.14
C LYS A 97 20.77 -6.50 4.24
N LYS A 98 19.67 -5.71 4.18
CA LYS A 98 19.63 -4.48 3.37
C LYS A 98 19.26 -3.28 4.25
N MET B 1 16.59 -7.74 4.75
CA MET B 1 15.50 -7.87 5.70
C MET B 1 15.00 -6.49 6.19
N ALA B 2 15.90 -5.48 6.23
CA ALA B 2 15.56 -4.12 6.65
C ALA B 2 15.17 -3.22 5.46
N ALA B 3 14.22 -2.29 5.69
CA ALA B 3 13.74 -1.38 4.64
C ALA B 3 14.59 -0.08 4.63
N GLU B 4 15.25 0.20 3.48
CA GLU B 4 16.12 1.39 3.34
C GLU B 4 15.56 2.39 2.29
N PRO B 5 15.66 3.74 2.53
CA PRO B 5 15.17 4.76 1.58
C PRO B 5 16.13 4.99 0.40
N LEU B 6 15.57 5.00 -0.83
CA LEU B 6 16.36 5.21 -2.07
C LEU B 6 15.72 6.30 -2.97
N THR B 7 14.48 6.07 -3.40
CA THR B 7 13.73 7.00 -4.27
C THR B 7 12.44 7.47 -3.55
N GLU B 8 11.80 8.56 -4.06
CA GLU B 8 10.56 9.12 -3.45
C GLU B 8 9.46 8.05 -3.24
N LEU B 9 9.10 7.31 -4.31
CA LEU B 9 8.05 6.26 -4.23
C LEU B 9 8.49 5.06 -3.35
N GLU B 10 9.79 4.70 -3.39
CA GLU B 10 10.34 3.60 -2.57
C GLU B 10 10.36 4.01 -1.07
N GLU B 11 10.68 5.30 -0.82
CA GLU B 11 10.74 5.86 0.54
C GLU B 11 9.33 5.97 1.16
N SER B 12 8.30 6.30 0.34
CA SER B 12 6.90 6.41 0.82
C SER B 12 6.43 5.12 1.51
N ILE B 13 6.62 3.96 0.84
CA ILE B 13 6.22 2.66 1.42
C ILE B 13 7.24 2.13 2.45
N GLU B 14 8.51 2.60 2.36
CA GLU B 14 9.58 2.19 3.30
C GLU B 14 9.38 2.86 4.69
N THR B 15 8.90 4.12 4.70
CA THR B 15 8.66 4.87 5.95
C THR B 15 7.54 4.19 6.79
N VAL B 16 6.54 3.59 6.13
CA VAL B 16 5.41 2.91 6.81
C VAL B 16 5.91 1.64 7.55
N VAL B 17 6.92 0.96 6.94
CA VAL B 17 7.50 -0.25 7.51
C VAL B 17 8.42 0.09 8.71
N THR B 18 9.45 0.92 8.47
CA THR B 18 10.44 1.31 9.52
C THR B 18 9.84 2.12 10.70
N THR B 19 8.65 2.73 10.53
CA THR B 19 8.01 3.54 11.61
C THR B 19 7.23 2.65 12.61
N PHE B 20 6.49 1.64 12.11
CA PHE B 20 5.69 0.75 12.98
C PHE B 20 6.39 -0.57 13.31
N PHE B 21 7.39 -1.01 12.49
CA PHE B 21 8.11 -2.29 12.75
C PHE B 21 8.90 -2.28 14.08
N THR B 22 9.18 -1.09 14.66
CA THR B 22 9.89 -0.99 15.96
C THR B 22 9.08 -1.68 17.08
N PHE B 23 7.73 -1.60 16.98
CA PHE B 23 6.81 -2.23 17.96
C PHE B 23 6.16 -3.50 17.37
N ALA B 24 6.08 -3.61 16.03
CA ALA B 24 5.47 -4.79 15.36
C ALA B 24 6.26 -6.10 15.56
N ARG B 25 7.58 -6.00 15.87
CA ARG B 25 8.43 -7.18 16.12
C ARG B 25 8.42 -7.60 17.61
N GLN B 26 7.24 -7.51 18.26
CA GLN B 26 7.08 -7.83 19.68
C GLN B 26 6.20 -9.08 19.90
N GLU B 27 5.07 -9.18 19.16
CA GLU B 27 4.14 -10.33 19.31
C GLU B 27 4.06 -11.20 18.05
N GLY B 28 4.74 -12.36 18.08
CA GLY B 28 4.72 -13.34 16.98
C GLY B 28 5.34 -12.86 15.67
N ARG B 29 6.46 -13.51 15.27
CA ARG B 29 7.19 -13.20 14.00
C ARG B 29 7.66 -11.74 13.89
N LYS B 30 8.76 -11.53 13.16
CA LYS B 30 9.36 -10.19 12.96
C LYS B 30 8.69 -9.42 11.82
N ASP B 31 8.24 -10.14 10.76
CA ASP B 31 7.60 -9.53 9.59
C ASP B 31 6.05 -9.62 9.63
N SER B 32 5.44 -9.36 10.80
CA SER B 32 3.98 -9.41 10.96
C SER B 32 3.47 -8.39 12.00
N LEU B 33 2.25 -7.87 11.77
CA LEU B 33 1.61 -6.90 12.67
C LEU B 33 0.67 -7.63 13.64
N SER B 34 0.70 -7.25 14.93
CA SER B 34 -0.14 -7.89 15.96
C SER B 34 -1.61 -7.44 15.86
N VAL B 35 -2.52 -8.28 16.41
CA VAL B 35 -3.97 -7.99 16.40
C VAL B 35 -4.36 -6.85 17.38
N ASN B 36 -3.64 -6.74 18.51
CA ASN B 36 -3.91 -5.69 19.52
C ASN B 36 -3.12 -4.39 19.23
N GLU B 37 -2.00 -4.49 18.47
CA GLU B 37 -1.17 -3.31 18.15
C GLU B 37 -1.70 -2.52 16.94
N PHE B 38 -2.23 -3.22 15.90
CA PHE B 38 -2.77 -2.54 14.70
C PHE B 38 -4.05 -1.75 15.04
N LYS B 39 -4.86 -2.29 15.99
CA LYS B 39 -6.10 -1.64 16.45
C LYS B 39 -5.80 -0.24 17.05
N GLU B 40 -4.71 -0.16 17.85
CA GLU B 40 -4.27 1.11 18.48
C GLU B 40 -3.63 2.06 17.45
N LEU B 41 -2.99 1.48 16.39
CA LEU B 41 -2.37 2.27 15.30
C LEU B 41 -3.43 3.07 14.52
N VAL B 42 -4.65 2.50 14.40
CA VAL B 42 -5.78 3.16 13.72
C VAL B 42 -6.45 4.22 14.64
N THR B 43 -6.40 4.00 15.97
CA THR B 43 -7.01 4.92 16.96
C THR B 43 -5.92 5.74 17.71
N GLN B 44 -4.90 6.23 16.97
CA GLN B 44 -3.81 7.03 17.58
C GLN B 44 -3.02 7.80 16.50
N GLN B 45 -2.41 7.07 15.54
CA GLN B 45 -1.60 7.69 14.47
C GLN B 45 -2.28 7.64 13.08
N LEU B 46 -3.37 6.84 12.94
CA LEU B 46 -4.10 6.72 11.65
C LEU B 46 -5.65 6.83 11.84
N PRO B 47 -6.19 7.80 12.64
CA PRO B 47 -7.66 7.94 12.86
C PRO B 47 -8.42 8.76 11.79
N HIS B 48 -7.80 9.85 11.25
CA HIS B 48 -8.45 10.71 10.25
C HIS B 48 -8.51 10.04 8.86
N LEU B 49 -7.49 9.23 8.53
CA LEU B 49 -7.41 8.53 7.24
C LEU B 49 -8.59 7.55 7.06
N LEU B 50 -8.72 6.57 7.98
CA LEU B 50 -9.82 5.61 7.94
C LEU B 50 -10.91 6.04 8.94
N LYS B 51 -12.07 6.47 8.41
CA LYS B 51 -13.21 6.94 9.24
C LYS B 51 -13.72 5.87 10.23
N ASP B 52 -13.57 4.58 9.88
CA ASP B 52 -14.01 3.47 10.74
C ASP B 52 -12.98 3.20 11.86
N VAL B 53 -13.00 4.05 12.91
CA VAL B 53 -12.06 3.92 14.06
C VAL B 53 -12.60 3.00 15.18
N GLY B 54 -13.95 2.84 15.26
CA GLY B 54 -14.57 1.99 16.28
C GLY B 54 -14.86 0.57 15.78
N SER B 55 -15.69 0.45 14.72
CA SER B 55 -16.06 -0.87 14.15
C SER B 55 -14.89 -1.48 13.32
N LEU B 56 -13.95 -2.12 14.02
CA LEU B 56 -12.77 -2.75 13.38
C LEU B 56 -13.09 -4.14 12.77
N ASP B 57 -14.26 -4.74 13.12
CA ASP B 57 -14.66 -6.08 12.60
C ASP B 57 -14.64 -6.18 11.06
N GLU B 58 -15.08 -5.12 10.33
CA GLU B 58 -15.09 -5.13 8.86
C GLU B 58 -13.65 -5.18 8.29
N LYS B 59 -12.69 -4.57 9.01
CA LYS B 59 -11.27 -4.55 8.60
C LYS B 59 -10.39 -5.36 9.58
N MET B 60 -10.83 -6.59 9.93
CA MET B 60 -10.08 -7.48 10.84
C MET B 60 -10.12 -8.93 10.33
N LYS B 61 -11.33 -9.44 10.02
CA LYS B 61 -11.50 -10.80 9.50
C LYS B 61 -10.95 -10.90 8.06
N SER B 62 -11.09 -9.80 7.28
CA SER B 62 -10.57 -9.74 5.90
C SER B 62 -9.04 -9.67 5.86
N LEU B 63 -8.42 -9.03 6.88
CA LEU B 63 -6.95 -8.92 6.95
C LEU B 63 -6.33 -10.27 7.32
N ASP B 64 -6.70 -10.80 8.51
CA ASP B 64 -6.19 -12.09 8.99
C ASP B 64 -7.09 -13.22 8.45
N VAL B 65 -6.98 -13.48 7.12
CA VAL B 65 -7.77 -14.53 6.43
C VAL B 65 -7.27 -15.95 6.78
N ASN B 66 -5.97 -16.10 7.09
CA ASN B 66 -5.37 -17.41 7.44
C ASN B 66 -5.76 -17.86 8.87
N GLN B 67 -6.13 -16.89 9.76
CA GLN B 67 -6.54 -17.18 11.16
C GLN B 67 -5.37 -17.75 11.99
N ASP B 68 -4.42 -16.88 12.37
CA ASP B 68 -3.25 -17.29 13.17
C ASP B 68 -2.73 -16.16 14.11
N SER B 69 -3.52 -15.07 14.30
CA SER B 69 -3.14 -13.91 15.16
C SER B 69 -1.81 -13.23 14.72
N GLU B 70 -1.45 -13.37 13.42
CA GLU B 70 -0.23 -12.76 12.86
C GLU B 70 -0.54 -12.18 11.47
N LEU B 71 -0.70 -10.83 11.41
CA LEU B 71 -1.05 -10.14 10.16
C LEU B 71 0.20 -9.71 9.38
N LYS B 72 0.73 -10.61 8.52
CA LYS B 72 1.90 -10.28 7.66
C LYS B 72 1.49 -9.20 6.64
N PHE B 73 2.43 -8.68 5.83
CA PHE B 73 2.06 -7.65 4.83
C PHE B 73 1.13 -8.23 3.74
N ASN B 74 1.12 -9.58 3.57
CA ASN B 74 0.23 -10.25 2.60
C ASN B 74 -1.20 -10.33 3.20
N GLU B 75 -1.32 -10.44 4.55
CA GLU B 75 -2.62 -10.49 5.25
C GLU B 75 -3.13 -9.04 5.51
N TYR B 76 -2.25 -8.18 6.04
CA TYR B 76 -2.54 -6.74 6.29
C TYR B 76 -2.79 -6.01 4.96
N TRP B 77 -2.28 -6.61 3.85
CA TRP B 77 -2.43 -6.15 2.45
C TRP B 77 -3.78 -5.43 2.16
N ARG B 78 -4.91 -6.05 2.58
CA ARG B 78 -6.26 -5.50 2.35
C ARG B 78 -6.44 -4.09 2.96
N LEU B 79 -5.81 -3.83 4.13
CA LEU B 79 -5.91 -2.52 4.79
C LEU B 79 -5.05 -1.46 4.07
N ILE B 80 -3.84 -1.85 3.61
CA ILE B 80 -2.94 -0.92 2.88
C ILE B 80 -3.63 -0.44 1.58
N GLY B 81 -4.48 -1.31 0.99
CA GLY B 81 -5.25 -0.94 -0.20
C GLY B 81 -6.29 0.12 0.14
N GLU B 82 -6.94 -0.05 1.32
CA GLU B 82 -7.95 0.89 1.83
C GLU B 82 -7.29 2.20 2.32
N LEU B 83 -6.00 2.14 2.74
CA LEU B 83 -5.25 3.34 3.21
C LEU B 83 -5.18 4.41 2.10
N ALA B 84 -4.60 4.04 0.93
CA ALA B 84 -4.45 4.95 -0.21
C ALA B 84 -5.76 5.11 -1.04
N LYS B 85 -6.73 4.19 -0.85
CA LYS B 85 -8.03 4.27 -1.56
C LYS B 85 -9.00 5.21 -0.82
N GLU B 86 -8.96 5.19 0.53
CA GLU B 86 -9.83 6.05 1.36
C GLU B 86 -9.10 7.32 1.89
N ILE B 87 -8.06 7.79 1.17
CA ILE B 87 -7.35 9.03 1.54
C ILE B 87 -7.97 10.21 0.76
N ARG B 88 -8.34 9.95 -0.52
CA ARG B 88 -8.96 10.96 -1.39
C ARG B 88 -10.48 10.75 -1.55
N LYS B 89 -10.94 9.48 -1.52
CA LYS B 89 -12.37 9.15 -1.66
C LYS B 89 -12.88 8.21 -0.52
N LYS B 90 -12.81 8.70 0.74
CA LYS B 90 -13.29 7.90 1.92
C LYS B 90 -14.84 7.88 1.95
N LYS B 91 -15.47 9.04 1.68
CA LYS B 91 -16.93 9.16 1.65
C LYS B 91 -17.36 9.81 0.33
N ASP B 92 -17.28 9.04 -0.79
CA ASP B 92 -17.65 9.54 -2.13
C ASP B 92 -19.18 9.60 -2.29
N LEU B 93 -19.81 10.55 -1.56
CA LEU B 93 -21.27 10.74 -1.58
C LEU B 93 -21.65 12.13 -1.03
N LYS B 94 -21.16 12.45 0.20
CA LYS B 94 -21.44 13.74 0.86
C LYS B 94 -20.26 14.72 0.71
N ILE B 95 -19.02 14.19 0.87
CA ILE B 95 -17.79 15.00 0.75
C ILE B 95 -16.90 14.44 -0.38
N ARG B 96 -16.52 15.29 -1.35
CA ARG B 96 -15.67 14.88 -2.48
C ARG B 96 -14.65 15.95 -2.89
N LYS B 97 -14.09 16.68 -1.90
CA LYS B 97 -13.09 17.75 -2.17
C LYS B 97 -12.29 18.13 -0.89
N LYS B 98 -11.03 17.65 -0.81
CA LYS B 98 -10.14 17.93 0.32
C LYS B 98 -8.67 17.98 -0.14
NAA ANW C . -9.22 20.60 -8.98
NAB ANW C . -10.68 21.81 -10.34
CAC ANW C . -4.33 14.45 -5.88
CAD ANW C . -4.00 15.34 -7.08
CAE ANW C . -2.61 15.94 -6.91
CAF ANW C . -4.95 16.35 -7.21
CAG ANW C . -5.73 16.43 -8.36
CAH ANW C . -6.64 17.46 -8.52
CAI ANW C . -6.77 18.43 -7.53
CAJ ANW C . -6.00 18.35 -6.37
CAK ANW C . -5.09 17.32 -6.21
CAL ANW C . -8.38 19.57 -8.84
CAM ANW C . -10.05 20.68 -10.04
CAN ANW C . -10.06 19.69 -11.01
CAO ANW C . -9.19 18.62 -10.88
CAP ANW C . -8.34 18.56 -9.78
CAQ ANW C . -7.43 17.52 -9.65
CAR ANW C . -11.03 19.67 -12.00
OAS ANW C . -7.64 19.47 -7.70
OAT ANW C . -7.32 16.66 -10.54
OAU ANW C . -10.98 18.82 -12.91
OAV ANW C . -11.97 20.50 -11.98
HNAB ANW C . -10.70 22.56 -9.68
HNAA ANW C . -11.10 21.94 -11.25
HAC ANW C . -4.26 15.10 -5.01
HACA ANW C . -5.38 14.14 -5.93
HACB ANW C . -3.62 13.64 -5.71
HAD ANW C . -4.01 14.73 -7.99
HAE ANW C . -2.66 16.53 -6.00
HAEA ANW C . -1.89 15.15 -6.72
HAEB ANW C . -2.34 16.64 -7.70
HAG ANW C . -5.68 15.63 -9.11
HAJ ANW C . -6.08 19.12 -5.60
HAK ANW C . -4.51 17.23 -5.29
HAO ANW C . -9.15 17.84 -11.64
NAA ANW D . 18.26 -7.00 13.49
NAB ANW D . 19.29 -8.69 14.73
CAC ANW D . 12.43 -2.48 9.26
CAD ANW D . 12.53 -2.84 10.74
CAE ANW D . 12.47 -1.55 11.57
CAF ANW D . 13.72 -3.51 11.00
CAG ANW D . 13.68 -4.75 11.62
CAH ANW D . 14.85 -5.40 11.98
CAI ANW D . 16.07 -4.80 11.73
CAJ ANW D . 16.12 -3.56 11.10
CAK ANW D . 14.94 -2.92 10.73
CAL ANW D . 17.15 -6.50 12.97
CAM ANW D . 18.32 -8.28 13.92
CAN ANW D . 17.22 -9.12 13.80
CAO ANW D . 16.04 -8.61 13.26
CAP ANW D . 16.01 -7.29 12.84
CAQ ANW D . 14.81 -6.69 12.49
CAR ANW D . 17.33 -10.48 14.05
OAS ANW D . 17.22 -5.35 12.24
OAT ANW D . 13.74 -7.29 12.60
OAU ANW D . 16.32 -11.21 14.02
OAV ANW D . 18.45 -10.99 14.29
HNAB ANW D . 20.10 -8.12 14.86
HNAA ANW D . 19.17 -9.52 15.27
HAC ANW D . 13.29 -1.85 9.04
HACA ANW D . 12.58 -3.39 8.66
HACB ANW D . 11.55 -1.90 9.00
HAD ANW D . 11.69 -3.47 11.02
HAE ANW D . 13.33 -0.95 11.25
HAEA ANW D . 11.59 -0.97 11.30
HAEB ANW D . 12.61 -1.70 12.64
HAG ANW D . 12.71 -5.23 11.82
HAJ ANW D . 17.09 -3.07 10.91
HAK ANW D . 14.99 -1.95 10.23
HAO ANW D . 15.16 -9.24 13.16
N MET A 1 -12.00 13.68 -3.41
CA MET A 1 -11.35 13.41 -4.73
C MET A 1 -9.85 13.75 -4.75
N ALA A 2 -9.45 14.82 -4.03
CA ALA A 2 -8.03 15.24 -3.96
C ALA A 2 -7.33 14.68 -2.72
N ALA A 3 -5.99 14.55 -2.79
CA ALA A 3 -5.18 14.03 -1.68
C ALA A 3 -4.51 15.18 -0.90
N GLU A 4 -4.84 15.32 0.40
CA GLU A 4 -4.29 16.38 1.27
C GLU A 4 -3.22 15.81 2.22
N PRO A 5 -2.01 16.46 2.37
CA PRO A 5 -0.95 15.97 3.27
C PRO A 5 -1.38 15.99 4.76
N LEU A 6 -1.26 14.83 5.44
CA LEU A 6 -1.65 14.67 6.85
C LEU A 6 -0.45 14.15 7.69
N THR A 7 -0.70 13.46 8.83
CA THR A 7 0.36 12.91 9.71
C THR A 7 1.30 11.95 8.94
N GLU A 8 2.53 11.78 9.45
CA GLU A 8 3.59 10.93 8.82
C GLU A 8 3.06 9.63 8.15
N LEU A 9 2.28 8.80 8.89
CA LEU A 9 1.73 7.54 8.33
C LEU A 9 0.67 7.82 7.26
N GLU A 10 -0.23 8.79 7.52
CA GLU A 10 -1.29 9.18 6.56
C GLU A 10 -0.69 9.82 5.30
N GLU A 11 0.46 10.51 5.44
CA GLU A 11 1.14 11.19 4.32
C GLU A 11 1.97 10.20 3.48
N SER A 12 2.41 9.06 4.08
CA SER A 12 3.19 8.04 3.35
C SER A 12 2.37 7.48 2.16
N ILE A 13 1.07 7.18 2.40
CA ILE A 13 0.17 6.69 1.34
C ILE A 13 -0.43 7.86 0.51
N GLU A 14 -0.39 9.09 1.06
CA GLU A 14 -0.89 10.31 0.38
C GLU A 14 0.04 10.71 -0.76
N THR A 15 1.37 10.65 -0.52
CA THR A 15 2.38 10.99 -1.55
C THR A 15 2.25 10.10 -2.81
N VAL A 16 1.73 8.87 -2.64
CA VAL A 16 1.50 7.93 -3.77
C VAL A 16 0.40 8.45 -4.73
N VAL A 17 -0.55 9.27 -4.20
CA VAL A 17 -1.65 9.84 -5.00
C VAL A 17 -1.41 11.35 -5.29
N THR A 18 -0.14 11.73 -5.60
CA THR A 18 0.23 13.12 -5.89
C THR A 18 1.39 13.24 -6.89
N THR A 19 2.48 12.49 -6.64
CA THR A 19 3.68 12.53 -7.51
C THR A 19 3.38 12.03 -8.94
N PHE A 20 2.80 10.81 -9.05
CA PHE A 20 2.45 10.24 -10.38
C PHE A 20 0.95 10.39 -10.71
N PHE A 21 0.18 11.16 -9.90
CA PHE A 21 -1.25 11.38 -10.16
C PHE A 21 -1.47 12.22 -11.43
N THR A 22 -0.50 13.11 -11.75
CA THR A 22 -0.56 13.95 -12.97
C THR A 22 -0.56 13.09 -14.25
N PHE A 23 0.26 12.02 -14.25
CA PHE A 23 0.34 11.07 -15.38
C PHE A 23 -0.80 10.05 -15.34
N ALA A 24 -1.32 9.75 -14.12
CA ALA A 24 -2.43 8.79 -13.94
C ALA A 24 -3.76 9.31 -14.49
N ARG A 25 -3.99 10.65 -14.38
CA ARG A 25 -5.24 11.28 -14.88
C ARG A 25 -5.21 11.57 -16.40
N GLN A 26 -4.09 11.26 -17.10
CA GLN A 26 -3.97 11.47 -18.57
C GLN A 26 -4.95 10.56 -19.34
N GLU A 27 -5.08 9.29 -18.92
CA GLU A 27 -5.99 8.31 -19.56
C GLU A 27 -7.34 8.29 -18.81
N GLY A 28 -8.26 7.38 -19.23
CA GLY A 28 -9.59 7.26 -18.61
C GLY A 28 -9.56 7.09 -17.09
N ARG A 29 -10.64 7.56 -16.40
CA ARG A 29 -10.76 7.50 -14.93
C ARG A 29 -9.67 8.34 -14.23
N LYS A 30 -10.09 9.41 -13.52
CA LYS A 30 -9.16 10.31 -12.80
C LYS A 30 -8.43 9.61 -11.64
N ASP A 31 -9.14 8.71 -10.93
CA ASP A 31 -8.56 7.97 -9.79
C ASP A 31 -8.02 6.58 -10.22
N SER A 32 -7.55 6.47 -11.48
CA SER A 32 -7.00 5.21 -12.03
C SER A 32 -5.69 5.45 -12.79
N LEU A 33 -4.86 4.40 -12.91
CA LEU A 33 -3.58 4.46 -13.63
C LEU A 33 -3.68 3.69 -14.96
N SER A 34 -2.88 4.09 -15.97
CA SER A 34 -2.88 3.41 -17.29
C SER A 34 -2.03 2.13 -17.24
N VAL A 35 -2.30 1.19 -18.16
CA VAL A 35 -1.57 -0.09 -18.23
C VAL A 35 -0.12 0.10 -18.75
N ASN A 36 0.10 1.10 -19.63
CA ASN A 36 1.43 1.39 -20.21
C ASN A 36 2.22 2.40 -19.34
N GLU A 37 1.52 3.36 -18.69
CA GLU A 37 2.18 4.38 -17.85
C GLU A 37 2.71 3.81 -16.52
N PHE A 38 1.98 2.84 -15.92
CA PHE A 38 2.43 2.20 -14.65
C PHE A 38 3.74 1.40 -14.89
N LYS A 39 3.87 0.77 -16.08
CA LYS A 39 5.07 0.01 -16.45
C LYS A 39 6.32 0.92 -16.53
N GLU A 40 6.13 2.15 -17.07
CA GLU A 40 7.22 3.15 -17.19
C GLU A 40 7.69 3.63 -15.79
N LEU A 41 6.73 3.70 -14.83
CA LEU A 41 7.04 4.11 -13.45
C LEU A 41 7.93 3.07 -12.75
N VAL A 42 7.78 1.78 -13.12
CA VAL A 42 8.58 0.68 -12.55
C VAL A 42 9.97 0.57 -13.22
N THR A 43 10.13 1.11 -14.45
CA THR A 43 11.42 1.05 -15.19
C THR A 43 12.09 2.44 -15.30
N GLN A 44 11.93 3.31 -14.26
CA GLN A 44 12.55 4.67 -14.27
C GLN A 44 12.62 5.29 -12.85
N GLN A 45 11.50 5.27 -12.10
CA GLN A 45 11.44 5.84 -10.73
C GLN A 45 11.31 4.75 -9.64
N LEU A 46 10.83 3.54 -10.01
CA LEU A 46 10.65 2.43 -9.05
C LEU A 46 11.30 1.09 -9.54
N PRO A 47 12.54 1.11 -10.16
CA PRO A 47 13.19 -0.13 -10.65
C PRO A 47 13.94 -0.92 -9.57
N HIS A 48 14.60 -0.22 -8.61
CA HIS A 48 15.35 -0.89 -7.54
C HIS A 48 14.42 -1.62 -6.54
N LEU A 49 13.17 -1.13 -6.39
CA LEU A 49 12.20 -1.75 -5.46
C LEU A 49 11.78 -3.15 -5.95
N LEU A 50 11.17 -3.21 -7.15
CA LEU A 50 10.74 -4.50 -7.74
C LEU A 50 11.93 -5.09 -8.50
N LYS A 51 12.44 -6.25 -8.01
CA LYS A 51 13.62 -6.94 -8.60
C LYS A 51 13.47 -7.19 -10.12
N ASP A 52 12.23 -7.46 -10.57
CA ASP A 52 11.94 -7.73 -11.99
C ASP A 52 11.21 -6.53 -12.62
N VAL A 53 11.85 -5.89 -13.62
CA VAL A 53 11.27 -4.71 -14.33
C VAL A 53 10.77 -5.06 -15.74
N GLY A 54 11.45 -6.01 -16.43
CA GLY A 54 11.05 -6.40 -17.79
C GLY A 54 9.82 -7.31 -17.81
N SER A 55 9.89 -8.44 -17.05
CA SER A 55 8.78 -9.40 -16.98
C SER A 55 7.79 -9.02 -15.86
N LEU A 56 6.97 -7.97 -16.13
CA LEU A 56 5.95 -7.48 -15.18
C LEU A 56 4.58 -8.19 -15.39
N ASP A 57 4.49 -9.07 -16.42
CA ASP A 57 3.25 -9.81 -16.74
C ASP A 57 2.76 -10.74 -15.60
N GLU A 58 3.67 -11.16 -14.69
CA GLU A 58 3.30 -12.04 -13.56
C GLU A 58 2.33 -11.33 -12.60
N LYS A 59 2.59 -10.03 -12.32
CA LYS A 59 1.75 -9.23 -11.42
C LYS A 59 0.67 -8.44 -12.20
N MET A 60 0.93 -8.13 -13.50
CA MET A 60 -0.04 -7.38 -14.34
C MET A 60 -1.42 -8.08 -14.44
N LYS A 61 -1.42 -9.44 -14.43
CA LYS A 61 -2.67 -10.23 -14.50
C LYS A 61 -3.54 -10.00 -13.24
N SER A 62 -2.90 -9.91 -12.06
CA SER A 62 -3.62 -9.67 -10.79
C SER A 62 -4.21 -8.25 -10.73
N LEU A 63 -3.51 -7.27 -11.36
CA LEU A 63 -3.98 -5.86 -11.40
C LEU A 63 -5.19 -5.73 -12.33
N ASP A 64 -5.04 -6.18 -13.59
CA ASP A 64 -6.11 -6.11 -14.59
C ASP A 64 -6.93 -7.41 -14.59
N VAL A 65 -7.62 -7.68 -13.46
CA VAL A 65 -8.47 -8.87 -13.30
C VAL A 65 -9.91 -8.56 -13.77
N ASN A 66 -10.38 -7.31 -13.54
CA ASN A 66 -11.72 -6.87 -13.99
C ASN A 66 -11.75 -6.76 -15.53
N GLN A 67 -10.60 -6.39 -16.14
CA GLN A 67 -10.43 -6.27 -17.60
C GLN A 67 -11.32 -5.17 -18.20
N ASP A 68 -10.83 -3.91 -18.12
CA ASP A 68 -11.55 -2.73 -18.66
C ASP A 68 -10.56 -1.63 -19.13
N SER A 69 -9.27 -1.99 -19.37
CA SER A 69 -8.22 -1.04 -19.82
C SER A 69 -7.99 0.13 -18.81
N GLU A 70 -8.31 -0.10 -17.52
CA GLU A 70 -8.15 0.91 -16.47
C GLU A 70 -7.74 0.22 -15.15
N LEU A 71 -6.63 0.69 -14.55
CA LEU A 71 -6.13 0.11 -13.28
C LEU A 71 -6.44 1.03 -12.09
N LYS A 72 -7.68 0.93 -11.58
CA LYS A 72 -8.14 1.71 -10.42
C LYS A 72 -7.39 1.26 -9.16
N PHE A 73 -7.30 2.12 -8.12
CA PHE A 73 -6.61 1.74 -6.85
C PHE A 73 -7.20 0.46 -6.23
N ASN A 74 -8.52 0.21 -6.45
CA ASN A 74 -9.16 -1.03 -5.94
C ASN A 74 -8.63 -2.28 -6.68
N GLU A 75 -8.16 -2.09 -7.94
CA GLU A 75 -7.58 -3.17 -8.76
C GLU A 75 -6.02 -3.12 -8.74
N TYR A 76 -5.46 -1.89 -8.62
CA TYR A 76 -3.99 -1.66 -8.60
C TYR A 76 -3.39 -1.88 -7.18
N TRP A 77 -4.23 -2.17 -6.15
CA TRP A 77 -3.75 -2.40 -4.78
C TRP A 77 -2.90 -3.69 -4.67
N ARG A 78 -3.00 -4.59 -5.69
CA ARG A 78 -2.20 -5.84 -5.71
C ARG A 78 -0.70 -5.51 -5.81
N LEU A 79 -0.35 -4.43 -6.57
CA LEU A 79 1.05 -4.00 -6.73
C LEU A 79 1.47 -3.16 -5.52
N ILE A 80 0.53 -2.33 -4.98
CA ILE A 80 0.80 -1.48 -3.80
C ILE A 80 1.22 -2.37 -2.60
N GLY A 81 0.55 -3.52 -2.41
CA GLY A 81 0.92 -4.46 -1.35
C GLY A 81 2.26 -5.13 -1.63
N GLU A 82 2.50 -5.47 -2.92
CA GLU A 82 3.77 -6.10 -3.37
C GLU A 82 4.94 -5.07 -3.37
N LEU A 83 4.61 -3.76 -3.42
CA LEU A 83 5.62 -2.68 -3.37
C LEU A 83 6.31 -2.66 -1.99
N ALA A 84 5.48 -2.75 -0.93
CA ALA A 84 5.98 -2.77 0.46
C ALA A 84 6.39 -4.20 0.90
N LYS A 85 6.03 -5.24 0.11
CA LYS A 85 6.40 -6.64 0.42
C LYS A 85 7.75 -7.00 -0.22
N GLU A 86 7.96 -6.60 -1.49
CA GLU A 86 9.23 -6.87 -2.21
C GLU A 86 10.24 -5.71 -1.99
N ILE A 87 10.46 -5.35 -0.72
CA ILE A 87 11.41 -4.29 -0.32
C ILE A 87 12.46 -4.87 0.66
N ARG A 88 12.00 -5.71 1.62
CA ARG A 88 12.87 -6.36 2.61
C ARG A 88 13.04 -7.87 2.30
N LYS A 89 12.01 -8.49 1.69
CA LYS A 89 12.03 -9.94 1.35
C LYS A 89 11.87 -10.21 -0.17
N LYS A 90 12.42 -9.31 -1.03
CA LYS A 90 12.33 -9.50 -2.50
C LYS A 90 13.12 -10.77 -2.93
N LYS A 91 14.28 -11.00 -2.27
CA LYS A 91 15.13 -12.16 -2.53
C LYS A 91 15.72 -12.67 -1.19
N ASP A 92 14.81 -13.01 -0.24
CA ASP A 92 15.18 -13.49 1.11
C ASP A 92 16.00 -14.81 1.07
N LEU A 93 15.79 -15.64 0.03
CA LEU A 93 16.50 -16.92 -0.12
C LEU A 93 18.01 -16.70 -0.40
N LYS A 94 18.36 -15.64 -1.17
CA LYS A 94 19.75 -15.33 -1.53
C LYS A 94 20.35 -14.27 -0.57
N ILE A 95 19.76 -13.05 -0.54
CA ILE A 95 20.23 -11.95 0.33
C ILE A 95 19.25 -11.69 1.49
N ARG A 96 19.78 -11.31 2.67
CA ARG A 96 18.93 -11.05 3.86
C ARG A 96 19.49 -9.93 4.77
N LYS A 97 19.83 -8.76 4.17
CA LYS A 97 20.34 -7.59 4.94
C LYS A 97 20.46 -6.34 4.04
N LYS A 98 19.73 -5.26 4.42
CA LYS A 98 19.74 -3.99 3.67
C LYS A 98 19.55 -2.80 4.61
N MET B 1 16.59 -7.96 4.59
CA MET B 1 15.53 -8.20 5.58
C MET B 1 15.16 -6.91 6.37
N ALA B 2 15.66 -5.74 5.90
CA ALA B 2 15.40 -4.44 6.54
C ALA B 2 15.06 -3.36 5.50
N ALA B 3 14.08 -2.49 5.81
CA ALA B 3 13.67 -1.42 4.89
C ALA B 3 14.64 -0.22 4.94
N GLU B 4 15.04 0.28 3.75
CA GLU B 4 16.01 1.40 3.64
C GLU B 4 15.57 2.43 2.56
N PRO B 5 15.87 3.76 2.75
CA PRO B 5 15.50 4.82 1.76
C PRO B 5 16.23 4.66 0.41
N LEU B 6 15.52 4.95 -0.71
CA LEU B 6 16.11 4.84 -2.07
C LEU B 6 15.63 5.98 -2.99
N THR B 7 14.30 6.18 -3.07
CA THR B 7 13.67 7.22 -3.92
C THR B 7 12.39 7.75 -3.25
N GLU B 8 11.87 8.92 -3.71
CA GLU B 8 10.64 9.54 -3.12
C GLU B 8 9.45 8.54 -3.04
N LEU B 9 9.23 7.74 -4.12
CA LEU B 9 8.14 6.74 -4.14
C LEU B 9 8.54 5.45 -3.41
N GLU B 10 9.81 5.02 -3.56
CA GLU B 10 10.33 3.81 -2.88
C GLU B 10 10.39 4.04 -1.34
N GLU B 11 10.60 5.31 -0.93
CA GLU B 11 10.66 5.70 0.49
C GLU B 11 9.24 5.81 1.08
N SER B 12 8.22 6.16 0.25
CA SER B 12 6.83 6.30 0.71
C SER B 12 6.31 4.99 1.35
N ILE B 13 6.49 3.86 0.65
CA ILE B 13 6.08 2.54 1.15
C ILE B 13 7.05 2.01 2.24
N GLU B 14 8.33 2.44 2.17
CA GLU B 14 9.37 2.03 3.15
C GLU B 14 9.15 2.70 4.52
N THR B 15 8.69 3.98 4.53
CA THR B 15 8.43 4.72 5.78
C THR B 15 7.37 4.02 6.65
N VAL B 16 6.38 3.36 6.03
CA VAL B 16 5.31 2.63 6.76
C VAL B 16 5.89 1.37 7.45
N VAL B 17 6.95 0.78 6.86
CA VAL B 17 7.61 -0.41 7.42
C VAL B 17 8.45 -0.04 8.66
N THR B 18 9.29 1.01 8.54
CA THR B 18 10.18 1.47 9.64
C THR B 18 9.43 2.12 10.81
N THR B 19 8.44 2.99 10.52
CA THR B 19 7.68 3.71 11.57
C THR B 19 6.90 2.76 12.50
N PHE B 20 6.43 1.60 12.00
CA PHE B 20 5.67 0.63 12.81
C PHE B 20 6.50 -0.60 13.25
N PHE B 21 7.70 -0.84 12.64
CA PHE B 21 8.53 -2.01 13.01
C PHE B 21 8.99 -1.99 14.48
N THR B 22 9.07 -0.78 15.10
CA THR B 22 9.47 -0.63 16.51
C THR B 22 8.58 -1.47 17.45
N PHE B 23 7.26 -1.52 17.17
CA PHE B 23 6.30 -2.31 17.97
C PHE B 23 5.94 -3.64 17.28
N ALA B 24 5.98 -3.67 15.92
CA ALA B 24 5.64 -4.88 15.14
C ALA B 24 6.51 -6.11 15.50
N ARG B 25 7.77 -5.88 15.93
CA ARG B 25 8.69 -6.98 16.30
C ARG B 25 8.44 -7.54 17.73
N GLN B 26 7.57 -6.89 18.53
CA GLN B 26 7.24 -7.34 19.91
C GLN B 26 6.64 -8.75 19.93
N GLU B 27 5.60 -8.99 19.11
CA GLU B 27 4.94 -10.31 19.01
C GLU B 27 5.72 -11.23 18.05
N GLY B 28 5.26 -12.49 17.91
CA GLY B 28 5.93 -13.46 17.01
C GLY B 28 6.06 -12.98 15.56
N ARG B 29 7.11 -13.46 14.85
CA ARG B 29 7.41 -13.08 13.45
C ARG B 29 7.80 -11.59 13.32
N LYS B 30 8.95 -11.30 12.70
CA LYS B 30 9.44 -9.91 12.52
C LYS B 30 8.57 -9.14 11.51
N ASP B 31 8.35 -9.74 10.32
CA ASP B 31 7.56 -9.10 9.26
C ASP B 31 6.05 -9.43 9.42
N SER B 32 5.43 -8.89 10.49
CA SER B 32 4.00 -9.12 10.78
C SER B 32 3.45 -8.04 11.74
N LEU B 33 2.11 -7.85 11.72
CA LEU B 33 1.43 -6.88 12.60
C LEU B 33 0.53 -7.63 13.59
N SER B 34 0.43 -7.12 14.83
CA SER B 34 -0.41 -7.76 15.87
C SER B 34 -1.86 -7.28 15.76
N VAL B 35 -2.82 -8.07 16.32
CA VAL B 35 -4.26 -7.71 16.27
C VAL B 35 -4.60 -6.50 17.17
N ASN B 36 -3.91 -6.37 18.33
CA ASN B 36 -4.16 -5.27 19.27
C ASN B 36 -3.31 -4.01 18.94
N GLU B 37 -2.16 -4.20 18.25
CA GLU B 37 -1.27 -3.07 17.88
C GLU B 37 -1.76 -2.30 16.64
N PHE B 38 -2.23 -3.01 15.60
CA PHE B 38 -2.74 -2.34 14.36
C PHE B 38 -4.01 -1.52 14.67
N LYS B 39 -4.80 -1.98 15.66
CA LYS B 39 -6.03 -1.29 16.09
C LYS B 39 -5.70 0.03 16.81
N GLU B 40 -4.62 0.01 17.65
CA GLU B 40 -4.16 1.21 18.40
C GLU B 40 -3.57 2.28 17.45
N LEU B 41 -2.87 1.83 16.38
CA LEU B 41 -2.27 2.74 15.39
C LEU B 41 -3.36 3.56 14.65
N VAL B 42 -4.53 2.93 14.41
CA VAL B 42 -5.67 3.58 13.73
C VAL B 42 -6.38 4.60 14.67
N THR B 43 -6.29 4.38 16.00
CA THR B 43 -6.94 5.26 17.00
C THR B 43 -5.90 6.10 17.79
N GLN B 44 -4.81 6.53 17.10
CA GLN B 44 -3.74 7.34 17.74
C GLN B 44 -2.91 8.12 16.70
N GLN B 45 -2.36 7.41 15.69
CA GLN B 45 -1.52 8.04 14.64
C GLN B 45 -2.16 7.98 13.23
N LEU B 46 -3.34 7.33 13.08
CA LEU B 46 -4.00 7.20 11.77
C LEU B 46 -5.56 7.26 11.91
N PRO B 47 -6.15 8.29 12.62
CA PRO B 47 -7.61 8.38 12.81
C PRO B 47 -8.39 9.15 11.71
N HIS B 48 -7.82 10.26 11.18
CA HIS B 48 -8.50 11.09 10.15
C HIS B 48 -8.57 10.38 8.78
N LEU B 49 -7.56 9.55 8.46
CA LEU B 49 -7.52 8.82 7.17
C LEU B 49 -8.69 7.83 7.05
N LEU B 50 -8.79 6.87 7.99
CA LEU B 50 -9.88 5.88 7.98
C LEU B 50 -11.10 6.46 8.72
N LYS B 51 -12.22 6.63 7.98
CA LYS B 51 -13.48 7.20 8.52
C LYS B 51 -13.95 6.54 9.84
N ASP B 52 -13.84 5.20 9.95
CA ASP B 52 -14.26 4.46 11.15
C ASP B 52 -13.03 3.92 11.90
N VAL B 53 -12.84 4.37 13.16
CA VAL B 53 -11.70 3.94 13.99
C VAL B 53 -12.12 2.92 15.08
N GLY B 54 -13.37 3.02 15.58
CA GLY B 54 -13.86 2.10 16.59
C GLY B 54 -14.32 0.76 16.01
N SER B 55 -15.04 0.81 14.86
CA SER B 55 -15.55 -0.41 14.20
C SER B 55 -14.58 -0.92 13.11
N LEU B 56 -13.61 -1.77 13.53
CA LEU B 56 -12.61 -2.37 12.61
C LEU B 56 -12.85 -3.89 12.48
N ASP B 57 -14.12 -4.34 12.57
CA ASP B 57 -14.47 -5.77 12.47
C ASP B 57 -14.59 -6.21 10.98
N GLU B 58 -15.15 -5.32 10.13
CA GLU B 58 -15.31 -5.61 8.68
C GLU B 58 -13.94 -5.74 7.99
N LYS B 59 -12.93 -4.97 8.46
CA LYS B 59 -11.56 -5.00 7.90
C LYS B 59 -10.72 -6.14 8.51
N MET B 60 -10.80 -6.33 9.85
CA MET B 60 -10.02 -7.39 10.57
C MET B 60 -10.28 -8.80 10.00
N LYS B 61 -11.56 -9.15 9.76
CA LYS B 61 -11.93 -10.47 9.19
C LYS B 61 -11.42 -10.63 7.75
N SER B 62 -11.38 -9.51 7.01
CA SER B 62 -10.87 -9.50 5.62
C SER B 62 -9.34 -9.60 5.59
N LEU B 63 -8.67 -9.07 6.65
CA LEU B 63 -7.20 -9.10 6.76
C LEU B 63 -6.69 -10.51 7.11
N ASP B 64 -7.07 -11.01 8.31
CA ASP B 64 -6.64 -12.33 8.78
C ASP B 64 -7.52 -13.44 8.16
N VAL B 65 -7.14 -13.87 6.94
CA VAL B 65 -7.87 -14.92 6.20
C VAL B 65 -7.40 -16.33 6.59
N ASN B 66 -6.09 -16.50 6.89
CA ASN B 66 -5.52 -17.81 7.28
C ASN B 66 -5.96 -18.25 8.69
N GLN B 67 -6.32 -17.27 9.57
CA GLN B 67 -6.77 -17.51 10.96
C GLN B 67 -5.66 -18.12 11.83
N ASP B 68 -4.78 -17.24 12.35
CA ASP B 68 -3.66 -17.62 13.23
C ASP B 68 -3.36 -16.52 14.30
N SER B 69 -4.29 -15.55 14.50
CA SER B 69 -4.13 -14.43 15.46
C SER B 69 -3.19 -13.33 14.94
N GLU B 70 -1.99 -13.70 14.47
CA GLU B 70 -1.00 -12.74 13.93
C GLU B 70 -1.37 -12.30 12.50
N LEU B 71 -1.43 -10.98 12.27
CA LEU B 71 -1.76 -10.42 10.93
C LEU B 71 -0.47 -10.17 10.13
N LYS B 72 0.01 -11.20 9.39
CA LYS B 72 1.24 -11.10 8.55
C LYS B 72 1.06 -10.01 7.47
N PHE B 73 2.18 -9.49 6.90
CA PHE B 73 2.09 -8.45 5.85
C PHE B 73 1.42 -8.99 4.57
N ASN B 74 1.54 -10.32 4.31
CA ASN B 74 0.89 -10.97 3.15
C ASN B 74 -0.65 -11.02 3.35
N GLU B 75 -1.09 -10.89 4.62
CA GLU B 75 -2.52 -10.87 4.99
C GLU B 75 -3.01 -9.43 5.30
N TYR B 76 -2.08 -8.53 5.73
CA TYR B 76 -2.41 -7.13 6.06
C TYR B 76 -2.45 -6.21 4.81
N TRP B 77 -2.07 -6.71 3.60
CA TRP B 77 -2.08 -5.88 2.37
C TRP B 77 -3.50 -5.40 1.97
N ARG B 78 -4.56 -6.03 2.55
CA ARG B 78 -5.96 -5.63 2.28
C ARG B 78 -6.24 -4.22 2.83
N LEU B 79 -5.58 -3.85 3.95
CA LEU B 79 -5.75 -2.51 4.57
C LEU B 79 -4.86 -1.48 3.88
N ILE B 80 -3.64 -1.88 3.45
CA ILE B 80 -2.70 -0.96 2.76
C ILE B 80 -3.40 -0.35 1.52
N GLY B 81 -4.27 -1.15 0.85
CA GLY B 81 -5.04 -0.65 -0.30
C GLY B 81 -6.22 0.23 0.15
N GLU B 82 -6.84 -0.13 1.30
CA GLU B 82 -7.97 0.64 1.88
C GLU B 82 -7.49 2.03 2.35
N LEU B 83 -6.23 2.09 2.85
CA LEU B 83 -5.61 3.36 3.32
C LEU B 83 -5.43 4.33 2.13
N ALA B 84 -4.82 3.85 1.04
CA ALA B 84 -4.60 4.66 -0.18
C ALA B 84 -5.92 5.04 -0.88
N LYS B 85 -6.98 4.24 -0.69
CA LYS B 85 -8.31 4.50 -1.29
C LYS B 85 -9.16 5.48 -0.45
N GLU B 86 -9.06 5.39 0.90
CA GLU B 86 -9.83 6.26 1.80
C GLU B 86 -9.21 7.66 2.01
N ILE B 87 -8.03 7.94 1.40
CA ILE B 87 -7.38 9.27 1.54
C ILE B 87 -8.07 10.31 0.64
N ARG B 88 -8.43 9.90 -0.60
CA ARG B 88 -9.09 10.81 -1.56
C ARG B 88 -10.60 10.51 -1.70
N LYS B 89 -11.01 9.23 -1.63
CA LYS B 89 -12.43 8.84 -1.77
C LYS B 89 -12.90 7.89 -0.64
N LYS B 90 -13.14 8.48 0.56
CA LYS B 90 -13.65 7.73 1.74
C LYS B 90 -15.18 7.87 1.81
N LYS B 91 -15.68 9.08 1.51
CA LYS B 91 -17.12 9.40 1.47
C LYS B 91 -17.41 10.23 0.19
N ASP B 92 -16.96 9.69 -0.97
CA ASP B 92 -17.11 10.36 -2.30
C ASP B 92 -18.53 10.88 -2.60
N LEU B 93 -19.56 10.15 -2.14
CA LEU B 93 -20.97 10.56 -2.37
C LEU B 93 -21.38 11.75 -1.47
N LYS B 94 -20.96 11.70 -0.19
CA LYS B 94 -21.27 12.78 0.79
C LYS B 94 -20.39 14.03 0.53
N ILE B 95 -19.07 13.82 0.46
CA ILE B 95 -18.09 14.91 0.23
C ILE B 95 -17.07 14.50 -0.85
N ARG B 96 -16.80 15.42 -1.80
CA ARG B 96 -15.86 15.17 -2.90
C ARG B 96 -14.92 16.39 -3.13
N LYS B 97 -14.41 16.98 -2.03
CA LYS B 97 -13.51 18.15 -2.12
C LYS B 97 -12.72 18.36 -0.81
N LYS B 98 -11.55 17.69 -0.70
CA LYS B 98 -10.67 17.81 0.48
C LYS B 98 -9.22 17.45 0.11
NAA ANW C . -9.50 17.10 -9.97
NAB ANW C . -11.32 16.52 -11.28
CAC ANW C . -2.97 16.81 -4.55
CAD ANW C . -3.16 16.09 -5.88
CAE ANW C . -1.97 16.40 -6.80
CAF ANW C . -4.34 16.51 -6.49
CAG ANW C . -5.32 15.58 -6.83
CAH ANW C . -6.48 15.99 -7.47
CAI ANW C . -6.67 17.33 -7.77
CAJ ANW C . -5.71 18.27 -7.42
CAK ANW C . -4.55 17.86 -6.79
CAL ANW C . -8.51 16.73 -9.12
CAM ANW C . -10.51 16.27 -10.25
CAN ANW C . -10.59 15.02 -9.68
CAO ANW C . -9.59 14.61 -8.80
CAP ANW C . -8.55 15.48 -8.52
CAQ ANW C . -7.46 15.05 -7.77
CAR ANW C . -11.72 14.22 -9.86
OAS ANW C . -7.70 17.70 -8.60
OAT ANW C . -7.39 13.90 -7.35
OAU ANW C . -11.74 13.05 -9.39
OAV ANW C . -12.72 14.67 -10.46
HNAB ANW C . -11.29 17.41 -11.73
HNAA ANW C . -11.92 15.80 -11.63
HAC ANW C . -2.90 17.87 -4.79
HACA ANW C . -3.88 16.71 -3.95
HACB ANW C . -2.06 16.57 -4.03
HAD ANW C . -3.22 15.01 -5.71
HAE ANW C . -1.96 17.47 -6.93
HAEA ANW C . -1.04 16.15 -6.27
HAEB ANW C . -2.05 15.97 -7.79
HAG ANW C . -5.17 14.53 -6.58
HAJ ANW C . -5.88 19.33 -7.62
HAK ANW C . -3.78 18.59 -6.54
HAO ANW C . -9.63 13.63 -8.34
NAA ANW D . 14.85 -8.94 10.77
NAB ANW D . 15.21 -11.01 11.74
CAC ANW D . 12.88 -0.77 10.93
CAD ANW D . 14.22 -1.33 10.45
CAE ANW D . 14.57 -0.75 9.09
CAF ANW D . 14.16 -2.71 10.38
CAG ANW D . 15.04 -3.49 11.12
CAH ANW D . 14.97 -4.87 11.08
CAI ANW D . 14.02 -5.49 10.28
CAJ ANW D . 13.15 -4.72 9.52
CAK ANW D . 13.21 -3.33 9.57
CAL ANW D . 14.89 -7.60 10.88
CAM ANW D . 15.51 -9.73 11.62
CAN ANW D . 16.28 -9.19 12.66
CAO ANW D . 16.31 -7.81 12.81
CAP ANW D . 15.62 -7.01 11.91
CAQ ANW D . 15.77 -5.63 11.93
CAR ANW D . 17.15 -9.98 13.38
OAS ANW D . 13.99 -6.85 10.19
OAT ANW D . 16.61 -5.10 12.67
OAU ANW D . 17.82 -9.49 14.32
OAV ANW D . 17.29 -11.20 13.11
HNAB ANW D . 14.67 -11.47 11.03
HNAA ANW D . 15.50 -11.53 12.55
HAC ANW D . 12.14 -1.08 10.17
HACA ANW D . 12.58 -1.27 11.85
HACB ANW D . 12.83 0.32 10.97
HAD ANW D . 15.00 -1.05 11.18
HAE ANW D . 13.76 -1.04 8.42
HAEA ANW D . 14.53 0.35 9.14
HAEB ANW D . 15.48 -1.14 8.64
HAG ANW D . 15.79 -2.99 11.76
HAJ ANW D . 12.42 -5.21 8.87
HAK ANW D . 12.53 -2.74 8.97
HAO ANW D . 16.87 -7.36 13.62
N MET A 1 -12.18 14.62 -3.13
CA MET A 1 -11.60 13.94 -4.33
C MET A 1 -10.09 14.24 -4.52
N ALA A 2 -9.47 15.03 -3.60
CA ALA A 2 -8.05 15.39 -3.69
C ALA A 2 -7.26 14.86 -2.48
N ALA A 3 -5.94 14.64 -2.67
CA ALA A 3 -5.07 14.12 -1.60
C ALA A 3 -4.41 15.27 -0.82
N GLU A 4 -4.74 15.38 0.48
CA GLU A 4 -4.21 16.44 1.37
C GLU A 4 -3.19 15.84 2.38
N PRO A 5 -2.08 16.57 2.72
CA PRO A 5 -1.05 16.08 3.68
C PRO A 5 -1.61 15.82 5.09
N LEU A 6 -1.29 14.64 5.65
CA LEU A 6 -1.74 14.23 7.01
C LEU A 6 -0.51 13.82 7.87
N THR A 7 -0.73 13.00 8.94
CA THR A 7 0.37 12.51 9.83
C THR A 7 1.46 11.76 9.01
N GLU A 8 2.68 11.59 9.58
CA GLU A 8 3.81 10.91 8.90
C GLU A 8 3.41 9.55 8.25
N LEU A 9 2.65 8.71 8.98
CA LEU A 9 2.20 7.40 8.45
C LEU A 9 1.02 7.58 7.46
N GLU A 10 0.11 8.53 7.76
CA GLU A 10 -1.05 8.82 6.87
C GLU A 10 -0.59 9.50 5.56
N GLU A 11 0.58 10.20 5.62
CA GLU A 11 1.15 10.89 4.46
C GLU A 11 1.99 9.93 3.58
N SER A 12 2.47 8.79 4.17
CA SER A 12 3.25 7.79 3.42
C SER A 12 2.46 7.27 2.20
N ILE A 13 1.17 6.92 2.41
CA ILE A 13 0.29 6.45 1.33
C ILE A 13 -0.19 7.65 0.45
N GLU A 14 -0.23 8.86 1.05
CA GLU A 14 -0.65 10.10 0.35
C GLU A 14 0.39 10.56 -0.71
N THR A 15 1.69 10.36 -0.40
CA THR A 15 2.80 10.77 -1.31
C THR A 15 2.66 10.13 -2.72
N VAL A 16 2.24 8.85 -2.77
CA VAL A 16 2.06 8.14 -4.07
C VAL A 16 0.79 8.66 -4.80
N VAL A 17 -0.23 9.11 -4.03
CA VAL A 17 -1.48 9.65 -4.60
C VAL A 17 -1.33 11.15 -5.01
N THR A 18 -0.17 11.77 -4.70
CA THR A 18 0.10 13.19 -5.05
C THR A 18 1.19 13.36 -6.13
N THR A 19 2.09 12.35 -6.30
CA THR A 19 3.19 12.44 -7.28
C THR A 19 2.81 11.88 -8.67
N PHE A 20 2.39 10.60 -8.74
CA PHE A 20 2.05 9.95 -10.02
C PHE A 20 0.59 10.23 -10.48
N PHE A 21 -0.26 10.80 -9.59
CA PHE A 21 -1.67 11.10 -9.96
C PHE A 21 -1.77 12.25 -11.00
N THR A 22 -0.71 13.06 -11.15
CA THR A 22 -0.67 14.14 -12.16
C THR A 22 -0.64 13.56 -13.59
N PHE A 23 -0.01 12.38 -13.74
CA PHE A 23 0.10 11.68 -15.05
C PHE A 23 -0.96 10.57 -15.18
N ALA A 24 -1.32 9.91 -14.05
CA ALA A 24 -2.31 8.81 -14.03
C ALA A 24 -3.69 9.25 -14.55
N ARG A 25 -4.10 10.51 -14.27
CA ARG A 25 -5.41 11.03 -14.71
C ARG A 25 -5.47 11.32 -16.23
N GLN A 26 -4.29 11.43 -16.89
CA GLN A 26 -4.20 11.69 -18.34
C GLN A 26 -4.96 10.64 -19.18
N GLU A 27 -4.92 9.36 -18.76
CA GLU A 27 -5.60 8.26 -19.47
C GLU A 27 -6.43 7.39 -18.50
N GLY A 28 -7.71 7.14 -18.85
CA GLY A 28 -8.60 6.30 -18.03
C GLY A 28 -8.96 6.92 -16.67
N ARG A 29 -10.13 7.60 -16.61
CA ARG A 29 -10.63 8.24 -15.36
C ARG A 29 -9.62 9.26 -14.77
N LYS A 30 -9.97 9.84 -13.60
CA LYS A 30 -9.11 10.82 -12.91
C LYS A 30 -8.34 10.17 -11.74
N ASP A 31 -8.96 9.15 -11.08
CA ASP A 31 -8.34 8.44 -9.95
C ASP A 31 -7.96 7.00 -10.35
N SER A 32 -7.37 6.83 -11.56
CA SER A 32 -6.98 5.50 -12.05
C SER A 32 -5.71 5.57 -12.93
N LEU A 33 -4.81 4.57 -12.77
CA LEU A 33 -3.55 4.49 -13.55
C LEU A 33 -3.81 3.77 -14.88
N SER A 34 -2.95 4.04 -15.89
CA SER A 34 -3.08 3.41 -17.22
C SER A 34 -2.20 2.14 -17.30
N VAL A 35 -2.57 1.21 -18.21
CA VAL A 35 -1.83 -0.06 -18.39
C VAL A 35 -0.41 0.17 -18.98
N ASN A 36 -0.20 1.30 -19.70
CA ASN A 36 1.11 1.62 -20.31
C ASN A 36 1.91 2.62 -19.44
N GLU A 37 1.21 3.47 -18.64
CA GLU A 37 1.89 4.46 -17.79
C GLU A 37 2.47 3.83 -16.51
N PHE A 38 1.74 2.87 -15.89
CA PHE A 38 2.22 2.18 -14.67
C PHE A 38 3.52 1.40 -14.95
N LYS A 39 3.64 0.83 -16.18
CA LYS A 39 4.82 0.05 -16.59
C LYS A 39 6.08 0.94 -16.69
N GLU A 40 5.90 2.18 -17.18
CA GLU A 40 7.00 3.15 -17.33
C GLU A 40 7.55 3.60 -15.96
N LEU A 41 6.68 3.64 -14.93
CA LEU A 41 7.07 4.04 -13.56
C LEU A 41 7.95 2.97 -12.90
N VAL A 42 7.70 1.69 -13.21
CA VAL A 42 8.48 0.56 -12.66
C VAL A 42 9.88 0.48 -13.34
N THR A 43 9.99 0.95 -14.60
CA THR A 43 11.26 0.94 -15.34
C THR A 43 11.91 2.35 -15.40
N GLN A 44 11.75 3.18 -14.34
CA GLN A 44 12.34 4.53 -14.30
C GLN A 44 12.46 5.08 -12.86
N GLN A 45 11.31 5.25 -12.18
CA GLN A 45 11.28 5.81 -10.80
C GLN A 45 11.08 4.72 -9.71
N LEU A 46 10.86 3.45 -10.11
CA LEU A 46 10.66 2.33 -9.16
C LEU A 46 11.34 1.02 -9.68
N PRO A 47 12.66 1.06 -10.07
CA PRO A 47 13.36 -0.14 -10.58
C PRO A 47 14.01 -1.03 -9.48
N HIS A 48 14.64 -0.42 -8.45
CA HIS A 48 15.31 -1.18 -7.36
C HIS A 48 14.32 -1.94 -6.47
N LEU A 49 13.09 -1.40 -6.29
CA LEU A 49 12.05 -2.05 -5.47
C LEU A 49 11.60 -3.38 -6.10
N LEU A 50 11.02 -3.32 -7.31
CA LEU A 50 10.58 -4.55 -8.02
C LEU A 50 11.73 -5.03 -8.91
N LYS A 51 12.52 -6.02 -8.41
CA LYS A 51 13.68 -6.60 -9.13
C LYS A 51 13.35 -7.03 -10.58
N ASP A 52 12.11 -7.51 -10.82
CA ASP A 52 11.68 -7.93 -12.15
C ASP A 52 10.97 -6.75 -12.88
N VAL A 53 11.76 -5.92 -13.58
CA VAL A 53 11.23 -4.75 -14.32
C VAL A 53 10.93 -5.08 -15.80
N GLY A 54 11.65 -6.07 -16.38
CA GLY A 54 11.45 -6.46 -17.77
C GLY A 54 10.21 -7.31 -18.01
N SER A 55 10.04 -8.38 -17.22
CA SER A 55 8.89 -9.31 -17.37
C SER A 55 7.75 -9.02 -16.36
N LEU A 56 7.20 -7.79 -16.39
CA LEU A 56 6.09 -7.39 -15.49
C LEU A 56 4.74 -7.68 -16.20
N ASP A 57 4.47 -8.97 -16.47
CA ASP A 57 3.23 -9.41 -17.14
C ASP A 57 2.34 -10.24 -16.20
N GLU A 58 2.96 -11.11 -15.35
CA GLU A 58 2.23 -11.94 -14.37
C GLU A 58 1.52 -11.03 -13.34
N LYS A 59 2.23 -9.99 -12.87
CA LYS A 59 1.68 -9.01 -11.92
C LYS A 59 0.60 -8.16 -12.60
N MET A 60 0.87 -7.73 -13.88
CA MET A 60 -0.07 -6.92 -14.68
C MET A 60 -1.45 -7.62 -14.82
N LYS A 61 -1.43 -8.94 -15.11
CA LYS A 61 -2.67 -9.74 -15.23
C LYS A 61 -3.48 -9.73 -13.91
N SER A 62 -2.76 -9.74 -12.77
CA SER A 62 -3.38 -9.73 -11.43
C SER A 62 -4.01 -8.35 -11.11
N LEU A 63 -3.39 -7.25 -11.59
CA LEU A 63 -3.90 -5.88 -11.34
C LEU A 63 -5.23 -5.65 -12.07
N ASP A 64 -5.20 -5.67 -13.42
CA ASP A 64 -6.38 -5.45 -14.26
C ASP A 64 -7.23 -6.74 -14.35
N VAL A 65 -7.96 -7.04 -13.25
CA VAL A 65 -8.81 -8.23 -13.15
C VAL A 65 -10.21 -8.00 -13.76
N ASN A 66 -10.64 -6.72 -13.89
CA ASN A 66 -11.95 -6.37 -14.47
C ASN A 66 -11.91 -6.34 -16.02
N GLN A 67 -10.71 -6.10 -16.61
CA GLN A 67 -10.51 -6.03 -18.08
C GLN A 67 -11.31 -4.86 -18.71
N ASP A 68 -10.96 -3.63 -18.29
CA ASP A 68 -11.61 -2.39 -18.78
C ASP A 68 -10.56 -1.35 -19.25
N SER A 69 -9.28 -1.79 -19.46
CA SER A 69 -8.17 -0.91 -19.87
C SER A 69 -7.93 0.22 -18.84
N GLU A 70 -8.24 -0.04 -17.55
CA GLU A 70 -8.06 0.94 -16.46
C GLU A 70 -7.57 0.27 -15.18
N LEU A 71 -6.47 0.80 -14.60
CA LEU A 71 -5.90 0.27 -13.35
C LEU A 71 -6.21 1.21 -12.17
N LYS A 72 -7.48 1.20 -11.71
CA LYS A 72 -7.92 2.02 -10.57
C LYS A 72 -7.23 1.50 -9.28
N PHE A 73 -7.21 2.30 -8.19
CA PHE A 73 -6.54 1.86 -6.93
C PHE A 73 -7.07 0.52 -6.39
N ASN A 74 -8.34 0.14 -6.73
CA ASN A 74 -8.91 -1.15 -6.30
C ASN A 74 -8.24 -2.32 -7.09
N GLU A 75 -7.88 -2.07 -8.36
CA GLU A 75 -7.21 -3.05 -9.22
C GLU A 75 -5.67 -2.97 -9.04
N TYR A 76 -5.14 -1.73 -8.99
CA TYR A 76 -3.69 -1.47 -8.78
C TYR A 76 -3.24 -1.92 -7.38
N TRP A 77 -4.20 -2.07 -6.43
CA TRP A 77 -3.93 -2.54 -5.05
C TRP A 77 -3.20 -3.91 -5.04
N ARG A 78 -3.37 -4.72 -6.11
CA ARG A 78 -2.68 -6.04 -6.24
C ARG A 78 -1.15 -5.84 -6.33
N LEU A 79 -0.71 -4.73 -6.97
CA LEU A 79 0.73 -4.39 -7.09
C LEU A 79 1.24 -3.78 -5.76
N ILE A 80 0.34 -3.03 -5.05
CA ILE A 80 0.68 -2.40 -3.74
C ILE A 80 1.15 -3.46 -2.71
N GLY A 81 0.61 -4.70 -2.81
CA GLY A 81 1.03 -5.78 -1.93
C GLY A 81 2.48 -6.18 -2.19
N GLU A 82 2.84 -6.33 -3.49
CA GLU A 82 4.22 -6.67 -3.88
C GLU A 82 5.15 -5.44 -3.71
N LEU A 83 4.56 -4.21 -3.75
CA LEU A 83 5.30 -2.95 -3.59
C LEU A 83 5.95 -2.88 -2.18
N ALA A 84 5.15 -3.15 -1.12
CA ALA A 84 5.64 -3.13 0.27
C ALA A 84 6.35 -4.45 0.65
N LYS A 85 6.05 -5.56 -0.08
CA LYS A 85 6.65 -6.88 0.18
C LYS A 85 8.08 -7.00 -0.41
N GLU A 86 8.32 -6.36 -1.58
CA GLU A 86 9.65 -6.41 -2.25
C GLU A 86 10.62 -5.30 -1.77
N ILE A 87 10.31 -4.60 -0.64
CA ILE A 87 11.19 -3.54 -0.10
C ILE A 87 12.28 -4.14 0.81
N ARG A 88 11.87 -5.04 1.73
CA ARG A 88 12.82 -5.68 2.65
C ARG A 88 13.19 -7.11 2.21
N LYS A 89 12.20 -7.88 1.67
CA LYS A 89 12.46 -9.25 1.19
C LYS A 89 12.23 -9.40 -0.33
N LYS A 90 13.02 -8.63 -1.13
CA LYS A 90 12.94 -8.72 -2.61
C LYS A 90 13.30 -10.16 -3.07
N LYS A 91 14.24 -10.78 -2.34
CA LYS A 91 14.68 -12.17 -2.57
C LYS A 91 15.37 -12.68 -1.28
N ASP A 92 14.55 -12.89 -0.22
CA ASP A 92 15.05 -13.34 1.12
C ASP A 92 15.91 -14.62 1.06
N LEU A 93 15.65 -15.52 0.08
CA LEU A 93 16.40 -16.78 -0.06
C LEU A 93 17.88 -16.52 -0.44
N LYS A 94 18.12 -15.53 -1.33
CA LYS A 94 19.48 -15.17 -1.78
C LYS A 94 20.10 -14.11 -0.84
N ILE A 95 19.38 -13.01 -0.57
CA ILE A 95 19.85 -11.91 0.30
C ILE A 95 18.84 -11.65 1.45
N ARG A 96 19.32 -11.70 2.72
CA ARG A 96 18.45 -11.50 3.89
C ARG A 96 18.98 -10.42 4.87
N LYS A 97 19.75 -9.44 4.35
CA LYS A 97 20.28 -8.34 5.19
C LYS A 97 20.72 -7.15 4.33
N LYS A 98 19.84 -6.14 4.21
CA LYS A 98 20.12 -4.92 3.43
C LYS A 98 19.49 -3.69 4.09
N MET B 1 15.90 -8.54 4.86
CA MET B 1 14.64 -8.40 5.59
C MET B 1 14.55 -7.04 6.33
N ALA B 2 15.47 -6.09 5.99
CA ALA B 2 15.50 -4.76 6.62
C ALA B 2 15.21 -3.67 5.58
N ALA B 3 14.15 -2.88 5.81
CA ALA B 3 13.74 -1.80 4.89
C ALA B 3 14.75 -0.63 4.89
N GLU B 4 15.42 -0.41 3.75
CA GLU B 4 16.42 0.66 3.59
C GLU B 4 15.85 1.81 2.72
N PRO B 5 16.09 3.12 3.08
CA PRO B 5 15.59 4.28 2.28
C PRO B 5 16.05 4.25 0.80
N LEU B 6 15.11 4.50 -0.13
CA LEU B 6 15.40 4.51 -1.58
C LEU B 6 14.79 5.79 -2.25
N THR B 7 14.33 5.71 -3.53
CA THR B 7 13.73 6.87 -4.25
C THR B 7 12.46 7.39 -3.52
N GLU B 8 12.04 8.65 -3.80
CA GLU B 8 10.85 9.27 -3.15
C GLU B 8 9.61 8.35 -3.12
N LEU B 9 9.33 7.61 -4.21
CA LEU B 9 8.16 6.69 -4.28
C LEU B 9 8.42 5.39 -3.49
N GLU B 10 9.62 4.79 -3.69
CA GLU B 10 10.02 3.54 -3.00
C GLU B 10 10.18 3.78 -1.48
N GLU B 11 10.60 5.01 -1.10
CA GLU B 11 10.79 5.41 0.30
C GLU B 11 9.43 5.62 1.02
N SER B 12 8.37 5.94 0.24
CA SER B 12 7.01 6.15 0.79
C SER B 12 6.50 4.89 1.50
N ILE B 13 6.48 3.75 0.77
CA ILE B 13 6.04 2.45 1.34
C ILE B 13 7.08 1.91 2.36
N GLU B 14 8.37 2.31 2.20
CA GLU B 14 9.48 1.91 3.09
C GLU B 14 9.31 2.51 4.51
N THR B 15 8.77 3.75 4.58
CA THR B 15 8.54 4.45 5.86
C THR B 15 7.54 3.68 6.76
N VAL B 16 6.54 3.01 6.14
CA VAL B 16 5.53 2.22 6.88
C VAL B 16 6.14 0.94 7.50
N VAL B 17 7.23 0.42 6.89
CA VAL B 17 7.93 -0.79 7.38
C VAL B 17 9.12 -0.44 8.32
N THR B 18 9.20 0.84 8.76
CA THR B 18 10.28 1.31 9.66
C THR B 18 9.71 2.00 10.92
N THR B 19 8.71 2.89 10.73
CA THR B 19 8.07 3.63 11.85
C THR B 19 7.32 2.70 12.80
N PHE B 20 6.54 1.73 12.25
CA PHE B 20 5.77 0.77 13.05
C PHE B 20 6.32 -0.67 12.89
N PHE B 21 7.67 -0.80 12.88
CA PHE B 21 8.34 -2.10 12.75
C PHE B 21 8.75 -2.64 14.14
N THR B 22 9.09 -1.73 15.07
CA THR B 22 9.50 -2.10 16.44
C THR B 22 8.33 -2.73 17.24
N PHE B 23 7.09 -2.22 17.03
CA PHE B 23 5.90 -2.73 17.72
C PHE B 23 5.33 -3.98 17.04
N ALA B 24 5.52 -4.10 15.71
CA ALA B 24 5.04 -5.26 14.94
C ALA B 24 5.81 -6.55 15.28
N ARG B 25 7.14 -6.43 15.51
CA ARG B 25 8.01 -7.58 15.82
C ARG B 25 7.82 -8.13 17.26
N GLN B 26 7.30 -7.31 18.19
CA GLN B 26 7.10 -7.72 19.60
C GLN B 26 6.09 -8.87 19.77
N GLU B 27 5.12 -9.01 18.85
CA GLU B 27 4.11 -10.08 18.93
C GLU B 27 3.94 -10.83 17.59
N GLY B 28 4.59 -12.01 17.48
CA GLY B 28 4.49 -12.83 16.28
C GLY B 28 5.37 -12.36 15.12
N ARG B 29 6.44 -13.15 14.81
CA ARG B 29 7.38 -12.87 13.69
C ARG B 29 7.95 -11.43 13.70
N LYS B 30 8.74 -11.09 12.67
CA LYS B 30 9.37 -9.75 12.53
C LYS B 30 8.57 -8.84 11.59
N ASP B 31 8.28 -9.31 10.36
CA ASP B 31 7.52 -8.52 9.37
C ASP B 31 6.01 -8.84 9.40
N SER B 32 5.43 -8.91 10.61
CA SER B 32 3.99 -9.20 10.79
C SER B 32 3.43 -8.49 12.02
N LEU B 33 2.33 -7.73 11.82
CA LEU B 33 1.68 -6.98 12.91
C LEU B 33 0.73 -7.88 13.73
N SER B 34 0.28 -7.39 14.91
CA SER B 34 -0.65 -8.13 15.77
C SER B 34 -2.09 -7.66 15.53
N VAL B 35 -3.08 -8.47 15.97
CA VAL B 35 -4.51 -8.14 15.79
C VAL B 35 -4.98 -6.99 16.72
N ASN B 36 -4.29 -6.80 17.87
CA ASN B 36 -4.64 -5.75 18.84
C ASN B 36 -3.74 -4.49 18.69
N GLU B 37 -2.49 -4.67 18.21
CA GLU B 37 -1.55 -3.54 18.04
C GLU B 37 -1.86 -2.69 16.79
N PHE B 38 -2.42 -3.30 15.72
CA PHE B 38 -2.77 -2.55 14.49
C PHE B 38 -3.97 -1.62 14.75
N LYS B 39 -4.93 -2.09 15.57
CA LYS B 39 -6.12 -1.31 15.93
C LYS B 39 -5.75 -0.08 16.78
N GLU B 40 -4.72 -0.23 17.66
CA GLU B 40 -4.22 0.88 18.49
C GLU B 40 -3.58 1.97 17.61
N LEU B 41 -2.95 1.56 16.49
CA LEU B 41 -2.33 2.48 15.52
C LEU B 41 -3.42 3.28 14.76
N VAL B 42 -4.54 2.60 14.43
CA VAL B 42 -5.67 3.23 13.73
C VAL B 42 -6.45 4.20 14.66
N THR B 43 -6.45 3.93 15.97
CA THR B 43 -7.16 4.78 16.96
C THR B 43 -6.20 5.72 17.72
N GLN B 44 -5.03 6.06 17.14
CA GLN B 44 -4.05 6.95 17.79
C GLN B 44 -3.26 7.80 16.77
N GLN B 45 -2.54 7.14 15.82
CA GLN B 45 -1.73 7.85 14.82
C GLN B 45 -2.36 7.85 13.40
N LEU B 46 -3.37 6.96 13.16
CA LEU B 46 -4.02 6.88 11.84
C LEU B 46 -5.59 6.91 11.96
N PRO B 47 -6.20 7.88 12.73
CA PRO B 47 -7.67 7.97 12.87
C PRO B 47 -8.38 8.79 11.76
N HIS B 48 -7.74 9.84 11.23
CA HIS B 48 -8.35 10.70 10.19
C HIS B 48 -8.41 10.00 8.82
N LEU B 49 -7.43 9.12 8.52
CA LEU B 49 -7.39 8.40 7.24
C LEU B 49 -8.53 7.37 7.15
N LEU B 50 -8.61 6.45 8.13
CA LEU B 50 -9.69 5.45 8.18
C LEU B 50 -10.91 6.05 8.89
N LYS B 51 -11.98 6.35 8.10
CA LYS B 51 -13.22 6.97 8.61
C LYS B 51 -13.84 6.25 9.82
N ASP B 52 -13.74 4.90 9.86
CA ASP B 52 -14.30 4.09 10.97
C ASP B 52 -13.19 3.63 11.94
N VAL B 53 -12.98 4.42 13.02
CA VAL B 53 -11.97 4.06 14.06
C VAL B 53 -12.52 2.98 15.02
N GLY B 54 -13.84 3.05 15.30
CA GLY B 54 -14.49 2.08 16.18
C GLY B 54 -14.98 0.84 15.41
N SER B 55 -15.63 1.05 14.24
CA SER B 55 -16.14 -0.05 13.41
C SER B 55 -15.02 -0.59 12.50
N LEU B 56 -14.10 -1.36 13.09
CA LEU B 56 -12.97 -1.98 12.37
C LEU B 56 -13.16 -3.50 12.18
N ASP B 57 -14.24 -4.08 12.76
CA ASP B 57 -14.51 -5.53 12.64
C ASP B 57 -14.84 -5.96 11.19
N GLU B 58 -15.47 -5.07 10.38
CA GLU B 58 -15.84 -5.37 8.98
C GLU B 58 -14.57 -5.55 8.11
N LYS B 59 -13.52 -4.75 8.40
CA LYS B 59 -12.24 -4.83 7.67
C LYS B 59 -11.32 -5.90 8.30
N MET B 60 -11.19 -5.89 9.65
CA MET B 60 -10.33 -6.83 10.41
C MET B 60 -10.51 -8.30 9.98
N LYS B 61 -11.77 -8.78 9.84
CA LYS B 61 -12.04 -10.17 9.41
C LYS B 61 -11.49 -10.45 7.99
N SER B 62 -11.54 -9.43 7.11
CA SER B 62 -11.03 -9.56 5.73
C SER B 62 -9.49 -9.58 5.69
N LEU B 63 -8.83 -8.93 6.69
CA LEU B 63 -7.35 -8.88 6.77
C LEU B 63 -6.80 -10.26 7.20
N ASP B 64 -7.24 -10.74 8.38
CA ASP B 64 -6.82 -12.05 8.91
C ASP B 64 -7.66 -13.19 8.29
N VAL B 65 -7.24 -13.63 7.09
CA VAL B 65 -7.93 -14.71 6.35
C VAL B 65 -7.37 -16.12 6.67
N ASN B 66 -6.07 -16.19 7.06
CA ASN B 66 -5.42 -17.47 7.41
C ASN B 66 -5.93 -18.01 8.77
N GLN B 67 -6.30 -17.09 9.70
CA GLN B 67 -6.82 -17.43 11.04
C GLN B 67 -5.77 -18.11 11.92
N ASP B 68 -4.81 -17.30 12.44
CA ASP B 68 -3.73 -17.79 13.32
C ASP B 68 -3.20 -16.66 14.24
N SER B 69 -4.03 -15.62 14.51
CA SER B 69 -3.66 -14.46 15.35
C SER B 69 -2.35 -13.78 14.87
N GLU B 70 -2.18 -13.68 13.54
CA GLU B 70 -0.98 -13.05 12.94
C GLU B 70 -1.38 -12.23 11.69
N LEU B 71 -1.11 -10.91 11.74
CA LEU B 71 -1.43 -10.00 10.61
C LEU B 71 -0.17 -9.72 9.79
N LYS B 72 0.28 -10.74 9.04
CA LYS B 72 1.47 -10.63 8.17
C LYS B 72 1.17 -9.64 7.02
N PHE B 73 2.22 -9.07 6.39
CA PHE B 73 2.05 -8.09 5.27
C PHE B 73 1.10 -8.60 4.16
N ASN B 74 1.00 -9.94 3.99
CA ASN B 74 0.09 -10.54 2.98
C ASN B 74 -1.38 -10.48 3.48
N GLU B 75 -1.58 -10.64 4.81
CA GLU B 75 -2.93 -10.56 5.44
C GLU B 75 -3.31 -9.09 5.73
N TYR B 76 -2.32 -8.28 6.16
CA TYR B 76 -2.51 -6.83 6.43
C TYR B 76 -2.65 -6.03 5.11
N TRP B 77 -2.26 -6.66 3.96
CA TRP B 77 -2.33 -6.06 2.61
C TRP B 77 -3.75 -5.52 2.27
N ARG B 78 -4.82 -6.15 2.80
CA ARG B 78 -6.20 -5.71 2.54
C ARG B 78 -6.47 -4.31 3.15
N LEU B 79 -5.86 -4.02 4.33
CA LEU B 79 -6.03 -2.71 4.98
C LEU B 79 -5.17 -1.63 4.30
N ILE B 80 -3.98 -2.02 3.77
CA ILE B 80 -3.07 -1.06 3.07
C ILE B 80 -3.81 -0.42 1.86
N GLY B 81 -4.68 -1.22 1.18
CA GLY B 81 -5.46 -0.72 0.05
C GLY B 81 -6.55 0.24 0.50
N GLU B 82 -7.18 -0.05 1.67
CA GLU B 82 -8.23 0.82 2.26
C GLU B 82 -7.62 2.15 2.75
N LEU B 83 -6.33 2.11 3.18
CA LEU B 83 -5.61 3.32 3.62
C LEU B 83 -5.45 4.31 2.45
N ALA B 84 -5.12 3.78 1.25
CA ALA B 84 -4.95 4.61 0.04
C ALA B 84 -6.28 5.06 -0.59
N LYS B 85 -7.33 4.22 -0.49
CA LYS B 85 -8.65 4.53 -1.07
C LYS B 85 -9.45 5.54 -0.21
N GLU B 86 -9.17 5.60 1.11
CA GLU B 86 -9.89 6.52 2.03
C GLU B 86 -9.13 7.85 2.29
N ILE B 87 -8.09 8.18 1.49
CA ILE B 87 -7.33 9.44 1.66
C ILE B 87 -8.01 10.62 0.91
N ARG B 88 -8.41 10.39 -0.37
CA ARG B 88 -9.04 11.43 -1.19
C ARG B 88 -10.57 11.26 -1.28
N LYS B 89 -11.06 10.01 -1.22
CA LYS B 89 -12.49 9.72 -1.29
C LYS B 89 -12.99 8.83 -0.13
N LYS B 90 -12.85 9.34 1.12
CA LYS B 90 -13.33 8.61 2.32
C LYS B 90 -14.88 8.57 2.33
N LYS B 91 -15.51 9.71 1.96
CA LYS B 91 -16.98 9.82 1.88
C LYS B 91 -17.35 10.61 0.60
N ASP B 92 -17.08 9.98 -0.57
CA ASP B 92 -17.35 10.59 -1.90
C ASP B 92 -18.80 11.08 -2.11
N LEU B 93 -19.79 10.43 -1.47
CA LEU B 93 -21.21 10.81 -1.62
C LEU B 93 -21.59 12.04 -0.78
N LYS B 94 -20.99 12.18 0.43
CA LYS B 94 -21.27 13.33 1.32
C LYS B 94 -20.32 14.51 1.03
N ILE B 95 -18.99 14.27 1.11
CA ILE B 95 -17.96 15.30 0.87
C ILE B 95 -17.08 14.92 -0.34
N ARG B 96 -16.87 15.87 -1.28
CA ARG B 96 -16.06 15.61 -2.50
C ARG B 96 -15.29 16.87 -2.98
N LYS B 97 -14.54 17.52 -2.08
CA LYS B 97 -13.74 18.72 -2.43
C LYS B 97 -12.56 18.95 -1.44
N LYS B 98 -11.97 17.86 -0.92
CA LYS B 98 -10.84 17.97 0.04
C LYS B 98 -9.84 16.82 -0.16
NAA ANW C . -9.67 16.87 -10.66
NAB ANW C . -11.94 16.93 -11.18
CAC ANW C . -3.08 15.45 -5.68
CAD ANW C . -3.31 14.77 -7.02
CAE ANW C . -2.06 14.89 -7.90
CAF ANW C . -4.39 15.36 -7.67
CAG ANW C . -5.50 14.59 -8.00
CAH ANW C . -6.60 15.18 -8.60
CAI ANW C . -6.60 16.54 -8.88
CAJ ANW C . -5.49 17.31 -8.56
CAK ANW C . -4.39 16.72 -7.96
CAL ANW C . -8.68 16.32 -9.96
CAM ANW C . -10.87 16.26 -10.78
CAN ANW C . -11.10 15.01 -10.19
CAO ANW C . -10.07 14.43 -9.46
CAP ANW C . -8.86 15.08 -9.34
CAQ ANW C . -7.76 14.44 -8.79
CAR ANW C . -12.27 14.31 -10.45
OAS ANW C . -7.64 17.10 -9.56
OAT ANW C . -7.80 13.24 -8.53
OAU ANW C . -12.46 13.21 -9.89
OAV ANW C . -13.11 14.77 -11.26
HNAB ANW C . -11.84 17.83 -11.61
HNAA ANW C . -12.86 16.58 -10.98
HAC ANW C . -2.85 16.49 -5.91
HACA ANW C . -4.00 15.46 -5.10
HACB ANW C . -2.20 15.08 -5.14
HAD ANW C . -3.52 13.71 -6.86
HAE ANW C . -1.88 15.97 -8.01
HAEA ANW C . -1.19 14.52 -7.34
HAEB ANW C . -2.16 14.50 -8.90
HAG ANW C . -5.50 13.52 -7.78
HAJ ANW C . -5.46 18.37 -8.82
HAK ANW C . -3.51 17.33 -7.71
HAO ANW C . -10.25 13.49 -8.94
NAA ANW D . 17.37 -6.09 15.15
NAB ANW D . 18.51 -7.81 16.20
CAC ANW D . 15.05 -0.78 9.22
CAD ANW D . 14.31 -2.11 9.40
CAE ANW D . 12.80 -1.86 9.42
CAF ANW D . 14.71 -2.71 10.59
CAG ANW D . 15.41 -3.91 10.55
CAH ANW D . 15.95 -4.46 11.71
CAI ANW D . 15.75 -3.81 12.93
CAJ ANW D . 15.03 -2.62 12.97
CAK ANW D . 14.51 -2.07 11.81
CAL ANW D . 16.91 -5.54 14.02
CAM ANW D . 18.32 -7.03 15.15
CAN ANW D . 18.91 -7.44 13.95
CAO ANW D . 18.45 -6.89 12.76
CAP ANW D . 17.45 -5.93 12.79
CAQ ANW D . 16.84 -5.50 11.62
CAR ANW D . 20.05 -8.23 13.96
OAS ANW D . 16.24 -4.36 14.06
OAT ANW D . 17.08 -6.06 10.54
OAU ANW D . 20.56 -8.62 12.88
OAV ANW D . 20.60 -8.54 15.04
HNAB ANW D . 18.11 -7.56 17.08
HNAA ANW D . 19.03 -8.66 16.11
HAC ANW D . 14.77 -0.16 10.08
HACA ANW D . 16.12 -0.96 9.31
HACB ANW D . 14.75 -0.22 8.34
HAD ANW D . 14.55 -2.77 8.56
HAE ANW D . 12.61 -1.18 10.26
HAEA ANW D . 12.52 -1.30 8.52
HAEB ANW D . 12.20 -2.74 9.61
HAG ANW D . 15.49 -4.46 9.60
HAJ ANW D . 14.84 -2.14 13.93
HAK ANW D . 13.96 -1.12 11.85
HAO ANW D . 18.86 -7.23 11.81
N MET A 1 -11.98 14.03 -3.18
CA MET A 1 -11.46 13.78 -4.56
C MET A 1 -9.92 13.88 -4.64
N ALA A 2 -9.33 14.83 -3.89
CA ALA A 2 -7.87 15.05 -3.88
C ALA A 2 -7.24 14.61 -2.54
N ALA A 3 -5.94 14.28 -2.56
CA ALA A 3 -5.20 13.84 -1.36
C ALA A 3 -4.44 15.01 -0.73
N GLU A 4 -4.52 15.12 0.61
CA GLU A 4 -3.87 16.21 1.38
C GLU A 4 -2.92 15.62 2.47
N PRO A 5 -1.72 16.24 2.73
CA PRO A 5 -0.76 15.75 3.76
C PRO A 5 -1.33 15.83 5.20
N LEU A 6 -1.20 14.71 5.95
CA LEU A 6 -1.68 14.62 7.35
C LEU A 6 -0.54 14.07 8.27
N THR A 7 -0.82 13.10 9.18
CA THR A 7 0.20 12.51 10.08
C THR A 7 1.31 11.78 9.28
N GLU A 8 2.46 11.47 9.92
CA GLU A 8 3.60 10.77 9.27
C GLU A 8 3.18 9.46 8.57
N LEU A 9 2.30 8.65 9.21
CA LEU A 9 1.82 7.38 8.61
C LEU A 9 0.81 7.66 7.47
N GLU A 10 -0.06 8.68 7.67
CA GLU A 10 -1.07 9.08 6.67
C GLU A 10 -0.43 9.77 5.46
N GLU A 11 0.72 10.46 5.68
CA GLU A 11 1.46 11.16 4.60
C GLU A 11 2.29 10.19 3.75
N SER A 12 2.62 8.99 4.31
CA SER A 12 3.39 7.96 3.59
C SER A 12 2.68 7.51 2.30
N ILE A 13 1.41 7.05 2.43
CA ILE A 13 0.60 6.62 1.27
C ILE A 13 0.09 7.82 0.43
N GLU A 14 0.04 9.02 1.06
CA GLU A 14 -0.40 10.26 0.39
C GLU A 14 0.61 10.71 -0.69
N THR A 15 1.92 10.42 -0.47
CA THR A 15 3.00 10.78 -1.42
C THR A 15 2.80 10.14 -2.80
N VAL A 16 2.34 8.87 -2.84
CA VAL A 16 2.10 8.15 -4.11
C VAL A 16 0.87 8.73 -4.87
N VAL A 17 -0.09 9.34 -4.12
CA VAL A 17 -1.31 9.93 -4.72
C VAL A 17 -1.09 11.38 -5.24
N THR A 18 0.03 12.01 -4.86
CA THR A 18 0.35 13.39 -5.30
C THR A 18 1.58 13.47 -6.24
N THR A 19 2.36 12.38 -6.37
CA THR A 19 3.57 12.37 -7.23
C THR A 19 3.29 11.77 -8.62
N PHE A 20 2.85 10.48 -8.67
CA PHE A 20 2.58 9.79 -9.95
C PHE A 20 1.17 10.06 -10.49
N PHE A 21 0.16 10.16 -9.60
CA PHE A 21 -1.24 10.41 -10.03
C PHE A 21 -1.41 11.71 -10.84
N THR A 22 -0.47 12.67 -10.67
CA THR A 22 -0.50 13.95 -11.43
C THR A 22 -0.34 13.69 -12.95
N PHE A 23 0.40 12.62 -13.32
CA PHE A 23 0.63 12.24 -14.72
C PHE A 23 -0.34 11.12 -15.17
N ALA A 24 -0.72 10.23 -14.23
CA ALA A 24 -1.63 9.09 -14.54
C ALA A 24 -3.14 9.48 -14.57
N ARG A 25 -3.47 10.77 -14.34
CA ARG A 25 -4.88 11.24 -14.36
C ARG A 25 -5.41 11.54 -15.78
N GLN A 26 -4.51 11.62 -16.78
CA GLN A 26 -4.89 11.93 -18.18
C GLN A 26 -5.59 10.75 -18.90
N GLU A 27 -5.11 9.51 -18.70
CA GLU A 27 -5.69 8.33 -19.36
C GLU A 27 -6.65 7.55 -18.45
N GLY A 28 -7.97 7.59 -18.79
CA GLY A 28 -9.01 6.86 -18.06
C GLY A 28 -9.13 7.19 -16.57
N ARG A 29 -10.13 8.03 -16.20
CA ARG A 29 -10.41 8.42 -14.79
C ARG A 29 -9.24 9.17 -14.10
N LYS A 30 -9.56 9.97 -13.06
CA LYS A 30 -8.56 10.75 -12.30
C LYS A 30 -7.92 9.89 -11.18
N ASP A 31 -8.72 8.98 -10.58
CA ASP A 31 -8.24 8.08 -9.50
C ASP A 31 -7.94 6.67 -10.06
N SER A 32 -7.16 6.62 -11.17
CA SER A 32 -6.82 5.35 -11.83
C SER A 32 -5.52 5.47 -12.64
N LEU A 33 -4.69 4.40 -12.60
CA LEU A 33 -3.40 4.34 -13.32
C LEU A 33 -3.59 3.71 -14.71
N SER A 34 -2.78 4.12 -15.70
CA SER A 34 -2.87 3.58 -17.08
C SER A 34 -2.01 2.32 -17.25
N VAL A 35 -2.43 1.42 -18.18
CA VAL A 35 -1.71 0.15 -18.44
C VAL A 35 -0.27 0.36 -18.97
N ASN A 36 -0.03 1.49 -19.68
CA ASN A 36 1.30 1.81 -20.25
C ASN A 36 2.11 2.75 -19.32
N GLU A 37 1.42 3.67 -18.60
CA GLU A 37 2.10 4.63 -17.70
C GLU A 37 2.67 3.94 -16.44
N PHE A 38 1.89 2.99 -15.83
CA PHE A 38 2.34 2.27 -14.63
C PHE A 38 3.58 1.39 -14.94
N LYS A 39 3.61 0.82 -16.17
CA LYS A 39 4.72 -0.05 -16.62
C LYS A 39 6.04 0.75 -16.72
N GLU A 40 5.97 1.99 -17.25
CA GLU A 40 7.16 2.87 -17.38
C GLU A 40 7.66 3.37 -16.00
N LEU A 41 6.73 3.48 -15.01
CA LEU A 41 7.08 3.92 -13.65
C LEU A 41 7.95 2.88 -12.93
N VAL A 42 7.66 1.57 -13.15
CA VAL A 42 8.43 0.47 -12.52
C VAL A 42 9.86 0.35 -13.10
N THR A 43 10.05 0.78 -14.37
CA THR A 43 11.37 0.71 -15.03
C THR A 43 12.07 2.11 -15.11
N GLN A 44 11.69 3.07 -14.22
CA GLN A 44 12.29 4.42 -14.23
C GLN A 44 12.53 4.95 -12.80
N GLN A 45 11.44 5.13 -12.02
CA GLN A 45 11.56 5.64 -10.63
C GLN A 45 11.33 4.54 -9.56
N LEU A 46 11.08 3.28 -9.99
CA LEU A 46 10.86 2.16 -9.06
C LEU A 46 11.52 0.84 -9.55
N PRO A 47 12.80 0.86 -10.06
CA PRO A 47 13.47 -0.37 -10.54
C PRO A 47 14.10 -1.25 -9.43
N HIS A 48 14.67 -0.61 -8.37
CA HIS A 48 15.32 -1.34 -7.25
C HIS A 48 14.29 -2.04 -6.35
N LEU A 49 13.10 -1.41 -6.16
CA LEU A 49 12.02 -1.98 -5.32
C LEU A 49 11.50 -3.30 -5.93
N LEU A 50 11.02 -3.22 -7.19
CA LEU A 50 10.52 -4.39 -7.91
C LEU A 50 11.59 -4.85 -8.91
N LYS A 51 12.41 -5.85 -8.49
CA LYS A 51 13.50 -6.39 -9.33
C LYS A 51 13.02 -6.91 -10.71
N ASP A 52 11.75 -7.38 -10.79
CA ASP A 52 11.18 -7.90 -12.03
C ASP A 52 10.62 -6.77 -12.91
N VAL A 53 11.49 -6.15 -13.73
CA VAL A 53 11.09 -5.07 -14.65
C VAL A 53 10.62 -5.65 -15.99
N GLY A 54 11.30 -6.74 -16.45
CA GLY A 54 10.93 -7.42 -17.69
C GLY A 54 9.84 -8.48 -17.46
N SER A 55 9.82 -9.07 -16.25
CA SER A 55 8.83 -10.08 -15.87
C SER A 55 7.66 -9.43 -15.09
N LEU A 56 7.09 -8.34 -15.68
CA LEU A 56 5.97 -7.61 -15.07
C LEU A 56 4.60 -8.21 -15.50
N ASP A 57 4.58 -8.96 -16.63
CA ASP A 57 3.34 -9.59 -17.15
C ASP A 57 2.61 -10.45 -16.09
N GLU A 58 3.38 -11.12 -15.19
CA GLU A 58 2.79 -11.96 -14.12
C GLU A 58 1.96 -11.10 -13.14
N LYS A 59 2.47 -9.89 -12.81
CA LYS A 59 1.78 -8.94 -11.90
C LYS A 59 0.64 -8.21 -12.64
N MET A 60 0.89 -7.81 -13.91
CA MET A 60 -0.11 -7.08 -14.74
C MET A 60 -1.42 -7.90 -14.89
N LYS A 61 -1.31 -9.24 -15.06
CA LYS A 61 -2.47 -10.14 -15.20
C LYS A 61 -3.38 -10.10 -13.95
N SER A 62 -2.76 -9.96 -12.76
CA SER A 62 -3.48 -9.91 -11.48
C SER A 62 -4.17 -8.54 -11.28
N LEU A 63 -3.59 -7.46 -11.84
CA LEU A 63 -4.15 -6.11 -11.72
C LEU A 63 -5.41 -5.95 -12.59
N ASP A 64 -5.28 -6.27 -13.89
CA ASP A 64 -6.39 -6.16 -14.85
C ASP A 64 -7.38 -7.34 -14.72
N VAL A 65 -8.25 -7.27 -13.68
CA VAL A 65 -9.26 -8.32 -13.42
C VAL A 65 -10.64 -7.91 -14.01
N ASN A 66 -10.97 -6.60 -13.94
CA ASN A 66 -12.23 -6.06 -14.48
C ASN A 66 -12.21 -6.04 -16.03
N GLN A 67 -10.99 -5.89 -16.62
CA GLN A 67 -10.77 -5.86 -18.09
C GLN A 67 -11.49 -4.66 -18.74
N ASP A 68 -10.97 -3.45 -18.48
CA ASP A 68 -11.53 -2.20 -19.04
C ASP A 68 -10.42 -1.19 -19.41
N SER A 69 -9.15 -1.66 -19.53
CA SER A 69 -7.98 -0.80 -19.86
C SER A 69 -7.76 0.34 -18.82
N GLU A 70 -8.18 0.09 -17.56
CA GLU A 70 -8.04 1.07 -16.47
C GLU A 70 -7.64 0.36 -15.16
N LEU A 71 -6.61 0.89 -14.47
CA LEU A 71 -6.13 0.29 -13.20
C LEU A 71 -6.49 1.15 -11.99
N LYS A 72 -7.71 0.94 -11.44
CA LYS A 72 -8.16 1.68 -10.23
C LYS A 72 -7.35 1.18 -9.03
N PHE A 73 -7.49 1.83 -7.85
CA PHE A 73 -6.73 1.39 -6.65
C PHE A 73 -7.22 0.03 -6.13
N ASN A 74 -8.49 -0.33 -6.41
CA ASN A 74 -9.05 -1.64 -6.02
C ASN A 74 -8.43 -2.76 -6.89
N GLU A 75 -8.04 -2.40 -8.15
CA GLU A 75 -7.40 -3.32 -9.10
C GLU A 75 -5.86 -3.29 -8.93
N TYR A 76 -5.30 -2.07 -8.75
CA TYR A 76 -3.86 -1.86 -8.55
C TYR A 76 -3.39 -2.33 -7.14
N TRP A 77 -4.34 -2.62 -6.25
CA TRP A 77 -4.06 -3.10 -4.87
C TRP A 77 -3.11 -4.32 -4.83
N ARG A 78 -3.08 -5.14 -5.91
CA ARG A 78 -2.18 -6.33 -5.97
C ARG A 78 -0.71 -5.91 -6.04
N LEU A 79 -0.39 -4.83 -6.80
CA LEU A 79 0.99 -4.34 -6.91
C LEU A 79 1.36 -3.46 -5.69
N ILE A 80 0.35 -2.88 -4.99
CA ILE A 80 0.57 -2.09 -3.77
C ILE A 80 1.09 -3.00 -2.64
N GLY A 81 0.57 -4.25 -2.56
CA GLY A 81 1.02 -5.23 -1.57
C GLY A 81 2.44 -5.71 -1.87
N GLU A 82 2.74 -5.91 -3.17
CA GLU A 82 4.08 -6.34 -3.62
C GLU A 82 5.09 -5.16 -3.52
N LEU A 83 4.57 -3.92 -3.40
CA LEU A 83 5.40 -2.70 -3.27
C LEU A 83 6.21 -2.73 -1.95
N ALA A 84 5.51 -2.95 -0.80
CA ALA A 84 6.16 -3.03 0.52
C ALA A 84 6.64 -4.46 0.87
N LYS A 85 6.26 -5.46 0.04
CA LYS A 85 6.68 -6.86 0.25
C LYS A 85 8.05 -7.11 -0.40
N GLU A 86 8.30 -6.50 -1.58
CA GLU A 86 9.56 -6.66 -2.33
C GLU A 86 10.67 -5.67 -1.86
N ILE A 87 10.48 -4.98 -0.73
CA ILE A 87 11.49 -4.04 -0.18
C ILE A 87 12.26 -4.72 0.98
N ARG A 88 11.53 -5.48 1.84
CA ARG A 88 12.14 -6.19 2.98
C ARG A 88 12.33 -7.69 2.67
N LYS A 89 11.39 -8.31 1.92
CA LYS A 89 11.49 -9.74 1.56
C LYS A 89 11.27 -9.98 0.05
N LYS A 90 12.30 -9.62 -0.76
CA LYS A 90 12.26 -9.81 -2.24
C LYS A 90 12.99 -11.11 -2.63
N LYS A 91 14.26 -11.24 -2.17
CA LYS A 91 15.09 -12.44 -2.44
C LYS A 91 15.35 -13.18 -1.11
N ASP A 92 14.26 -13.46 -0.37
CA ASP A 92 14.34 -14.15 0.94
C ASP A 92 14.64 -15.66 0.78
N LEU A 93 15.91 -15.96 0.44
CA LEU A 93 16.39 -17.35 0.26
C LEU A 93 17.93 -17.38 0.23
N LYS A 94 18.53 -16.52 -0.62
CA LYS A 94 19.99 -16.42 -0.76
C LYS A 94 20.53 -15.20 0.02
N ILE A 95 19.93 -14.01 -0.20
CA ILE A 95 20.34 -12.78 0.49
C ILE A 95 19.17 -12.19 1.30
N ARG A 96 19.32 -12.12 2.63
CA ARG A 96 18.27 -11.59 3.52
C ARG A 96 18.87 -10.65 4.60
N LYS A 97 19.46 -9.52 4.14
CA LYS A 97 20.06 -8.51 5.05
C LYS A 97 20.35 -7.18 4.32
N LYS A 98 19.33 -6.29 4.27
CA LYS A 98 19.45 -4.96 3.64
C LYS A 98 18.80 -3.89 4.54
N MET B 1 16.05 -8.65 5.10
CA MET B 1 14.89 -8.79 5.99
C MET B 1 14.36 -7.43 6.47
N ALA B 2 15.27 -6.43 6.60
CA ALA B 2 14.89 -5.07 7.05
C ALA B 2 14.73 -4.12 5.85
N ALA B 3 13.87 -3.09 6.03
CA ALA B 3 13.60 -2.11 4.98
C ALA B 3 14.63 -0.96 4.98
N GLU B 4 15.34 -0.78 3.84
CA GLU B 4 16.35 0.28 3.68
C GLU B 4 15.80 1.43 2.79
N PRO B 5 16.10 2.75 3.11
CA PRO B 5 15.59 3.90 2.32
C PRO B 5 15.97 3.88 0.82
N LEU B 6 15.02 4.30 -0.04
CA LEU B 6 15.20 4.35 -1.52
C LEU B 6 14.65 5.69 -2.10
N THR B 7 14.35 5.75 -3.43
CA THR B 7 13.80 6.98 -4.06
C THR B 7 12.46 7.41 -3.41
N GLU B 8 12.04 8.69 -3.60
CA GLU B 8 10.77 9.23 -3.01
C GLU B 8 9.57 8.26 -3.13
N LEU B 9 9.31 7.71 -4.33
CA LEU B 9 8.18 6.76 -4.54
C LEU B 9 8.45 5.40 -3.86
N GLU B 10 9.71 4.92 -3.94
CA GLU B 10 10.13 3.66 -3.31
C GLU B 10 10.17 3.76 -1.77
N GLU B 11 10.36 5.00 -1.26
CA GLU B 11 10.44 5.28 0.19
C GLU B 11 9.03 5.52 0.82
N SER B 12 7.98 5.66 -0.02
CA SER B 12 6.60 5.87 0.47
C SER B 12 6.14 4.68 1.34
N ILE B 13 6.35 3.45 0.85
CA ILE B 13 5.99 2.23 1.60
C ILE B 13 7.12 1.81 2.57
N GLU B 14 8.36 2.28 2.30
CA GLU B 14 9.53 2.00 3.17
C GLU B 14 9.36 2.66 4.55
N THR B 15 8.81 3.90 4.55
CA THR B 15 8.55 4.66 5.80
C THR B 15 7.46 3.99 6.66
N VAL B 16 6.48 3.32 6.00
CA VAL B 16 5.39 2.60 6.71
C VAL B 16 5.97 1.38 7.48
N VAL B 17 6.97 0.70 6.90
CA VAL B 17 7.61 -0.47 7.53
C VAL B 17 8.49 -0.03 8.73
N THR B 18 9.38 0.97 8.52
CA THR B 18 10.30 1.46 9.58
C THR B 18 9.59 1.99 10.84
N THR B 19 8.44 2.66 10.68
CA THR B 19 7.69 3.23 11.82
C THR B 19 6.97 2.18 12.69
N PHE B 20 6.52 1.05 12.09
CA PHE B 20 5.78 0.01 12.85
C PHE B 20 6.51 -1.35 12.94
N PHE B 21 7.68 -1.55 12.28
CA PHE B 21 8.40 -2.85 12.34
C PHE B 21 8.92 -3.15 13.77
N THR B 22 9.36 -2.11 14.50
CA THR B 22 9.86 -2.27 15.88
C THR B 22 8.74 -2.77 16.83
N PHE B 23 7.49 -2.30 16.58
CA PHE B 23 6.32 -2.72 17.36
C PHE B 23 5.71 -4.03 16.80
N ALA B 24 5.94 -4.30 15.49
CA ALA B 24 5.44 -5.52 14.82
C ALA B 24 6.20 -6.78 15.28
N ARG B 25 7.43 -6.62 15.84
CA ARG B 25 8.24 -7.76 16.33
C ARG B 25 7.98 -8.06 17.83
N GLN B 26 6.79 -7.69 18.35
CA GLN B 26 6.42 -7.93 19.75
C GLN B 26 5.79 -9.32 19.93
N GLU B 27 5.03 -9.78 18.91
CA GLU B 27 4.35 -11.10 18.93
C GLU B 27 4.99 -12.04 17.89
N GLY B 28 4.27 -13.11 17.46
CA GLY B 28 4.79 -14.07 16.49
C GLY B 28 5.17 -13.45 15.13
N ARG B 29 6.24 -14.00 14.50
CA ARG B 29 6.76 -13.53 13.19
C ARG B 29 7.22 -12.06 13.22
N LYS B 30 8.48 -11.81 12.80
CA LYS B 30 9.05 -10.45 12.77
C LYS B 30 8.41 -9.61 11.64
N ASP B 31 8.22 -10.23 10.46
CA ASP B 31 7.59 -9.55 9.30
C ASP B 31 6.06 -9.77 9.33
N SER B 32 5.42 -9.44 10.48
CA SER B 32 3.97 -9.61 10.65
C SER B 32 3.42 -8.69 11.74
N LEU B 33 2.19 -8.18 11.52
CA LEU B 33 1.51 -7.28 12.46
C LEU B 33 0.61 -8.08 13.43
N SER B 34 0.10 -7.43 14.48
CA SER B 34 -0.78 -8.08 15.48
C SER B 34 -2.24 -7.64 15.30
N VAL B 35 -3.18 -8.45 15.83
CA VAL B 35 -4.64 -8.15 15.73
C VAL B 35 -5.07 -7.02 16.71
N ASN B 36 -4.31 -6.85 17.81
CA ASN B 36 -4.61 -5.82 18.83
C ASN B 36 -3.80 -4.52 18.61
N GLU B 37 -2.54 -4.64 18.14
CA GLU B 37 -1.67 -3.46 17.90
C GLU B 37 -2.11 -2.64 16.66
N PHE B 38 -2.48 -3.33 15.55
CA PHE B 38 -2.93 -2.62 14.32
C PHE B 38 -4.24 -1.82 14.58
N LYS B 39 -5.11 -2.34 15.47
CA LYS B 39 -6.38 -1.66 15.84
C LYS B 39 -6.08 -0.37 16.64
N GLU B 40 -5.04 -0.40 17.50
CA GLU B 40 -4.65 0.77 18.32
C GLU B 40 -3.87 1.81 17.48
N LEU B 41 -3.12 1.35 16.45
CA LEU B 41 -2.36 2.24 15.56
C LEU B 41 -3.29 3.17 14.76
N VAL B 42 -4.48 2.65 14.40
CA VAL B 42 -5.49 3.41 13.66
C VAL B 42 -6.26 4.40 14.58
N THR B 43 -6.32 4.10 15.89
CA THR B 43 -7.03 4.94 16.87
C THR B 43 -6.13 6.03 17.51
N GLN B 44 -4.80 6.03 17.24
CA GLN B 44 -3.88 7.03 17.82
C GLN B 44 -3.02 7.75 16.76
N GLN B 45 -2.34 7.00 15.88
CA GLN B 45 -1.44 7.60 14.86
C GLN B 45 -2.06 7.65 13.43
N LEU B 46 -3.23 7.02 13.20
CA LEU B 46 -3.88 7.02 11.87
C LEU B 46 -5.43 7.13 11.98
N PRO B 47 -6.00 8.07 12.79
CA PRO B 47 -7.47 8.21 12.94
C PRO B 47 -8.16 9.07 11.85
N HIS B 48 -7.44 10.06 11.29
CA HIS B 48 -8.02 10.95 10.26
C HIS B 48 -8.14 10.28 8.87
N LEU B 49 -7.36 9.19 8.63
CA LEU B 49 -7.40 8.47 7.35
C LEU B 49 -8.65 7.58 7.25
N LEU B 50 -8.87 6.73 8.28
CA LEU B 50 -10.04 5.84 8.35
C LEU B 50 -11.11 6.49 9.25
N LYS B 51 -12.20 7.00 8.63
CA LYS B 51 -13.30 7.70 9.38
C LYS B 51 -13.88 6.83 10.52
N ASP B 52 -14.02 5.51 10.31
CA ASP B 52 -14.56 4.60 11.33
C ASP B 52 -13.41 3.95 12.11
N VAL B 53 -12.92 4.67 13.15
CA VAL B 53 -11.80 4.18 13.99
C VAL B 53 -12.25 3.02 14.92
N GLY B 54 -13.55 3.00 15.31
CA GLY B 54 -14.08 1.95 16.17
C GLY B 54 -14.56 0.71 15.40
N SER B 55 -15.21 0.91 14.23
CA SER B 55 -15.72 -0.22 13.42
C SER B 55 -14.65 -0.73 12.44
N LEU B 56 -13.76 -1.61 12.97
CA LEU B 56 -12.69 -2.23 12.18
C LEU B 56 -12.95 -3.76 12.00
N ASP B 57 -14.13 -4.25 12.44
CA ASP B 57 -14.50 -5.68 12.34
C ASP B 57 -14.76 -6.13 10.88
N GLU B 58 -15.22 -5.19 10.02
CA GLU B 58 -15.50 -5.51 8.60
C GLU B 58 -14.20 -5.81 7.82
N LYS B 59 -13.13 -5.01 8.09
CA LYS B 59 -11.82 -5.18 7.44
C LYS B 59 -11.04 -6.34 8.08
N MET B 60 -11.07 -6.43 9.43
CA MET B 60 -10.35 -7.49 10.19
C MET B 60 -10.66 -8.92 9.68
N LYS B 61 -11.91 -9.17 9.24
CA LYS B 61 -12.31 -10.49 8.71
C LYS B 61 -11.61 -10.80 7.37
N SER B 62 -11.57 -9.81 6.45
CA SER B 62 -10.92 -9.97 5.14
C SER B 62 -9.39 -10.00 5.26
N LEU B 63 -8.82 -9.23 6.23
CA LEU B 63 -7.37 -9.18 6.45
C LEU B 63 -6.86 -10.53 7.01
N ASP B 64 -7.45 -10.97 8.15
CA ASP B 64 -7.08 -12.23 8.80
C ASP B 64 -8.02 -13.37 8.33
N VAL B 65 -8.06 -13.60 6.99
CA VAL B 65 -8.91 -14.65 6.39
C VAL B 65 -8.25 -16.05 6.49
N ASN B 66 -6.91 -16.09 6.51
CA ASN B 66 -6.14 -17.35 6.63
C ASN B 66 -6.32 -17.98 8.04
N GLN B 67 -6.64 -17.13 9.05
CA GLN B 67 -6.87 -17.55 10.46
C GLN B 67 -5.61 -18.13 11.11
N ASP B 68 -4.80 -17.23 11.72
CA ASP B 68 -3.55 -17.63 12.41
C ASP B 68 -3.09 -16.54 13.42
N SER B 69 -4.08 -15.86 14.07
CA SER B 69 -3.84 -14.79 15.06
C SER B 69 -3.14 -13.54 14.48
N GLU B 70 -1.81 -13.63 14.20
CA GLU B 70 -1.03 -12.50 13.64
C GLU B 70 -1.35 -12.26 12.15
N LEU B 71 -1.39 -10.98 11.76
CA LEU B 71 -1.67 -10.57 10.37
C LEU B 71 -0.37 -10.23 9.62
N LYS B 72 0.14 -11.19 8.81
CA LYS B 72 1.37 -10.98 8.00
C LYS B 72 1.09 -9.92 6.92
N PHE B 73 2.09 -9.49 6.12
CA PHE B 73 1.84 -8.47 5.07
C PHE B 73 0.88 -9.01 3.97
N ASN B 74 0.82 -10.35 3.78
CA ASN B 74 -0.12 -10.99 2.83
C ASN B 74 -1.56 -10.87 3.37
N GLU B 75 -1.69 -10.94 4.72
CA GLU B 75 -2.99 -10.79 5.41
C GLU B 75 -3.31 -9.28 5.58
N TYR B 76 -2.27 -8.47 5.91
CA TYR B 76 -2.38 -7.01 6.05
C TYR B 76 -2.13 -6.38 4.66
N TRP B 77 -3.03 -6.73 3.71
CA TRP B 77 -2.95 -6.30 2.31
C TRP B 77 -4.13 -5.36 1.96
N ARG B 78 -5.35 -5.75 2.36
CA ARG B 78 -6.58 -4.97 2.09
C ARG B 78 -6.59 -3.59 2.76
N LEU B 79 -5.90 -3.45 3.92
CA LEU B 79 -5.84 -2.15 4.65
C LEU B 79 -4.83 -1.19 3.99
N ILE B 80 -3.77 -1.74 3.34
CA ILE B 80 -2.78 -0.91 2.63
C ILE B 80 -3.44 -0.27 1.40
N GLY B 81 -4.35 -1.03 0.73
CA GLY B 81 -5.10 -0.53 -0.42
C GLY B 81 -6.11 0.54 0.02
N GLU B 82 -6.80 0.28 1.15
CA GLU B 82 -7.78 1.22 1.74
C GLU B 82 -7.05 2.46 2.31
N LEU B 83 -5.76 2.30 2.71
CA LEU B 83 -4.94 3.40 3.25
C LEU B 83 -4.83 4.57 2.24
N ALA B 84 -4.46 4.26 0.98
CA ALA B 84 -4.33 5.29 -0.08
C ALA B 84 -5.67 5.56 -0.81
N LYS B 85 -6.67 4.66 -0.66
CA LYS B 85 -7.99 4.85 -1.29
C LYS B 85 -8.86 5.82 -0.48
N GLU B 86 -8.85 5.67 0.85
CA GLU B 86 -9.64 6.52 1.76
C GLU B 86 -9.05 7.95 1.88
N ILE B 87 -7.71 8.09 1.67
CA ILE B 87 -7.02 9.41 1.73
C ILE B 87 -7.74 10.49 0.86
N ARG B 88 -8.26 10.07 -0.32
CA ARG B 88 -8.97 10.99 -1.25
C ARG B 88 -10.50 10.73 -1.27
N LYS B 89 -10.93 9.45 -1.26
CA LYS B 89 -12.36 9.09 -1.30
C LYS B 89 -12.78 8.18 -0.12
N LYS B 90 -12.80 8.76 1.09
CA LYS B 90 -13.22 8.03 2.32
C LYS B 90 -14.76 8.04 2.44
N LYS B 91 -15.38 9.20 2.14
CA LYS B 91 -16.84 9.37 2.18
C LYS B 91 -17.29 10.19 0.96
N ASP B 92 -17.07 9.63 -0.23
CA ASP B 92 -17.38 10.29 -1.53
C ASP B 92 -18.89 10.26 -1.86
N LEU B 93 -19.65 11.14 -1.19
CA LEU B 93 -21.11 11.29 -1.41
C LEU B 93 -21.59 12.65 -0.89
N LYS B 94 -21.28 12.95 0.39
CA LYS B 94 -21.65 14.22 1.04
C LYS B 94 -20.50 15.24 0.89
N ILE B 95 -19.24 14.79 1.12
CA ILE B 95 -18.05 15.64 1.01
C ILE B 95 -17.00 15.00 0.07
N ARG B 96 -16.43 15.82 -0.86
CA ARG B 96 -15.42 15.35 -1.83
C ARG B 96 -14.65 16.53 -2.44
N LYS B 97 -14.01 17.36 -1.59
CA LYS B 97 -13.23 18.54 -2.05
C LYS B 97 -12.27 19.06 -0.95
N LYS B 98 -11.45 18.16 -0.38
CA LYS B 98 -10.48 18.53 0.66
C LYS B 98 -9.07 18.05 0.27
NAA ANW C . -10.13 17.92 -10.86
NAB ANW C . -12.19 18.13 -11.93
CAC ANW C . -3.79 15.03 -6.04
CAD ANW C . -4.31 14.47 -7.37
CAE ANW C . -3.16 14.33 -8.35
CAF ANW C . -5.28 15.32 -7.90
CAG ANW C . -6.54 14.81 -8.21
CAH ANW C . -7.51 15.64 -8.76
CAI ANW C . -7.21 16.97 -9.04
CAJ ANW C . -5.96 17.48 -8.74
CAK ANW C . -4.99 16.66 -8.16
CAL ANW C . -9.28 17.17 -10.16
CAM ANW C . -11.42 17.58 -10.99
CAN ANW C . -11.92 16.45 -10.37
CAO ANW C . -11.05 15.65 -9.63
CAP ANW C . -9.73 16.02 -9.52
CAQ ANW C . -8.79 15.16 -8.95
CAR ANW C . -13.29 16.20 -10.34
OAS ANW C . -8.10 17.73 -9.73
OAT ANW C . -9.12 14.02 -8.61
OAU ANW C . -13.72 15.13 -9.84
OAV ANW C . -14.10 17.04 -10.79
HNAB ANW C . -11.88 18.94 -12.41
HNAA ANW C . -13.06 17.70 -12.17
HAC ANW C . -3.35 16.00 -6.27
HACA ANW C . -4.64 15.25 -5.39
HACB ANW C . -3.00 14.45 -5.58
HAD ANW C . -4.75 13.49 -7.19
HAE ANW C . -2.74 15.34 -8.48
HAEA ANW C . -2.35 13.75 -7.90
HAEB ANW C . -3.45 14.01 -9.35
HAG ANW C . -6.77 13.77 -7.99
HAJ ANW C . -5.73 18.52 -8.93
HAK ANW C . -4.00 17.05 -7.92
HAO ANW C . -11.43 14.77 -9.10
NAA ANW D . 20.39 -3.50 12.61
NAB ANW D . 22.21 -4.88 12.96
CAC ANW D . 12.62 -1.68 9.92
CAD ANW D . 13.13 -1.50 11.36
CAE ANW D . 12.82 -0.07 11.82
CAF ANW D . 14.50 -1.72 11.40
CAG ANW D . 15.00 -2.76 12.17
CAH ANW D . 16.37 -3.01 12.21
CAI ANW D . 17.24 -2.20 11.50
CAJ ANW D . 16.74 -1.15 10.72
CAK ANW D . 15.38 -0.92 10.67
CAL ANW D . 19.07 -3.35 12.45
CAM ANW D . 20.91 -4.62 13.10
CAN ANW D . 20.10 -5.68 13.49
CAO ANW D . 18.73 -5.56 13.33
CAP ANW D . 18.20 -4.38 12.81
CAQ ANW D . 16.84 -4.15 12.84
CAR ANW D . 20.64 -6.75 14.20
OAS ANW D . 18.59 -2.38 11.62
OAT ANW D . 16.07 -4.94 13.39
OAU ANW D . 19.90 -7.72 14.49
OAV ANW D . 21.83 -6.74 14.57
HNAB ANW D . 22.84 -4.17 12.68
HNAA ANW D . 22.55 -5.81 13.12
HAC ANW D . 13.12 -0.93 9.32
HACA ANW D . 12.97 -2.65 9.54
HACB ANW D . 11.56 -1.51 9.80
HAD ANW D . 12.63 -2.21 12.01
HAE ANW D . 13.31 0.60 11.12
HAEA ANW D . 11.75 0.13 11.71
HAEB ANW D . 13.22 0.18 12.80
HAG ANW D . 14.32 -3.41 12.71
HAJ ANW D . 17.43 -0.53 10.14
HAK ANW D . 14.99 -0.12 10.03
HAO ANW D . 18.07 -6.38 13.62
N MET A 1 -12.29 14.46 -3.70
CA MET A 1 -11.29 13.54 -4.32
C MET A 1 -9.96 14.26 -4.60
N ALA A 2 -9.19 14.50 -3.51
CA ALA A 2 -7.88 15.15 -3.59
C ALA A 2 -6.97 14.64 -2.46
N ALA A 3 -5.71 14.33 -2.78
CA ALA A 3 -4.74 13.82 -1.79
C ALA A 3 -4.00 14.98 -1.10
N GLU A 4 -4.32 15.22 0.19
CA GLU A 4 -3.70 16.31 0.98
C GLU A 4 -2.75 15.74 2.06
N PRO A 5 -1.55 16.37 2.31
CA PRO A 5 -0.60 15.88 3.34
C PRO A 5 -1.16 15.95 4.77
N LEU A 6 -0.96 14.85 5.53
CA LEU A 6 -1.44 14.74 6.93
C LEU A 6 -0.30 14.15 7.83
N THR A 7 -0.60 13.20 8.76
CA THR A 7 0.41 12.61 9.67
C THR A 7 1.52 11.86 8.87
N GLU A 8 2.63 11.48 9.54
CA GLU A 8 3.76 10.77 8.88
C GLU A 8 3.32 9.49 8.12
N LEU A 9 2.44 8.67 8.72
CA LEU A 9 1.95 7.43 8.08
C LEU A 9 0.89 7.75 7.00
N GLU A 10 0.05 8.77 7.25
CA GLU A 10 -0.99 9.20 6.29
C GLU A 10 -0.36 9.97 5.10
N GLU A 11 0.78 10.66 5.35
CA GLU A 11 1.50 11.41 4.30
C GLU A 11 2.28 10.45 3.39
N SER A 12 2.71 9.28 3.94
CA SER A 12 3.45 8.25 3.16
C SER A 12 2.56 7.70 2.02
N ILE A 13 1.31 7.30 2.37
CA ILE A 13 0.35 6.77 1.37
C ILE A 13 -0.21 7.90 0.46
N GLU A 14 -0.04 9.17 0.88
CA GLU A 14 -0.49 10.35 0.11
C GLU A 14 0.53 10.70 -0.99
N THR A 15 1.84 10.64 -0.65
CA THR A 15 2.93 10.94 -1.60
C THR A 15 2.91 10.01 -2.83
N VAL A 16 2.54 8.73 -2.64
CA VAL A 16 2.45 7.75 -3.75
C VAL A 16 1.34 8.19 -4.75
N VAL A 17 0.29 8.86 -4.23
CA VAL A 17 -0.83 9.34 -5.05
C VAL A 17 -0.45 10.64 -5.82
N THR A 18 -0.18 11.75 -5.09
CA THR A 18 0.14 13.07 -5.70
C THR A 18 1.31 13.06 -6.72
N THR A 19 2.35 12.24 -6.48
CA THR A 19 3.53 12.19 -7.38
C THR A 19 3.23 11.63 -8.78
N PHE A 20 2.43 10.55 -8.88
CA PHE A 20 2.13 9.92 -10.19
C PHE A 20 0.68 10.19 -10.70
N PHE A 21 -0.26 10.56 -9.82
CA PHE A 21 -1.66 10.81 -10.25
C PHE A 21 -1.79 12.07 -11.16
N THR A 22 -0.80 12.98 -11.11
CA THR A 22 -0.80 14.19 -11.97
C THR A 22 -0.69 13.82 -13.47
N PHE A 23 0.09 12.75 -13.76
CA PHE A 23 0.27 12.25 -15.14
C PHE A 23 -0.63 11.04 -15.45
N ALA A 24 -1.06 10.28 -14.42
CA ALA A 24 -1.93 9.09 -14.60
C ALA A 24 -3.42 9.45 -14.80
N ARG A 25 -3.84 10.64 -14.33
CA ARG A 25 -5.26 11.10 -14.46
C ARG A 25 -5.67 11.41 -15.92
N GLN A 26 -4.69 11.60 -16.82
CA GLN A 26 -4.97 11.95 -18.23
C GLN A 26 -5.62 10.79 -19.03
N GLU A 27 -5.36 9.52 -18.64
CA GLU A 27 -5.90 8.34 -19.35
C GLU A 27 -6.80 7.47 -18.47
N GLY A 28 -8.04 7.19 -18.95
CA GLY A 28 -9.01 6.34 -18.24
C GLY A 28 -9.31 6.78 -16.81
N ARG A 29 -10.40 7.56 -16.62
CA ARG A 29 -10.83 8.06 -15.28
C ARG A 29 -9.74 8.96 -14.64
N LYS A 30 -10.10 9.64 -13.54
CA LYS A 30 -9.17 10.53 -12.82
C LYS A 30 -8.26 9.74 -11.85
N ASP A 31 -8.87 9.03 -10.88
CA ASP A 31 -8.10 8.23 -9.90
C ASP A 31 -7.93 6.78 -10.38
N SER A 32 -7.15 6.61 -11.47
CA SER A 32 -6.87 5.28 -12.06
C SER A 32 -5.60 5.32 -12.93
N LEU A 33 -4.70 4.35 -12.73
CA LEU A 33 -3.44 4.26 -13.51
C LEU A 33 -3.71 3.57 -14.86
N SER A 34 -2.84 3.85 -15.86
CA SER A 34 -2.98 3.23 -17.20
C SER A 34 -2.08 2.00 -17.33
N VAL A 35 -2.48 1.03 -18.17
CA VAL A 35 -1.72 -0.22 -18.38
C VAL A 35 -0.30 0.03 -18.99
N ASN A 36 -0.14 1.13 -19.76
CA ASN A 36 1.15 1.48 -20.39
C ASN A 36 1.96 2.50 -19.57
N GLU A 37 1.27 3.44 -18.88
CA GLU A 37 1.94 4.49 -18.07
C GLU A 37 2.61 3.91 -16.81
N PHE A 38 1.92 2.98 -16.11
CA PHE A 38 2.47 2.34 -14.89
C PHE A 38 3.75 1.51 -15.23
N LYS A 39 3.79 0.92 -16.45
CA LYS A 39 4.93 0.12 -16.92
C LYS A 39 6.23 0.97 -16.98
N GLU A 40 6.11 2.25 -17.38
CA GLU A 40 7.27 3.16 -17.45
C GLU A 40 7.76 3.57 -16.05
N LEU A 41 6.83 3.67 -15.08
CA LEU A 41 7.14 4.05 -13.70
C LEU A 41 8.02 2.99 -12.99
N VAL A 42 7.74 1.69 -13.25
CA VAL A 42 8.50 0.58 -12.65
C VAL A 42 9.92 0.44 -13.27
N THR A 43 10.09 0.87 -14.54
CA THR A 43 11.40 0.77 -15.23
C THR A 43 12.13 2.14 -15.28
N GLN A 44 11.78 3.10 -14.38
CA GLN A 44 12.43 4.43 -14.37
C GLN A 44 12.52 5.03 -12.96
N GLN A 45 11.38 5.18 -12.25
CA GLN A 45 11.36 5.76 -10.88
C GLN A 45 11.24 4.69 -9.78
N LEU A 46 10.91 3.43 -10.14
CA LEU A 46 10.78 2.34 -9.16
C LEU A 46 11.40 1.00 -9.68
N PRO A 47 12.67 1.01 -10.22
CA PRO A 47 13.31 -0.22 -10.73
C PRO A 47 14.05 -1.05 -9.65
N HIS A 48 14.57 -0.39 -8.59
CA HIS A 48 15.30 -1.09 -7.51
C HIS A 48 14.37 -1.82 -6.53
N LEU A 49 13.07 -1.42 -6.47
CA LEU A 49 12.10 -2.06 -5.56
C LEU A 49 11.69 -3.44 -6.09
N LEU A 50 11.19 -3.50 -7.34
CA LEU A 50 10.81 -4.78 -7.97
C LEU A 50 12.01 -5.34 -8.73
N LYS A 51 12.54 -6.51 -8.28
CA LYS A 51 13.73 -7.15 -8.90
C LYS A 51 13.56 -7.45 -10.41
N ASP A 52 12.33 -7.80 -10.84
CA ASP A 52 12.06 -8.12 -12.25
C ASP A 52 11.30 -6.95 -12.92
N VAL A 53 12.06 -6.00 -13.49
CA VAL A 53 11.48 -4.83 -14.18
C VAL A 53 10.97 -5.18 -15.58
N GLY A 54 11.59 -6.20 -16.22
CA GLY A 54 11.19 -6.64 -17.56
C GLY A 54 9.90 -7.45 -17.56
N SER A 55 9.90 -8.56 -16.80
CA SER A 55 8.73 -9.45 -16.72
C SER A 55 7.73 -8.97 -15.64
N LEU A 56 6.81 -8.07 -16.05
CA LEU A 56 5.78 -7.52 -15.14
C LEU A 56 4.37 -8.06 -15.48
N ASP A 57 4.28 -8.98 -16.48
CA ASP A 57 2.99 -9.56 -16.90
C ASP A 57 2.36 -10.50 -15.84
N GLU A 58 3.21 -11.14 -15.00
CA GLU A 58 2.73 -12.05 -13.94
C GLU A 58 1.86 -11.29 -12.91
N LYS A 59 2.27 -10.04 -12.57
CA LYS A 59 1.52 -9.18 -11.63
C LYS A 59 0.47 -8.36 -12.38
N MET A 60 0.78 -7.93 -13.64
CA MET A 60 -0.15 -7.13 -14.46
C MET A 60 -1.49 -7.87 -14.68
N LYS A 61 -1.43 -9.22 -14.84
CA LYS A 61 -2.64 -10.04 -15.01
C LYS A 61 -3.51 -10.01 -13.72
N SER A 62 -2.84 -9.93 -12.55
CA SER A 62 -3.54 -9.85 -11.25
C SER A 62 -4.11 -8.43 -11.03
N LEU A 63 -3.47 -7.39 -11.64
CA LEU A 63 -3.94 -6.00 -11.53
C LEU A 63 -5.19 -5.79 -12.38
N ASP A 64 -5.08 -5.99 -13.72
CA ASP A 64 -6.22 -5.84 -14.63
C ASP A 64 -7.05 -7.13 -14.65
N VAL A 65 -7.76 -7.39 -13.54
CA VAL A 65 -8.59 -8.59 -13.37
C VAL A 65 -10.05 -8.35 -13.87
N ASN A 66 -10.46 -7.07 -13.98
CA ASN A 66 -11.82 -6.70 -14.44
C ASN A 66 -11.92 -6.65 -15.98
N GLN A 67 -10.77 -6.63 -16.69
CA GLN A 67 -10.72 -6.57 -18.17
C GLN A 67 -11.42 -5.31 -18.71
N ASP A 68 -11.03 -4.14 -18.16
CA ASP A 68 -11.61 -2.84 -18.56
C ASP A 68 -10.55 -1.89 -19.18
N SER A 69 -9.29 -2.38 -19.33
CA SER A 69 -8.17 -1.56 -19.87
C SER A 69 -7.83 -0.36 -18.95
N GLU A 70 -8.14 -0.49 -17.63
CA GLU A 70 -7.89 0.56 -16.64
C GLU A 70 -7.39 -0.07 -15.32
N LEU A 71 -6.24 0.40 -14.82
CA LEU A 71 -5.68 -0.12 -13.56
C LEU A 71 -6.03 0.82 -12.38
N LYS A 72 -7.33 0.82 -12.03
CA LYS A 72 -7.84 1.65 -10.90
C LYS A 72 -7.24 1.16 -9.59
N PHE A 73 -7.23 2.01 -8.54
CA PHE A 73 -6.63 1.64 -7.24
C PHE A 73 -7.21 0.35 -6.61
N ASN A 74 -8.50 0.04 -6.88
CA ASN A 74 -9.13 -1.20 -6.36
C ASN A 74 -8.55 -2.43 -7.09
N GLU A 75 -8.18 -2.26 -8.38
CA GLU A 75 -7.58 -3.33 -9.20
C GLU A 75 -6.04 -3.31 -9.09
N TYR A 76 -5.45 -2.09 -8.97
CA TYR A 76 -4.00 -1.87 -8.85
C TYR A 76 -3.47 -2.14 -7.41
N TRP A 77 -4.37 -2.48 -6.46
CA TRP A 77 -3.98 -2.77 -5.06
C TRP A 77 -3.06 -4.01 -4.93
N ARG A 78 -3.08 -4.92 -5.93
CA ARG A 78 -2.22 -6.13 -5.92
C ARG A 78 -0.73 -5.77 -6.02
N LEU A 79 -0.40 -4.65 -6.73
CA LEU A 79 1.00 -4.20 -6.88
C LEU A 79 1.43 -3.39 -5.64
N ILE A 80 0.47 -2.71 -4.97
CA ILE A 80 0.75 -1.94 -3.74
C ILE A 80 1.22 -2.90 -2.62
N GLY A 81 0.58 -4.10 -2.55
CA GLY A 81 0.97 -5.12 -1.58
C GLY A 81 2.36 -5.69 -1.89
N GLU A 82 2.67 -5.86 -3.19
CA GLU A 82 3.99 -6.35 -3.64
C GLU A 82 5.05 -5.23 -3.56
N LEU A 83 4.60 -3.95 -3.59
CA LEU A 83 5.51 -2.78 -3.49
C LEU A 83 6.20 -2.75 -2.11
N ALA A 84 5.39 -2.84 -1.04
CA ALA A 84 5.89 -2.83 0.34
C ALA A 84 6.54 -4.17 0.75
N LYS A 85 6.05 -5.29 0.18
CA LYS A 85 6.58 -6.64 0.49
C LYS A 85 7.93 -6.89 -0.22
N GLU A 86 8.20 -6.20 -1.35
CA GLU A 86 9.45 -6.39 -2.10
C GLU A 86 10.51 -5.30 -1.80
N ILE A 87 10.54 -4.78 -0.55
CA ILE A 87 11.53 -3.76 -0.14
C ILE A 87 12.56 -4.38 0.84
N ARG A 88 12.08 -5.24 1.77
CA ARG A 88 12.95 -5.90 2.76
C ARG A 88 13.19 -7.39 2.43
N LYS A 89 12.22 -8.04 1.74
CA LYS A 89 12.34 -9.47 1.39
C LYS A 89 12.03 -9.74 -0.11
N LYS A 90 12.59 -8.91 -1.03
CA LYS A 90 12.37 -9.08 -2.49
C LYS A 90 12.95 -10.42 -2.99
N LYS A 91 14.11 -10.83 -2.44
CA LYS A 91 14.77 -12.09 -2.81
C LYS A 91 15.06 -12.89 -1.53
N ASP A 92 13.99 -13.38 -0.86
CA ASP A 92 14.11 -14.16 0.40
C ASP A 92 14.62 -15.59 0.11
N LEU A 93 15.94 -15.71 -0.16
CA LEU A 93 16.58 -17.00 -0.46
C LEU A 93 18.12 -16.86 -0.42
N LYS A 94 18.66 -15.87 -1.17
CA LYS A 94 20.12 -15.60 -1.24
C LYS A 94 20.50 -14.42 -0.32
N ILE A 95 19.77 -13.29 -0.45
CA ILE A 95 20.03 -12.07 0.35
C ILE A 95 18.94 -11.86 1.41
N ARG A 96 19.35 -11.41 2.61
CA ARG A 96 18.40 -11.16 3.73
C ARG A 96 18.93 -10.14 4.76
N LYS A 97 19.63 -9.08 4.27
CA LYS A 97 20.18 -8.02 5.13
C LYS A 97 20.50 -6.74 4.31
N LYS A 98 19.54 -5.80 4.27
CA LYS A 98 19.68 -4.55 3.52
C LYS A 98 19.19 -3.35 4.37
N MET B 1 16.06 -8.32 5.18
CA MET B 1 14.92 -8.30 6.11
C MET B 1 14.67 -6.89 6.70
N ALA B 2 15.44 -5.87 6.22
CA ALA B 2 15.31 -4.48 6.67
C ALA B 2 14.96 -3.55 5.50
N ALA B 3 14.17 -2.50 5.79
CA ALA B 3 13.76 -1.52 4.77
C ALA B 3 14.64 -0.25 4.80
N GLU B 4 15.23 0.11 3.64
CA GLU B 4 16.11 1.29 3.53
C GLU B 4 15.53 2.33 2.53
N PRO B 5 15.71 3.69 2.77
CA PRO B 5 15.21 4.73 1.85
C PRO B 5 16.10 4.85 0.59
N LEU B 6 15.48 4.77 -0.60
CA LEU B 6 16.20 4.85 -1.89
C LEU B 6 15.63 5.94 -2.80
N THR B 7 14.34 5.81 -3.16
CA THR B 7 13.62 6.77 -4.03
C THR B 7 12.38 7.33 -3.29
N GLU B 8 11.83 8.47 -3.76
CA GLU B 8 10.65 9.11 -3.13
C GLU B 8 9.42 8.17 -3.11
N LEU B 9 9.28 7.27 -4.11
CA LEU B 9 8.16 6.32 -4.17
C LEU B 9 8.44 5.07 -3.30
N GLU B 10 9.72 4.63 -3.25
CA GLU B 10 10.14 3.47 -2.43
C GLU B 10 10.19 3.85 -0.93
N GLU B 11 10.49 5.13 -0.64
CA GLU B 11 10.57 5.66 0.74
C GLU B 11 9.17 5.69 1.40
N SER B 12 8.10 5.89 0.59
CA SER B 12 6.71 5.92 1.09
C SER B 12 6.34 4.60 1.80
N ILE B 13 6.47 3.46 1.09
CA ILE B 13 6.19 2.13 1.66
C ILE B 13 7.22 1.74 2.74
N GLU B 14 8.47 2.28 2.61
CA GLU B 14 9.55 2.02 3.58
C GLU B 14 9.25 2.68 4.96
N THR B 15 8.67 3.90 4.95
CA THR B 15 8.34 4.64 6.19
C THR B 15 7.33 3.84 7.04
N VAL B 16 6.37 3.16 6.38
CA VAL B 16 5.37 2.33 7.08
C VAL B 16 6.00 1.00 7.57
N VAL B 17 7.00 0.50 6.81
CA VAL B 17 7.71 -0.76 7.14
C VAL B 17 8.87 -0.52 8.16
N THR B 18 9.11 0.75 8.59
CA THR B 18 10.17 1.07 9.56
C THR B 18 9.63 1.70 10.86
N THR B 19 8.62 2.60 10.74
CA THR B 19 8.03 3.28 11.91
C THR B 19 7.15 2.34 12.77
N PHE B 20 6.19 1.63 12.14
CA PHE B 20 5.29 0.72 12.87
C PHE B 20 5.93 -0.66 13.13
N PHE B 21 6.87 -1.11 12.27
CA PHE B 21 7.54 -2.43 12.44
C PHE B 21 8.39 -2.49 13.73
N THR B 22 8.81 -1.32 14.26
CA THR B 22 9.58 -1.24 15.52
C THR B 22 8.74 -1.75 16.71
N PHE B 23 7.39 -1.58 16.61
CA PHE B 23 6.44 -2.04 17.64
C PHE B 23 5.85 -3.43 17.29
N ALA B 24 5.69 -3.72 15.97
CA ALA B 24 5.12 -5.01 15.51
C ALA B 24 6.08 -6.20 15.74
N ARG B 25 7.41 -5.93 15.86
CA ARG B 25 8.42 -6.99 16.08
C ARG B 25 8.30 -7.65 17.48
N GLN B 26 7.73 -6.93 18.48
CA GLN B 26 7.56 -7.44 19.86
C GLN B 26 6.93 -8.85 19.89
N GLU B 27 5.90 -9.08 19.04
CA GLU B 27 5.22 -10.38 18.95
C GLU B 27 5.88 -11.28 17.89
N GLY B 28 5.39 -12.54 17.73
CA GLY B 28 5.95 -13.49 16.77
C GLY B 28 6.00 -12.99 15.33
N ARG B 29 7.01 -13.48 14.55
CA ARG B 29 7.22 -13.10 13.13
C ARG B 29 7.53 -11.59 12.97
N LYS B 30 8.64 -11.26 12.30
CA LYS B 30 9.04 -9.85 12.06
C LYS B 30 8.27 -9.24 10.89
N ASP B 31 7.82 -10.08 9.94
CA ASP B 31 7.05 -9.61 8.77
C ASP B 31 5.53 -9.78 9.01
N SER B 32 5.08 -9.46 10.25
CA SER B 32 3.67 -9.58 10.63
C SER B 32 3.26 -8.48 11.63
N LEU B 33 2.05 -7.92 11.44
CA LEU B 33 1.52 -6.87 12.32
C LEU B 33 0.57 -7.53 13.35
N SER B 34 0.74 -7.19 14.65
CA SER B 34 -0.08 -7.79 15.73
C SER B 34 -1.58 -7.43 15.60
N VAL B 35 -2.45 -8.32 16.14
CA VAL B 35 -3.91 -8.14 16.08
C VAL B 35 -4.42 -7.04 17.07
N ASN B 36 -3.64 -6.74 18.14
CA ASN B 36 -4.01 -5.73 19.15
C ASN B 36 -3.33 -4.37 18.90
N GLU B 37 -2.12 -4.38 18.31
CA GLU B 37 -1.36 -3.15 18.04
C GLU B 37 -1.86 -2.39 16.80
N PHE B 38 -2.36 -3.11 15.77
CA PHE B 38 -2.86 -2.45 14.54
C PHE B 38 -4.13 -1.62 14.81
N LYS B 39 -5.01 -2.12 15.70
CA LYS B 39 -6.27 -1.41 16.06
C LYS B 39 -5.96 -0.10 16.83
N GLU B 40 -4.90 -0.11 17.66
CA GLU B 40 -4.49 1.08 18.43
C GLU B 40 -3.84 2.13 17.50
N LEU B 41 -3.12 1.67 16.45
CA LEU B 41 -2.48 2.57 15.46
C LEU B 41 -3.55 3.41 14.72
N VAL B 42 -4.73 2.81 14.47
CA VAL B 42 -5.85 3.48 13.77
C VAL B 42 -6.56 4.50 14.70
N THR B 43 -6.61 4.20 16.02
CA THR B 43 -7.28 5.09 17.00
C THR B 43 -6.26 6.04 17.69
N GLN B 44 -5.20 6.48 16.96
CA GLN B 44 -4.17 7.36 17.52
C GLN B 44 -3.33 8.08 16.44
N GLN B 45 -2.74 7.30 15.50
CA GLN B 45 -1.89 7.85 14.43
C GLN B 45 -2.55 7.81 13.03
N LEU B 46 -3.60 6.99 12.85
CA LEU B 46 -4.30 6.86 11.55
C LEU B 46 -5.85 7.06 11.67
N PRO B 47 -6.36 8.02 12.53
CA PRO B 47 -7.82 8.23 12.67
C PRO B 47 -8.47 9.09 11.56
N HIS B 48 -7.73 10.08 11.01
CA HIS B 48 -8.27 10.95 9.94
C HIS B 48 -8.36 10.21 8.60
N LEU B 49 -7.41 9.31 8.33
CA LEU B 49 -7.40 8.52 7.08
C LEU B 49 -8.56 7.50 7.08
N LEU B 50 -8.68 6.71 8.17
CA LEU B 50 -9.76 5.73 8.32
C LEU B 50 -10.86 6.35 9.20
N LYS B 51 -11.97 6.84 8.57
CA LYS B 51 -13.09 7.49 9.31
C LYS B 51 -13.69 6.63 10.44
N ASP B 52 -13.64 5.29 10.28
CA ASP B 52 -14.16 4.37 11.30
C ASP B 52 -13.03 3.79 12.14
N VAL B 53 -12.70 4.47 13.26
CA VAL B 53 -11.64 4.02 14.19
C VAL B 53 -12.16 2.86 15.08
N GLY B 54 -13.43 2.96 15.51
CA GLY B 54 -14.06 1.92 16.33
C GLY B 54 -14.55 0.74 15.50
N SER B 55 -15.22 1.03 14.37
CA SER B 55 -15.73 -0.02 13.46
C SER B 55 -14.63 -0.50 12.51
N LEU B 56 -13.75 -1.38 13.03
CA LEU B 56 -12.63 -1.96 12.26
C LEU B 56 -12.77 -3.50 12.16
N ASP B 57 -13.95 -4.05 12.51
CA ASP B 57 -14.18 -5.52 12.45
C ASP B 57 -14.50 -5.98 11.01
N GLU B 58 -15.11 -5.09 10.20
CA GLU B 58 -15.46 -5.40 8.79
C GLU B 58 -14.21 -5.73 7.97
N LYS B 59 -13.11 -4.99 8.23
CA LYS B 59 -11.83 -5.19 7.52
C LYS B 59 -10.96 -6.24 8.23
N MET B 60 -11.02 -6.31 9.59
CA MET B 60 -10.21 -7.28 10.39
C MET B 60 -10.48 -8.74 9.96
N LYS B 61 -11.75 -9.10 9.71
CA LYS B 61 -12.11 -10.46 9.27
C LYS B 61 -11.61 -10.73 7.83
N SER B 62 -11.64 -9.67 6.97
CA SER B 62 -11.15 -9.77 5.58
C SER B 62 -9.61 -9.88 5.55
N LEU B 63 -8.91 -9.26 6.54
CA LEU B 63 -7.44 -9.31 6.63
C LEU B 63 -6.97 -10.70 7.11
N ASP B 64 -7.46 -11.12 8.30
CA ASP B 64 -7.10 -12.42 8.88
C ASP B 64 -7.94 -13.56 8.26
N VAL B 65 -7.68 -13.83 6.96
CA VAL B 65 -8.39 -14.89 6.19
C VAL B 65 -7.77 -16.28 6.48
N ASN B 66 -6.44 -16.31 6.73
CA ASN B 66 -5.72 -17.56 7.04
C ASN B 66 -6.10 -18.08 8.45
N GLN B 67 -6.34 -17.16 9.41
CA GLN B 67 -6.73 -17.50 10.80
C GLN B 67 -5.58 -18.20 11.55
N ASP B 68 -4.82 -17.43 12.36
CA ASP B 68 -3.69 -17.97 13.13
C ASP B 68 -3.58 -17.26 14.50
N SER B 69 -3.26 -15.95 14.48
CA SER B 69 -3.11 -15.13 15.71
C SER B 69 -2.78 -13.67 15.33
N GLU B 70 -1.70 -13.49 14.54
CA GLU B 70 -1.26 -12.16 14.06
C GLU B 70 -1.59 -12.00 12.56
N LEU B 71 -1.53 -10.74 12.07
CA LEU B 71 -1.84 -10.43 10.67
C LEU B 71 -0.54 -10.25 9.85
N LYS B 72 -0.13 -11.28 9.08
CA LYS B 72 1.09 -11.21 8.24
C LYS B 72 0.89 -10.18 7.12
N PHE B 73 1.98 -9.60 6.58
CA PHE B 73 1.88 -8.59 5.49
C PHE B 73 1.18 -9.16 4.24
N ASN B 74 1.30 -10.50 4.01
CA ASN B 74 0.64 -11.17 2.88
C ASN B 74 -0.90 -11.23 3.08
N GLU B 75 -1.34 -11.13 4.36
CA GLU B 75 -2.77 -11.14 4.73
C GLU B 75 -3.25 -9.72 5.17
N TYR B 76 -2.32 -8.75 5.32
CA TYR B 76 -2.65 -7.36 5.73
C TYR B 76 -2.75 -6.39 4.54
N TRP B 77 -2.30 -6.81 3.32
CA TRP B 77 -2.33 -5.95 2.11
C TRP B 77 -3.76 -5.44 1.73
N ARG B 78 -4.83 -6.07 2.29
CA ARG B 78 -6.21 -5.64 2.02
C ARG B 78 -6.51 -4.26 2.67
N LEU B 79 -5.86 -3.96 3.82
CA LEU B 79 -6.04 -2.67 4.51
C LEU B 79 -5.08 -1.62 3.91
N ILE B 80 -3.85 -2.08 3.51
CA ILE B 80 -2.85 -1.20 2.87
C ILE B 80 -3.47 -0.56 1.60
N GLY B 81 -4.33 -1.33 0.89
CA GLY B 81 -5.02 -0.80 -0.30
C GLY B 81 -6.13 0.19 0.09
N GLU B 82 -6.81 -0.08 1.22
CA GLU B 82 -7.87 0.80 1.76
C GLU B 82 -7.27 2.11 2.31
N LEU B 83 -6.01 2.06 2.81
CA LEU B 83 -5.31 3.25 3.36
C LEU B 83 -5.23 4.37 2.31
N ALA B 84 -4.60 4.06 1.15
CA ALA B 84 -4.45 5.05 0.05
C ALA B 84 -5.78 5.34 -0.67
N LYS B 85 -6.77 4.41 -0.61
CA LYS B 85 -8.09 4.62 -1.23
C LYS B 85 -8.97 5.54 -0.37
N GLU B 86 -8.77 5.50 0.96
CA GLU B 86 -9.55 6.33 1.90
C GLU B 86 -8.84 7.67 2.24
N ILE B 87 -8.04 8.19 1.28
CA ILE B 87 -7.34 9.49 1.44
C ILE B 87 -8.07 10.56 0.59
N ARG B 88 -8.55 10.17 -0.62
CA ARG B 88 -9.29 11.08 -1.52
C ARG B 88 -10.80 10.77 -1.53
N LYS B 89 -11.17 9.46 -1.51
CA LYS B 89 -12.58 9.03 -1.55
C LYS B 89 -13.00 8.21 -0.30
N LYS B 90 -12.74 8.74 0.90
CA LYS B 90 -13.14 8.04 2.16
C LYS B 90 -14.67 7.98 2.30
N LYS B 91 -15.36 9.05 1.86
CA LYS B 91 -16.84 9.13 1.89
C LYS B 91 -17.32 9.93 0.65
N ASP B 92 -17.06 9.37 -0.54
CA ASP B 92 -17.42 10.02 -1.84
C ASP B 92 -18.95 10.07 -2.07
N LEU B 93 -19.57 11.15 -1.57
CA LEU B 93 -21.02 11.38 -1.70
C LEU B 93 -21.37 12.83 -1.32
N LYS B 94 -20.98 13.24 -0.09
CA LYS B 94 -21.23 14.61 0.41
C LYS B 94 -19.93 15.44 0.42
N ILE B 95 -18.78 14.79 0.69
CA ILE B 95 -17.45 15.45 0.72
C ILE B 95 -16.60 15.03 -0.49
N ARG B 96 -16.64 15.84 -1.57
CA ARG B 96 -15.90 15.56 -2.81
C ARG B 96 -14.72 16.54 -3.05
N LYS B 97 -14.30 17.30 -2.00
CA LYS B 97 -13.18 18.27 -2.14
C LYS B 97 -12.48 18.51 -0.78
N LYS B 98 -11.17 18.16 -0.71
CA LYS B 98 -10.35 18.36 0.51
C LYS B 98 -8.86 18.34 0.18
NAA ANW C . -10.93 17.38 -10.04
NAB ANW C . -12.44 19.01 -10.74
CAC ANW C . -3.30 15.12 -7.77
CAD ANW C . -4.50 14.69 -6.92
CAE ANW C . -4.40 13.20 -6.61
CAF ANW C . -5.68 14.96 -7.61
CAG ANW C . -6.52 15.96 -7.13
CAH ANW C . -7.62 16.36 -7.90
CAI ANW C . -7.89 15.74 -9.11
CAJ ANW C . -7.06 14.73 -9.56
CAK ANW C . -5.96 14.34 -8.82
CAL ANW C . -9.83 17.06 -9.34
CAM ANW C . -11.58 18.54 -9.84
CAN ANW C . -11.14 19.43 -8.86
CAO ANW C . -10.02 19.11 -8.11
CAP ANW C . -9.35 17.92 -8.36
CAQ ANW C . -8.32 17.50 -7.53
CAR ANW C . -11.90 20.55 -8.53
OAS ANW C . -9.00 16.10 -9.82
OAT ANW C . -8.02 18.14 -6.53
OAU ANW C . -11.47 21.36 -7.69
OAV ANW C . -13.04 20.71 -9.04
HNAB ANW C . -12.77 18.39 -11.46
HNAA ANW C . -12.71 19.96 -10.71
HAC ANW C . -3.36 14.54 -8.69
HACA ANW C . -3.42 16.16 -8.08
HACB ANW C . -2.33 14.88 -7.33
HAD ANW C . -4.49 15.25 -5.99
HAE ANW C . -4.37 12.68 -7.57
HAEA ANW C . -3.43 12.99 -6.14
HAEB ANW C . -5.26 12.79 -6.08
HAG ANW C . -6.36 16.38 -6.15
HAJ ANW C . -7.26 14.25 -10.53
HAK ANW C . -5.28 13.57 -9.20
HAO ANW C . -9.67 19.78 -7.32
NAA ANW D . 18.15 -6.81 14.67
NAB ANW D . 20.11 -7.20 15.84
CAC ANW D . 12.40 -2.03 10.85
CAD ANW D . 13.10 -3.22 10.21
CAE ANW D . 12.06 -4.16 9.60
CAF ANW D . 13.84 -3.89 11.19
CAG ANW D . 15.23 -3.86 11.14
CAH ANW D . 15.99 -4.51 12.10
CAI ANW D . 15.35 -5.20 13.14
CAJ ANW D . 13.96 -5.22 13.20
CAK ANW D . 13.20 -4.57 12.22
CAL ANW D . 17.44 -6.02 13.84
CAM ANW D . 19.47 -6.61 14.84
CAN ANW D . 20.14 -5.60 14.17
CAO ANW D . 19.42 -4.77 13.31
CAP ANW D . 18.06 -4.99 13.15
CAQ ANW D . 17.36 -4.35 12.13
CAR ANW D . 21.53 -5.52 14.20
OAS ANW D . 16.09 -5.96 14.00
OAT ANW D . 17.94 -3.69 11.26
OAU ANW D . 22.11 -4.55 13.67
OAV ANW D . 22.19 -6.44 14.73
HNAB ANW D . 19.66 -7.93 16.36
HNAA ANW D . 21.03 -6.88 16.11
HAC ANW D . 11.74 -2.44 11.61
HACA ANW D . 13.12 -1.41 11.38
HACB ANW D . 11.75 -1.49 10.16
HAD ANW D . 13.77 -2.88 9.43
HAE ANW D . 11.40 -4.46 10.42
HAEA ANW D . 11.43 -3.61 8.90
HAEB ANW D . 12.47 -5.10 9.20
HAG ANW D . 15.73 -3.28 10.35
HAJ ANW D . 13.46 -5.74 14.01
HAK ANW D . 12.11 -4.55 12.30
HAO ANW D . 19.92 -3.95 12.79
N MET A 1 -11.90 14.75 -2.84
CA MET A 1 -11.56 13.95 -4.06
C MET A 1 -10.04 13.74 -4.21
N ALA A 2 -9.23 14.78 -3.86
CA ALA A 2 -7.76 14.72 -3.94
C ALA A 2 -7.14 14.45 -2.56
N ALA A 3 -5.89 13.93 -2.54
CA ALA A 3 -5.19 13.60 -1.29
C ALA A 3 -4.45 14.83 -0.69
N GLU A 4 -4.32 14.86 0.65
CA GLU A 4 -3.65 15.98 1.37
C GLU A 4 -2.86 15.46 2.62
N PRO A 5 -1.67 16.07 2.97
CA PRO A 5 -0.86 15.62 4.14
C PRO A 5 -1.54 15.93 5.50
N LEU A 6 -1.37 15.00 6.47
CA LEU A 6 -1.96 15.14 7.83
C LEU A 6 -1.02 14.63 8.94
N THR A 7 -0.45 13.42 8.76
CA THR A 7 0.46 12.80 9.75
C THR A 7 1.59 12.03 9.05
N GLU A 8 2.63 11.62 9.81
CA GLU A 8 3.79 10.87 9.26
C GLU A 8 3.36 9.62 8.44
N LEU A 9 2.44 8.80 8.99
CA LEU A 9 1.97 7.58 8.29
C LEU A 9 0.96 7.92 7.18
N GLU A 10 0.04 8.87 7.43
CA GLU A 10 -0.96 9.29 6.43
C GLU A 10 -0.29 9.91 5.20
N GLU A 11 0.82 10.66 5.43
CA GLU A 11 1.58 11.31 4.33
C GLU A 11 2.37 10.27 3.50
N SER A 12 2.82 9.16 4.15
CA SER A 12 3.58 8.09 3.46
C SER A 12 2.75 7.46 2.32
N ILE A 13 1.52 7.01 2.64
CA ILE A 13 0.62 6.41 1.62
C ILE A 13 -0.04 7.46 0.71
N GLU A 14 0.04 8.75 1.11
CA GLU A 14 -0.51 9.89 0.34
C GLU A 14 0.52 10.39 -0.70
N THR A 15 1.83 10.34 -0.37
CA THR A 15 2.92 10.77 -1.29
C THR A 15 2.89 9.94 -2.60
N VAL A 16 2.49 8.65 -2.51
CA VAL A 16 2.40 7.76 -3.70
C VAL A 16 1.23 8.21 -4.62
N VAL A 17 0.20 8.85 -4.02
CA VAL A 17 -0.98 9.35 -4.76
C VAL A 17 -0.66 10.71 -5.42
N THR A 18 -0.43 11.76 -4.59
CA THR A 18 -0.18 13.14 -5.07
C THR A 18 1.02 13.29 -6.05
N THR A 19 2.03 12.40 -5.98
CA THR A 19 3.20 12.49 -6.85
C THR A 19 2.93 11.96 -8.28
N PHE A 20 2.33 10.75 -8.40
CA PHE A 20 2.08 10.14 -9.73
C PHE A 20 0.65 10.35 -10.28
N PHE A 21 -0.29 10.91 -9.48
CA PHE A 21 -1.68 11.13 -9.96
C PHE A 21 -1.77 12.26 -11.02
N THR A 22 -0.75 13.13 -11.10
CA THR A 22 -0.70 14.21 -12.10
C THR A 22 -0.66 13.62 -13.54
N PHE A 23 0.03 12.46 -13.69
CA PHE A 23 0.13 11.77 -14.99
C PHE A 23 -1.01 10.73 -15.16
N ALA A 24 -1.37 10.03 -14.06
CA ALA A 24 -2.44 9.01 -14.07
C ALA A 24 -3.80 9.56 -14.54
N ARG A 25 -4.09 10.84 -14.21
CA ARG A 25 -5.36 11.49 -14.59
C ARG A 25 -5.45 11.82 -16.10
N GLN A 26 -4.31 11.80 -16.82
CA GLN A 26 -4.28 12.10 -18.26
C GLN A 26 -5.17 11.16 -19.09
N GLU A 27 -4.94 9.83 -18.97
CA GLU A 27 -5.72 8.84 -19.73
C GLU A 27 -6.30 7.75 -18.82
N GLY A 28 -7.55 7.31 -19.11
CA GLY A 28 -8.21 6.27 -18.33
C GLY A 28 -8.69 6.75 -16.96
N ARG A 29 -9.69 7.66 -16.94
CA ARG A 29 -10.28 8.21 -15.69
C ARG A 29 -9.25 9.04 -14.89
N LYS A 30 -9.72 9.74 -13.84
CA LYS A 30 -8.86 10.58 -12.99
C LYS A 30 -8.20 9.75 -11.87
N ASP A 31 -9.01 8.95 -11.14
CA ASP A 31 -8.51 8.11 -10.03
C ASP A 31 -7.77 6.85 -10.54
N SER A 32 -8.12 6.38 -11.76
CA SER A 32 -7.50 5.18 -12.34
C SER A 32 -6.24 5.49 -13.17
N LEU A 33 -5.26 4.57 -13.12
CA LEU A 33 -3.99 4.67 -13.88
C LEU A 33 -4.12 3.96 -15.24
N SER A 34 -3.27 4.31 -16.21
CA SER A 34 -3.28 3.68 -17.54
C SER A 34 -2.42 2.40 -17.54
N VAL A 35 -2.69 1.49 -18.51
CA VAL A 35 -1.96 0.21 -18.62
C VAL A 35 -0.47 0.38 -19.00
N ASN A 36 -0.15 1.43 -19.79
CA ASN A 36 1.23 1.71 -20.22
C ASN A 36 1.99 2.61 -19.22
N GLU A 37 1.25 3.48 -18.49
CA GLU A 37 1.85 4.42 -17.52
C GLU A 37 2.49 3.72 -16.31
N PHE A 38 1.83 2.66 -15.77
CA PHE A 38 2.40 1.93 -14.62
C PHE A 38 3.69 1.17 -15.00
N LYS A 39 3.78 0.72 -16.28
CA LYS A 39 4.98 0.02 -16.77
C LYS A 39 6.19 0.97 -16.82
N GLU A 40 5.95 2.24 -17.25
CA GLU A 40 7.00 3.27 -17.31
C GLU A 40 7.44 3.70 -15.89
N LEU A 41 6.51 3.61 -14.91
CA LEU A 41 6.76 3.97 -13.50
C LEU A 41 7.78 3.00 -12.85
N VAL A 42 7.68 1.68 -13.18
CA VAL A 42 8.58 0.66 -12.61
C VAL A 42 9.95 0.64 -13.35
N THR A 43 9.98 1.02 -14.65
CA THR A 43 11.24 1.02 -15.43
C THR A 43 11.83 2.45 -15.56
N GLN A 44 11.70 3.28 -14.50
CA GLN A 44 12.25 4.65 -14.50
C GLN A 44 12.49 5.18 -13.07
N GLN A 45 11.42 5.23 -12.24
CA GLN A 45 11.50 5.74 -10.86
C GLN A 45 11.33 4.62 -9.79
N LEU A 46 10.94 3.39 -10.21
CA LEU A 46 10.76 2.26 -9.28
C LEU A 46 11.49 0.96 -9.76
N PRO A 47 12.71 1.04 -10.42
CA PRO A 47 13.42 -0.18 -10.91
C PRO A 47 14.16 -0.97 -9.80
N HIS A 48 14.75 -0.27 -8.81
CA HIS A 48 15.50 -0.93 -7.72
C HIS A 48 14.55 -1.64 -6.73
N LEU A 49 13.31 -1.11 -6.56
CA LEU A 49 12.32 -1.70 -5.65
C LEU A 49 11.79 -3.05 -6.20
N LEU A 50 11.31 -3.04 -7.46
CA LEU A 50 10.78 -4.24 -8.11
C LEU A 50 11.84 -4.85 -9.05
N LYS A 51 12.44 -5.99 -8.64
CA LYS A 51 13.47 -6.70 -9.44
C LYS A 51 12.98 -7.05 -10.86
N ASP A 52 11.67 -7.36 -11.00
CA ASP A 52 11.06 -7.68 -12.29
C ASP A 52 10.62 -6.39 -13.00
N VAL A 53 11.58 -5.69 -13.63
CA VAL A 53 11.29 -4.43 -14.35
C VAL A 53 10.54 -4.70 -15.67
N GLY A 54 10.97 -5.75 -16.40
CA GLY A 54 10.34 -6.12 -17.67
C GLY A 54 9.32 -7.25 -17.54
N SER A 55 9.45 -8.10 -16.48
CA SER A 55 8.52 -9.22 -16.25
C SER A 55 7.34 -8.77 -15.36
N LEU A 56 6.49 -7.89 -15.92
CA LEU A 56 5.28 -7.38 -15.22
C LEU A 56 4.02 -8.16 -15.65
N ASP A 57 4.15 -9.06 -16.65
CA ASP A 57 3.03 -9.87 -17.17
C ASP A 57 2.41 -10.79 -16.09
N GLU A 58 3.24 -11.26 -15.12
CA GLU A 58 2.75 -12.14 -14.02
C GLU A 58 1.78 -11.38 -13.10
N LYS A 59 2.10 -10.10 -12.81
CA LYS A 59 1.27 -9.24 -11.96
C LYS A 59 0.16 -8.53 -12.78
N MET A 60 0.41 -8.31 -14.09
CA MET A 60 -0.55 -7.64 -15.00
C MET A 60 -1.89 -8.39 -15.10
N LYS A 61 -1.85 -9.75 -15.18
CA LYS A 61 -3.08 -10.57 -15.27
C LYS A 61 -3.91 -10.47 -13.97
N SER A 62 -3.22 -10.33 -12.81
CA SER A 62 -3.88 -10.17 -11.51
C SER A 62 -4.37 -8.72 -11.31
N LEU A 63 -3.61 -7.75 -11.88
CA LEU A 63 -3.94 -6.32 -11.81
C LEU A 63 -5.19 -5.99 -12.65
N ASP A 64 -5.16 -6.37 -13.95
CA ASP A 64 -6.27 -6.11 -14.89
C ASP A 64 -7.24 -7.32 -14.91
N VAL A 65 -7.77 -7.67 -13.72
CA VAL A 65 -8.72 -8.79 -13.57
C VAL A 65 -10.17 -8.35 -13.89
N ASN A 66 -10.45 -7.04 -13.70
CA ASN A 66 -11.78 -6.44 -14.01
C ASN A 66 -12.01 -6.42 -15.54
N GLN A 67 -10.90 -6.26 -16.31
CA GLN A 67 -10.91 -6.24 -17.80
C GLN A 67 -11.69 -5.05 -18.36
N ASP A 68 -11.21 -3.83 -18.00
CA ASP A 68 -11.82 -2.57 -18.47
C ASP A 68 -10.76 -1.61 -19.09
N SER A 69 -9.46 -2.04 -19.13
CA SER A 69 -8.32 -1.24 -19.67
C SER A 69 -7.81 -0.17 -18.67
N GLU A 70 -8.70 0.36 -17.80
CA GLU A 70 -8.33 1.39 -16.82
C GLU A 70 -8.01 0.72 -15.46
N LEU A 71 -6.72 0.76 -15.04
CA LEU A 71 -6.31 0.16 -13.74
C LEU A 71 -6.65 1.10 -12.57
N LYS A 72 -7.83 0.91 -11.95
CA LYS A 72 -8.29 1.71 -10.80
C LYS A 72 -7.44 1.36 -9.55
N PHE A 73 -7.52 2.17 -8.47
CA PHE A 73 -6.74 1.89 -7.24
C PHE A 73 -7.13 0.53 -6.62
N ASN A 74 -8.40 0.11 -6.80
CA ASN A 74 -8.89 -1.19 -6.31
C ASN A 74 -8.24 -2.34 -7.11
N GLU A 75 -8.02 -2.13 -8.43
CA GLU A 75 -7.37 -3.11 -9.32
C GLU A 75 -5.83 -2.94 -9.29
N TYR A 76 -5.35 -1.72 -8.96
CA TYR A 76 -3.92 -1.40 -8.87
C TYR A 76 -3.36 -1.79 -7.47
N TRP A 77 -4.27 -2.10 -6.51
CA TRP A 77 -3.92 -2.53 -5.13
C TRP A 77 -3.03 -3.80 -5.12
N ARG A 78 -3.15 -4.65 -6.16
CA ARG A 78 -2.35 -5.89 -6.26
C ARG A 78 -0.84 -5.58 -6.35
N LEU A 79 -0.48 -4.42 -6.96
CA LEU A 79 0.92 -4.00 -7.09
C LEU A 79 1.41 -3.27 -5.82
N ILE A 80 0.50 -2.49 -5.16
CA ILE A 80 0.84 -1.76 -3.92
C ILE A 80 1.34 -2.75 -2.83
N GLY A 81 0.69 -3.93 -2.74
CA GLY A 81 1.10 -4.95 -1.78
C GLY A 81 2.45 -5.55 -2.15
N GLU A 82 2.68 -5.74 -3.47
CA GLU A 82 3.96 -6.28 -3.99
C GLU A 82 5.12 -5.27 -3.81
N LEU A 83 4.81 -3.95 -3.77
CA LEU A 83 5.82 -2.89 -3.58
C LEU A 83 6.55 -3.07 -2.22
N ALA A 84 5.78 -3.04 -1.12
CA ALA A 84 6.33 -3.21 0.24
C ALA A 84 6.78 -4.66 0.50
N LYS A 85 6.13 -5.63 -0.18
CA LYS A 85 6.48 -7.06 -0.06
C LYS A 85 7.87 -7.33 -0.72
N GLU A 86 8.24 -6.49 -1.73
CA GLU A 86 9.52 -6.63 -2.43
C GLU A 86 10.50 -5.48 -2.06
N ILE A 87 10.47 -5.03 -0.79
CA ILE A 87 11.38 -3.98 -0.29
C ILE A 87 12.46 -4.61 0.60
N ARG A 88 12.05 -5.57 1.47
CA ARG A 88 12.96 -6.25 2.40
C ARG A 88 13.10 -7.76 2.06
N LYS A 89 12.01 -8.39 1.58
CA LYS A 89 12.02 -9.82 1.23
C LYS A 89 11.72 -10.05 -0.28
N LYS A 90 12.26 -9.17 -1.16
CA LYS A 90 12.06 -9.32 -2.63
C LYS A 90 12.63 -10.65 -3.14
N LYS A 91 13.81 -11.01 -2.62
CA LYS A 91 14.49 -12.26 -2.96
C LYS A 91 15.04 -12.91 -1.67
N ASP A 92 14.11 -13.18 -0.70
CA ASP A 92 14.48 -13.78 0.60
C ASP A 92 14.90 -15.26 0.47
N LEU A 93 16.15 -15.47 0.02
CA LEU A 93 16.73 -16.81 -0.17
C LEU A 93 18.24 -16.68 -0.45
N LYS A 94 18.60 -15.79 -1.38
CA LYS A 94 20.01 -15.53 -1.76
C LYS A 94 20.57 -14.36 -0.90
N ILE A 95 19.76 -13.30 -0.74
CA ILE A 95 20.13 -12.10 0.05
C ILE A 95 18.97 -11.68 0.98
N ARG A 96 19.28 -11.37 2.26
CA ARG A 96 18.24 -10.95 3.22
C ARG A 96 18.80 -10.00 4.31
N LYS A 97 19.63 -9.01 3.87
CA LYS A 97 20.20 -8.00 4.78
C LYS A 97 20.71 -6.78 3.99
N LYS A 98 19.97 -5.66 4.09
CA LYS A 98 20.33 -4.40 3.41
C LYS A 98 19.90 -3.19 4.24
N MET B 1 15.76 -8.62 5.35
CA MET B 1 14.65 -8.48 6.28
C MET B 1 14.51 -7.05 6.85
N ALA B 2 15.29 -6.08 6.30
CA ALA B 2 15.27 -4.68 6.73
C ALA B 2 15.03 -3.74 5.53
N ALA B 3 14.07 -2.81 5.66
CA ALA B 3 13.74 -1.86 4.59
C ALA B 3 14.62 -0.59 4.66
N GLU B 4 15.47 -0.39 3.63
CA GLU B 4 16.38 0.77 3.56
C GLU B 4 15.79 1.90 2.66
N PRO B 5 16.01 3.23 2.99
CA PRO B 5 15.48 4.35 2.19
C PRO B 5 16.06 4.42 0.77
N LEU B 6 15.19 4.71 -0.24
CA LEU B 6 15.59 4.80 -1.65
C LEU B 6 14.96 6.08 -2.30
N THR B 7 14.40 5.99 -3.54
CA THR B 7 13.78 7.15 -4.23
C THR B 7 12.48 7.62 -3.50
N GLU B 8 11.92 8.78 -3.88
CA GLU B 8 10.69 9.34 -3.24
C GLU B 8 9.53 8.32 -3.17
N LEU B 9 9.20 7.66 -4.30
CA LEU B 9 8.09 6.67 -4.35
C LEU B 9 8.48 5.34 -3.68
N GLU B 10 9.77 4.94 -3.79
CA GLU B 10 10.27 3.70 -3.17
C GLU B 10 10.35 3.86 -1.64
N GLU B 11 10.70 5.08 -1.19
CA GLU B 11 10.83 5.41 0.25
C GLU B 11 9.45 5.61 0.92
N SER B 12 8.40 5.97 0.13
CA SER B 12 7.04 6.17 0.66
C SER B 12 6.49 4.88 1.32
N ILE B 13 6.50 3.76 0.56
CA ILE B 13 6.03 2.45 1.08
C ILE B 13 7.03 1.88 2.12
N GLU B 14 8.33 2.25 2.00
CA GLU B 14 9.37 1.80 2.93
C GLU B 14 9.18 2.42 4.33
N THR B 15 8.74 3.70 4.39
CA THR B 15 8.49 4.40 5.67
C THR B 15 7.41 3.68 6.51
N VAL B 16 6.43 3.02 5.85
CA VAL B 16 5.38 2.25 6.55
C VAL B 16 6.01 1.02 7.25
N VAL B 17 7.01 0.40 6.60
CA VAL B 17 7.72 -0.77 7.16
C VAL B 17 8.70 -0.36 8.29
N THR B 18 9.40 0.77 8.10
CA THR B 18 10.38 1.28 9.10
C THR B 18 9.72 1.83 10.37
N THR B 19 8.54 2.47 10.24
CA THR B 19 7.81 3.05 11.39
C THR B 19 7.12 1.95 12.21
N PHE B 20 6.46 0.97 11.54
CA PHE B 20 5.77 -0.14 12.22
C PHE B 20 6.61 -1.44 12.16
N PHE B 21 7.81 -1.38 12.75
CA PHE B 21 8.73 -2.55 12.84
C PHE B 21 9.02 -2.88 14.31
N THR B 22 9.23 -1.83 15.13
CA THR B 22 9.50 -1.97 16.58
C THR B 22 8.29 -2.58 17.33
N PHE B 23 7.06 -2.26 16.86
CA PHE B 23 5.82 -2.79 17.46
C PHE B 23 5.47 -4.17 16.87
N ALA B 24 5.76 -4.37 15.57
CA ALA B 24 5.47 -5.63 14.85
C ALA B 24 6.33 -6.82 15.34
N ARG B 25 7.57 -6.54 15.81
CA ARG B 25 8.50 -7.59 16.28
C ARG B 25 8.14 -8.16 17.67
N GLN B 26 7.28 -7.45 18.44
CA GLN B 26 6.88 -7.89 19.80
C GLN B 26 6.15 -9.26 19.80
N GLU B 27 5.23 -9.47 18.83
CA GLU B 27 4.46 -10.73 18.71
C GLU B 27 5.06 -11.63 17.61
N GLY B 28 4.42 -12.79 17.34
CA GLY B 28 4.89 -13.75 16.32
C GLY B 28 5.27 -13.10 14.98
N ARG B 29 6.43 -13.54 14.42
CA ARG B 29 6.97 -13.03 13.14
C ARG B 29 7.38 -11.55 13.23
N LYS B 30 8.64 -11.25 12.81
CA LYS B 30 9.18 -9.87 12.84
C LYS B 30 8.40 -8.91 11.93
N ASP B 31 8.17 -9.32 10.66
CA ASP B 31 7.44 -8.49 9.68
C ASP B 31 5.93 -8.81 9.70
N SER B 32 5.29 -8.70 10.89
CA SER B 32 3.85 -8.98 11.03
C SER B 32 3.22 -8.19 12.18
N LEU B 33 2.03 -7.62 11.93
CA LEU B 33 1.28 -6.82 12.91
C LEU B 33 0.28 -7.71 13.67
N SER B 34 0.03 -7.42 14.96
CA SER B 34 -0.91 -8.20 15.77
C SER B 34 -2.35 -7.64 15.68
N VAL B 35 -3.34 -8.46 16.04
CA VAL B 35 -4.77 -8.07 16.00
C VAL B 35 -5.09 -6.89 16.94
N ASN B 36 -4.36 -6.77 18.08
CA ASN B 36 -4.58 -5.70 19.06
C ASN B 36 -3.61 -4.50 18.83
N GLU B 37 -2.39 -4.78 18.36
CA GLU B 37 -1.38 -3.72 18.12
C GLU B 37 -1.72 -2.85 16.90
N PHE B 38 -2.34 -3.43 15.84
CA PHE B 38 -2.72 -2.67 14.63
C PHE B 38 -3.92 -1.74 14.91
N LYS B 39 -4.88 -2.20 15.74
CA LYS B 39 -6.09 -1.42 16.09
C LYS B 39 -5.72 -0.15 16.90
N GLU B 40 -4.68 -0.25 17.76
CA GLU B 40 -4.22 0.90 18.58
C GLU B 40 -3.61 2.00 17.68
N LEU B 41 -3.00 1.62 16.54
CA LEU B 41 -2.42 2.58 15.57
C LEU B 41 -3.53 3.41 14.89
N VAL B 42 -4.69 2.75 14.62
CA VAL B 42 -5.85 3.40 13.96
C VAL B 42 -6.54 4.41 14.90
N THR B 43 -6.51 4.16 16.23
CA THR B 43 -7.15 5.06 17.22
C THR B 43 -6.13 6.02 17.90
N GLN B 44 -4.95 6.27 17.25
CA GLN B 44 -3.93 7.18 17.81
C GLN B 44 -3.15 7.94 16.71
N GLN B 45 -2.39 7.22 15.86
CA GLN B 45 -1.57 7.84 14.79
C GLN B 45 -2.25 7.81 13.39
N LEU B 46 -3.32 7.00 13.23
CA LEU B 46 -4.03 6.89 11.94
C LEU B 46 -5.58 7.01 12.12
N PRO B 47 -6.11 8.05 12.87
CA PRO B 47 -7.56 8.22 13.08
C PRO B 47 -8.30 8.96 11.94
N HIS B 48 -7.64 9.94 11.29
CA HIS B 48 -8.25 10.74 10.20
C HIS B 48 -8.18 10.04 8.83
N LEU B 49 -7.43 8.91 8.73
CA LEU B 49 -7.32 8.16 7.45
C LEU B 49 -8.53 7.24 7.27
N LEU B 50 -8.79 6.37 8.27
CA LEU B 50 -9.94 5.45 8.26
C LEU B 50 -11.10 6.14 9.02
N LYS B 51 -12.14 6.57 8.29
CA LYS B 51 -13.31 7.27 8.90
C LYS B 51 -14.00 6.47 10.03
N ASP B 52 -13.98 5.12 9.96
CA ASP B 52 -14.60 4.27 10.98
C ASP B 52 -13.51 3.64 11.89
N VAL B 53 -13.05 4.41 12.90
CA VAL B 53 -12.00 3.94 13.83
C VAL B 53 -12.55 2.97 14.90
N GLY B 54 -13.86 3.05 15.20
CA GLY B 54 -14.48 2.17 16.19
C GLY B 54 -14.79 0.79 15.62
N SER B 55 -15.65 0.75 14.58
CA SER B 55 -16.05 -0.51 13.93
C SER B 55 -14.99 -0.95 12.89
N LEU B 56 -13.90 -1.59 13.37
CA LEU B 56 -12.83 -2.08 12.50
C LEU B 56 -13.04 -3.57 12.11
N ASP B 57 -14.10 -4.22 12.66
CA ASP B 57 -14.41 -5.63 12.37
C ASP B 57 -14.58 -5.90 10.86
N GLU B 58 -15.14 -4.93 10.11
CA GLU B 58 -15.32 -5.08 8.64
C GLU B 58 -13.96 -5.13 7.91
N LYS B 59 -12.96 -4.36 8.40
CA LYS B 59 -11.60 -4.36 7.83
C LYS B 59 -10.61 -5.08 8.78
N MET B 60 -11.06 -6.21 9.38
CA MET B 60 -10.25 -7.01 10.30
C MET B 60 -10.29 -8.51 9.92
N LYS B 61 -11.52 -9.03 9.66
CA LYS B 61 -11.71 -10.44 9.24
C LYS B 61 -11.13 -10.68 7.84
N SER B 62 -11.29 -9.68 6.93
CA SER B 62 -10.75 -9.77 5.56
C SER B 62 -9.21 -9.75 5.53
N LEU B 63 -8.57 -9.11 6.53
CA LEU B 63 -7.10 -9.05 6.61
C LEU B 63 -6.54 -10.42 7.03
N ASP B 64 -7.01 -10.90 8.21
CA ASP B 64 -6.58 -12.21 8.75
C ASP B 64 -7.55 -13.30 8.26
N VAL B 65 -7.40 -13.68 6.97
CA VAL B 65 -8.24 -14.72 6.34
C VAL B 65 -7.69 -16.15 6.62
N ASN B 66 -6.41 -16.26 7.03
CA ASN B 66 -5.76 -17.56 7.34
C ASN B 66 -6.18 -18.09 8.74
N GLN B 67 -6.63 -17.18 9.64
CA GLN B 67 -7.04 -17.53 11.03
C GLN B 67 -5.86 -18.14 11.83
N ASP B 68 -4.83 -17.31 12.04
CA ASP B 68 -3.62 -17.70 12.80
C ASP B 68 -3.25 -16.63 13.85
N SER B 69 -4.09 -15.58 14.02
CA SER B 69 -3.85 -14.47 14.98
C SER B 69 -2.59 -13.64 14.61
N GLU B 70 -2.27 -13.57 13.29
CA GLU B 70 -1.11 -12.81 12.80
C GLU B 70 -1.47 -12.10 11.49
N LEU B 71 -1.16 -10.78 11.42
CA LEU B 71 -1.45 -9.97 10.23
C LEU B 71 -0.15 -9.54 9.52
N LYS B 72 0.44 -10.46 8.73
CA LYS B 72 1.67 -10.19 7.95
C LYS B 72 1.33 -9.22 6.81
N PHE B 73 2.33 -8.74 6.03
CA PHE B 73 2.02 -7.82 4.91
C PHE B 73 1.10 -8.50 3.86
N ASN B 74 1.10 -9.86 3.82
CA ASN B 74 0.24 -10.64 2.91
C ASN B 74 -1.23 -10.62 3.43
N GLU B 75 -1.41 -10.66 4.78
CA GLU B 75 -2.74 -10.61 5.43
C GLU B 75 -3.21 -9.14 5.54
N TYR B 76 -2.32 -8.26 6.04
CA TYR B 76 -2.57 -6.80 6.18
C TYR B 76 -2.85 -6.15 4.80
N TRP B 77 -2.43 -6.84 3.71
CA TRP B 77 -2.63 -6.45 2.28
C TRP B 77 -3.98 -5.75 2.00
N ARG B 78 -5.10 -6.34 2.47
CA ARG B 78 -6.46 -5.77 2.23
C ARG B 78 -6.64 -4.37 2.86
N LEU B 79 -5.99 -4.10 4.02
CA LEU B 79 -6.07 -2.77 4.67
C LEU B 79 -5.24 -1.74 3.89
N ILE B 80 -4.08 -2.16 3.32
CA ILE B 80 -3.20 -1.29 2.52
C ILE B 80 -3.98 -0.64 1.36
N GLY B 81 -4.86 -1.43 0.69
CA GLY B 81 -5.68 -0.90 -0.40
C GLY B 81 -6.66 0.15 0.09
N GLU B 82 -7.21 -0.05 1.31
CA GLU B 82 -8.17 0.91 1.91
C GLU B 82 -7.46 2.16 2.46
N LEU B 83 -6.14 2.06 2.80
CA LEU B 83 -5.35 3.22 3.31
C LEU B 83 -5.26 4.32 2.23
N ALA B 84 -4.91 3.92 0.99
CA ALA B 84 -4.79 4.85 -0.15
C ALA B 84 -6.15 5.16 -0.82
N LYS B 85 -7.19 4.34 -0.51
CA LYS B 85 -8.54 4.53 -1.08
C LYS B 85 -9.36 5.56 -0.28
N GLU B 86 -9.29 5.49 1.06
CA GLU B 86 -10.05 6.39 1.94
C GLU B 86 -9.42 7.80 2.06
N ILE B 87 -8.10 7.92 1.80
CA ILE B 87 -7.41 9.23 1.88
C ILE B 87 -7.93 10.22 0.80
N ARG B 88 -8.27 9.72 -0.40
CA ARG B 88 -8.79 10.57 -1.50
C ARG B 88 -10.33 10.64 -1.52
N LYS B 89 -11.02 9.49 -1.26
CA LYS B 89 -12.50 9.45 -1.28
C LYS B 89 -13.09 8.69 -0.06
N LYS B 90 -13.00 9.30 1.14
CA LYS B 90 -13.56 8.69 2.37
C LYS B 90 -15.10 8.78 2.37
N LYS B 91 -15.63 9.95 1.96
CA LYS B 91 -17.07 10.20 1.87
C LYS B 91 -17.38 10.89 0.52
N ASP B 92 -17.32 10.10 -0.58
CA ASP B 92 -17.59 10.63 -1.95
C ASP B 92 -19.01 11.20 -2.11
N LEU B 93 -19.99 10.64 -1.37
CA LEU B 93 -21.39 11.11 -1.42
C LEU B 93 -21.57 12.45 -0.67
N LYS B 94 -20.93 12.59 0.51
CA LYS B 94 -21.04 13.81 1.33
C LYS B 94 -20.08 14.92 0.84
N ILE B 95 -18.76 14.69 0.92
CA ILE B 95 -17.75 15.70 0.50
C ILE B 95 -17.01 15.27 -0.79
N ARG B 96 -16.60 16.26 -1.61
CA ARG B 96 -15.86 15.98 -2.87
C ARG B 96 -14.64 16.93 -3.08
N LYS B 97 -14.23 17.70 -2.03
CA LYS B 97 -13.07 18.60 -2.13
C LYS B 97 -12.40 18.83 -0.76
N LYS B 98 -11.26 18.15 -0.52
CA LYS B 98 -10.51 18.28 0.75
C LYS B 98 -9.03 17.93 0.52
NAA ANW C . -9.95 13.55 -8.61
NAB ANW C . -11.85 13.22 -9.89
CAC ANW C . -1.83 15.24 -7.86
CAD ANW C . -2.87 16.04 -7.10
CAE ANW C . -2.47 16.14 -5.62
CAF ANW C . -4.13 15.43 -7.22
CAG ANW C . -5.14 16.08 -7.90
CAH ANW C . -6.35 15.42 -8.14
CAI ANW C . -6.54 14.13 -7.66
CAJ ANW C . -5.53 13.49 -6.96
CAK ANW C . -4.31 14.14 -6.74
CAL ANW C . -8.76 14.16 -8.47
CAM ANW C . -10.86 14.00 -9.48
CAN ANW C . -10.63 15.15 -10.24
CAO ANW C . -9.40 15.78 -10.13
CAP ANW C . -8.46 15.29 -9.24
CAQ ANW C . -7.30 16.01 -8.96
CAR ANW C . -11.65 15.73 -10.97
OAS ANW C . -7.74 13.51 -7.83
OAT ANW C . -7.14 17.14 -9.40
OAU ANW C . -11.43 16.75 -11.66
OAV ANW C . -12.81 15.26 -10.93
HNAB ANW C . -12.07 12.38 -9.39
HNAA ANW C . -12.36 13.45 -10.72
HAC ANW C . -1.82 14.25 -7.41
HACA ANW C . -2.16 15.09 -8.90
HACB ANW C . -0.81 15.61 -7.77
HAD ANW C . -2.93 17.05 -7.52
HAE ANW C . -2.44 15.13 -5.25
HAEA ANW C . -1.45 16.53 -5.55
HAEB ANW C . -3.20 16.66 -5.00
HAG ANW C . -5.00 17.10 -8.25
HAJ ANW C . -5.70 12.49 -6.54
HAK ANW C . -3.51 13.62 -6.21
HAO ANW C . -9.17 16.65 -10.74
NAA ANW D . 19.02 -5.33 13.87
NAB ANW D . 19.98 -7.11 15.03
CAC ANW D . 12.89 -1.77 9.44
CAD ANW D . 13.46 -1.15 10.72
CAE ANW D . 13.81 0.32 10.47
CAF ANW D . 14.59 -1.85 11.11
CAG ANW D . 14.61 -2.51 12.33
CAH ANW D . 15.70 -3.29 12.70
CAI ANW D . 16.81 -3.36 11.86
CAJ ANW D . 16.81 -2.68 10.65
CAK ANW D . 15.70 -1.93 10.27
CAL ANW D . 17.92 -4.68 13.47
CAM ANW D . 18.98 -6.24 14.85
CAN ANW D . 17.79 -6.54 15.49
CAO ANW D . 16.62 -5.89 15.10
CAP ANW D . 16.70 -4.94 14.08
CAQ ANW D . 15.61 -4.13 13.79
CAR ANW D . 17.76 -7.38 16.61
OAS ANW D . 17.91 -4.05 12.25
OAT ANW D . 14.59 -4.17 14.48
OAU ANW D . 16.67 -7.70 17.13
OAV ANW D . 18.83 -7.79 17.10
HNAB ANW D . 20.86 -6.94 14.59
HNAA ANW D . 19.83 -7.93 15.57
HAC ANW D . 13.65 -1.64 8.67
HACA ANW D . 12.79 -2.85 9.56
HACB ANW D . 12.00 -1.27 9.05
HAD ANW D . 12.71 -1.21 11.50
HAE ANW D . 14.54 0.32 9.66
HAEA ANW D . 12.94 0.84 10.07
HAEB ANW D . 14.30 0.80 11.30
HAG ANW D . 13.77 -2.40 13.02
HAJ ANW D . 17.70 -2.69 10.02
HAK ANW D . 15.70 -1.42 9.31
HAO ANW D . 15.68 -6.09 15.60
N MET A 1 -12.03 13.37 -3.75
CA MET A 1 -11.08 12.76 -4.75
C MET A 1 -9.71 13.48 -4.79
N ALA A 2 -9.35 14.25 -3.75
CA ALA A 2 -8.07 14.97 -3.69
C ALA A 2 -7.22 14.52 -2.48
N ALA A 3 -5.89 14.46 -2.70
CA ALA A 3 -4.94 14.04 -1.65
C ALA A 3 -4.39 15.24 -0.87
N GLU A 4 -4.48 15.17 0.49
CA GLU A 4 -4.01 16.25 1.38
C GLU A 4 -2.95 15.73 2.39
N PRO A 5 -1.82 16.47 2.63
CA PRO A 5 -0.77 16.04 3.60
C PRO A 5 -1.31 15.81 5.03
N LEU A 6 -0.87 14.70 5.66
CA LEU A 6 -1.30 14.32 7.02
C LEU A 6 -0.08 13.80 7.84
N THR A 7 -0.30 12.95 8.88
CA THR A 7 0.81 12.39 9.71
C THR A 7 1.81 11.57 8.86
N GLU A 8 2.91 11.09 9.48
CA GLU A 8 3.95 10.31 8.77
C GLU A 8 3.42 9.05 8.05
N LEU A 9 2.54 8.26 8.71
CA LEU A 9 1.96 7.05 8.09
C LEU A 9 0.85 7.43 7.08
N GLU A 10 0.04 8.46 7.42
CA GLU A 10 -1.04 8.95 6.54
C GLU A 10 -0.48 9.71 5.32
N GLU A 11 0.78 10.20 5.41
CA GLU A 11 1.45 10.92 4.32
C GLU A 11 2.17 9.94 3.37
N SER A 12 2.56 8.75 3.89
CA SER A 12 3.25 7.72 3.08
C SER A 12 2.40 7.30 1.87
N ILE A 13 1.15 6.84 2.13
CA ILE A 13 0.22 6.44 1.05
C ILE A 13 -0.28 7.69 0.27
N GLU A 14 -0.27 8.87 0.93
CA GLU A 14 -0.71 10.15 0.31
C GLU A 14 0.32 10.62 -0.74
N THR A 15 1.63 10.41 -0.46
CA THR A 15 2.70 10.79 -1.41
C THR A 15 2.57 9.99 -2.73
N VAL A 16 2.02 8.76 -2.66
CA VAL A 16 1.81 7.90 -3.84
C VAL A 16 0.64 8.45 -4.71
N VAL A 17 -0.36 9.11 -4.07
CA VAL A 17 -1.52 9.68 -4.77
C VAL A 17 -1.36 11.23 -4.96
N THR A 18 -0.11 11.68 -5.25
CA THR A 18 0.19 13.12 -5.47
C THR A 18 1.25 13.28 -6.58
N THR A 19 2.40 12.58 -6.46
CA THR A 19 3.49 12.65 -7.45
C THR A 19 3.05 12.04 -8.81
N PHE A 20 2.32 10.90 -8.77
CA PHE A 20 1.83 10.22 -9.99
C PHE A 20 0.30 10.35 -10.13
N PHE A 21 -0.25 11.54 -9.75
CA PHE A 21 -1.70 11.80 -9.86
C PHE A 21 -2.00 12.53 -11.18
N THR A 22 -1.07 13.41 -11.60
CA THR A 22 -1.19 14.18 -12.86
C THR A 22 -1.00 13.26 -14.09
N PHE A 23 -0.18 12.19 -13.94
CA PHE A 23 0.10 11.23 -15.03
C PHE A 23 -0.96 10.11 -15.09
N ALA A 24 -1.56 9.74 -13.93
CA ALA A 24 -2.60 8.69 -13.87
C ALA A 24 -3.96 9.14 -14.45
N ARG A 25 -4.16 10.47 -14.65
CA ARG A 25 -5.43 11.01 -15.18
C ARG A 25 -5.44 11.20 -16.72
N GLN A 26 -4.42 10.65 -17.44
CA GLN A 26 -4.34 10.77 -18.91
C GLN A 26 -5.39 9.86 -19.60
N GLU A 27 -5.56 8.63 -19.08
CA GLU A 27 -6.53 7.66 -19.63
C GLU A 27 -7.85 7.70 -18.81
N GLY A 28 -8.78 6.75 -19.07
CA GLY A 28 -10.08 6.70 -18.36
C GLY A 28 -9.94 6.70 -16.83
N ARG A 29 -10.94 7.29 -16.13
CA ARG A 29 -10.98 7.39 -14.65
C ARG A 29 -9.86 8.31 -14.10
N LYS A 30 -10.22 9.16 -13.11
CA LYS A 30 -9.27 10.11 -12.48
C LYS A 30 -8.36 9.40 -11.46
N ASP A 31 -8.90 8.39 -10.74
CA ASP A 31 -8.13 7.64 -9.73
C ASP A 31 -7.82 6.23 -10.24
N SER A 32 -7.18 6.15 -11.42
CA SER A 32 -6.82 4.87 -12.06
C SER A 32 -5.52 5.01 -12.87
N LEU A 33 -4.67 3.98 -12.80
CA LEU A 33 -3.38 3.96 -13.52
C LEU A 33 -3.54 3.13 -14.82
N SER A 34 -2.92 3.59 -15.93
CA SER A 34 -2.99 2.89 -17.22
C SER A 34 -2.02 1.70 -17.28
N VAL A 35 -2.36 0.68 -18.09
CA VAL A 35 -1.52 -0.54 -18.25
C VAL A 35 -0.12 -0.21 -18.83
N ASN A 36 -0.03 0.82 -19.69
CA ASN A 36 1.24 1.23 -20.31
C ASN A 36 1.97 2.30 -19.46
N GLU A 37 1.21 3.20 -18.80
CA GLU A 37 1.81 4.27 -17.96
C GLU A 37 2.44 3.72 -16.68
N PHE A 38 1.77 2.74 -16.02
CA PHE A 38 2.31 2.12 -14.78
C PHE A 38 3.53 1.24 -15.10
N LYS A 39 3.52 0.60 -16.30
CA LYS A 39 4.64 -0.25 -16.77
C LYS A 39 5.97 0.53 -16.86
N GLU A 40 5.87 1.83 -17.22
CA GLU A 40 7.04 2.72 -17.32
C GLU A 40 7.48 3.25 -15.94
N LEU A 41 6.52 3.39 -14.99
CA LEU A 41 6.81 3.87 -13.63
C LEU A 41 7.64 2.85 -12.82
N VAL A 42 7.42 1.54 -13.06
CA VAL A 42 8.15 0.46 -12.37
C VAL A 42 9.56 0.26 -12.99
N THR A 43 9.76 0.73 -14.25
CA THR A 43 11.04 0.59 -14.97
C THR A 43 11.97 1.82 -14.74
N GLN A 44 11.39 3.02 -14.50
CA GLN A 44 12.20 4.25 -14.33
C GLN A 44 12.29 4.72 -12.87
N GLN A 45 11.13 4.91 -12.18
CA GLN A 45 11.12 5.40 -10.79
C GLN A 45 11.06 4.26 -9.72
N LEU A 46 10.78 3.01 -10.14
CA LEU A 46 10.70 1.87 -9.20
C LEU A 46 11.51 0.63 -9.70
N PRO A 47 12.77 0.80 -10.25
CA PRO A 47 13.57 -0.34 -10.75
C PRO A 47 14.27 -1.16 -9.65
N HIS A 48 14.80 -0.46 -8.61
CA HIS A 48 15.53 -1.13 -7.51
C HIS A 48 14.58 -1.73 -6.46
N LEU A 49 13.28 -1.33 -6.46
CA LEU A 49 12.29 -1.87 -5.51
C LEU A 49 11.81 -3.26 -5.98
N LEU A 50 11.09 -3.30 -7.12
CA LEU A 50 10.63 -4.57 -7.69
C LEU A 50 11.69 -5.09 -8.66
N LYS A 51 12.44 -6.13 -8.25
CA LYS A 51 13.51 -6.72 -9.07
C LYS A 51 13.02 -7.24 -10.45
N ASP A 52 11.71 -7.55 -10.57
CA ASP A 52 11.13 -8.03 -11.84
C ASP A 52 10.80 -6.83 -12.76
N VAL A 53 11.86 -6.17 -13.30
CA VAL A 53 11.71 -5.01 -14.20
C VAL A 53 11.42 -5.43 -15.65
N GLY A 54 12.05 -6.54 -16.10
CA GLY A 54 11.85 -7.04 -17.46
C GLY A 54 10.60 -7.90 -17.60
N SER A 55 10.47 -8.95 -16.77
CA SER A 55 9.30 -9.83 -16.80
C SER A 55 8.14 -9.20 -16.02
N LEU A 56 7.45 -8.26 -16.67
CA LEU A 56 6.32 -7.53 -16.07
C LEU A 56 4.99 -8.08 -16.67
N ASP A 57 4.69 -9.34 -16.34
CA ASP A 57 3.46 -10.03 -16.80
C ASP A 57 2.72 -10.70 -15.62
N GLU A 58 3.46 -11.36 -14.68
CA GLU A 58 2.85 -12.02 -13.51
C GLU A 58 2.16 -10.99 -12.60
N LYS A 59 2.77 -9.79 -12.47
CA LYS A 59 2.19 -8.70 -11.66
C LYS A 59 1.49 -7.65 -12.56
N MET A 60 0.93 -8.10 -13.72
CA MET A 60 0.19 -7.21 -14.65
C MET A 60 -1.25 -7.73 -14.81
N LYS A 61 -1.40 -9.05 -15.06
CA LYS A 61 -2.71 -9.71 -15.20
C LYS A 61 -3.38 -9.91 -13.81
N SER A 62 -2.55 -10.15 -12.76
CA SER A 62 -3.05 -10.33 -11.39
C SER A 62 -3.74 -9.05 -10.87
N LEU A 63 -3.28 -7.87 -11.37
CA LEU A 63 -3.87 -6.58 -10.99
C LEU A 63 -5.20 -6.37 -11.75
N ASP A 64 -5.13 -6.41 -13.10
CA ASP A 64 -6.31 -6.22 -13.95
C ASP A 64 -7.01 -7.57 -14.22
N VAL A 65 -7.75 -8.04 -13.20
CA VAL A 65 -8.51 -9.31 -13.28
C VAL A 65 -9.98 -9.10 -13.70
N ASN A 66 -10.44 -7.82 -13.73
CA ASN A 66 -11.83 -7.47 -14.12
C ASN A 66 -11.96 -7.26 -15.65
N GLN A 67 -10.83 -7.03 -16.35
CA GLN A 67 -10.80 -6.81 -17.82
C GLN A 67 -11.56 -5.54 -18.23
N ASP A 68 -10.93 -4.38 -17.99
CA ASP A 68 -11.51 -3.06 -18.33
C ASP A 68 -10.43 -2.07 -18.84
N SER A 69 -9.28 -2.60 -19.36
CA SER A 69 -8.14 -1.80 -19.89
C SER A 69 -7.42 -0.98 -18.80
N GLU A 70 -8.13 -0.04 -18.13
CA GLU A 70 -7.53 0.80 -17.07
C GLU A 70 -7.40 0.01 -15.75
N LEU A 71 -6.32 0.29 -15.00
CA LEU A 71 -6.08 -0.38 -13.70
C LEU A 71 -6.45 0.57 -12.54
N LYS A 72 -7.70 0.48 -12.05
CA LYS A 72 -8.21 1.30 -10.91
C LYS A 72 -7.39 0.94 -9.65
N PHE A 73 -7.42 1.80 -8.58
CA PHE A 73 -6.67 1.49 -7.34
C PHE A 73 -7.10 0.14 -6.73
N ASN A 74 -8.33 -0.34 -7.04
CA ASN A 74 -8.82 -1.65 -6.58
C ASN A 74 -8.07 -2.79 -7.33
N GLU A 75 -7.67 -2.52 -8.61
CA GLU A 75 -6.89 -3.48 -9.42
C GLU A 75 -5.40 -3.33 -9.08
N TYR A 76 -4.93 -2.05 -9.03
CA TYR A 76 -3.53 -1.70 -8.68
C TYR A 76 -3.19 -2.16 -7.23
N TRP A 77 -4.25 -2.38 -6.41
CA TRP A 77 -4.18 -2.88 -5.01
C TRP A 77 -3.18 -4.06 -4.85
N ARG A 78 -3.23 -5.02 -5.79
CA ARG A 78 -2.36 -6.23 -5.78
C ARG A 78 -0.86 -5.88 -5.90
N LEU A 79 -0.52 -4.78 -6.62
CA LEU A 79 0.89 -4.37 -6.81
C LEU A 79 1.41 -3.62 -5.56
N ILE A 80 0.54 -2.86 -4.87
CA ILE A 80 0.93 -2.11 -3.65
C ILE A 80 1.43 -3.09 -2.56
N GLY A 81 0.83 -4.30 -2.51
CA GLY A 81 1.25 -5.33 -1.56
C GLY A 81 2.68 -5.82 -1.84
N GLU A 82 2.99 -6.01 -3.14
CA GLU A 82 4.34 -6.46 -3.58
C GLU A 82 5.38 -5.32 -3.45
N LEU A 83 4.92 -4.05 -3.52
CA LEU A 83 5.81 -2.87 -3.38
C LEU A 83 6.52 -2.87 -2.01
N ALA A 84 5.74 -2.96 -0.93
CA ALA A 84 6.26 -2.95 0.44
C ALA A 84 6.81 -4.32 0.91
N LYS A 85 6.37 -5.42 0.26
CA LYS A 85 6.85 -6.77 0.62
C LYS A 85 8.23 -7.06 -0.01
N GLU A 86 8.45 -6.56 -1.25
CA GLU A 86 9.72 -6.76 -1.96
C GLU A 86 10.70 -5.56 -1.79
N ILE A 87 10.66 -4.90 -0.60
CA ILE A 87 11.56 -3.76 -0.30
C ILE A 87 12.71 -4.20 0.62
N ARG A 88 12.40 -5.02 1.65
CA ARG A 88 13.40 -5.50 2.62
C ARG A 88 13.80 -6.98 2.35
N LYS A 89 12.82 -7.83 1.95
CA LYS A 89 13.09 -9.25 1.68
C LYS A 89 12.65 -9.67 0.25
N LYS A 90 13.20 -8.99 -0.78
CA LYS A 90 12.89 -9.31 -2.19
C LYS A 90 13.38 -10.74 -2.54
N LYS A 91 14.51 -11.15 -1.92
CA LYS A 91 15.09 -12.48 -2.08
C LYS A 91 15.67 -12.92 -0.71
N ASP A 92 14.77 -13.34 0.21
CA ASP A 92 15.18 -13.76 1.58
C ASP A 92 16.20 -14.92 1.59
N LEU A 93 16.09 -15.84 0.61
CA LEU A 93 16.99 -17.00 0.52
C LEU A 93 18.40 -16.62 0.03
N LYS A 94 18.53 -15.52 -0.75
CA LYS A 94 19.82 -15.06 -1.28
C LYS A 94 20.37 -13.85 -0.47
N ILE A 95 19.58 -12.77 -0.40
CA ILE A 95 19.97 -11.53 0.30
C ILE A 95 19.08 -11.27 1.53
N ARG A 96 19.72 -11.12 2.71
CA ARG A 96 18.99 -10.87 3.97
C ARG A 96 19.78 -9.90 4.89
N LYS A 97 20.34 -8.83 4.29
CA LYS A 97 21.11 -7.82 5.04
C LYS A 97 21.18 -6.47 4.27
N LYS A 98 20.18 -5.60 4.51
CA LYS A 98 20.10 -4.28 3.86
C LYS A 98 19.46 -3.25 4.80
N MET B 1 17.26 -7.59 4.96
CA MET B 1 16.12 -7.82 5.83
C MET B 1 15.50 -6.52 6.37
N ALA B 2 16.29 -5.40 6.36
CA ALA B 2 15.81 -4.09 6.84
C ALA B 2 15.46 -3.15 5.67
N ALA B 3 14.38 -2.35 5.84
CA ALA B 3 13.93 -1.41 4.81
C ALA B 3 14.68 -0.07 4.93
N GLU B 4 15.38 0.34 3.84
CA GLU B 4 16.17 1.59 3.82
C GLU B 4 15.75 2.52 2.65
N PRO B 5 15.75 3.89 2.84
CA PRO B 5 15.35 4.87 1.78
C PRO B 5 16.13 4.73 0.45
N LEU B 6 15.46 5.04 -0.68
CA LEU B 6 16.08 4.93 -2.03
C LEU B 6 15.64 6.09 -2.95
N THR B 7 14.30 6.20 -3.21
CA THR B 7 13.74 7.24 -4.11
C THR B 7 12.38 7.75 -3.55
N GLU B 8 11.79 8.79 -4.19
CA GLU B 8 10.50 9.38 -3.76
C GLU B 8 9.38 8.33 -3.53
N LEU B 9 9.10 7.48 -4.54
CA LEU B 9 8.04 6.44 -4.41
C LEU B 9 8.52 5.20 -3.65
N GLU B 10 9.82 4.83 -3.78
CA GLU B 10 10.38 3.67 -3.06
C GLU B 10 10.48 3.93 -1.54
N GLU B 11 10.60 5.22 -1.15
CA GLU B 11 10.70 5.64 0.27
C GLU B 11 9.31 5.73 0.91
N SER B 12 8.26 6.09 0.12
CA SER B 12 6.88 6.20 0.62
C SER B 12 6.41 4.88 1.27
N ILE B 13 6.40 3.79 0.48
CA ILE B 13 6.01 2.45 0.97
C ILE B 13 6.99 1.91 2.04
N GLU B 14 8.26 2.37 1.99
CA GLU B 14 9.31 1.96 2.95
C GLU B 14 9.11 2.61 4.33
N THR B 15 8.63 3.89 4.35
CA THR B 15 8.39 4.63 5.61
C THR B 15 7.39 3.88 6.54
N VAL B 16 6.44 3.14 5.96
CA VAL B 16 5.46 2.36 6.75
C VAL B 16 6.13 1.12 7.40
N VAL B 17 7.21 0.59 6.75
CA VAL B 17 7.95 -0.58 7.27
C VAL B 17 9.17 -0.13 8.13
N THR B 18 9.05 1.02 8.85
CA THR B 18 10.12 1.56 9.71
C THR B 18 9.56 2.32 10.94
N THR B 19 8.55 3.18 10.72
CA THR B 19 7.93 3.97 11.80
C THR B 19 7.23 3.09 12.86
N PHE B 20 6.14 2.38 12.48
CA PHE B 20 5.40 1.52 13.42
C PHE B 20 5.93 0.06 13.42
N PHE B 21 6.84 -0.30 12.48
CA PHE B 21 7.41 -1.67 12.43
C PHE B 21 8.46 -1.92 13.53
N THR B 22 8.88 -0.85 14.26
CA THR B 22 9.82 -1.00 15.39
C THR B 22 9.10 -1.70 16.57
N PHE B 23 7.79 -1.41 16.72
CA PHE B 23 6.95 -2.01 17.77
C PHE B 23 6.30 -3.32 17.27
N ALA B 24 6.02 -3.41 15.95
CA ALA B 24 5.41 -4.62 15.33
C ALA B 24 6.27 -5.89 15.50
N ARG B 25 7.60 -5.73 15.59
CA ARG B 25 8.53 -6.88 15.76
C ARG B 25 8.66 -7.32 17.25
N GLN B 26 7.83 -6.76 18.16
CA GLN B 26 7.84 -7.11 19.59
C GLN B 26 7.10 -8.45 19.83
N GLU B 27 6.02 -8.68 19.05
CA GLU B 27 5.22 -9.91 19.16
C GLU B 27 5.66 -10.94 18.09
N GLY B 28 4.87 -12.03 17.89
CA GLY B 28 5.20 -13.08 16.91
C GLY B 28 5.53 -12.55 15.51
N ARG B 29 6.61 -13.10 14.91
CA ARG B 29 7.09 -12.71 13.55
C ARG B 29 7.56 -11.25 13.51
N LYS B 30 8.76 -11.02 12.94
CA LYS B 30 9.35 -9.68 12.81
C LYS B 30 8.61 -8.83 11.77
N ASP B 31 8.20 -9.47 10.65
CA ASP B 31 7.47 -8.80 9.56
C ASP B 31 5.95 -9.06 9.70
N SER B 32 5.41 -8.74 10.89
CA SER B 32 3.98 -8.97 11.18
C SER B 32 3.49 -8.10 12.36
N LEU B 33 2.24 -7.59 12.24
CA LEU B 33 1.62 -6.76 13.29
C LEU B 33 0.70 -7.62 14.17
N SER B 34 0.51 -7.21 15.44
CA SER B 34 -0.35 -7.95 16.40
C SER B 34 -1.82 -7.51 16.24
N VAL B 35 -2.76 -8.35 16.71
CA VAL B 35 -4.21 -8.07 16.62
C VAL B 35 -4.63 -6.80 17.42
N ASN B 36 -3.85 -6.46 18.48
CA ASN B 36 -4.13 -5.27 19.31
C ASN B 36 -3.33 -4.04 18.84
N GLU B 37 -2.10 -4.27 18.29
CA GLU B 37 -1.23 -3.17 17.83
C GLU B 37 -1.79 -2.46 16.57
N PHE B 38 -2.30 -3.23 15.58
CA PHE B 38 -2.85 -2.63 14.34
C PHE B 38 -4.09 -1.74 14.62
N LYS B 39 -4.92 -2.13 15.62
CA LYS B 39 -6.12 -1.37 16.00
C LYS B 39 -5.73 -0.04 16.69
N GLU B 40 -4.65 -0.07 17.51
CA GLU B 40 -4.15 1.15 18.21
C GLU B 40 -3.55 2.14 17.21
N LEU B 41 -2.90 1.61 16.15
CA LEU B 41 -2.29 2.45 15.09
C LEU B 41 -3.37 3.25 14.33
N VAL B 42 -4.56 2.63 14.12
CA VAL B 42 -5.67 3.28 13.42
C VAL B 42 -6.41 4.30 14.35
N THR B 43 -6.40 4.07 15.68
CA THR B 43 -7.09 4.97 16.64
C THR B 43 -6.09 5.90 17.39
N GLN B 44 -4.90 6.17 16.80
CA GLN B 44 -3.90 7.05 17.43
C GLN B 44 -3.09 7.86 16.39
N GLN B 45 -2.44 7.15 15.44
CA GLN B 45 -1.60 7.80 14.40
C GLN B 45 -2.25 7.79 13.00
N LEU B 46 -3.38 7.05 12.82
CA LEU B 46 -4.08 6.98 11.52
C LEU B 46 -5.62 7.09 11.68
N PRO B 47 -6.15 8.07 12.50
CA PRO B 47 -7.61 8.23 12.71
C PRO B 47 -8.36 8.96 11.56
N HIS B 48 -7.71 9.96 10.93
CA HIS B 48 -8.33 10.74 9.82
C HIS B 48 -8.56 9.88 8.58
N LEU B 49 -7.58 9.01 8.25
CA LEU B 49 -7.68 8.12 7.07
C LEU B 49 -8.88 7.17 7.17
N LEU B 50 -8.86 6.29 8.19
CA LEU B 50 -9.97 5.33 8.43
C LEU B 50 -10.97 5.96 9.41
N LYS B 51 -11.92 6.74 8.85
CA LYS B 51 -12.97 7.42 9.65
C LYS B 51 -13.70 6.48 10.63
N ASP B 52 -13.97 5.21 10.22
CA ASP B 52 -14.64 4.23 11.09
C ASP B 52 -13.61 3.50 12.00
N VAL B 53 -13.09 4.24 13.00
CA VAL B 53 -12.10 3.67 13.96
C VAL B 53 -12.74 2.61 14.88
N GLY B 54 -14.04 2.80 15.23
CA GLY B 54 -14.76 1.84 16.07
C GLY B 54 -15.17 0.58 15.29
N SER B 55 -15.69 0.78 14.07
CA SER B 55 -16.09 -0.34 13.19
C SER B 55 -14.87 -0.81 12.38
N LEU B 56 -14.04 -1.65 13.03
CA LEU B 56 -12.81 -2.20 12.43
C LEU B 56 -12.87 -3.74 12.27
N ASP B 57 -14.03 -4.36 12.60
CA ASP B 57 -14.19 -5.84 12.50
C ASP B 57 -14.29 -6.32 11.03
N GLU B 58 -14.87 -5.48 10.13
CA GLU B 58 -14.99 -5.82 8.70
C GLU B 58 -13.60 -6.06 8.06
N LYS B 59 -12.62 -5.22 8.41
CA LYS B 59 -11.24 -5.34 7.90
C LYS B 59 -10.47 -6.40 8.72
N MET B 60 -10.69 -6.44 10.07
CA MET B 60 -10.03 -7.43 10.95
C MET B 60 -10.23 -8.89 10.44
N LYS B 61 -11.44 -9.21 9.96
CA LYS B 61 -11.74 -10.55 9.41
C LYS B 61 -11.04 -10.78 8.05
N SER B 62 -11.01 -9.72 7.20
CA SER B 62 -10.35 -9.79 5.87
C SER B 62 -8.82 -9.95 6.02
N LEU B 63 -8.24 -9.30 7.06
CA LEU B 63 -6.79 -9.37 7.34
C LEU B 63 -6.42 -10.77 7.87
N ASP B 64 -7.07 -11.20 8.97
CA ASP B 64 -6.83 -12.52 9.59
C ASP B 64 -7.71 -13.59 8.90
N VAL B 65 -7.30 -14.00 7.69
CA VAL B 65 -8.02 -15.00 6.88
C VAL B 65 -7.43 -16.42 7.09
N ASN B 66 -6.12 -16.51 7.40
CA ASN B 66 -5.45 -17.82 7.63
C ASN B 66 -5.68 -18.33 9.07
N GLN B 67 -6.07 -17.42 10.00
CA GLN B 67 -6.34 -17.76 11.42
C GLN B 67 -5.08 -18.27 12.14
N ASP B 68 -4.11 -17.35 12.38
CA ASP B 68 -2.84 -17.66 13.05
C ASP B 68 -2.48 -16.60 14.13
N SER B 69 -3.41 -15.65 14.44
CA SER B 69 -3.19 -14.57 15.42
C SER B 69 -1.99 -13.67 15.06
N GLU B 70 -1.69 -13.56 13.74
CA GLU B 70 -0.56 -12.76 13.24
C GLU B 70 -0.94 -12.09 11.91
N LEU B 71 -0.62 -10.78 11.77
CA LEU B 71 -0.92 -10.01 10.56
C LEU B 71 0.35 -9.68 9.75
N LYS B 72 0.84 -10.66 8.94
CA LYS B 72 2.03 -10.44 8.08
C LYS B 72 1.63 -9.48 6.94
N PHE B 73 2.60 -8.84 6.25
CA PHE B 73 2.28 -7.89 5.15
C PHE B 73 1.40 -8.54 4.05
N ASN B 74 1.52 -9.88 3.86
CA ASN B 74 0.68 -10.61 2.87
C ASN B 74 -0.82 -10.56 3.30
N GLU B 75 -1.05 -10.58 4.64
CA GLU B 75 -2.40 -10.52 5.23
C GLU B 75 -2.81 -9.06 5.52
N TYR B 76 -1.81 -8.22 5.92
CA TYR B 76 -2.03 -6.79 6.23
C TYR B 76 -2.27 -5.94 4.96
N TRP B 77 -1.93 -6.50 3.77
CA TRP B 77 -2.13 -5.81 2.47
C TRP B 77 -3.62 -5.41 2.25
N ARG B 78 -4.58 -6.14 2.89
CA ARG B 78 -6.02 -5.81 2.79
C ARG B 78 -6.31 -4.40 3.34
N LEU B 79 -5.60 -4.00 4.41
CA LEU B 79 -5.76 -2.67 5.03
C LEU B 79 -5.03 -1.57 4.22
N ILE B 80 -3.89 -1.95 3.57
CA ILE B 80 -3.11 -0.99 2.74
C ILE B 80 -3.94 -0.45 1.57
N GLY B 81 -4.78 -1.33 0.96
CA GLY B 81 -5.66 -0.92 -0.13
C GLY B 81 -6.73 0.08 0.33
N GLU B 82 -7.36 -0.21 1.48
CA GLU B 82 -8.38 0.69 2.06
C GLU B 82 -7.73 1.99 2.60
N LEU B 83 -6.43 1.91 2.98
CA LEU B 83 -5.65 3.08 3.46
C LEU B 83 -5.46 4.10 2.33
N ALA B 84 -4.98 3.63 1.15
CA ALA B 84 -4.74 4.48 -0.03
C ALA B 84 -6.02 4.79 -0.83
N LYS B 85 -7.18 4.16 -0.49
CA LYS B 85 -8.45 4.40 -1.18
C LYS B 85 -9.33 5.41 -0.40
N GLU B 86 -9.37 5.26 0.95
CA GLU B 86 -10.18 6.15 1.81
C GLU B 86 -9.49 7.52 2.06
N ILE B 87 -8.18 7.66 1.71
CA ILE B 87 -7.45 8.93 1.89
C ILE B 87 -8.07 10.06 1.03
N ARG B 88 -8.39 9.74 -0.24
CA ARG B 88 -8.98 10.72 -1.18
C ARG B 88 -10.50 10.77 -1.07
N LYS B 89 -11.17 9.60 -0.94
CA LYS B 89 -12.64 9.53 -0.83
C LYS B 89 -13.10 8.52 0.24
N LYS B 90 -13.16 8.96 1.50
CA LYS B 90 -13.64 8.12 2.61
C LYS B 90 -15.18 8.08 2.62
N LYS B 91 -15.81 9.22 2.27
CA LYS B 91 -17.27 9.36 2.16
C LYS B 91 -17.62 9.67 0.70
N ASP B 92 -17.50 8.65 -0.19
CA ASP B 92 -17.79 8.82 -1.64
C ASP B 92 -19.30 8.92 -1.93
N LEU B 93 -19.94 10.00 -1.43
CA LEU B 93 -21.38 10.24 -1.60
C LEU B 93 -21.79 11.62 -1.00
N LYS B 94 -21.25 11.93 0.21
CA LYS B 94 -21.53 13.20 0.91
C LYS B 94 -20.47 14.27 0.57
N ILE B 95 -19.17 13.91 0.72
CA ILE B 95 -18.06 14.85 0.45
C ILE B 95 -17.02 14.22 -0.52
N ARG B 96 -16.63 14.98 -1.57
CA ARG B 96 -15.64 14.50 -2.56
C ARG B 96 -14.71 15.62 -3.09
N LYS B 97 -14.52 16.71 -2.31
CA LYS B 97 -13.64 17.82 -2.73
C LYS B 97 -12.73 18.29 -1.56
N LYS B 98 -11.82 17.38 -1.14
CA LYS B 98 -10.88 17.65 -0.05
C LYS B 98 -9.65 16.73 -0.16
NAA ANW C . -8.82 20.87 -8.11
NAB ANW C . -10.75 21.69 -9.12
CAC ANW C . -3.51 14.86 -5.74
CAD ANW C . -3.10 16.06 -6.59
CAE ANW C . -1.86 16.72 -5.99
CAF ANW C . -4.14 16.98 -6.64
CAG ANW C . -4.77 17.23 -7.86
CAH ANW C . -5.86 18.09 -7.92
CAI ANW C . -6.33 18.70 -6.76
CAJ ANW C . -5.71 18.43 -5.54
CAK ANW C . -4.61 17.58 -5.48
CAL ANW C . -7.86 19.95 -8.04
CAM ANW C . -9.62 20.98 -9.18
CAN ANW C . -9.47 20.13 -10.27
CAO ANW C . -8.49 19.15 -10.22
CAP ANW C . -7.67 19.06 -9.10
CAQ ANW C . -6.56 18.22 -9.11
CAR ANW C . -10.17 20.36 -11.45
OAS ANW C . -7.32 19.62 -6.83
OAT ANW C . -6.23 17.61 -10.11
OAU ANW C . -10.09 19.53 -12.39
OAV ANW C . -10.86 21.39 -11.58
HNAB ANW C . -10.90 22.32 -8.36
HNAA ANW C . -11.45 21.57 -9.82
HAC ANW C . -3.70 15.25 -4.74
HACA ANW C . -4.47 14.47 -6.10
HACB ANW C . -2.73 14.11 -5.62
HAD ANW C . -2.88 15.72 -7.60
HAE ANW C . -2.13 17.02 -4.98
HAEA ANW C . -1.07 15.97 -5.86
HAEB ANW C . -1.54 17.63 -6.49
HAG ANW C . -4.43 16.71 -8.75
HAJ ANW C . -6.11 18.87 -4.62
HAK ANW C . -4.15 17.36 -4.52
HAO ANW C . -8.35 18.47 -11.07
NAA ANW D . 14.74 -8.61 11.79
NAB ANW D . 14.64 -10.91 11.56
CAC ANW D . 13.94 -0.45 10.07
CAD ANW D . 12.85 -1.28 10.73
CAE ANW D . 12.33 -0.58 11.99
CAF ANW D . 13.34 -2.54 11.05
CAG ANW D . 12.86 -3.67 10.40
CAH ANW D . 13.39 -4.93 10.68
CAI ANW D . 14.41 -5.05 11.62
CAJ ANW D . 14.91 -3.92 12.27
CAK ANW D . 14.37 -2.67 11.98
CAL ANW D . 14.32 -7.39 11.40
CAM ANW D . 14.48 -9.69 11.05
CAN ANW D . 13.78 -9.60 9.85
CAO ANW D . 13.33 -8.35 9.43
CAP ANW D . 13.61 -7.24 10.22
CAQ ANW D . 13.01 -6.03 9.92
CAR ANW D . 13.57 -10.72 9.05
OAS ANW D . 14.86 -6.28 11.98
OAT ANW D . 12.19 -5.92 9.02
OAU ANW D . 12.92 -10.61 7.99
OAV ANW D . 14.01 -11.84 9.40
HNAB ANW D . 15.15 -11.04 12.41
HNAA ANW D . 14.22 -11.71 11.11
HAC ANW D . 14.75 -0.40 10.80
HACA ANW D . 14.34 -0.97 9.21
HACB ANW D . 13.67 0.59 9.90
HAD ANW D . 12.02 -1.40 10.02
HAE ANW D . 13.19 -0.49 12.65
HAEA ANW D . 12.04 0.44 11.74
HAEB ANW D . 11.59 -1.15 12.55
HAG ANW D . 12.03 -3.58 9.69
HAJ ANW D . 15.68 -4.02 13.03
HAK ANW D . 14.78 -1.78 12.46
HAO ANW D . 12.81 -8.25 8.49
N MET A 1 -12.74 13.44 -3.96
CA MET A 1 -11.56 12.77 -4.62
C MET A 1 -10.37 13.73 -4.74
N ALA A 2 -9.61 13.86 -3.63
CA ALA A 2 -8.42 14.74 -3.58
C ALA A 2 -7.46 14.29 -2.47
N ALA A 3 -6.15 14.27 -2.77
CA ALA A 3 -5.12 13.84 -1.80
C ALA A 3 -4.49 15.03 -1.07
N GLU A 4 -4.55 15.02 0.29
CA GLU A 4 -3.98 16.07 1.15
C GLU A 4 -3.20 15.43 2.32
N PRO A 5 -1.95 15.91 2.65
CA PRO A 5 -1.16 15.35 3.76
C PRO A 5 -1.62 15.81 5.15
N LEU A 6 -1.46 14.93 6.17
CA LEU A 6 -1.87 15.24 7.56
C LEU A 6 -0.81 14.70 8.57
N THR A 7 -0.80 13.37 8.79
CA THR A 7 0.16 12.71 9.71
C THR A 7 1.27 12.00 8.91
N GLU A 8 2.38 11.59 9.57
CA GLU A 8 3.51 10.90 8.89
C GLU A 8 3.06 9.64 8.13
N LEU A 9 2.29 8.75 8.81
CA LEU A 9 1.79 7.50 8.19
C LEU A 9 0.77 7.81 7.07
N GLU A 10 -0.05 8.86 7.25
CA GLU A 10 -1.04 9.27 6.23
C GLU A 10 -0.31 9.89 5.02
N GLU A 11 0.77 10.67 5.29
CA GLU A 11 1.57 11.31 4.23
C GLU A 11 2.33 10.24 3.40
N SER A 12 2.69 9.11 4.03
CA SER A 12 3.39 8.01 3.33
C SER A 12 2.49 7.40 2.24
N ILE A 13 1.20 7.17 2.57
CA ILE A 13 0.22 6.60 1.62
C ILE A 13 -0.43 7.70 0.73
N GLU A 14 -0.24 8.99 1.10
CA GLU A 14 -0.79 10.13 0.34
C GLU A 14 0.19 10.58 -0.77
N THR A 15 1.50 10.61 -0.45
CA THR A 15 2.55 11.01 -1.43
C THR A 15 2.61 10.04 -2.62
N VAL A 16 2.25 8.75 -2.40
CA VAL A 16 2.23 7.73 -3.48
C VAL A 16 1.14 8.09 -4.51
N VAL A 17 0.07 8.78 -4.07
CA VAL A 17 -1.04 9.20 -4.94
C VAL A 17 -0.66 10.49 -5.71
N THR A 18 -0.46 11.61 -4.98
CA THR A 18 -0.14 12.93 -5.60
C THR A 18 1.05 12.92 -6.59
N THR A 19 2.13 12.17 -6.27
CA THR A 19 3.33 12.13 -7.13
C THR A 19 3.10 11.49 -8.52
N PHE A 20 2.21 10.47 -8.62
CA PHE A 20 1.95 9.78 -9.91
C PHE A 20 0.54 10.03 -10.48
N PHE A 21 -0.44 10.47 -9.66
CA PHE A 21 -1.82 10.69 -10.16
C PHE A 21 -1.96 11.98 -11.01
N THR A 22 -0.94 12.88 -10.98
CA THR A 22 -0.97 14.10 -11.82
C THR A 22 -0.77 13.72 -13.32
N PHE A 23 -0.03 12.61 -13.57
CA PHE A 23 0.22 12.10 -14.92
C PHE A 23 -0.74 10.95 -15.28
N ALA A 24 -1.21 10.17 -14.27
CA ALA A 24 -2.13 9.03 -14.48
C ALA A 24 -3.56 9.48 -14.84
N ARG A 25 -3.96 10.69 -14.40
CA ARG A 25 -5.31 11.26 -14.69
C ARG A 25 -5.57 11.46 -16.21
N GLN A 26 -4.48 11.53 -17.02
CA GLN A 26 -4.56 11.72 -18.49
C GLN A 26 -5.48 10.67 -19.17
N GLU A 27 -5.37 9.39 -18.76
CA GLU A 27 -6.19 8.30 -19.33
C GLU A 27 -7.56 8.19 -18.62
N GLY A 28 -8.40 7.20 -19.06
CA GLY A 28 -9.75 6.99 -18.50
C GLY A 28 -9.82 7.00 -16.97
N ARG A 29 -10.92 7.58 -16.43
CA ARG A 29 -11.19 7.69 -14.97
C ARG A 29 -10.17 8.64 -14.26
N LYS A 30 -10.65 9.38 -13.24
CA LYS A 30 -9.81 10.34 -12.49
C LYS A 30 -9.06 9.68 -11.30
N ASP A 31 -9.47 8.46 -10.90
CA ASP A 31 -8.85 7.73 -9.78
C ASP A 31 -8.33 6.34 -10.26
N SER A 32 -7.42 6.34 -11.26
CA SER A 32 -6.86 5.09 -11.80
C SER A 32 -5.49 5.30 -12.47
N LEU A 33 -4.63 4.25 -12.40
CA LEU A 33 -3.31 4.26 -13.03
C LEU A 33 -3.43 3.75 -14.48
N SER A 34 -2.56 4.25 -15.38
CA SER A 34 -2.56 3.84 -16.80
C SER A 34 -1.76 2.54 -17.02
N VAL A 35 -2.12 1.79 -18.09
CA VAL A 35 -1.44 0.51 -18.42
C VAL A 35 -0.04 0.73 -19.05
N ASN A 36 0.13 1.82 -19.81
CA ASN A 36 1.41 2.15 -20.46
C ASN A 36 2.37 2.88 -19.49
N GLU A 37 1.84 3.85 -18.73
CA GLU A 37 2.65 4.63 -17.75
C GLU A 37 3.12 3.76 -16.58
N PHE A 38 2.36 2.68 -16.26
CA PHE A 38 2.72 1.74 -15.18
C PHE A 38 3.99 0.93 -15.56
N LYS A 39 4.06 0.48 -16.81
CA LYS A 39 5.23 -0.28 -17.32
C LYS A 39 6.52 0.57 -17.33
N GLU A 40 6.39 1.89 -17.53
CA GLU A 40 7.52 2.83 -17.56
C GLU A 40 7.91 3.28 -16.14
N LEU A 41 6.92 3.42 -15.23
CA LEU A 41 7.17 3.85 -13.85
C LEU A 41 8.03 2.80 -13.08
N VAL A 42 7.75 1.51 -13.33
CA VAL A 42 8.49 0.41 -12.69
C VAL A 42 9.93 0.28 -13.24
N THR A 43 10.16 0.66 -14.51
CA THR A 43 11.49 0.58 -15.14
C THR A 43 12.09 1.99 -15.40
N GLN A 44 12.04 2.86 -14.37
CA GLN A 44 12.60 4.23 -14.44
C GLN A 44 12.71 4.86 -13.04
N GLN A 45 11.59 4.84 -12.28
CA GLN A 45 11.54 5.42 -10.93
C GLN A 45 11.33 4.34 -9.83
N LEU A 46 11.17 3.05 -10.22
CA LEU A 46 10.98 1.96 -9.26
C LEU A 46 11.75 0.66 -9.69
N PRO A 47 13.01 0.74 -10.23
CA PRO A 47 13.76 -0.45 -10.68
C PRO A 47 14.45 -1.25 -9.54
N HIS A 48 15.05 -0.53 -8.56
CA HIS A 48 15.76 -1.18 -7.43
C HIS A 48 14.78 -1.84 -6.43
N LEU A 49 13.62 -1.17 -6.17
CA LEU A 49 12.58 -1.70 -5.27
C LEU A 49 12.03 -3.04 -5.77
N LEU A 50 11.47 -3.02 -6.99
CA LEU A 50 10.93 -4.24 -7.63
C LEU A 50 11.97 -4.76 -8.63
N LYS A 51 12.74 -5.79 -8.21
CA LYS A 51 13.79 -6.41 -9.07
C LYS A 51 13.20 -6.95 -10.39
N ASP A 52 11.91 -7.34 -10.36
CA ASP A 52 11.21 -7.88 -11.55
C ASP A 52 10.78 -6.73 -12.49
N VAL A 53 11.75 -6.24 -13.30
CA VAL A 53 11.52 -5.14 -14.26
C VAL A 53 11.21 -5.64 -15.68
N GLY A 54 11.86 -6.75 -16.10
CA GLY A 54 11.64 -7.32 -17.42
C GLY A 54 10.32 -8.09 -17.55
N SER A 55 10.06 -9.02 -16.60
CA SER A 55 8.82 -9.83 -16.61
C SER A 55 7.68 -9.06 -15.92
N LEU A 56 6.94 -8.25 -16.71
CA LEU A 56 5.80 -7.45 -16.20
C LEU A 56 4.45 -8.09 -16.63
N ASP A 57 4.35 -9.43 -16.49
CA ASP A 57 3.14 -10.18 -16.87
C ASP A 57 2.47 -10.84 -15.64
N GLU A 58 3.26 -11.44 -14.73
CA GLU A 58 2.72 -12.07 -13.51
C GLU A 58 2.08 -11.00 -12.59
N LYS A 59 2.70 -9.80 -12.53
CA LYS A 59 2.17 -8.68 -11.73
C LYS A 59 0.94 -8.06 -12.43
N MET A 60 1.06 -7.81 -13.75
CA MET A 60 -0.01 -7.20 -14.58
C MET A 60 -1.32 -8.05 -14.59
N LYS A 61 -1.20 -9.39 -14.64
CA LYS A 61 -2.37 -10.30 -14.65
C LYS A 61 -3.14 -10.26 -13.31
N SER A 62 -2.42 -10.29 -12.18
CA SER A 62 -3.04 -10.24 -10.84
C SER A 62 -3.77 -8.91 -10.57
N LEU A 63 -3.28 -7.80 -11.18
CA LEU A 63 -3.88 -6.46 -11.03
C LEU A 63 -5.19 -6.35 -11.83
N ASP A 64 -5.10 -6.57 -13.15
CA ASP A 64 -6.27 -6.49 -14.04
C ASP A 64 -7.05 -7.82 -14.03
N VAL A 65 -7.92 -7.99 -13.02
CA VAL A 65 -8.75 -9.20 -12.88
C VAL A 65 -10.10 -9.01 -13.60
N ASN A 66 -10.69 -7.79 -13.51
CA ASN A 66 -11.95 -7.46 -14.18
C ASN A 66 -11.74 -7.22 -15.68
N GLN A 67 -10.50 -6.81 -16.08
CA GLN A 67 -10.12 -6.56 -17.49
C GLN A 67 -10.93 -5.40 -18.10
N ASP A 68 -10.52 -4.16 -17.78
CA ASP A 68 -11.17 -2.93 -18.27
C ASP A 68 -10.13 -1.93 -18.84
N SER A 69 -8.95 -2.44 -19.30
CA SER A 69 -7.85 -1.62 -19.85
C SER A 69 -7.13 -0.80 -18.76
N GLU A 70 -7.82 0.22 -18.18
CA GLU A 70 -7.24 1.07 -17.12
C GLU A 70 -7.09 0.30 -15.81
N LEU A 71 -6.09 0.68 -14.99
CA LEU A 71 -5.82 0.03 -13.70
C LEU A 71 -6.28 0.90 -12.52
N LYS A 72 -7.53 0.69 -12.03
CA LYS A 72 -8.07 1.44 -10.88
C LYS A 72 -7.32 1.01 -9.60
N PHE A 73 -7.37 1.83 -8.52
CA PHE A 73 -6.67 1.49 -7.26
C PHE A 73 -7.15 0.17 -6.63
N ASN A 74 -8.43 -0.23 -6.91
CA ASN A 74 -8.98 -1.51 -6.41
C ASN A 74 -8.30 -2.69 -7.16
N GLU A 75 -7.93 -2.47 -8.44
CA GLU A 75 -7.22 -3.47 -9.25
C GLU A 75 -5.70 -3.40 -8.99
N TYR A 76 -5.15 -2.17 -8.86
CA TYR A 76 -3.72 -1.96 -8.56
C TYR A 76 -3.38 -2.39 -7.10
N TRP A 77 -4.44 -2.56 -6.28
CA TRP A 77 -4.38 -3.01 -4.87
C TRP A 77 -3.36 -4.15 -4.62
N ARG A 78 -3.29 -5.12 -5.55
CA ARG A 78 -2.37 -6.29 -5.41
C ARG A 78 -0.88 -5.88 -5.39
N LEU A 79 -0.51 -4.82 -6.14
CA LEU A 79 0.90 -4.36 -6.18
C LEU A 79 1.26 -3.54 -4.93
N ILE A 80 0.26 -2.86 -4.32
CA ILE A 80 0.49 -2.06 -3.10
C ILE A 80 1.14 -2.92 -1.99
N GLY A 81 0.67 -4.19 -1.86
CA GLY A 81 1.23 -5.12 -0.88
C GLY A 81 2.58 -5.69 -1.33
N GLU A 82 2.73 -5.89 -2.65
CA GLU A 82 3.99 -6.43 -3.24
C GLU A 82 5.14 -5.39 -3.19
N LEU A 83 4.80 -4.07 -3.16
CA LEU A 83 5.80 -2.99 -3.09
C LEU A 83 6.51 -2.98 -1.73
N ALA A 84 5.72 -3.04 -0.63
CA ALA A 84 6.26 -3.08 0.74
C ALA A 84 6.87 -4.46 1.08
N LYS A 85 6.61 -5.49 0.24
CA LYS A 85 7.13 -6.85 0.42
C LYS A 85 8.56 -6.97 -0.18
N GLU A 86 8.78 -6.38 -1.36
CA GLU A 86 10.09 -6.41 -2.06
C GLU A 86 11.11 -5.41 -1.48
N ILE A 87 10.63 -4.37 -0.76
CA ILE A 87 11.51 -3.33 -0.17
C ILE A 87 12.50 -3.91 0.87
N ARG A 88 12.03 -4.87 1.69
CA ARG A 88 12.86 -5.48 2.75
C ARG A 88 13.38 -6.88 2.36
N LYS A 89 12.52 -7.71 1.74
CA LYS A 89 12.92 -9.08 1.34
C LYS A 89 12.39 -9.47 -0.06
N LYS A 90 13.07 -8.98 -1.12
CA LYS A 90 12.69 -9.32 -2.51
C LYS A 90 13.25 -10.70 -2.88
N LYS A 91 14.43 -11.01 -2.31
CA LYS A 91 15.11 -12.30 -2.51
C LYS A 91 15.18 -13.02 -1.14
N ASP A 92 14.01 -13.44 -0.61
CA ASP A 92 13.93 -14.12 0.70
C ASP A 92 14.39 -15.60 0.60
N LEU A 93 15.69 -15.79 0.31
CA LEU A 93 16.32 -17.12 0.15
C LEU A 93 17.84 -17.00 -0.04
N LYS A 94 18.27 -16.05 -0.92
CA LYS A 94 19.69 -15.81 -1.24
C LYS A 94 20.30 -14.74 -0.32
N ILE A 95 19.68 -13.53 -0.29
CA ILE A 95 20.16 -12.41 0.54
C ILE A 95 19.08 -11.96 1.54
N ARG A 96 19.45 -11.88 2.84
CA ARG A 96 18.51 -11.45 3.90
C ARG A 96 19.16 -10.44 4.87
N LYS A 97 19.80 -9.39 4.30
CA LYS A 97 20.43 -8.31 5.08
C LYS A 97 20.70 -7.08 4.19
N LYS A 98 19.66 -6.24 4.03
CA LYS A 98 19.74 -5.01 3.21
C LYS A 98 19.46 -3.77 4.07
N MET B 1 16.53 -8.18 4.37
CA MET B 1 15.39 -8.32 5.28
C MET B 1 15.00 -7.00 5.99
N ALA B 2 15.77 -5.91 5.77
CA ALA B 2 15.50 -4.60 6.40
C ALA B 2 15.08 -3.55 5.35
N ALA B 3 14.07 -2.73 5.70
CA ALA B 3 13.58 -1.68 4.78
C ALA B 3 14.49 -0.44 4.81
N GLU B 4 15.37 -0.33 3.79
CA GLU B 4 16.35 0.77 3.68
C GLU B 4 15.79 1.95 2.84
N PRO B 5 16.14 3.25 3.18
CA PRO B 5 15.63 4.42 2.43
C PRO B 5 16.16 4.48 0.98
N LEU B 6 15.23 4.60 0.00
CA LEU B 6 15.58 4.67 -1.44
C LEU B 6 15.02 5.98 -2.07
N THR B 7 14.42 5.93 -3.30
CA THR B 7 13.88 7.14 -3.97
C THR B 7 12.50 7.54 -3.39
N GLU B 8 12.06 8.79 -3.64
CA GLU B 8 10.76 9.35 -3.13
C GLU B 8 9.59 8.32 -3.10
N LEU B 9 9.29 7.65 -4.24
CA LEU B 9 8.19 6.64 -4.30
C LEU B 9 8.53 5.36 -3.52
N GLU B 10 9.79 4.89 -3.63
CA GLU B 10 10.25 3.67 -2.94
C GLU B 10 10.36 3.89 -1.40
N GLU B 11 10.58 5.16 -0.99
CA GLU B 11 10.71 5.54 0.42
C GLU B 11 9.33 5.59 1.11
N SER B 12 8.26 5.93 0.36
CA SER B 12 6.88 5.99 0.89
C SER B 12 6.44 4.64 1.50
N ILE B 13 6.53 3.56 0.70
CA ILE B 13 6.18 2.20 1.18
C ILE B 13 7.21 1.67 2.22
N GLU B 14 8.42 2.26 2.24
CA GLU B 14 9.48 1.91 3.19
C GLU B 14 9.21 2.53 4.59
N THR B 15 8.68 3.77 4.59
CA THR B 15 8.37 4.50 5.84
C THR B 15 7.38 3.73 6.73
N VAL B 16 6.38 3.06 6.11
CA VAL B 16 5.36 2.27 6.85
C VAL B 16 6.00 1.02 7.53
N VAL B 17 7.00 0.40 6.86
CA VAL B 17 7.68 -0.80 7.40
C VAL B 17 8.78 -0.44 8.43
N THR B 18 9.18 0.85 8.52
CA THR B 18 10.23 1.28 9.47
C THR B 18 9.66 2.05 10.69
N THR B 19 8.56 2.82 10.49
CA THR B 19 7.95 3.61 11.57
C THR B 19 7.23 2.72 12.61
N PHE B 20 6.57 1.63 12.15
CA PHE B 20 5.85 0.72 13.07
C PHE B 20 6.55 -0.66 13.19
N PHE B 21 7.88 -0.71 12.97
CA PHE B 21 8.67 -1.95 13.10
C PHE B 21 8.91 -2.29 14.58
N THR B 22 9.12 -1.24 15.41
CA THR B 22 9.36 -1.40 16.87
C THR B 22 8.18 -2.12 17.57
N PHE B 23 6.94 -1.88 17.08
CA PHE B 23 5.72 -2.50 17.64
C PHE B 23 5.43 -3.87 16.98
N ALA B 24 5.65 -3.97 15.65
CA ALA B 24 5.41 -5.22 14.88
C ALA B 24 6.29 -6.40 15.34
N ARG B 25 7.55 -6.13 15.70
CA ARG B 25 8.50 -7.19 16.14
C ARG B 25 8.20 -7.71 17.57
N GLN B 26 7.46 -6.93 18.39
CA GLN B 26 7.10 -7.29 19.78
C GLN B 26 6.45 -8.69 19.90
N GLU B 27 5.47 -8.99 19.04
CA GLU B 27 4.77 -10.29 19.05
C GLU B 27 5.37 -11.25 17.98
N GLY B 28 4.70 -12.41 17.70
CA GLY B 28 5.18 -13.40 16.72
C GLY B 28 5.51 -12.82 15.35
N ARG B 29 6.63 -13.31 14.73
CA ARG B 29 7.12 -12.86 13.41
C ARG B 29 7.53 -11.37 13.42
N LYS B 30 8.65 -11.04 12.75
CA LYS B 30 9.16 -9.66 12.68
C LYS B 30 8.34 -8.78 11.72
N ASP B 31 8.07 -9.30 10.49
CA ASP B 31 7.28 -8.56 9.49
C ASP B 31 5.80 -9.01 9.53
N SER B 32 5.20 -8.97 10.73
CA SER B 32 3.80 -9.38 10.94
C SER B 32 3.19 -8.66 12.16
N LEU B 33 2.18 -7.80 11.91
CA LEU B 33 1.51 -7.04 12.98
C LEU B 33 0.55 -7.94 13.78
N SER B 34 0.40 -7.65 15.09
CA SER B 34 -0.47 -8.42 15.98
C SER B 34 -1.94 -7.97 15.86
N VAL B 35 -2.87 -8.75 16.47
CA VAL B 35 -4.32 -8.44 16.43
C VAL B 35 -4.66 -7.14 17.21
N ASN B 36 -3.96 -6.87 18.33
CA ASN B 36 -4.20 -5.68 19.17
C ASN B 36 -3.04 -4.65 19.01
N GLU B 37 -2.55 -4.50 17.76
CA GLU B 37 -1.46 -3.54 17.47
C GLU B 37 -1.91 -2.54 16.39
N PHE B 38 -2.49 -3.06 15.28
CA PHE B 38 -2.97 -2.18 14.18
C PHE B 38 -4.16 -1.32 14.65
N LYS B 39 -5.02 -1.86 15.54
CA LYS B 39 -6.18 -1.13 16.07
C LYS B 39 -5.75 0.08 16.91
N GLU B 40 -4.69 -0.10 17.73
CA GLU B 40 -4.14 0.98 18.58
C GLU B 40 -3.49 2.07 17.70
N LEU B 41 -2.90 1.66 16.55
CA LEU B 41 -2.26 2.60 15.60
C LEU B 41 -3.33 3.42 14.83
N VAL B 42 -4.47 2.78 14.51
CA VAL B 42 -5.57 3.46 13.77
C VAL B 42 -6.38 4.41 14.70
N THR B 43 -6.35 4.17 16.03
CA THR B 43 -7.08 5.02 16.99
C THR B 43 -6.10 5.94 17.77
N GLN B 44 -5.01 6.40 17.11
CA GLN B 44 -4.01 7.28 17.76
C GLN B 44 -3.15 8.03 16.72
N GLN B 45 -2.53 7.28 15.77
CA GLN B 45 -1.66 7.88 14.74
C GLN B 45 -2.31 7.86 13.33
N LEU B 46 -3.43 7.13 13.15
CA LEU B 46 -4.12 7.03 11.86
C LEU B 46 -5.67 7.12 12.02
N PRO B 47 -6.23 8.10 12.84
CA PRO B 47 -7.68 8.22 13.06
C PRO B 47 -8.45 8.98 11.95
N HIS B 48 -7.84 10.02 11.36
CA HIS B 48 -8.51 10.83 10.30
C HIS B 48 -8.49 10.16 8.92
N LEU B 49 -7.59 9.19 8.70
CA LEU B 49 -7.49 8.49 7.40
C LEU B 49 -8.68 7.52 7.23
N LEU B 50 -8.80 6.53 8.14
CA LEU B 50 -9.92 5.59 8.11
C LEU B 50 -11.13 6.21 8.83
N LYS B 51 -12.22 6.46 8.07
CA LYS B 51 -13.46 7.08 8.61
C LYS B 51 -14.03 6.31 9.83
N ASP B 52 -13.92 4.96 9.82
CA ASP B 52 -14.44 4.12 10.92
C ASP B 52 -13.27 3.67 11.82
N VAL B 53 -13.12 4.33 12.99
CA VAL B 53 -12.07 3.99 13.96
C VAL B 53 -12.55 2.89 14.95
N GLY B 54 -13.86 2.90 15.27
CA GLY B 54 -14.45 1.89 16.16
C GLY B 54 -14.93 0.65 15.43
N SER B 55 -15.47 0.83 14.20
CA SER B 55 -15.96 -0.29 13.38
C SER B 55 -14.84 -0.84 12.49
N LEU B 56 -13.89 -1.57 13.11
CA LEU B 56 -12.75 -2.17 12.40
C LEU B 56 -12.97 -3.70 12.16
N ASP B 57 -14.05 -4.29 12.74
CA ASP B 57 -14.37 -5.73 12.57
C ASP B 57 -14.68 -6.09 11.10
N GLU B 58 -15.19 -5.10 10.32
CA GLU B 58 -15.52 -5.31 8.89
C GLU B 58 -14.25 -5.67 8.08
N LYS B 59 -13.12 -4.98 8.37
CA LYS B 59 -11.83 -5.22 7.69
C LYS B 59 -11.01 -6.32 8.42
N MET B 60 -11.23 -6.48 9.75
CA MET B 60 -10.49 -7.49 10.55
C MET B 60 -10.72 -8.93 10.04
N LYS B 61 -11.97 -9.26 9.62
CA LYS B 61 -12.28 -10.60 9.08
C LYS B 61 -11.61 -10.80 7.71
N SER B 62 -11.50 -9.71 6.91
CA SER B 62 -10.83 -9.74 5.60
C SER B 62 -9.30 -9.89 5.81
N LEU B 63 -8.76 -9.20 6.84
CA LEU B 63 -7.32 -9.24 7.17
C LEU B 63 -6.91 -10.63 7.69
N ASP B 64 -7.71 -11.20 8.61
CA ASP B 64 -7.43 -12.55 9.17
C ASP B 64 -8.08 -13.63 8.30
N VAL B 65 -7.49 -13.87 7.11
CA VAL B 65 -7.98 -14.89 6.17
C VAL B 65 -7.39 -16.28 6.51
N ASN B 66 -6.12 -16.30 6.98
CA ASN B 66 -5.42 -17.55 7.38
C ASN B 66 -5.85 -17.98 8.80
N GLN B 67 -6.18 -16.99 9.68
CA GLN B 67 -6.59 -17.22 11.07
C GLN B 67 -5.50 -17.94 11.88
N ASP B 68 -4.48 -17.18 12.31
CA ASP B 68 -3.37 -17.71 13.12
C ASP B 68 -2.86 -16.64 14.13
N SER B 69 -3.79 -15.80 14.65
CA SER B 69 -3.51 -14.72 15.64
C SER B 69 -2.68 -13.57 15.02
N GLU B 70 -1.46 -13.89 14.50
CA GLU B 70 -0.59 -12.88 13.86
C GLU B 70 -1.13 -12.49 12.47
N LEU B 71 -0.75 -11.29 11.98
CA LEU B 71 -1.17 -10.81 10.66
C LEU B 71 0.03 -10.36 9.84
N LYS B 72 0.50 -11.22 8.90
CA LYS B 72 1.66 -10.92 8.03
C LYS B 72 1.32 -9.75 7.09
N PHE B 73 2.34 -9.11 6.48
CA PHE B 73 2.10 -7.97 5.55
C PHE B 73 1.28 -8.42 4.32
N ASN B 74 1.40 -9.72 3.93
CA ASN B 74 0.62 -10.29 2.81
C ASN B 74 -0.87 -10.38 3.20
N GLU B 75 -1.16 -10.71 4.48
CA GLU B 75 -2.53 -10.80 5.00
C GLU B 75 -3.03 -9.42 5.46
N TYR B 76 -2.10 -8.53 5.88
CA TYR B 76 -2.41 -7.16 6.32
C TYR B 76 -2.58 -6.19 5.11
N TRP B 77 -2.29 -6.69 3.87
CA TRP B 77 -2.41 -5.90 2.63
C TRP B 77 -3.87 -5.42 2.36
N ARG B 78 -4.87 -6.08 3.00
CA ARG B 78 -6.28 -5.70 2.84
C ARG B 78 -6.57 -4.30 3.41
N LEU B 79 -5.81 -3.87 4.45
CA LEU B 79 -5.98 -2.55 5.06
C LEU B 79 -5.06 -1.52 4.40
N ILE B 80 -3.82 -1.94 4.03
CA ILE B 80 -2.84 -1.05 3.34
C ILE B 80 -3.45 -0.48 2.05
N GLY B 81 -4.27 -1.30 1.34
CA GLY B 81 -4.96 -0.84 0.14
C GLY B 81 -6.02 0.21 0.46
N GLU B 82 -6.77 -0.02 1.57
CA GLU B 82 -7.80 0.93 2.04
C GLU B 82 -7.16 2.24 2.55
N LEU B 83 -5.90 2.16 3.08
CA LEU B 83 -5.18 3.34 3.58
C LEU B 83 -4.98 4.38 2.46
N ALA B 84 -4.40 3.94 1.33
CA ALA B 84 -4.15 4.82 0.16
C ALA B 84 -5.41 5.07 -0.69
N LYS B 85 -6.48 4.24 -0.52
CA LYS B 85 -7.73 4.41 -1.28
C LYS B 85 -8.70 5.39 -0.57
N GLU B 86 -8.84 5.24 0.77
CA GLU B 86 -9.74 6.10 1.57
C GLU B 86 -9.19 7.53 1.77
N ILE B 87 -7.88 7.76 1.46
CA ILE B 87 -7.24 9.08 1.61
C ILE B 87 -7.92 10.14 0.71
N ARG B 88 -8.22 9.78 -0.56
CA ARG B 88 -8.85 10.71 -1.51
C ARG B 88 -10.39 10.67 -1.41
N LYS B 89 -10.97 9.49 -1.10
CA LYS B 89 -12.43 9.33 -1.01
C LYS B 89 -12.85 8.33 0.08
N LYS B 90 -13.07 8.82 1.32
CA LYS B 90 -13.55 7.97 2.43
C LYS B 90 -15.08 7.85 2.34
N LYS B 91 -15.73 8.95 1.92
CA LYS B 91 -17.19 9.01 1.73
C LYS B 91 -17.47 9.65 0.37
N ASP B 92 -17.45 8.84 -0.72
CA ASP B 92 -17.69 9.35 -2.09
C ASP B 92 -19.20 9.54 -2.36
N LEU B 93 -19.80 10.49 -1.62
CA LEU B 93 -21.25 10.81 -1.73
C LEU B 93 -21.55 12.19 -1.12
N LYS B 94 -21.04 12.45 0.10
CA LYS B 94 -21.24 13.74 0.78
C LYS B 94 -20.10 14.72 0.44
N ILE B 95 -18.84 14.30 0.71
CA ILE B 95 -17.65 15.13 0.42
C ILE B 95 -16.95 14.63 -0.84
N ARG B 96 -16.65 15.54 -1.78
CA ARG B 96 -15.97 15.21 -3.04
C ARG B 96 -14.75 16.12 -3.35
N LYS B 97 -14.33 16.97 -2.37
CA LYS B 97 -13.18 17.86 -2.55
C LYS B 97 -12.57 18.28 -1.18
N LYS B 98 -11.29 17.93 -0.98
CA LYS B 98 -10.57 18.26 0.26
C LYS B 98 -9.05 18.14 0.06
NAA ANW C . -9.71 18.68 -10.15
NAB ANW C . -11.18 20.42 -10.62
CAC ANW C . -2.58 15.49 -7.20
CAD ANW C . -3.95 15.01 -6.74
CAE ANW C . -4.01 13.49 -6.82
CAF ANW C . -4.93 15.57 -7.54
CAG ANW C . -5.85 16.46 -6.99
CAH ANW C . -6.78 17.11 -7.80
CAI ANW C . -6.81 16.83 -9.18
CAJ ANW C . -5.90 15.94 -9.72
CAK ANW C . -4.97 15.30 -8.91
CAL ANW C . -8.72 18.18 -9.39
CAM ANW C . -10.43 19.74 -9.75
CAN ANW C . -10.20 20.35 -8.53
CAO ANW C . -9.18 19.86 -7.71
CAP ANW C . -8.44 18.76 -8.15
CAQ ANW C . -7.56 18.12 -7.28
CAR ANW C . -11.08 21.30 -8.02
OAS ANW C . -7.78 17.38 -9.96
OAT ANW C . -7.48 18.46 -6.11
OAU ANW C . -10.82 21.88 -6.94
OAV ANW C . -12.13 21.57 -8.64
HNAB ANW C . -11.38 20.03 -11.52
HNAA ANW C . -11.52 21.33 -10.38
HAC ANW C . -2.46 15.15 -8.23
HACA ANW C . -2.57 16.59 -7.25
HACB ANW C . -1.74 15.06 -6.65
HAD ANW C . -4.11 15.33 -5.71
HAE ANW C . -3.81 13.22 -7.85
HAEA ANW C . -3.18 13.07 -6.24
HAEB ANW C . -4.98 13.07 -6.58
HAG ANW C . -5.86 16.64 -5.92
HAJ ANW C . -5.91 15.73 -10.79
HAK ANW C . -4.24 14.62 -9.35
HAO ANW C . -8.96 20.32 -6.75
NAA ANW D . 14.18 -7.90 10.16
NAB ANW D . 14.58 -10.13 10.67
CAC ANW D . 13.71 0.36 11.07
CAD ANW D . 14.92 -0.30 10.43
CAE ANW D . 15.28 0.44 9.13
CAF ANW D . 14.65 -1.64 10.14
CAG ANW D . 15.55 -2.62 10.56
CAH ANW D . 15.23 -3.96 10.44
CAI ANW D . 14.03 -4.33 9.85
CAJ ANW D . 13.13 -3.36 9.41
CAK ANW D . 13.45 -2.01 9.55
CAL ANW D . 14.52 -6.60 10.25
CAM ANW D . 14.77 -8.83 10.91
CAN ANW D . 15.78 -8.50 11.81
CAO ANW D . 16.19 -7.17 11.89
CAP ANW D . 15.54 -6.21 11.12
CAQ ANW D . 16.01 -4.91 11.08
CAR ANW D . 16.22 -9.41 12.77
OAS ANW D . 13.68 -5.65 9.77
OAT ANW D . 17.10 -4.62 11.55
OAU ANW D . 17.12 -9.09 13.56
OAV ANW D . 15.68 -10.54 12.85
HNAB ANW D . 13.87 -10.42 10.03
HNAA ANW D . 15.19 -10.81 11.10
HAC ANW D . 12.92 0.36 10.32
HACA ANW D . 13.34 -0.27 11.89
HACB ANW D . 13.85 1.40 11.35
HAD ANW D . 15.76 -0.24 11.11
HAE ANW D . 14.41 0.34 8.48
HAEA ANW D . 15.37 1.51 9.34
HAEB ANW D . 16.10 0.01 8.58
HAG ANW D . 16.49 -2.32 11.02
HAJ ANW D . 12.20 -3.65 8.93
HAK ANW D . 12.77 -1.26 9.16
HAO ANW D . 17.04 -6.90 12.51
N MET A 1 -12.53 15.24 -2.74
CA MET A 1 -11.96 14.08 -3.48
C MET A 1 -10.53 14.36 -3.98
N ALA A 2 -9.57 14.48 -3.04
CA ALA A 2 -8.16 14.77 -3.37
C ALA A 2 -7.20 14.19 -2.32
N ALA A 3 -5.88 14.21 -2.62
CA ALA A 3 -4.85 13.69 -1.73
C ALA A 3 -4.21 14.83 -0.91
N GLU A 4 -4.67 15.02 0.35
CA GLU A 4 -4.16 16.08 1.25
C GLU A 4 -3.41 15.45 2.46
N PRO A 5 -2.18 15.96 2.82
CA PRO A 5 -1.38 15.42 3.95
C PRO A 5 -1.85 15.89 5.34
N LEU A 6 -1.70 15.01 6.37
CA LEU A 6 -2.09 15.33 7.76
C LEU A 6 -1.03 14.81 8.76
N THR A 7 -0.93 13.46 8.91
CA THR A 7 0.04 12.83 9.83
C THR A 7 1.19 12.18 9.04
N GLU A 8 2.21 11.65 9.78
CA GLU A 8 3.39 11.00 9.14
C GLU A 8 3.00 9.79 8.27
N LEU A 9 2.11 8.91 8.79
CA LEU A 9 1.67 7.70 8.06
C LEU A 9 0.69 8.06 6.93
N GLU A 10 -0.24 9.02 7.18
CA GLU A 10 -1.20 9.47 6.15
C GLU A 10 -0.46 10.16 4.99
N GLU A 11 0.65 10.87 5.30
CA GLU A 11 1.47 11.56 4.29
C GLU A 11 2.20 10.55 3.38
N SER A 12 2.56 9.36 3.92
CA SER A 12 3.25 8.32 3.12
C SER A 12 2.37 7.82 1.96
N ILE A 13 1.17 7.30 2.29
CA ILE A 13 0.21 6.81 1.25
C ILE A 13 -0.34 7.96 0.38
N GLU A 14 -0.39 9.19 0.96
CA GLU A 14 -0.88 10.39 0.24
C GLU A 14 0.15 10.85 -0.83
N THR A 15 1.46 10.80 -0.47
CA THR A 15 2.54 11.20 -1.39
C THR A 15 2.59 10.30 -2.65
N VAL A 16 2.25 9.00 -2.51
CA VAL A 16 2.25 8.05 -3.65
C VAL A 16 1.10 8.39 -4.64
N VAL A 17 -0.03 8.92 -4.12
CA VAL A 17 -1.20 9.32 -4.94
C VAL A 17 -0.88 10.60 -5.73
N THR A 18 -0.37 11.64 -5.02
CA THR A 18 -0.05 12.95 -5.64
C THR A 18 0.99 12.89 -6.76
N THR A 19 2.11 12.17 -6.54
CA THR A 19 3.21 12.08 -7.52
C THR A 19 2.80 11.38 -8.84
N PHE A 20 2.04 10.28 -8.76
CA PHE A 20 1.63 9.53 -9.97
C PHE A 20 0.31 10.06 -10.60
N PHE A 21 -0.63 10.58 -9.78
CA PHE A 21 -1.92 11.09 -10.31
C PHE A 21 -1.74 12.34 -11.19
N THR A 22 -0.57 13.02 -11.11
CA THR A 22 -0.27 14.19 -11.94
C THR A 22 -0.28 13.81 -13.45
N PHE A 23 0.14 12.55 -13.75
CA PHE A 23 0.17 12.03 -15.13
C PHE A 23 -0.99 11.03 -15.40
N ALA A 24 -1.49 10.34 -14.35
CA ALA A 24 -2.60 9.36 -14.47
C ALA A 24 -3.97 10.01 -14.74
N ARG A 25 -4.11 11.32 -14.41
CA ARG A 25 -5.38 12.06 -14.64
C ARG A 25 -5.70 12.29 -16.15
N GLN A 26 -4.71 12.07 -17.04
CA GLN A 26 -4.90 12.27 -18.49
C GLN A 26 -5.80 11.19 -19.13
N GLU A 27 -5.57 9.91 -18.76
CA GLU A 27 -6.36 8.78 -19.31
C GLU A 27 -7.71 8.63 -18.57
N GLY A 28 -8.51 7.60 -18.94
CA GLY A 28 -9.84 7.36 -18.33
C GLY A 28 -9.82 7.28 -16.81
N ARG A 29 -10.77 8.00 -16.15
CA ARG A 29 -10.91 8.06 -14.68
C ARG A 29 -9.70 8.73 -14.01
N LYS A 30 -9.98 9.63 -13.05
CA LYS A 30 -8.94 10.37 -12.30
C LYS A 30 -8.36 9.51 -11.14
N ASP A 31 -9.20 8.60 -10.59
CA ASP A 31 -8.78 7.70 -9.50
C ASP A 31 -8.06 6.44 -10.01
N SER A 32 -8.15 6.17 -11.34
CA SER A 32 -7.53 4.97 -11.95
C SER A 32 -6.18 5.28 -12.60
N LEU A 33 -5.31 4.25 -12.66
CA LEU A 33 -3.97 4.34 -13.26
C LEU A 33 -3.99 3.73 -14.68
N SER A 34 -3.09 4.21 -15.57
CA SER A 34 -3.02 3.68 -16.95
C SER A 34 -2.18 2.40 -16.99
N VAL A 35 -2.51 1.47 -17.91
CA VAL A 35 -1.81 0.17 -18.04
C VAL A 35 -0.37 0.32 -18.62
N ASN A 36 -0.09 1.42 -19.34
CA ASN A 36 1.25 1.64 -19.94
C ASN A 36 2.10 2.65 -19.12
N GLU A 37 1.45 3.60 -18.41
CA GLU A 37 2.18 4.60 -17.60
C GLU A 37 2.78 3.99 -16.32
N PHE A 38 2.06 3.05 -15.67
CA PHE A 38 2.54 2.39 -14.43
C PHE A 38 3.79 1.52 -14.74
N LYS A 39 3.79 0.85 -15.92
CA LYS A 39 4.93 0.00 -16.34
C LYS A 39 6.19 0.86 -16.61
N GLU A 40 6.00 2.06 -17.22
CA GLU A 40 7.12 2.99 -17.50
C GLU A 40 7.72 3.54 -16.19
N LEU A 41 6.87 3.74 -15.15
CA LEU A 41 7.33 4.23 -13.84
C LEU A 41 8.24 3.20 -13.15
N VAL A 42 7.92 1.90 -13.32
CA VAL A 42 8.70 0.79 -12.73
C VAL A 42 10.08 0.66 -13.42
N THR A 43 10.16 0.99 -14.73
CA THR A 43 11.43 0.90 -15.49
C THR A 43 12.09 2.30 -15.65
N GLN A 44 11.86 3.22 -14.67
CA GLN A 44 12.44 4.59 -14.72
C GLN A 44 12.61 5.20 -13.32
N GLN A 45 11.50 5.32 -12.55
CA GLN A 45 11.52 5.93 -11.20
C GLN A 45 11.43 4.89 -10.05
N LEU A 46 11.04 3.64 -10.35
CA LEU A 46 10.92 2.58 -9.34
C LEU A 46 11.51 1.22 -9.82
N PRO A 47 12.80 1.18 -10.33
CA PRO A 47 13.43 -0.07 -10.79
C PRO A 47 14.12 -0.92 -9.68
N HIS A 48 14.69 -0.24 -8.66
CA HIS A 48 15.40 -0.93 -7.55
C HIS A 48 14.44 -1.71 -6.64
N LEU A 49 13.25 -1.14 -6.36
CA LEU A 49 12.25 -1.79 -5.49
C LEU A 49 11.71 -3.09 -6.11
N LEU A 50 11.18 -3.02 -7.34
CA LEU A 50 10.65 -4.20 -8.05
C LEU A 50 11.76 -4.79 -8.95
N LYS A 51 12.32 -5.94 -8.52
CA LYS A 51 13.39 -6.63 -9.27
C LYS A 51 12.95 -7.05 -10.69
N ASP A 52 11.64 -7.34 -10.86
CA ASP A 52 11.09 -7.76 -12.16
C ASP A 52 10.58 -6.54 -12.97
N VAL A 53 11.51 -5.71 -13.48
CA VAL A 53 11.14 -4.53 -14.31
C VAL A 53 10.63 -4.95 -15.70
N GLY A 54 11.27 -5.98 -16.29
CA GLY A 54 10.87 -6.51 -17.61
C GLY A 54 9.81 -7.61 -17.51
N SER A 55 9.80 -8.36 -16.39
CA SER A 55 8.83 -9.45 -16.17
C SER A 55 7.68 -8.98 -15.26
N LEU A 56 7.04 -7.86 -15.65
CA LEU A 56 5.90 -7.28 -14.91
C LEU A 56 4.56 -7.94 -15.31
N ASP A 57 4.54 -8.64 -16.48
CA ASP A 57 3.31 -9.33 -17.00
C ASP A 57 2.65 -10.26 -15.96
N GLU A 58 3.45 -10.90 -15.07
CA GLU A 58 2.91 -11.81 -14.03
C GLU A 58 1.99 -11.03 -13.06
N LYS A 59 2.37 -9.78 -12.70
CA LYS A 59 1.56 -8.92 -11.81
C LYS A 59 0.54 -8.08 -12.63
N MET A 60 0.90 -7.71 -13.89
CA MET A 60 0.02 -6.90 -14.77
C MET A 60 -1.33 -7.60 -15.01
N LYS A 61 -1.31 -8.94 -15.19
CA LYS A 61 -2.54 -9.73 -15.38
C LYS A 61 -3.39 -9.73 -14.10
N SER A 62 -2.73 -9.72 -12.92
CA SER A 62 -3.41 -9.71 -11.61
C SER A 62 -4.07 -8.35 -11.32
N LEU A 63 -3.45 -7.24 -11.78
CA LEU A 63 -3.99 -5.87 -11.59
C LEU A 63 -5.28 -5.67 -12.38
N ASP A 64 -5.20 -5.82 -13.72
CA ASP A 64 -6.36 -5.65 -14.61
C ASP A 64 -7.18 -6.95 -14.69
N VAL A 65 -7.92 -7.25 -13.61
CA VAL A 65 -8.77 -8.45 -13.53
C VAL A 65 -10.21 -8.15 -14.05
N ASN A 66 -10.65 -6.88 -13.93
CA ASN A 66 -11.98 -6.43 -14.39
C ASN A 66 -12.11 -6.43 -15.94
N GLN A 67 -10.96 -6.42 -16.67
CA GLN A 67 -10.92 -6.44 -18.15
C GLN A 67 -11.59 -5.19 -18.77
N ASP A 68 -11.06 -3.99 -18.43
CA ASP A 68 -11.58 -2.72 -18.97
C ASP A 68 -10.43 -1.69 -19.21
N SER A 69 -9.16 -2.16 -19.26
CA SER A 69 -7.97 -1.30 -19.47
C SER A 69 -7.86 -0.13 -18.44
N GLU A 70 -8.38 -0.34 -17.21
CA GLU A 70 -8.33 0.68 -16.14
C GLU A 70 -7.87 0.04 -14.82
N LEU A 71 -6.71 0.49 -14.30
CA LEU A 71 -6.13 -0.07 -13.06
C LEU A 71 -6.42 0.84 -11.84
N LYS A 72 -7.66 0.78 -11.33
CA LYS A 72 -8.08 1.59 -10.14
C LYS A 72 -7.36 1.05 -8.88
N PHE A 73 -7.26 1.87 -7.80
CA PHE A 73 -6.57 1.43 -6.55
C PHE A 73 -7.13 0.11 -5.99
N ASN A 74 -8.43 -0.19 -6.23
CA ASN A 74 -9.05 -1.45 -5.80
C ASN A 74 -8.44 -2.63 -6.60
N GLU A 75 -8.07 -2.37 -7.88
CA GLU A 75 -7.45 -3.36 -8.77
C GLU A 75 -5.91 -3.30 -8.66
N TYR A 76 -5.36 -2.06 -8.57
CA TYR A 76 -3.90 -1.82 -8.45
C TYR A 76 -3.35 -2.29 -7.08
N TRP A 77 -4.26 -2.53 -6.09
CA TRP A 77 -3.91 -3.01 -4.74
C TRP A 77 -3.02 -4.29 -4.78
N ARG A 78 -3.14 -5.11 -5.85
CA ARG A 78 -2.35 -6.34 -6.02
C ARG A 78 -0.83 -6.03 -6.10
N LEU A 79 -0.48 -4.88 -6.72
CA LEU A 79 0.93 -4.45 -6.85
C LEU A 79 1.35 -3.62 -5.62
N ILE A 80 0.38 -2.90 -5.00
CA ILE A 80 0.64 -2.08 -3.79
C ILE A 80 1.18 -2.96 -2.63
N GLY A 81 0.66 -4.21 -2.51
CA GLY A 81 1.13 -5.14 -1.50
C GLY A 81 2.57 -5.58 -1.77
N GLU A 82 2.87 -5.91 -3.03
CA GLU A 82 4.23 -6.31 -3.46
C GLU A 82 5.21 -5.11 -3.43
N LEU A 83 4.66 -3.88 -3.52
CA LEU A 83 5.45 -2.63 -3.50
C LEU A 83 6.14 -2.45 -2.13
N ALA A 84 5.39 -2.70 -1.05
CA ALA A 84 5.90 -2.56 0.33
C ALA A 84 6.46 -3.89 0.90
N LYS A 85 6.08 -5.03 0.30
CA LYS A 85 6.57 -6.37 0.74
C LYS A 85 8.01 -6.61 0.26
N GLU A 86 8.26 -6.37 -1.05
CA GLU A 86 9.59 -6.59 -1.67
C GLU A 86 10.72 -5.74 -1.03
N ILE A 87 10.40 -4.53 -0.52
CA ILE A 87 11.45 -3.67 0.10
C ILE A 87 12.10 -4.36 1.34
N ARG A 88 11.29 -5.09 2.14
CA ARG A 88 11.80 -5.81 3.33
C ARG A 88 11.95 -7.34 3.07
N LYS A 89 11.83 -7.79 1.80
CA LYS A 89 11.98 -9.21 1.42
C LYS A 89 11.79 -9.41 -0.11
N LYS A 90 12.68 -8.81 -0.92
CA LYS A 90 12.60 -8.93 -2.40
C LYS A 90 13.14 -10.29 -2.88
N LYS A 91 14.29 -10.70 -2.28
CA LYS A 91 14.93 -11.97 -2.61
C LYS A 91 15.17 -12.75 -1.29
N ASP A 92 14.06 -13.14 -0.63
CA ASP A 92 14.12 -13.89 0.66
C ASP A 92 14.61 -15.35 0.46
N LEU A 93 15.90 -15.47 0.07
CA LEU A 93 16.55 -16.78 -0.19
C LEU A 93 18.07 -16.57 -0.43
N LYS A 94 18.42 -15.60 -1.30
CA LYS A 94 19.82 -15.27 -1.61
C LYS A 94 20.37 -14.21 -0.62
N ILE A 95 19.67 -13.05 -0.51
CA ILE A 95 20.06 -11.97 0.41
C ILE A 95 18.98 -11.78 1.50
N ARG A 96 19.41 -11.56 2.76
CA ARG A 96 18.47 -11.38 3.89
C ARG A 96 18.97 -10.34 4.91
N LYS A 97 19.59 -9.24 4.42
CA LYS A 97 20.10 -8.16 5.29
C LYS A 97 20.47 -6.91 4.47
N LYS A 98 19.50 -5.98 4.30
CA LYS A 98 19.72 -4.73 3.54
C LYS A 98 18.78 -3.63 4.04
N MET B 1 16.55 -8.01 4.29
CA MET B 1 15.19 -8.16 4.79
C MET B 1 14.70 -6.89 5.54
N ALA B 2 15.54 -5.84 5.62
CA ALA B 2 15.18 -4.58 6.30
C ALA B 2 14.82 -3.50 5.27
N ALA B 3 14.09 -2.45 5.71
CA ALA B 3 13.67 -1.36 4.82
C ALA B 3 14.68 -0.20 4.83
N GLU B 4 15.40 -0.01 3.69
CA GLU B 4 16.42 1.05 3.54
C GLU B 4 15.90 2.24 2.69
N PRO B 5 16.26 3.53 3.04
CA PRO B 5 15.82 4.74 2.27
C PRO B 5 16.24 4.73 0.78
N LEU B 6 15.26 4.96 -0.12
CA LEU B 6 15.49 4.99 -1.58
C LEU B 6 14.78 6.21 -2.23
N THR B 7 14.39 6.14 -3.54
CA THR B 7 13.70 7.24 -4.23
C THR B 7 12.40 7.64 -3.49
N GLU B 8 11.89 8.86 -3.74
CA GLU B 8 10.66 9.37 -3.07
C GLU B 8 9.49 8.34 -3.02
N LEU B 9 9.21 7.67 -4.16
CA LEU B 9 8.12 6.65 -4.24
C LEU B 9 8.49 5.36 -3.46
N GLU B 10 9.77 4.93 -3.58
CA GLU B 10 10.26 3.73 -2.88
C GLU B 10 10.43 3.99 -1.36
N GLU B 11 10.63 5.27 -0.98
CA GLU B 11 10.81 5.69 0.42
C GLU B 11 9.45 5.88 1.13
N SER B 12 8.40 6.29 0.38
CA SER B 12 7.05 6.50 0.97
C SER B 12 6.51 5.19 1.59
N ILE B 13 6.55 4.09 0.81
CA ILE B 13 6.09 2.76 1.29
C ILE B 13 7.06 2.17 2.36
N GLU B 14 8.35 2.62 2.34
CA GLU B 14 9.36 2.17 3.31
C GLU B 14 9.12 2.79 4.71
N THR B 15 8.68 4.07 4.73
CA THR B 15 8.41 4.81 5.99
C THR B 15 7.33 4.11 6.86
N VAL B 16 6.31 3.50 6.22
CA VAL B 16 5.22 2.79 6.94
C VAL B 16 5.79 1.54 7.68
N VAL B 17 6.84 0.92 7.11
CA VAL B 17 7.50 -0.26 7.70
C VAL B 17 8.36 0.14 8.92
N THR B 18 9.35 1.03 8.70
CA THR B 18 10.28 1.50 9.76
C THR B 18 9.57 2.16 10.96
N THR B 19 8.48 2.91 10.70
CA THR B 19 7.72 3.60 11.78
C THR B 19 7.01 2.59 12.72
N PHE B 20 6.39 1.53 12.15
CA PHE B 20 5.68 0.53 12.97
C PHE B 20 6.38 -0.86 12.99
N PHE B 21 7.72 -0.90 12.79
CA PHE B 21 8.46 -2.19 12.85
C PHE B 21 8.75 -2.57 14.31
N THR B 22 9.09 -1.56 15.15
CA THR B 22 9.37 -1.77 16.58
C THR B 22 8.12 -2.34 17.30
N PHE B 23 6.92 -1.98 16.81
CA PHE B 23 5.64 -2.47 17.37
C PHE B 23 5.23 -3.81 16.72
N ALA B 24 5.56 -3.99 15.42
CA ALA B 24 5.22 -5.24 14.68
C ALA B 24 6.12 -6.44 15.08
N ARG B 25 7.33 -6.16 15.61
CA ARG B 25 8.28 -7.22 16.01
C ARG B 25 8.03 -7.71 17.47
N GLN B 26 6.96 -7.21 18.14
CA GLN B 26 6.63 -7.59 19.53
C GLN B 26 5.91 -8.96 19.58
N GLU B 27 4.93 -9.16 18.69
CA GLU B 27 4.15 -10.43 18.64
C GLU B 27 4.54 -11.26 17.40
N GLY B 28 3.94 -12.48 17.27
CA GLY B 28 4.18 -13.43 16.16
C GLY B 28 4.75 -12.84 14.86
N ARG B 29 5.92 -13.38 14.43
CA ARG B 29 6.62 -12.96 13.19
C ARG B 29 7.15 -11.51 13.26
N LYS B 30 8.30 -11.26 12.62
CA LYS B 30 8.93 -9.91 12.58
C LYS B 30 8.26 -9.03 11.54
N ASP B 31 7.85 -9.63 10.39
CA ASP B 31 7.17 -8.92 9.30
C ASP B 31 5.64 -9.17 9.37
N SER B 32 5.07 -9.03 10.59
CA SER B 32 3.63 -9.25 10.83
C SER B 32 3.15 -8.41 12.03
N LEU B 33 1.95 -7.82 11.90
CA LEU B 33 1.35 -6.97 12.95
C LEU B 33 0.36 -7.79 13.80
N SER B 34 0.16 -7.38 15.06
CA SER B 34 -0.79 -8.06 15.98
C SER B 34 -2.23 -7.54 15.76
N VAL B 35 -3.23 -8.28 16.28
CA VAL B 35 -4.65 -7.90 16.15
C VAL B 35 -5.02 -6.68 17.02
N ASN B 36 -4.30 -6.47 18.15
CA ASN B 36 -4.56 -5.34 19.06
C ASN B 36 -3.64 -4.12 18.77
N GLU B 37 -2.39 -4.38 18.31
CA GLU B 37 -1.42 -3.30 18.01
C GLU B 37 -1.82 -2.46 16.78
N PHE B 38 -2.32 -3.12 15.72
CA PHE B 38 -2.73 -2.40 14.49
C PHE B 38 -3.96 -1.51 14.72
N LYS B 39 -4.91 -1.96 15.59
CA LYS B 39 -6.12 -1.19 15.93
C LYS B 39 -5.77 0.06 16.75
N GLU B 40 -4.75 -0.05 17.65
CA GLU B 40 -4.28 1.08 18.48
C GLU B 40 -3.67 2.19 17.60
N LEU B 41 -3.03 1.79 16.48
CA LEU B 41 -2.41 2.73 15.52
C LEU B 41 -3.49 3.49 14.72
N VAL B 42 -4.60 2.79 14.37
CA VAL B 42 -5.72 3.41 13.61
C VAL B 42 -6.46 4.46 14.48
N THR B 43 -6.46 4.28 15.83
CA THR B 43 -7.13 5.22 16.74
C THR B 43 -6.09 6.07 17.53
N GLN B 44 -5.02 6.52 16.84
CA GLN B 44 -3.96 7.33 17.46
C GLN B 44 -3.15 8.11 16.41
N GLN B 45 -2.55 7.39 15.44
CA GLN B 45 -1.73 8.01 14.37
C GLN B 45 -2.43 7.96 12.99
N LEU B 46 -3.50 7.16 12.85
CA LEU B 46 -4.23 7.03 11.57
C LEU B 46 -5.79 7.14 11.76
N PRO B 47 -6.33 8.08 12.61
CA PRO B 47 -7.78 8.20 12.83
C PRO B 47 -8.55 8.94 11.72
N HIS B 48 -7.95 10.01 11.15
CA HIS B 48 -8.61 10.80 10.08
C HIS B 48 -8.67 10.05 8.73
N LEU B 49 -7.77 9.05 8.53
CA LEU B 49 -7.73 8.27 7.28
C LEU B 49 -8.92 7.30 7.20
N LEU B 50 -8.97 6.32 8.13
CA LEU B 50 -10.08 5.35 8.17
C LEU B 50 -11.21 5.93 9.03
N LYS B 51 -12.23 6.51 8.35
CA LYS B 51 -13.40 7.14 9.02
C LYS B 51 -13.99 6.29 10.17
N ASP B 52 -14.09 4.97 9.96
CA ASP B 52 -14.63 4.06 10.99
C ASP B 52 -13.49 3.52 11.88
N VAL B 53 -13.12 4.29 12.93
CA VAL B 53 -12.04 3.90 13.87
C VAL B 53 -12.56 3.00 15.01
N GLY B 54 -13.84 3.18 15.41
CA GLY B 54 -14.42 2.39 16.49
C GLY B 54 -14.90 1.02 16.05
N SER B 55 -15.64 0.95 14.94
CA SER B 55 -16.15 -0.32 14.41
C SER B 55 -15.27 -0.84 13.25
N LEU B 56 -13.99 -1.14 13.57
CA LEU B 56 -13.03 -1.66 12.57
C LEU B 56 -13.01 -3.20 12.66
N ASP B 57 -14.14 -3.81 12.27
CA ASP B 57 -14.31 -5.29 12.27
C ASP B 57 -14.50 -5.83 10.83
N GLU B 58 -15.16 -5.03 9.95
CA GLU B 58 -15.38 -5.44 8.54
C GLU B 58 -14.05 -5.69 7.82
N LYS B 59 -13.03 -4.85 8.08
CA LYS B 59 -11.69 -4.98 7.49
C LYS B 59 -10.88 -6.07 8.24
N MET B 60 -10.95 -6.07 9.59
CA MET B 60 -10.24 -7.05 10.45
C MET B 60 -10.45 -8.51 10.01
N LYS B 61 -11.68 -8.86 9.57
CA LYS B 61 -11.99 -10.23 9.09
C LYS B 61 -11.35 -10.50 7.72
N SER B 62 -11.40 -9.50 6.81
CA SER B 62 -10.80 -9.62 5.46
C SER B 62 -9.26 -9.60 5.53
N LEU B 63 -8.70 -8.98 6.60
CA LEU B 63 -7.24 -8.92 6.81
C LEU B 63 -6.69 -10.29 7.22
N ASP B 64 -7.16 -10.80 8.38
CA ASP B 64 -6.70 -12.10 8.91
C ASP B 64 -7.59 -13.22 8.37
N VAL B 65 -7.26 -13.71 7.16
CA VAL B 65 -8.01 -14.80 6.50
C VAL B 65 -7.45 -16.20 6.88
N ASN B 66 -6.19 -16.26 7.33
CA ASN B 66 -5.53 -17.52 7.73
C ASN B 66 -6.02 -18.04 9.12
N GLN B 67 -6.59 -17.15 9.97
CA GLN B 67 -7.08 -17.52 11.33
C GLN B 67 -5.93 -18.04 12.22
N ASP B 68 -4.91 -17.19 12.45
CA ASP B 68 -3.74 -17.55 13.29
C ASP B 68 -3.29 -16.39 14.22
N SER B 69 -4.16 -15.35 14.40
CA SER B 69 -3.86 -14.18 15.25
C SER B 69 -2.61 -13.39 14.77
N GLU B 70 -2.31 -13.46 13.45
CA GLU B 70 -1.15 -12.77 12.86
C GLU B 70 -1.54 -12.06 11.57
N LEU B 71 -1.23 -10.75 11.48
CA LEU B 71 -1.55 -9.95 10.29
C LEU B 71 -0.26 -9.70 9.47
N LYS B 72 0.22 -10.76 8.79
CA LYS B 72 1.42 -10.69 7.91
C LYS B 72 1.15 -9.67 6.78
N PHE B 73 2.17 -9.31 5.97
CA PHE B 73 1.93 -8.33 4.87
C PHE B 73 0.98 -8.92 3.80
N ASN B 74 0.83 -10.26 3.76
CA ASN B 74 -0.10 -10.94 2.83
C ASN B 74 -1.55 -10.81 3.37
N GLU B 75 -1.69 -10.79 4.72
CA GLU B 75 -2.98 -10.63 5.41
C GLU B 75 -3.34 -9.13 5.56
N TYR B 76 -2.33 -8.33 5.95
CA TYR B 76 -2.45 -6.86 6.11
C TYR B 76 -2.61 -6.16 4.73
N TRP B 77 -2.33 -6.90 3.63
CA TRP B 77 -2.46 -6.47 2.22
C TRP B 77 -3.73 -5.60 1.97
N ARG B 78 -4.87 -5.98 2.60
CA ARG B 78 -6.16 -5.27 2.42
C ARG B 78 -6.18 -3.87 3.07
N LEU B 79 -5.46 -3.66 4.18
CA LEU B 79 -5.46 -2.33 4.84
C LEU B 79 -4.61 -1.31 4.07
N ILE B 80 -3.48 -1.76 3.47
CA ILE B 80 -2.61 -0.86 2.67
C ILE B 80 -3.41 -0.31 1.47
N GLY B 81 -4.27 -1.17 0.87
CA GLY B 81 -5.13 -0.75 -0.24
C GLY B 81 -6.25 0.17 0.24
N GLU B 82 -6.88 -0.19 1.38
CA GLU B 82 -7.94 0.64 1.99
C GLU B 82 -7.39 1.94 2.60
N LEU B 83 -6.06 1.97 2.92
CA LEU B 83 -5.39 3.16 3.48
C LEU B 83 -5.44 4.31 2.47
N ALA B 84 -5.00 4.03 1.22
CA ALA B 84 -5.00 5.00 0.12
C ALA B 84 -6.40 5.19 -0.47
N LYS B 85 -7.26 4.15 -0.43
CA LYS B 85 -8.64 4.24 -0.95
C LYS B 85 -9.51 5.15 -0.05
N GLU B 86 -9.16 5.26 1.26
CA GLU B 86 -9.88 6.10 2.22
C GLU B 86 -9.16 7.45 2.47
N ILE B 87 -8.44 7.98 1.45
CA ILE B 87 -7.73 9.27 1.55
C ILE B 87 -8.40 10.33 0.63
N ARG B 88 -8.88 9.91 -0.55
CA ARG B 88 -9.56 10.79 -1.51
C ARG B 88 -11.02 10.35 -1.76
N LYS B 89 -11.26 9.02 -1.92
CA LYS B 89 -12.62 8.50 -2.17
C LYS B 89 -13.20 7.81 -0.91
N LYS B 90 -13.00 8.42 0.27
CA LYS B 90 -13.53 7.88 1.55
C LYS B 90 -15.06 8.10 1.64
N LYS B 91 -15.53 9.26 1.15
CA LYS B 91 -16.95 9.62 1.16
C LYS B 91 -17.29 10.37 -0.15
N ASP B 92 -17.30 9.63 -1.29
CA ASP B 92 -17.59 10.22 -2.62
C ASP B 92 -19.00 10.84 -2.74
N LEU B 93 -19.97 10.37 -1.92
CA LEU B 93 -21.36 10.89 -1.98
C LEU B 93 -21.55 12.12 -1.08
N LYS B 94 -21.03 12.10 0.17
CA LYS B 94 -21.17 13.23 1.11
C LYS B 94 -20.25 14.42 0.75
N ILE B 95 -18.92 14.19 0.75
CA ILE B 95 -17.91 15.23 0.43
C ILE B 95 -17.24 14.97 -0.93
N ARG B 96 -16.95 16.05 -1.70
CA ARG B 96 -16.32 15.92 -3.03
C ARG B 96 -15.41 17.11 -3.42
N LYS B 97 -14.77 17.76 -2.43
CA LYS B 97 -13.86 18.90 -2.69
C LYS B 97 -12.98 19.23 -1.46
N LYS B 98 -11.93 18.42 -1.26
CA LYS B 98 -11.00 18.62 -0.13
C LYS B 98 -9.60 18.06 -0.47
NAA ANW C . -8.72 12.69 -7.48
NAB ANW C . -10.74 11.69 -8.02
CAC ANW C . -1.64 16.85 -9.15
CAD ANW C . -2.68 17.30 -8.12
CAE ANW C . -1.98 17.60 -6.79
CAF ANW C . -3.63 16.29 -7.95
CAG ANW C . -4.95 16.52 -8.34
CAH ANW C . -5.89 15.52 -8.22
CAI ANW C . -5.52 14.28 -7.70
CAJ ANW C . -4.21 14.05 -7.32
CAK ANW C . -3.26 15.05 -7.45
CAL ANW C . -7.78 13.61 -7.75
CAM ANW C . -9.93 12.74 -8.06
CAN ANW C . -10.25 13.75 -8.95
CAO ANW C . -9.31 14.72 -9.24
CAP ANW C . -8.05 14.65 -8.63
CAQ ANW C . -7.17 15.71 -8.74
CAR ANW C . -11.55 13.87 -9.46
OAS ANW C . -6.48 13.32 -7.47
OAT ANW C . -7.50 16.79 -9.22
OAU ANW C . -11.81 14.78 -10.29
OAV ANW C . -12.45 13.10 -9.09
HNAB ANW C . -10.55 10.93 -7.40
HNAA ANW C . -11.53 11.63 -8.64
HAC ANW C . -1.16 15.96 -8.73
HACA ANW C . -2.13 16.53 -10.07
HACB ANW C . -0.82 17.57 -9.31
HAD ANW C . -3.17 18.20 -8.48
HAE ANW C . -1.49 16.68 -6.49
HAEA ANW C . -1.19 18.33 -6.95
HAEB ANW C . -2.67 17.84 -5.98
HAG ANW C . -5.24 17.51 -8.72
HAJ ANW C . -3.93 13.09 -6.87
HAK ANW C . -2.23 14.86 -7.18
HAO ANW C . -9.54 15.55 -9.91
NAA ANW D . 19.59 -6.90 11.76
NAB ANW D . 20.69 -8.88 12.26
CAC ANW D . 13.27 -2.09 9.42
CAD ANW D . 13.74 -2.06 10.87
CAE ANW D . 13.91 -0.61 11.32
CAF ANW D . 14.95 -2.75 10.99
CAG ANW D . 14.96 -4.00 11.60
CAH ANW D . 16.15 -4.70 11.74
CAI ANW D . 17.34 -4.15 11.27
CAJ ANW D . 17.33 -2.90 10.68
CAK ANW D . 16.14 -2.20 10.52
CAL ANW D . 18.46 -6.16 11.77
CAM ANW D . 19.70 -8.02 12.49
CAN ANW D . 18.66 -8.46 13.29
CAO ANW D . 17.47 -7.72 13.31
CAP ANW D . 17.38 -6.57 12.54
CAQ ANW D . 16.16 -5.91 12.42
CAR ANW D . 18.83 -9.52 14.17
OAS ANW D . 18.48 -4.89 11.30
OAT ANW D . 15.14 -6.39 12.90
OAU ANW D . 17.86 -9.95 14.83
OAV ANW D . 19.97 -10.02 14.33
HNAB ANW D . 21.46 -8.61 11.69
HNAA ANW D . 20.63 -9.81 12.63
HAC ANW D . 14.05 -1.58 8.84
HACA ANW D . 13.27 -3.11 9.05
HACB ANW D . 12.35 -1.53 9.23
HAD ANW D . 13.00 -2.55 11.50
HAE ANW D . 14.64 -0.15 10.64
HAEA ANW D . 12.98 -0.06 11.18
HAEB ANW D . 14.35 -0.50 12.32
HAG ANW D . 14.04 -4.41 12.02
HAJ ANW D . 18.27 -2.43 10.38
HAK ANW D . 16.14 -1.24 10.00
HAO ANW D . 16.63 -8.07 13.89
N MET A 1 -12.90 14.64 -3.03
CA MET A 1 -12.06 13.46 -3.42
C MET A 1 -10.72 13.91 -4.02
N ALA A 2 -9.76 14.26 -3.15
CA ALA A 2 -8.42 14.69 -3.54
C ALA A 2 -7.38 14.24 -2.52
N ALA A 3 -6.13 14.04 -2.97
CA ALA A 3 -5.04 13.59 -2.09
C ALA A 3 -4.36 14.78 -1.39
N GLU A 4 -4.60 14.91 -0.06
CA GLU A 4 -4.03 16.01 0.75
C GLU A 4 -3.33 15.43 2.01
N PRO A 5 -2.18 16.04 2.49
CA PRO A 5 -1.42 15.55 3.65
C PRO A 5 -2.01 15.98 5.02
N LEU A 6 -1.90 15.08 6.03
CA LEU A 6 -2.42 15.34 7.40
C LEU A 6 -1.45 14.83 8.48
N THR A 7 -1.19 13.51 8.51
CA THR A 7 -0.30 12.86 9.50
C THR A 7 0.91 12.20 8.80
N GLU A 8 1.97 11.87 9.57
CA GLU A 8 3.20 11.25 9.02
C GLU A 8 2.91 9.95 8.23
N LEU A 9 2.13 9.01 8.81
CA LEU A 9 1.77 7.74 8.13
C LEU A 9 0.73 7.97 7.01
N GLU A 10 -0.25 8.88 7.24
CA GLU A 10 -1.28 9.20 6.23
C GLU A 10 -0.64 9.84 4.99
N GLU A 11 0.39 10.69 5.20
CA GLU A 11 1.14 11.37 4.12
C GLU A 11 1.94 10.37 3.28
N SER A 12 2.51 9.31 3.91
CA SER A 12 3.30 8.29 3.20
C SER A 12 2.49 7.67 2.04
N ILE A 13 1.31 7.10 2.36
CA ILE A 13 0.42 6.48 1.36
C ILE A 13 -0.27 7.53 0.45
N GLU A 14 -0.36 8.80 0.93
CA GLU A 14 -0.98 9.90 0.17
C GLU A 14 -0.02 10.50 -0.89
N THR A 15 1.29 10.56 -0.57
CA THR A 15 2.31 11.10 -1.50
C THR A 15 2.44 10.22 -2.77
N VAL A 16 2.27 8.89 -2.62
CA VAL A 16 2.36 7.94 -3.75
C VAL A 16 1.29 8.25 -4.83
N VAL A 17 0.10 8.73 -4.38
CA VAL A 17 -1.01 9.07 -5.30
C VAL A 17 -0.80 10.47 -5.92
N THR A 18 -0.43 11.49 -5.10
CA THR A 18 -0.22 12.88 -5.60
C THR A 18 0.92 12.97 -6.64
N THR A 19 2.01 12.20 -6.43
CA THR A 19 3.17 12.20 -7.35
C THR A 19 2.77 11.71 -8.75
N PHE A 20 1.95 10.64 -8.83
CA PHE A 20 1.49 10.08 -10.11
C PHE A 20 -0.03 10.31 -10.32
N PHE A 21 -0.51 11.52 -9.97
CA PHE A 21 -1.93 11.89 -10.10
C PHE A 21 -2.17 12.55 -11.48
N THR A 22 -1.25 13.44 -11.90
CA THR A 22 -1.34 14.15 -13.19
C THR A 22 -1.33 13.16 -14.39
N PHE A 23 -0.57 12.05 -14.25
CA PHE A 23 -0.49 11.02 -15.30
C PHE A 23 -1.74 10.10 -15.27
N ALA A 24 -2.22 9.77 -14.06
CA ALA A 24 -3.40 8.89 -13.87
C ALA A 24 -4.70 9.50 -14.45
N ARG A 25 -4.81 10.85 -14.45
CA ARG A 25 -6.00 11.54 -15.00
C ARG A 25 -5.97 11.63 -16.54
N GLN A 26 -4.81 11.33 -17.18
CA GLN A 26 -4.68 11.36 -18.64
C GLN A 26 -5.59 10.32 -19.32
N GLU A 27 -5.57 9.07 -18.80
CA GLU A 27 -6.41 7.98 -19.33
C GLU A 27 -7.76 7.90 -18.56
N GLY A 28 -8.63 6.93 -18.94
CA GLY A 28 -9.96 6.77 -18.32
C GLY A 28 -9.96 6.68 -16.79
N ARG A 29 -10.96 7.36 -16.16
CA ARG A 29 -11.17 7.40 -14.69
C ARG A 29 -10.04 8.20 -13.97
N LYS A 30 -10.44 9.03 -12.99
CA LYS A 30 -9.50 9.86 -12.21
C LYS A 30 -8.72 9.01 -11.19
N ASP A 31 -9.40 8.01 -10.59
CA ASP A 31 -8.76 7.10 -9.59
C ASP A 31 -8.34 5.78 -10.27
N SER A 32 -7.71 5.89 -11.46
CA SER A 32 -7.28 4.70 -12.22
C SER A 32 -5.98 4.96 -13.02
N LEU A 33 -5.10 3.95 -13.05
CA LEU A 33 -3.84 4.00 -13.79
C LEU A 33 -3.99 3.21 -15.11
N SER A 34 -3.10 3.46 -16.09
CA SER A 34 -3.15 2.76 -17.40
C SER A 34 -2.17 1.58 -17.44
N VAL A 35 -2.38 0.66 -18.42
CA VAL A 35 -1.54 -0.54 -18.58
C VAL A 35 -0.08 -0.18 -19.00
N ASN A 36 0.07 0.93 -19.75
CA ASN A 36 1.39 1.40 -20.21
C ASN A 36 2.00 2.40 -19.20
N GLU A 37 1.14 3.17 -18.49
CA GLU A 37 1.59 4.17 -17.50
C GLU A 37 2.20 3.51 -16.25
N PHE A 38 1.65 2.36 -15.80
CA PHE A 38 2.18 1.64 -14.63
C PHE A 38 3.54 1.00 -14.99
N LYS A 39 3.65 0.47 -16.23
CA LYS A 39 4.90 -0.17 -16.71
C LYS A 39 6.04 0.86 -16.79
N GLU A 40 5.72 2.09 -17.24
CA GLU A 40 6.70 3.19 -17.33
C GLU A 40 7.12 3.66 -15.92
N LEU A 41 6.18 3.58 -14.95
CA LEU A 41 6.45 3.97 -13.54
C LEU A 41 7.42 2.99 -12.85
N VAL A 42 7.35 1.69 -13.25
CA VAL A 42 8.22 0.63 -12.69
C VAL A 42 9.61 0.60 -13.37
N THR A 43 9.69 1.07 -14.63
CA THR A 43 10.95 1.08 -15.39
C THR A 43 11.53 2.53 -15.53
N GLN A 44 11.30 3.40 -14.51
CA GLN A 44 11.81 4.79 -14.55
C GLN A 44 11.93 5.40 -13.14
N GLN A 45 10.81 5.47 -12.38
CA GLN A 45 10.80 6.05 -11.02
C GLN A 45 10.75 4.96 -9.92
N LEU A 46 10.46 3.69 -10.29
CA LEU A 46 10.37 2.57 -9.31
C LEU A 46 11.09 1.28 -9.83
N PRO A 47 12.33 1.37 -10.42
CA PRO A 47 13.06 0.17 -10.92
C PRO A 47 13.86 -0.60 -9.84
N HIS A 48 14.31 0.10 -8.77
CA HIS A 48 15.09 -0.54 -7.69
C HIS A 48 14.22 -1.37 -6.74
N LEU A 49 12.92 -0.99 -6.60
CA LEU A 49 12.00 -1.71 -5.71
C LEU A 49 11.64 -3.09 -6.28
N LEU A 50 10.99 -3.12 -7.45
CA LEU A 50 10.62 -4.38 -8.11
C LEU A 50 11.80 -4.87 -8.96
N LYS A 51 12.43 -5.99 -8.52
CA LYS A 51 13.60 -6.55 -9.22
C LYS A 51 13.30 -6.93 -10.68
N ASP A 52 12.05 -7.35 -10.97
CA ASP A 52 11.63 -7.69 -12.33
C ASP A 52 11.08 -6.43 -13.05
N VAL A 53 11.97 -5.73 -13.76
CA VAL A 53 11.60 -4.50 -14.50
C VAL A 53 11.13 -4.78 -15.95
N GLY A 54 11.44 -5.98 -16.50
CA GLY A 54 11.05 -6.32 -17.87
C GLY A 54 9.84 -7.26 -17.94
N SER A 55 9.98 -8.46 -17.35
CA SER A 55 8.90 -9.47 -17.36
C SER A 55 7.86 -9.23 -16.24
N LEU A 56 6.83 -8.42 -16.55
CA LEU A 56 5.74 -8.10 -15.58
C LEU A 56 4.44 -8.84 -15.94
N ASP A 57 4.53 -10.02 -16.60
CA ASP A 57 3.34 -10.80 -16.98
C ASP A 57 2.67 -11.45 -15.74
N GLU A 58 3.47 -11.70 -14.67
CA GLU A 58 2.95 -12.29 -13.41
C GLU A 58 2.07 -11.28 -12.65
N LYS A 59 2.44 -9.98 -12.69
CA LYS A 59 1.68 -8.91 -11.99
C LYS A 59 0.65 -8.23 -12.91
N MET A 60 0.84 -8.29 -14.25
CA MET A 60 -0.11 -7.67 -15.21
C MET A 60 -1.48 -8.38 -15.15
N LYS A 61 -1.47 -9.73 -15.09
CA LYS A 61 -2.70 -10.52 -14.99
C LYS A 61 -3.36 -10.33 -13.62
N SER A 62 -2.53 -10.17 -12.56
CA SER A 62 -3.01 -9.93 -11.19
C SER A 62 -3.64 -8.53 -11.08
N LEU A 63 -3.06 -7.54 -11.80
CA LEU A 63 -3.56 -6.15 -11.83
C LEU A 63 -4.93 -6.08 -12.50
N ASP A 64 -4.99 -6.47 -13.80
CA ASP A 64 -6.24 -6.44 -14.58
C ASP A 64 -7.08 -7.71 -14.33
N VAL A 65 -7.85 -7.70 -13.22
CA VAL A 65 -8.73 -8.83 -12.86
C VAL A 65 -10.19 -8.57 -13.33
N ASN A 66 -10.57 -7.28 -13.45
CA ASN A 66 -11.92 -6.87 -13.90
C ASN A 66 -12.07 -7.00 -15.43
N GLN A 67 -10.97 -6.75 -16.19
CA GLN A 67 -10.94 -6.83 -17.67
C GLN A 67 -11.76 -5.70 -18.34
N ASP A 68 -11.39 -4.44 -18.03
CA ASP A 68 -12.03 -3.24 -18.61
C ASP A 68 -10.99 -2.25 -19.16
N SER A 69 -9.71 -2.70 -19.34
CA SER A 69 -8.59 -1.88 -19.85
C SER A 69 -8.04 -0.92 -18.78
N GLU A 70 -8.91 -0.10 -18.15
CA GLU A 70 -8.50 0.85 -17.10
C GLU A 70 -8.19 0.12 -15.77
N LEU A 71 -6.97 0.34 -15.22
CA LEU A 71 -6.55 -0.28 -13.96
C LEU A 71 -6.91 0.63 -12.76
N LYS A 72 -8.13 0.46 -12.20
CA LYS A 72 -8.60 1.26 -11.05
C LYS A 72 -7.77 0.92 -9.79
N PHE A 73 -7.84 1.76 -8.72
CA PHE A 73 -7.07 1.50 -7.48
C PHE A 73 -7.39 0.13 -6.85
N ASN A 74 -8.61 -0.42 -7.12
CA ASN A 74 -8.98 -1.77 -6.64
C ASN A 74 -8.21 -2.85 -7.44
N GLU A 75 -7.88 -2.54 -8.72
CA GLU A 75 -7.09 -3.43 -9.59
C GLU A 75 -5.58 -3.21 -9.33
N TYR A 76 -5.19 -1.94 -9.06
CA TYR A 76 -3.79 -1.58 -8.74
C TYR A 76 -3.40 -2.08 -7.33
N TRP A 77 -4.43 -2.31 -6.48
CA TRP A 77 -4.28 -2.79 -5.09
C TRP A 77 -3.39 -4.06 -4.97
N ARG A 78 -3.46 -4.97 -5.98
CA ARG A 78 -2.64 -6.22 -5.98
C ARG A 78 -1.12 -5.92 -6.02
N LEU A 79 -0.71 -4.92 -6.82
CA LEU A 79 0.72 -4.54 -6.93
C LEU A 79 1.21 -3.79 -5.67
N ILE A 80 0.27 -3.11 -4.95
CA ILE A 80 0.61 -2.39 -3.69
C ILE A 80 1.05 -3.39 -2.60
N GLY A 81 0.45 -4.61 -2.60
CA GLY A 81 0.81 -5.66 -1.64
C GLY A 81 2.28 -6.09 -1.78
N GLU A 82 2.70 -6.35 -3.03
CA GLU A 82 4.09 -6.76 -3.34
C GLU A 82 5.06 -5.55 -3.31
N LEU A 83 4.51 -4.31 -3.39
CA LEU A 83 5.30 -3.06 -3.38
C LEU A 83 6.10 -2.91 -2.07
N ALA A 84 5.41 -3.07 -0.93
CA ALA A 84 6.05 -2.95 0.40
C ALA A 84 6.63 -4.29 0.89
N LYS A 85 6.20 -5.42 0.27
CA LYS A 85 6.70 -6.76 0.64
C LYS A 85 8.11 -7.03 0.05
N GLU A 86 8.44 -6.36 -1.09
CA GLU A 86 9.74 -6.54 -1.76
C GLU A 86 10.80 -5.48 -1.35
N ILE A 87 10.40 -4.36 -0.70
CA ILE A 87 11.35 -3.31 -0.27
C ILE A 87 12.40 -3.87 0.74
N ARG A 88 11.95 -4.74 1.66
CA ARG A 88 12.82 -5.34 2.69
C ARG A 88 13.32 -6.74 2.29
N LYS A 89 12.46 -7.54 1.60
CA LYS A 89 12.84 -8.90 1.17
C LYS A 89 12.38 -9.22 -0.28
N LYS A 90 13.00 -8.55 -1.27
CA LYS A 90 12.68 -8.79 -2.71
C LYS A 90 13.10 -10.23 -3.13
N LYS A 91 14.22 -10.71 -2.55
CA LYS A 91 14.75 -12.06 -2.79
C LYS A 91 15.06 -12.72 -1.43
N ASP A 92 14.03 -13.34 -0.81
CA ASP A 92 14.17 -13.98 0.51
C ASP A 92 14.83 -15.38 0.39
N LEU A 93 16.14 -15.39 0.08
CA LEU A 93 16.95 -16.62 -0.07
C LEU A 93 18.42 -16.27 -0.36
N LYS A 94 18.65 -15.34 -1.30
CA LYS A 94 20.00 -14.89 -1.68
C LYS A 94 20.49 -13.77 -0.74
N ILE A 95 19.68 -12.70 -0.59
CA ILE A 95 20.01 -11.56 0.28
C ILE A 95 18.94 -11.35 1.35
N ARG A 96 19.37 -11.16 2.62
CA ARG A 96 18.42 -10.95 3.73
C ARG A 96 18.97 -9.98 4.81
N LYS A 97 19.64 -8.88 4.37
CA LYS A 97 20.16 -7.85 5.29
C LYS A 97 20.64 -6.60 4.51
N LYS A 98 19.74 -5.60 4.39
CA LYS A 98 20.05 -4.34 3.69
C LYS A 98 19.44 -3.15 4.43
N MET B 1 16.52 -7.76 4.83
CA MET B 1 15.27 -7.83 5.60
C MET B 1 14.94 -6.49 6.30
N ALA B 2 15.56 -5.38 5.86
CA ALA B 2 15.31 -4.04 6.44
C ALA B 2 15.04 -3.01 5.34
N ALA B 3 13.93 -2.24 5.50
CA ALA B 3 13.54 -1.22 4.51
C ALA B 3 14.48 0.00 4.55
N GLU B 4 15.34 0.13 3.50
CA GLU B 4 16.33 1.23 3.39
C GLU B 4 15.79 2.37 2.49
N PRO B 5 16.08 3.67 2.80
CA PRO B 5 15.61 4.83 1.99
C PRO B 5 16.09 4.80 0.53
N LEU B 6 15.14 4.97 -0.44
CA LEU B 6 15.44 4.96 -1.88
C LEU B 6 14.73 6.16 -2.60
N THR B 7 14.07 5.94 -3.77
CA THR B 7 13.36 7.02 -4.52
C THR B 7 12.12 7.50 -3.73
N GLU B 8 11.57 8.69 -4.10
CA GLU B 8 10.38 9.27 -3.43
C GLU B 8 9.20 8.27 -3.30
N LEU B 9 8.91 7.50 -4.36
CA LEU B 9 7.81 6.50 -4.35
C LEU B 9 8.21 5.26 -3.53
N GLU B 10 9.47 4.80 -3.70
CA GLU B 10 10.00 3.62 -2.97
C GLU B 10 10.19 3.95 -1.47
N GLU B 11 10.49 5.23 -1.17
CA GLU B 11 10.70 5.72 0.21
C GLU B 11 9.37 5.83 0.97
N SER B 12 8.26 6.14 0.26
CA SER B 12 6.92 6.26 0.88
C SER B 12 6.48 4.93 1.52
N ILE B 13 6.52 3.83 0.71
CA ILE B 13 6.16 2.48 1.20
C ILE B 13 7.22 1.94 2.20
N GLU B 14 8.45 2.50 2.15
CA GLU B 14 9.55 2.13 3.05
C GLU B 14 9.38 2.78 4.43
N THR B 15 8.90 4.05 4.46
CA THR B 15 8.66 4.82 5.70
C THR B 15 7.70 4.06 6.66
N VAL B 16 6.64 3.44 6.09
CA VAL B 16 5.65 2.67 6.88
C VAL B 16 6.31 1.45 7.56
N VAL B 17 7.37 0.88 6.93
CA VAL B 17 8.09 -0.29 7.47
C VAL B 17 9.15 0.11 8.54
N THR B 18 9.60 1.39 8.52
CA THR B 18 10.60 1.88 9.50
C THR B 18 9.95 2.64 10.69
N THR B 19 8.64 2.97 10.58
CA THR B 19 7.94 3.72 11.63
C THR B 19 7.12 2.78 12.55
N PHE B 20 6.18 1.98 11.98
CA PHE B 20 5.34 1.09 12.79
C PHE B 20 5.88 -0.35 12.92
N PHE B 21 6.41 -0.94 11.82
CA PHE B 21 6.93 -2.33 11.86
C PHE B 21 8.09 -2.52 12.88
N THR B 22 8.70 -1.41 13.35
CA THR B 22 9.76 -1.46 14.39
C THR B 22 9.14 -1.89 15.75
N PHE B 23 7.93 -1.37 16.03
CA PHE B 23 7.17 -1.70 17.27
C PHE B 23 6.38 -3.02 17.13
N ALA B 24 6.18 -3.50 15.88
CA ALA B 24 5.42 -4.74 15.60
C ALA B 24 6.23 -6.04 15.78
N ARG B 25 7.49 -5.95 16.28
CA ARG B 25 8.34 -7.13 16.52
C ARG B 25 8.03 -7.83 17.87
N GLN B 26 7.06 -7.29 18.64
CA GLN B 26 6.68 -7.85 19.96
C GLN B 26 6.09 -9.26 19.84
N GLU B 27 5.08 -9.44 18.95
CA GLU B 27 4.44 -10.75 18.73
C GLU B 27 5.24 -11.58 17.69
N GLY B 28 4.76 -12.80 17.37
CA GLY B 28 5.44 -13.68 16.40
C GLY B 28 5.76 -13.02 15.06
N ARG B 29 6.94 -13.37 14.46
CA ARG B 29 7.42 -12.84 13.17
C ARG B 29 7.76 -11.33 13.24
N LYS B 30 8.76 -10.91 12.43
CA LYS B 30 9.19 -9.51 12.35
C LYS B 30 8.43 -8.77 11.23
N ASP B 31 8.16 -9.48 10.11
CA ASP B 31 7.41 -8.92 8.97
C ASP B 31 5.90 -9.17 9.14
N SER B 32 5.36 -8.78 10.32
CA SER B 32 3.95 -8.94 10.66
C SER B 32 3.50 -7.87 11.66
N LEU B 33 2.19 -7.60 11.70
CA LEU B 33 1.61 -6.59 12.60
C LEU B 33 0.77 -7.29 13.68
N SER B 34 0.97 -6.89 14.96
CA SER B 34 0.24 -7.49 16.10
C SER B 34 -1.27 -7.23 16.02
N VAL B 35 -2.09 -8.22 16.45
CA VAL B 35 -3.56 -8.11 16.42
C VAL B 35 -4.13 -7.05 17.39
N ASN B 36 -3.35 -6.69 18.44
CA ASN B 36 -3.77 -5.69 19.44
C ASN B 36 -3.19 -4.29 19.13
N GLU B 37 -1.98 -4.23 18.54
CA GLU B 37 -1.31 -2.95 18.20
C GLU B 37 -1.87 -2.29 16.92
N PHE B 38 -2.30 -3.09 15.91
CA PHE B 38 -2.85 -2.53 14.65
C PHE B 38 -4.16 -1.76 14.90
N LYS B 39 -4.97 -2.22 15.87
CA LYS B 39 -6.26 -1.57 16.21
C LYS B 39 -6.01 -0.21 16.91
N GLU B 40 -4.97 -0.15 17.78
CA GLU B 40 -4.61 1.08 18.50
C GLU B 40 -3.92 2.10 17.56
N LEU B 41 -3.20 1.60 16.53
CA LEU B 41 -2.53 2.48 15.54
C LEU B 41 -3.54 3.33 14.75
N VAL B 42 -4.64 2.68 14.30
CA VAL B 42 -5.72 3.37 13.55
C VAL B 42 -6.53 4.34 14.44
N THR B 43 -6.49 4.16 15.77
CA THR B 43 -7.23 5.03 16.70
C THR B 43 -6.39 6.26 17.15
N GLN B 44 -5.05 6.22 17.00
CA GLN B 44 -4.17 7.33 17.44
C GLN B 44 -3.47 8.04 16.25
N GLN B 45 -2.69 7.28 15.44
CA GLN B 45 -1.92 7.86 14.33
C GLN B 45 -2.63 7.76 12.95
N LEU B 46 -3.74 6.98 12.83
CA LEU B 46 -4.45 6.85 11.54
C LEU B 46 -6.02 6.91 11.71
N PRO B 47 -6.58 7.85 12.56
CA PRO B 47 -8.04 7.95 12.75
C PRO B 47 -8.77 8.76 11.66
N HIS B 48 -8.15 9.86 11.17
CA HIS B 48 -8.76 10.73 10.14
C HIS B 48 -8.89 10.01 8.77
N LEU B 49 -7.92 9.14 8.43
CA LEU B 49 -7.91 8.40 7.14
C LEU B 49 -9.05 7.38 7.08
N LEU B 50 -9.03 6.37 7.98
CA LEU B 50 -10.06 5.34 8.03
C LEU B 50 -11.22 5.83 8.92
N LYS B 51 -12.38 6.14 8.31
CA LYS B 51 -13.58 6.64 9.03
C LYS B 51 -14.04 5.65 10.13
N ASP B 52 -13.86 4.34 9.87
CA ASP B 52 -14.23 3.28 10.81
C ASP B 52 -13.10 3.07 11.85
N VAL B 53 -13.11 3.90 12.90
CA VAL B 53 -12.08 3.85 13.98
C VAL B 53 -12.51 3.00 15.18
N GLY B 54 -13.82 2.94 15.47
CA GLY B 54 -14.33 2.17 16.61
C GLY B 54 -14.68 0.72 16.26
N SER B 55 -15.31 0.51 15.09
CA SER B 55 -15.73 -0.82 14.64
C SER B 55 -14.74 -1.38 13.59
N LEU B 56 -13.61 -1.94 14.08
CA LEU B 56 -12.57 -2.53 13.19
C LEU B 56 -12.88 -4.00 12.80
N ASP B 57 -14.04 -4.55 13.25
CA ASP B 57 -14.42 -5.96 12.92
C ASP B 57 -14.49 -6.23 11.40
N GLU B 58 -14.83 -5.19 10.60
CA GLU B 58 -14.90 -5.32 9.13
C GLU B 58 -13.50 -5.50 8.51
N LYS B 59 -12.50 -4.75 9.04
CA LYS B 59 -11.11 -4.84 8.59
C LYS B 59 -10.24 -5.48 9.68
N MET B 60 -10.62 -6.72 10.08
CA MET B 60 -9.92 -7.50 11.10
C MET B 60 -9.91 -8.98 10.69
N LYS B 61 -11.11 -9.54 10.41
CA LYS B 61 -11.27 -10.94 9.98
C LYS B 61 -10.81 -11.08 8.51
N SER B 62 -11.07 -10.02 7.69
CA SER B 62 -10.67 -9.98 6.27
C SER B 62 -9.14 -9.92 6.12
N LEU B 63 -8.46 -9.23 7.06
CA LEU B 63 -6.98 -9.13 7.05
C LEU B 63 -6.35 -10.49 7.36
N ASP B 64 -6.52 -10.98 8.60
CA ASP B 64 -5.96 -12.27 9.02
C ASP B 64 -6.84 -13.42 8.49
N VAL B 65 -6.56 -13.85 7.24
CA VAL B 65 -7.31 -14.94 6.58
C VAL B 65 -6.74 -16.34 6.92
N ASN B 66 -5.47 -16.39 7.37
CA ASN B 66 -4.82 -17.67 7.73
C ASN B 66 -5.19 -18.16 9.15
N GLN B 67 -5.79 -17.28 10.01
CA GLN B 67 -6.18 -17.62 11.40
C GLN B 67 -4.95 -18.10 12.22
N ASP B 68 -3.89 -17.26 12.23
CA ASP B 68 -2.65 -17.58 12.97
C ASP B 68 -2.31 -16.50 14.03
N SER B 69 -3.23 -15.50 14.24
CA SER B 69 -3.03 -14.40 15.21
C SER B 69 -1.79 -13.53 14.87
N GLU B 70 -1.40 -13.53 13.57
CA GLU B 70 -0.25 -12.76 13.08
C GLU B 70 -0.57 -12.20 11.69
N LEU B 71 -0.81 -10.87 11.60
CA LEU B 71 -1.16 -10.21 10.34
C LEU B 71 0.09 -9.87 9.50
N LYS B 72 0.52 -10.81 8.63
CA LYS B 72 1.68 -10.59 7.73
C LYS B 72 1.27 -9.56 6.65
N PHE B 73 2.17 -9.21 5.71
CA PHE B 73 1.81 -8.25 4.65
C PHE B 73 0.83 -8.86 3.65
N ASN B 74 0.85 -10.20 3.48
CA ASN B 74 -0.09 -10.90 2.58
C ASN B 74 -1.51 -10.89 3.20
N GLU B 75 -1.59 -10.78 4.55
CA GLU B 75 -2.86 -10.72 5.29
C GLU B 75 -3.30 -9.25 5.49
N TYR B 76 -2.36 -8.39 5.94
CA TYR B 76 -2.61 -6.94 6.16
C TYR B 76 -2.83 -6.17 4.85
N TRP B 77 -2.47 -6.78 3.69
CA TRP B 77 -2.65 -6.20 2.33
C TRP B 77 -4.07 -5.64 2.10
N ARG B 78 -5.10 -6.25 2.74
CA ARG B 78 -6.51 -5.78 2.60
C ARG B 78 -6.72 -4.35 3.17
N LEU B 79 -5.88 -3.92 4.16
CA LEU B 79 -5.99 -2.58 4.76
C LEU B 79 -5.05 -1.57 4.04
N ILE B 80 -3.89 -2.04 3.55
CA ILE B 80 -2.92 -1.18 2.83
C ILE B 80 -3.60 -0.53 1.60
N GLY B 81 -4.45 -1.32 0.90
CA GLY B 81 -5.21 -0.80 -0.23
C GLY B 81 -6.27 0.18 0.23
N GLU B 82 -6.94 -0.17 1.36
CA GLU B 82 -7.98 0.69 1.98
C GLU B 82 -7.37 2.00 2.52
N LEU B 83 -6.04 1.99 2.84
CA LEU B 83 -5.33 3.21 3.33
C LEU B 83 -5.33 4.29 2.24
N ALA B 84 -4.84 3.94 1.03
CA ALA B 84 -4.80 4.87 -0.11
C ALA B 84 -6.17 5.00 -0.82
N LYS B 85 -7.12 4.07 -0.55
CA LYS B 85 -8.47 4.13 -1.16
C LYS B 85 -9.41 5.00 -0.30
N GLU B 86 -9.25 4.97 1.05
CA GLU B 86 -10.08 5.77 1.98
C GLU B 86 -9.44 7.15 2.28
N ILE B 87 -8.71 7.72 1.28
CA ILE B 87 -8.08 9.04 1.42
C ILE B 87 -8.87 10.09 0.60
N ARG B 88 -9.40 9.67 -0.57
CA ARG B 88 -10.19 10.53 -1.47
C ARG B 88 -11.64 10.04 -1.60
N LYS B 89 -11.84 8.70 -1.72
CA LYS B 89 -13.19 8.11 -1.85
C LYS B 89 -13.63 7.41 -0.54
N LYS B 90 -13.34 8.05 0.62
CA LYS B 90 -13.76 7.51 1.95
C LYS B 90 -15.27 7.68 2.13
N LYS B 91 -15.78 8.87 1.75
CA LYS B 91 -17.22 9.19 1.81
C LYS B 91 -17.65 9.82 0.46
N ASP B 92 -17.51 9.04 -0.64
CA ASP B 92 -17.86 9.50 -2.00
C ASP B 92 -19.39 9.51 -2.25
N LEU B 93 -20.07 10.45 -1.58
CA LEU B 93 -21.54 10.63 -1.65
C LEU B 93 -21.95 11.89 -0.87
N LYS B 94 -21.39 12.03 0.36
CA LYS B 94 -21.64 13.17 1.25
C LYS B 94 -20.75 14.36 0.85
N ILE B 95 -19.41 14.10 0.69
CA ILE B 95 -18.43 15.14 0.30
C ILE B 95 -17.73 14.74 -1.01
N ARG B 96 -17.35 15.74 -1.82
CA ARG B 96 -16.67 15.51 -3.12
C ARG B 96 -15.52 16.51 -3.38
N LYS B 97 -15.02 17.21 -2.33
CA LYS B 97 -13.92 18.19 -2.49
C LYS B 97 -13.20 18.47 -1.15
N LYS B 98 -11.94 18.01 -1.02
CA LYS B 98 -11.14 18.22 0.21
C LYS B 98 -9.65 17.97 -0.05
NAA ANW C . -7.98 16.82 -7.14
NAB ANW C . -10.17 16.12 -7.50
CAC ANW C . 0.00 18.55 -9.37
CAD ANW C . -1.02 19.49 -8.71
CAE ANW C . -0.40 20.11 -7.45
CAF ANW C . -2.17 18.78 -8.37
CAG ANW C . -3.38 19.12 -8.94
CAH ANW C . -4.54 18.46 -8.57
CAI ANW C . -4.49 17.46 -7.61
CAJ ANW C . -3.28 17.10 -7.04
CAK ANW C . -2.11 17.76 -7.41
CAL ANW C . -6.85 17.34 -7.63
CAM ANW C . -9.14 16.90 -7.82
CAN ANW C . -9.20 17.55 -9.05
CAO ANW C . -8.04 18.10 -9.57
CAP ANW C . -6.85 17.99 -8.86
CAQ ANW C . -5.73 18.69 -9.26
CAR ANW C . -10.43 17.81 -9.65
OAS ANW C . -5.66 16.91 -7.14
OAT ANW C . -5.76 19.46 -10.22
OAU ANW C . -10.46 18.33 -10.78
OAV ANW C . -11.49 17.55 -9.05
HNAB ANW C . -10.17 15.63 -6.63
HNAA ANW C . -10.92 16.00 -8.15
HAC ANW C . 0.22 17.78 -8.63
HACA ANW C . -0.46 18.03 -10.20
HACB ANW C . 0.96 19.02 -9.59
HAD ANW C . -1.28 20.28 -9.41
HAE ANW C . -0.11 19.28 -6.82
HAEA ANW C . 0.53 20.62 -7.72
HAEB ANW C . -1.09 20.70 -6.86
HAG ANW C . -3.43 19.94 -9.66
HAJ ANW C . -3.24 16.32 -6.27
HAK ANW C . -1.16 17.46 -6.99
HAO ANW C . -8.06 18.62 -10.53
NAA ANW D . 17.56 -8.40 13.21
NAB ANW D . 18.54 -10.03 14.54
CAC ANW D . 11.60 -2.91 11.00
CAD ANW D . 13.07 -2.57 11.24
CAE ANW D . 13.60 -1.77 10.04
CAF ANW D . 13.80 -3.74 11.40
CAG ANW D . 14.41 -4.00 12.63
CAH ANW D . 15.12 -5.17 12.83
CAI ANW D . 15.24 -6.09 11.78
CAJ ANW D . 14.63 -5.83 10.56
CAK ANW D . 13.92 -4.65 10.37
CAL ANW D . 16.74 -7.35 13.09
CAM ANW D . 17.95 -8.84 14.41
CAN ANW D . 17.53 -8.23 15.58
CAO ANW D . 16.67 -7.15 15.49
CAP ANW D . 16.27 -6.70 14.23
CAQ ANW D . 15.58 -5.50 14.09
CAR ANW D . 18.09 -8.56 16.81
OAS ANW D . 16.05 -7.17 11.93
OAT ANW D . 15.43 -4.74 15.04
OAU ANW D . 17.66 -8.02 17.86
OAV ANW D . 19.02 -9.38 16.87
HNAB ANW D . 18.86 -10.52 13.74
HNAA ANW D . 18.63 -10.45 15.45
HAC ANW D . 11.57 -3.51 10.08
HACA ANW D . 11.25 -3.57 11.79
HACB ANW D . 10.96 -2.05 10.80
HAD ANW D . 13.15 -1.96 12.14
HAE ANW D . 13.49 -2.42 9.17
HAEA ANW D . 12.96 -0.91 9.86
HAEB ANW D . 14.67 -1.55 10.10
HAG ANW D . 14.31 -3.28 13.44
HAJ ANW D . 14.69 -6.58 9.75
HAK ANW D . 13.40 -4.48 9.42
HAO ANW D . 16.29 -6.64 16.39
N MET A 1 -12.33 14.82 -2.37
CA MET A 1 -11.69 13.79 -3.25
C MET A 1 -10.18 14.07 -3.51
N ALA A 2 -9.54 14.94 -2.69
CA ALA A 2 -8.12 15.28 -2.85
C ALA A 2 -7.25 14.58 -1.79
N ALA A 3 -5.95 14.41 -2.11
CA ALA A 3 -4.99 13.76 -1.20
C ALA A 3 -4.14 14.82 -0.47
N GLU A 4 -4.60 15.22 0.74
CA GLU A 4 -3.89 16.23 1.55
C GLU A 4 -3.08 15.57 2.69
N PRO A 5 -1.80 16.01 2.93
CA PRO A 5 -0.95 15.42 4.00
C PRO A 5 -1.31 15.96 5.41
N LEU A 6 -1.37 15.05 6.41
CA LEU A 6 -1.70 15.43 7.80
C LEU A 6 -0.69 14.81 8.80
N THR A 7 -0.62 13.46 8.84
CA THR A 7 0.30 12.73 9.73
C THR A 7 1.38 12.00 8.88
N GLU A 8 2.45 11.49 9.53
CA GLU A 8 3.55 10.79 8.81
C GLU A 8 3.03 9.55 8.03
N LEU A 9 2.17 8.72 8.66
CA LEU A 9 1.62 7.50 8.01
C LEU A 9 0.59 7.85 6.92
N GLU A 10 -0.20 8.93 7.12
CA GLU A 10 -1.20 9.37 6.11
C GLU A 10 -0.48 9.98 4.89
N GLU A 11 0.63 10.72 5.15
CA GLU A 11 1.45 11.36 4.10
C GLU A 11 2.23 10.31 3.27
N SER A 12 2.56 9.14 3.88
CA SER A 12 3.30 8.05 3.20
C SER A 12 2.52 7.52 1.98
N ILE A 13 1.26 7.12 2.20
CA ILE A 13 0.39 6.60 1.11
C ILE A 13 -0.19 7.73 0.23
N GLU A 14 -0.16 8.98 0.75
CA GLU A 14 -0.64 10.18 0.00
C GLU A 14 0.39 10.58 -1.09
N THR A 15 1.69 10.39 -0.78
CA THR A 15 2.78 10.71 -1.72
C THR A 15 2.71 9.86 -3.00
N VAL A 16 2.27 8.59 -2.88
CA VAL A 16 2.14 7.67 -4.04
C VAL A 16 1.03 8.15 -5.01
N VAL A 17 0.00 8.84 -4.46
CA VAL A 17 -1.13 9.37 -5.26
C VAL A 17 -0.75 10.69 -5.94
N THR A 18 -0.31 11.70 -5.15
CA THR A 18 0.06 13.04 -5.66
C THR A 18 1.26 13.04 -6.64
N THR A 19 2.25 12.16 -6.41
CA THR A 19 3.45 12.08 -7.28
C THR A 19 3.12 11.54 -8.69
N PHE A 20 2.27 10.49 -8.78
CA PHE A 20 1.92 9.89 -10.08
C PHE A 20 0.51 10.29 -10.61
N PHE A 21 -0.18 11.23 -9.93
CA PHE A 21 -1.52 11.68 -10.39
C PHE A 21 -1.42 12.48 -11.70
N THR A 22 -0.29 13.19 -11.90
CA THR A 22 -0.05 14.00 -13.12
C THR A 22 -0.11 13.14 -14.41
N PHE A 23 0.39 11.89 -14.34
CA PHE A 23 0.41 10.96 -15.49
C PHE A 23 -0.81 10.01 -15.51
N ALA A 24 -1.42 9.76 -14.33
CA ALA A 24 -2.58 8.86 -14.21
C ALA A 24 -3.92 9.59 -14.49
N ARG A 25 -3.94 10.94 -14.40
CA ARG A 25 -5.17 11.73 -14.63
C ARG A 25 -5.51 11.94 -16.12
N GLN A 26 -4.48 12.11 -16.97
CA GLN A 26 -4.68 12.36 -18.41
C GLN A 26 -5.11 11.11 -19.21
N GLU A 27 -4.88 9.89 -18.66
CA GLU A 27 -5.26 8.64 -19.36
C GLU A 27 -5.98 7.66 -18.41
N GLY A 28 -7.25 7.33 -18.74
CA GLY A 28 -8.04 6.38 -17.96
C GLY A 28 -8.48 6.90 -16.59
N ARG A 29 -9.57 7.70 -16.55
CA ARG A 29 -10.13 8.27 -15.29
C ARG A 29 -9.10 9.13 -14.52
N LYS A 30 -9.57 9.82 -13.45
CA LYS A 30 -8.70 10.68 -12.63
C LYS A 30 -8.01 9.88 -11.52
N ASP A 31 -8.78 9.04 -10.79
CA ASP A 31 -8.24 8.21 -9.71
C ASP A 31 -7.98 6.76 -10.19
N SER A 32 -7.32 6.64 -11.37
CA SER A 32 -6.99 5.34 -11.98
C SER A 32 -5.75 5.46 -12.88
N LEU A 33 -4.85 4.48 -12.78
CA LEU A 33 -3.61 4.46 -13.58
C LEU A 33 -3.82 3.76 -14.93
N SER A 34 -2.92 4.03 -15.90
CA SER A 34 -2.98 3.43 -17.25
C SER A 34 -2.24 2.08 -17.28
N VAL A 35 -2.59 1.21 -18.25
CA VAL A 35 -1.96 -0.12 -18.39
C VAL A 35 -0.52 -0.03 -18.96
N ASN A 36 -0.21 1.03 -19.73
CA ASN A 36 1.13 1.22 -20.33
C ASN A 36 2.01 2.18 -19.51
N GLU A 37 1.39 3.13 -18.76
CA GLU A 37 2.15 4.11 -17.95
C GLU A 37 2.66 3.52 -16.61
N PHE A 38 1.92 2.57 -16.01
CA PHE A 38 2.35 1.95 -14.73
C PHE A 38 3.65 1.12 -14.91
N LYS A 39 3.80 0.49 -16.11
CA LYS A 39 5.00 -0.30 -16.45
C LYS A 39 6.26 0.60 -16.53
N GLU A 40 6.09 1.84 -17.04
CA GLU A 40 7.20 2.82 -17.14
C GLU A 40 7.63 3.32 -15.75
N LEU A 41 6.67 3.37 -14.80
CA LEU A 41 6.94 3.80 -13.41
C LEU A 41 7.86 2.79 -12.68
N VAL A 42 7.72 1.49 -13.03
CA VAL A 42 8.54 0.41 -12.42
C VAL A 42 9.92 0.29 -13.12
N THR A 43 10.04 0.74 -14.39
CA THR A 43 11.30 0.65 -15.15
C THR A 43 12.09 1.99 -15.19
N GLN A 44 11.59 3.07 -14.53
CA GLN A 44 12.28 4.38 -14.56
C GLN A 44 12.47 4.97 -13.14
N GLN A 45 11.36 5.25 -12.43
CA GLN A 45 11.42 5.84 -11.08
C GLN A 45 11.32 4.78 -9.94
N LEU A 46 11.13 3.49 -10.29
CA LEU A 46 11.02 2.42 -9.27
C LEU A 46 11.64 1.08 -9.78
N PRO A 47 12.94 1.06 -10.18
CA PRO A 47 13.60 -0.18 -10.68
C PRO A 47 14.26 -1.07 -9.60
N HIS A 48 14.78 -0.46 -8.51
CA HIS A 48 15.47 -1.22 -7.42
C HIS A 48 14.50 -1.89 -6.43
N LEU A 49 13.21 -1.49 -6.42
CA LEU A 49 12.22 -2.07 -5.49
C LEU A 49 11.75 -3.45 -5.98
N LEU A 50 11.21 -3.51 -7.21
CA LEU A 50 10.74 -4.78 -7.80
C LEU A 50 11.85 -5.36 -8.70
N LYS A 51 12.41 -6.53 -8.28
CA LYS A 51 13.50 -7.21 -9.03
C LYS A 51 13.18 -7.41 -10.53
N ASP A 52 11.89 -7.64 -10.85
CA ASP A 52 11.45 -7.85 -12.24
C ASP A 52 11.01 -6.51 -12.86
N VAL A 53 11.94 -5.84 -13.57
CA VAL A 53 11.67 -4.54 -14.23
C VAL A 53 11.04 -4.75 -15.63
N GLY A 54 11.42 -5.84 -16.32
CA GLY A 54 10.87 -6.16 -17.64
C GLY A 54 9.79 -7.24 -17.60
N SER A 55 9.78 -8.08 -16.54
CA SER A 55 8.79 -9.17 -16.39
C SER A 55 7.61 -8.73 -15.49
N LEU A 56 6.72 -7.88 -16.04
CA LEU A 56 5.52 -7.39 -15.32
C LEU A 56 4.24 -8.13 -15.81
N ASP A 57 4.39 -9.25 -16.55
CA ASP A 57 3.23 -10.02 -17.06
C ASP A 57 2.49 -10.75 -15.92
N GLU A 58 3.24 -11.25 -14.92
CA GLU A 58 2.65 -11.95 -13.76
C GLU A 58 1.88 -10.98 -12.84
N LYS A 59 2.28 -9.69 -12.81
CA LYS A 59 1.61 -8.67 -11.97
C LYS A 59 0.45 -8.01 -12.73
N MET A 60 0.68 -7.64 -14.01
CA MET A 60 -0.34 -6.99 -14.86
C MET A 60 -1.64 -7.83 -14.98
N LYS A 61 -1.51 -9.18 -14.97
CA LYS A 61 -2.69 -10.07 -15.05
C LYS A 61 -3.56 -9.97 -13.78
N SER A 62 -2.91 -9.92 -12.61
CA SER A 62 -3.63 -9.80 -11.32
C SER A 62 -4.25 -8.39 -11.16
N LEU A 63 -3.59 -7.36 -11.73
CA LEU A 63 -4.08 -5.97 -11.67
C LEU A 63 -5.29 -5.78 -12.58
N ASP A 64 -5.16 -6.16 -13.87
CA ASP A 64 -6.25 -6.01 -14.84
C ASP A 64 -7.21 -7.22 -14.80
N VAL A 65 -7.88 -7.41 -13.64
CA VAL A 65 -8.85 -8.51 -13.46
C VAL A 65 -10.26 -8.05 -13.94
N ASN A 66 -10.56 -6.73 -13.79
CA ASN A 66 -11.85 -6.14 -14.24
C ASN A 66 -11.93 -6.09 -15.78
N GLN A 67 -10.75 -5.96 -16.45
CA GLN A 67 -10.63 -5.91 -17.93
C GLN A 67 -11.34 -4.67 -18.54
N ASP A 68 -10.67 -3.50 -18.46
CA ASP A 68 -11.18 -2.24 -19.04
C ASP A 68 -10.06 -1.18 -19.29
N SER A 69 -8.77 -1.62 -19.33
CA SER A 69 -7.61 -0.72 -19.55
C SER A 69 -7.53 0.45 -18.52
N GLU A 70 -8.10 0.25 -17.32
CA GLU A 70 -8.10 1.27 -16.25
C GLU A 70 -7.75 0.64 -14.91
N LEU A 71 -6.48 0.75 -14.50
CA LEU A 71 -6.00 0.18 -13.24
C LEU A 71 -6.32 1.10 -12.05
N LYS A 72 -7.59 1.03 -11.58
CA LYS A 72 -8.07 1.81 -10.42
C LYS A 72 -7.37 1.28 -9.15
N PHE A 73 -7.29 2.08 -8.05
CA PHE A 73 -6.61 1.61 -6.81
C PHE A 73 -7.21 0.31 -6.24
N ASN A 74 -8.49 0.02 -6.57
CA ASN A 74 -9.14 -1.24 -6.14
C ASN A 74 -8.51 -2.45 -6.86
N GLU A 75 -8.06 -2.23 -8.12
CA GLU A 75 -7.39 -3.26 -8.95
C GLU A 75 -5.86 -3.15 -8.84
N TYR A 76 -5.34 -1.90 -8.82
CA TYR A 76 -3.90 -1.59 -8.70
C TYR A 76 -3.33 -1.94 -7.29
N TRP A 77 -4.23 -2.25 -6.32
CA TRP A 77 -3.83 -2.61 -4.94
C TRP A 77 -2.95 -3.89 -4.88
N ARG A 78 -2.99 -4.73 -5.95
CA ARG A 78 -2.19 -5.97 -6.01
C ARG A 78 -0.67 -5.66 -6.19
N LEU A 79 -0.34 -4.52 -6.85
CA LEU A 79 1.07 -4.13 -7.06
C LEU A 79 1.60 -3.37 -5.83
N ILE A 80 0.72 -2.60 -5.15
CA ILE A 80 1.10 -1.86 -3.93
C ILE A 80 1.40 -2.86 -2.79
N GLY A 81 0.68 -4.01 -2.79
CA GLY A 81 0.91 -5.07 -1.80
C GLY A 81 2.31 -5.68 -1.95
N GLU A 82 2.76 -5.84 -3.21
CA GLU A 82 4.10 -6.36 -3.53
C GLU A 82 5.16 -5.24 -3.40
N LEU A 83 4.71 -3.97 -3.58
CA LEU A 83 5.57 -2.77 -3.48
C LEU A 83 6.22 -2.66 -2.08
N ALA A 84 5.42 -2.87 -1.02
CA ALA A 84 5.89 -2.80 0.38
C ALA A 84 6.40 -4.17 0.87
N LYS A 85 5.84 -5.28 0.33
CA LYS A 85 6.25 -6.64 0.72
C LYS A 85 7.62 -7.03 0.12
N GLU A 86 7.95 -6.50 -1.09
CA GLU A 86 9.22 -6.80 -1.77
C GLU A 86 10.31 -5.73 -1.54
N ILE A 87 10.30 -5.08 -0.36
CA ILE A 87 11.33 -4.08 0.02
C ILE A 87 12.33 -4.75 1.00
N ARG A 88 11.78 -5.57 1.93
CA ARG A 88 12.57 -6.29 2.94
C ARG A 88 12.90 -7.73 2.49
N LYS A 89 11.99 -8.38 1.72
CA LYS A 89 12.20 -9.76 1.25
C LYS A 89 11.96 -9.91 -0.27
N LYS A 90 12.77 -9.18 -1.08
CA LYS A 90 12.68 -9.28 -2.56
C LYS A 90 13.37 -10.57 -3.03
N LYS A 91 14.47 -10.94 -2.35
CA LYS A 91 15.23 -12.17 -2.64
C LYS A 91 15.66 -12.82 -1.30
N ASP A 92 14.67 -13.01 -0.39
CA ASP A 92 14.91 -13.59 0.97
C ASP A 92 15.69 -14.92 0.95
N LEU A 93 15.49 -15.75 -0.09
CA LEU A 93 16.20 -17.04 -0.23
C LEU A 93 17.72 -16.84 -0.39
N LYS A 94 18.12 -15.76 -1.09
CA LYS A 94 19.55 -15.43 -1.33
C LYS A 94 20.06 -14.38 -0.32
N ILE A 95 19.38 -13.21 -0.25
CA ILE A 95 19.77 -12.10 0.65
C ILE A 95 18.65 -11.77 1.67
N ARG A 96 19.02 -11.66 2.96
CA ARG A 96 18.07 -11.34 4.05
C ARG A 96 18.64 -10.31 5.05
N LYS A 97 19.51 -9.39 4.58
CA LYS A 97 20.11 -8.34 5.45
C LYS A 97 20.63 -7.16 4.59
N LYS A 98 19.78 -6.11 4.43
CA LYS A 98 20.14 -4.93 3.64
C LYS A 98 19.50 -3.67 4.23
N MET B 1 15.59 -8.78 5.57
CA MET B 1 14.35 -8.54 6.31
C MET B 1 14.30 -7.10 6.90
N ALA B 2 14.94 -6.13 6.19
CA ALA B 2 14.98 -4.72 6.63
C ALA B 2 14.68 -3.78 5.45
N ALA B 3 13.95 -2.68 5.73
CA ALA B 3 13.58 -1.69 4.70
C ALA B 3 14.61 -0.56 4.62
N GLU B 4 15.35 -0.49 3.48
CA GLU B 4 16.39 0.55 3.26
C GLU B 4 15.80 1.73 2.45
N PRO B 5 16.03 3.02 2.88
CA PRO B 5 15.50 4.21 2.16
C PRO B 5 16.07 4.36 0.73
N LEU B 6 15.16 4.56 -0.26
CA LEU B 6 15.54 4.72 -1.69
C LEU B 6 14.81 5.96 -2.32
N THR B 7 14.45 5.93 -3.64
CA THR B 7 13.76 7.07 -4.32
C THR B 7 12.43 7.43 -3.62
N GLU B 8 11.90 8.66 -3.90
CA GLU B 8 10.63 9.17 -3.30
C GLU B 8 9.49 8.13 -3.25
N LEU B 9 9.22 7.44 -4.38
CA LEU B 9 8.15 6.42 -4.45
C LEU B 9 8.50 5.19 -3.60
N GLU B 10 9.76 4.75 -3.66
CA GLU B 10 10.24 3.59 -2.88
C GLU B 10 10.32 3.93 -1.38
N GLU B 11 10.55 5.23 -1.06
CA GLU B 11 10.63 5.72 0.33
C GLU B 11 9.22 5.79 0.97
N SER B 12 8.17 5.97 0.13
CA SER B 12 6.77 6.04 0.61
C SER B 12 6.35 4.75 1.34
N ILE B 13 6.62 3.58 0.71
CA ILE B 13 6.30 2.26 1.31
C ILE B 13 7.35 1.86 2.37
N GLU B 14 8.59 2.35 2.22
CA GLU B 14 9.70 2.08 3.16
C GLU B 14 9.45 2.75 4.52
N THR B 15 8.94 4.01 4.49
CA THR B 15 8.64 4.78 5.72
C THR B 15 7.56 4.08 6.57
N VAL B 16 6.61 3.37 5.93
CA VAL B 16 5.55 2.64 6.65
C VAL B 16 6.14 1.43 7.42
N VAL B 17 7.25 0.85 6.90
CA VAL B 17 7.90 -0.30 7.55
C VAL B 17 8.67 0.14 8.81
N THR B 18 9.65 1.06 8.67
CA THR B 18 10.48 1.55 9.80
C THR B 18 9.67 2.17 10.96
N THR B 19 8.61 2.95 10.62
CA THR B 19 7.78 3.60 11.66
C THR B 19 6.96 2.59 12.50
N PHE B 20 6.63 1.39 11.93
CA PHE B 20 5.86 0.37 12.69
C PHE B 20 6.51 -1.04 12.64
N PHE B 21 7.87 -1.11 12.59
CA PHE B 21 8.58 -2.41 12.61
C PHE B 21 8.91 -2.80 14.07
N THR B 22 9.20 -1.77 14.91
CA THR B 22 9.51 -1.97 16.35
C THR B 22 8.35 -2.64 17.10
N PHE B 23 7.10 -2.26 16.75
CA PHE B 23 5.89 -2.83 17.36
C PHE B 23 5.57 -4.21 16.74
N ALA B 24 5.79 -4.34 15.40
CA ALA B 24 5.54 -5.60 14.66
C ALA B 24 6.46 -6.75 15.13
N ARG B 25 7.64 -6.42 15.71
CA ARG B 25 8.60 -7.45 16.20
C ARG B 25 8.36 -7.81 17.70
N GLN B 26 7.15 -7.47 18.24
CA GLN B 26 6.82 -7.77 19.64
C GLN B 26 6.12 -9.13 19.79
N GLU B 27 5.17 -9.43 18.87
CA GLU B 27 4.42 -10.70 18.86
C GLU B 27 4.94 -11.65 17.76
N GLY B 28 4.23 -12.79 17.52
CA GLY B 28 4.64 -13.79 16.51
C GLY B 28 5.11 -13.21 15.17
N ARG B 29 6.22 -13.77 14.63
CA ARG B 29 6.84 -13.35 13.35
C ARG B 29 7.37 -11.91 13.41
N LYS B 30 8.45 -11.64 12.67
CA LYS B 30 9.10 -10.31 12.64
C LYS B 30 8.47 -9.39 11.58
N ASP B 31 8.02 -9.96 10.43
CA ASP B 31 7.41 -9.17 9.34
C ASP B 31 5.86 -9.25 9.36
N SER B 32 5.26 -9.27 10.57
CA SER B 32 3.80 -9.34 10.72
C SER B 32 3.31 -8.52 11.92
N LEU B 33 2.16 -7.86 11.77
CA LEU B 33 1.54 -7.04 12.83
C LEU B 33 0.59 -7.90 13.68
N SER B 34 0.20 -7.40 14.88
CA SER B 34 -0.73 -8.11 15.78
C SER B 34 -2.11 -7.46 15.73
N VAL B 35 -3.16 -8.20 16.16
CA VAL B 35 -4.54 -7.69 16.17
C VAL B 35 -4.71 -6.49 17.13
N ASN B 36 -3.97 -6.50 18.26
CA ASN B 36 -4.03 -5.42 19.25
C ASN B 36 -3.17 -4.21 18.80
N GLU B 37 -2.09 -4.45 18.03
CA GLU B 37 -1.19 -3.39 17.54
C GLU B 37 -1.85 -2.52 16.44
N PHE B 38 -2.56 -3.17 15.48
CA PHE B 38 -3.25 -2.46 14.38
C PHE B 38 -4.48 -1.68 14.90
N LYS B 39 -5.20 -2.26 15.89
CA LYS B 39 -6.40 -1.63 16.49
C LYS B 39 -6.04 -0.27 17.16
N GLU B 40 -4.88 -0.21 17.85
CA GLU B 40 -4.41 1.02 18.51
C GLU B 40 -3.74 1.98 17.50
N LEU B 41 -3.21 1.43 16.38
CA LEU B 41 -2.56 2.25 15.33
C LEU B 41 -3.60 3.13 14.60
N VAL B 42 -4.75 2.53 14.22
CA VAL B 42 -5.83 3.26 13.52
C VAL B 42 -6.54 4.26 14.48
N THR B 43 -6.53 3.96 15.79
CA THR B 43 -7.18 4.83 16.79
C THR B 43 -6.16 5.73 17.55
N GLN B 44 -5.06 6.17 16.87
CA GLN B 44 -4.05 7.03 17.50
C GLN B 44 -3.20 7.80 16.47
N GLN B 45 -2.46 7.08 15.59
CA GLN B 45 -1.59 7.71 14.57
C GLN B 45 -2.25 7.73 13.16
N LEU B 46 -3.36 6.99 12.96
CA LEU B 46 -4.07 6.95 11.66
C LEU B 46 -5.61 7.09 11.85
N PRO B 47 -6.13 8.09 12.66
CA PRO B 47 -7.58 8.27 12.89
C PRO B 47 -8.33 9.07 11.81
N HIS B 48 -7.70 10.12 11.25
CA HIS B 48 -8.34 10.98 10.22
C HIS B 48 -8.48 10.26 8.87
N LEU B 49 -7.51 9.38 8.52
CA LEU B 49 -7.54 8.62 7.25
C LEU B 49 -8.74 7.65 7.24
N LEU B 50 -8.77 6.73 8.22
CA LEU B 50 -9.85 5.74 8.33
C LEU B 50 -11.01 6.31 9.16
N LYS B 51 -12.06 6.79 8.47
CA LYS B 51 -13.27 7.37 9.11
C LYS B 51 -13.89 6.41 10.15
N ASP B 52 -13.83 5.10 9.88
CA ASP B 52 -14.38 4.07 10.77
C ASP B 52 -13.29 3.56 11.75
N VAL B 53 -13.07 4.32 12.85
CA VAL B 53 -12.06 3.96 13.87
C VAL B 53 -12.60 2.98 14.94
N GLY B 54 -13.94 2.95 15.13
CA GLY B 54 -14.56 2.06 16.13
C GLY B 54 -14.93 0.68 15.58
N SER B 55 -15.52 0.64 14.37
CA SER B 55 -15.94 -0.63 13.74
C SER B 55 -14.81 -1.22 12.85
N LEU B 56 -13.72 -1.72 13.49
CA LEU B 56 -12.59 -2.34 12.75
C LEU B 56 -12.97 -3.75 12.25
N ASP B 57 -14.06 -4.34 12.83
CA ASP B 57 -14.56 -5.68 12.43
C ASP B 57 -14.75 -5.82 10.90
N GLU B 58 -15.14 -4.72 10.21
CA GLU B 58 -15.32 -4.73 8.74
C GLU B 58 -13.99 -5.11 8.03
N LYS B 59 -12.87 -4.54 8.52
CA LYS B 59 -11.51 -4.80 7.96
C LYS B 59 -10.66 -5.62 8.97
N MET B 60 -11.31 -6.58 9.67
CA MET B 60 -10.63 -7.44 10.66
C MET B 60 -10.61 -8.89 10.16
N LYS B 61 -11.80 -9.42 9.78
CA LYS B 61 -11.93 -10.79 9.25
C LYS B 61 -11.31 -10.89 7.84
N SER B 62 -11.28 -9.75 7.11
CA SER B 62 -10.70 -9.66 5.76
C SER B 62 -9.16 -9.76 5.82
N LEU B 63 -8.54 -9.19 6.89
CA LEU B 63 -7.08 -9.25 7.07
C LEU B 63 -6.65 -10.65 7.54
N ASP B 64 -7.07 -11.05 8.76
CA ASP B 64 -6.75 -12.37 9.32
C ASP B 64 -7.73 -13.41 8.75
N VAL B 65 -7.42 -13.90 7.53
CA VAL B 65 -8.25 -14.89 6.83
C VAL B 65 -7.71 -16.33 6.97
N ASN B 66 -6.37 -16.47 7.11
CA ASN B 66 -5.73 -17.79 7.28
C ASN B 66 -5.97 -18.39 8.69
N GLN B 67 -6.46 -17.57 9.65
CA GLN B 67 -6.75 -18.00 11.05
C GLN B 67 -5.46 -18.38 11.82
N ASP B 68 -4.70 -17.35 12.23
CA ASP B 68 -3.45 -17.53 13.03
C ASP B 68 -3.17 -16.33 13.97
N SER B 69 -4.15 -15.40 14.14
CA SER B 69 -4.00 -14.22 15.01
C SER B 69 -2.79 -13.33 14.62
N GLU B 70 -2.43 -13.30 13.32
CA GLU B 70 -1.29 -12.51 12.81
C GLU B 70 -1.67 -11.74 11.55
N LEU B 71 -1.23 -10.46 11.48
CA LEU B 71 -1.50 -9.60 10.33
C LEU B 71 -0.23 -9.44 9.47
N LYS B 72 0.19 -10.56 8.84
CA LYS B 72 1.38 -10.56 7.93
C LYS B 72 1.09 -9.61 6.76
N PHE B 73 2.13 -9.14 6.02
CA PHE B 73 1.89 -8.19 4.91
C PHE B 73 0.99 -8.78 3.79
N ASN B 74 0.90 -10.13 3.66
CA ASN B 74 0.02 -10.77 2.67
C ASN B 74 -1.44 -10.70 3.15
N GLU B 75 -1.64 -10.76 4.48
CA GLU B 75 -2.98 -10.67 5.11
C GLU B 75 -3.36 -9.19 5.35
N TYR B 76 -2.36 -8.37 5.76
CA TYR B 76 -2.51 -6.92 5.99
C TYR B 76 -2.74 -6.17 4.65
N TRP B 77 -2.39 -6.85 3.53
CA TRP B 77 -2.56 -6.38 2.14
C TRP B 77 -3.92 -5.68 1.89
N ARG B 78 -5.03 -6.18 2.50
CA ARG B 78 -6.37 -5.60 2.32
C ARG B 78 -6.50 -4.19 2.94
N LEU B 79 -5.75 -3.90 4.03
CA LEU B 79 -5.78 -2.56 4.67
C LEU B 79 -4.96 -1.54 3.85
N ILE B 80 -3.91 -2.03 3.14
CA ILE B 80 -3.05 -1.19 2.28
C ILE B 80 -3.88 -0.57 1.13
N GLY B 81 -4.80 -1.37 0.55
CA GLY B 81 -5.68 -0.88 -0.50
C GLY B 81 -6.71 0.12 0.04
N GLU B 82 -7.14 -0.08 1.31
CA GLU B 82 -8.08 0.82 1.98
C GLU B 82 -7.38 2.05 2.59
N LEU B 83 -6.02 2.06 2.58
CA LEU B 83 -5.22 3.18 3.13
C LEU B 83 -5.17 4.34 2.12
N ALA B 84 -4.79 4.05 0.86
CA ALA B 84 -4.69 5.07 -0.20
C ALA B 84 -6.05 5.44 -0.81
N LYS B 85 -7.02 4.51 -0.79
CA LYS B 85 -8.38 4.77 -1.33
C LYS B 85 -9.12 5.82 -0.47
N GLU B 86 -8.97 5.72 0.87
CA GLU B 86 -9.64 6.66 1.80
C GLU B 86 -8.94 8.04 1.83
N ILE B 87 -7.66 8.13 1.41
CA ILE B 87 -6.92 9.43 1.42
C ILE B 87 -7.50 10.40 0.36
N ARG B 88 -7.88 9.89 -0.83
CA ARG B 88 -8.45 10.72 -1.90
C ARG B 88 -9.93 10.41 -2.22
N LYS B 89 -10.58 9.48 -1.46
CA LYS B 89 -12.02 9.16 -1.66
C LYS B 89 -12.60 8.30 -0.51
N LYS B 90 -12.70 8.90 0.69
CA LYS B 90 -13.29 8.22 1.88
C LYS B 90 -14.82 8.36 1.87
N LYS B 91 -15.29 9.56 1.45
CA LYS B 91 -16.73 9.87 1.32
C LYS B 91 -16.95 10.61 -0.01
N ASP B 92 -17.02 9.84 -1.12
CA ASP B 92 -17.21 10.41 -2.47
C ASP B 92 -18.70 10.65 -2.82
N LEU B 93 -19.36 11.48 -1.99
CA LEU B 93 -20.78 11.83 -2.15
C LEU B 93 -21.16 12.96 -1.17
N LYS B 94 -20.80 12.79 0.13
CA LYS B 94 -21.09 13.80 1.17
C LYS B 94 -20.09 14.97 1.07
N ILE B 95 -18.78 14.65 0.91
CA ILE B 95 -17.72 15.66 0.79
C ILE B 95 -16.77 15.29 -0.39
N ARG B 96 -16.86 16.05 -1.49
CA ARG B 96 -16.02 15.81 -2.68
C ARG B 96 -15.03 16.97 -2.94
N LYS B 97 -14.46 17.54 -1.84
CA LYS B 97 -13.48 18.65 -1.95
C LYS B 97 -12.77 18.94 -0.60
N LYS B 98 -11.64 18.27 -0.36
CA LYS B 98 -10.84 18.47 0.87
C LYS B 98 -9.37 18.13 0.61
NAA ANW C . -10.24 17.74 -10.76
NAB ANW C . -12.31 17.89 -11.81
CAC ANW C . -4.42 16.22 -4.92
CAD ANW C . -5.00 15.15 -5.85
CAE ANW C . -3.86 14.34 -6.48
CAF ANW C . -5.77 15.73 -6.85
CAG ANW C . -7.03 15.22 -7.14
CAH ANW C . -7.83 15.82 -8.11
CAI ANW C . -7.36 16.95 -8.79
CAJ ANW C . -6.11 17.46 -8.50
CAK ANW C . -5.31 16.85 -7.54
CAL ANW C . -9.43 17.09 -9.91
CAM ANW C . -11.33 17.16 -11.26
CAN ANW C . -11.66 15.85 -10.94
CAO ANW C . -10.84 15.16 -10.07
CAP ANW C . -9.72 15.79 -9.54
CAQ ANW C . -8.99 15.20 -8.52
CAR ANW C . -12.69 15.18 -11.61
OAS ANW C . -8.18 17.57 -9.68
OAT ANW C . -9.39 14.15 -7.98
OAU ANW C . -13.05 14.06 -11.22
OAV ANW C . -13.23 15.70 -12.60
HNAB ANW C . -12.14 18.84 -12.06
HNAA ANW C . -13.23 17.49 -11.92
HAC ANW C . -3.75 16.82 -5.53
HACA ANW C . -5.22 16.89 -4.60
HACB ANW C . -3.81 15.82 -4.11
HAD ANW C . -5.63 14.47 -5.27
HAE ANW C . -3.29 15.05 -7.09
HAEA ANW C . -3.18 14.00 -5.70
HAEB ANW C . -4.19 13.57 -7.17
HAG ANW C . -7.39 14.34 -6.61
HAJ ANW C . -5.78 18.38 -8.99
HAK ANW C . -4.29 17.22 -7.37
HAO ANW C . -11.05 14.11 -9.82
NAA ANW D . 20.01 -5.72 13.17
NAB ANW D . 21.35 -7.41 14.04
CAC ANW D . 13.14 -2.24 9.62
CAD ANW D . 13.75 -1.97 11.01
CAE ANW D . 13.97 -0.47 11.20
CAF ANW D . 14.95 -2.65 11.13
CAG ANW D . 15.10 -3.61 12.15
CAH ANW D . 16.32 -4.25 12.33
CAI ANW D . 17.39 -3.93 11.51
CAJ ANW D . 17.24 -3.00 10.50
CAK ANW D . 16.03 -2.36 10.31
CAL ANW D . 18.79 -5.26 12.87
CAM ANW D . 20.17 -6.80 13.97
CAN ANW D . 19.07 -7.47 14.50
CAO ANW D . 17.80 -7.01 14.20
CAP ANW D . 17.66 -5.89 13.39
CAQ ANW D . 16.43 -5.27 13.25
CAR ANW D . 19.25 -8.48 15.44
OAS ANW D . 18.63 -4.44 11.79
OAT ANW D . 15.47 -5.60 13.97
OAU ANW D . 18.27 -9.13 15.84
OAV ANW D . 20.40 -8.74 15.89
HNAB ANW D . 22.17 -6.97 13.67
HNAA ANW D . 21.41 -8.31 14.47
HAC ANW D . 13.86 -1.83 8.90
HACA ANW D . 13.12 -3.32 9.44
HACB ANW D . 12.21 -1.71 9.44
HAD ANW D . 13.05 -2.33 11.77
HAE ANW D . 14.65 -0.17 10.39
HAEA ANW D . 13.03 0.06 11.01
HAEB ANW D . 14.47 -0.21 12.12
HAG ANW D . 14.25 -3.87 12.77
HAJ ANW D . 18.10 -2.75 9.85
HAK ANW D . 15.91 -1.63 9.50
HAO ANW D . 16.92 -7.52 14.59
N MET A 1 -12.29 13.55 -3.68
CA MET A 1 -11.29 12.79 -4.50
C MET A 1 -9.95 13.56 -4.58
N ALA A 2 -9.36 13.85 -3.41
CA ALA A 2 -8.09 14.57 -3.30
C ALA A 2 -7.28 14.08 -2.09
N ALA A 3 -5.99 13.78 -2.31
CA ALA A 3 -5.11 13.30 -1.23
C ALA A 3 -4.29 14.46 -0.64
N GLU A 4 -4.56 14.81 0.63
CA GLU A 4 -3.85 15.89 1.33
C GLU A 4 -3.07 15.33 2.55
N PRO A 5 -1.79 15.76 2.76
CA PRO A 5 -0.96 15.27 3.88
C PRO A 5 -1.37 15.84 5.26
N LEU A 6 -1.51 14.94 6.26
CA LEU A 6 -1.88 15.32 7.64
C LEU A 6 -0.83 14.80 8.63
N THR A 7 -0.65 13.46 8.69
CA THR A 7 0.32 12.80 9.58
C THR A 7 1.38 12.09 8.70
N GLU A 8 2.57 11.79 9.27
CA GLU A 8 3.65 11.10 8.52
C GLU A 8 3.19 9.75 7.94
N LEU A 9 2.36 8.98 8.70
CA LEU A 9 1.84 7.68 8.23
C LEU A 9 0.79 7.86 7.11
N GLU A 10 -0.04 8.93 7.22
CA GLU A 10 -1.05 9.25 6.18
C GLU A 10 -0.34 9.82 4.93
N GLU A 11 0.80 10.50 5.16
CA GLU A 11 1.63 11.12 4.11
C GLU A 11 2.29 10.03 3.22
N SER A 12 2.63 8.87 3.81
CA SER A 12 3.27 7.76 3.08
C SER A 12 2.42 7.29 1.88
N ILE A 13 1.15 6.91 2.14
CA ILE A 13 0.22 6.46 1.07
C ILE A 13 -0.30 7.65 0.22
N GLU A 14 -0.33 8.87 0.82
CA GLU A 14 -0.78 10.10 0.12
C GLU A 14 0.19 10.48 -1.02
N THR A 15 1.51 10.37 -0.76
CA THR A 15 2.56 10.71 -1.75
C THR A 15 2.51 9.81 -3.00
N VAL A 16 2.01 8.56 -2.86
CA VAL A 16 1.90 7.62 -3.98
C VAL A 16 0.84 8.07 -5.01
N VAL A 17 -0.23 8.74 -4.53
CA VAL A 17 -1.32 9.24 -5.40
C VAL A 17 -0.97 10.63 -6.00
N THR A 18 -0.50 11.55 -5.12
CA THR A 18 -0.17 12.93 -5.54
C THR A 18 0.99 13.01 -6.56
N THR A 19 2.06 12.21 -6.39
CA THR A 19 3.21 12.22 -7.31
C THR A 19 2.85 11.68 -8.71
N PHE A 20 2.09 10.57 -8.78
CA PHE A 20 1.70 9.97 -10.07
C PHE A 20 0.20 10.20 -10.38
N PHE A 21 -0.27 11.45 -10.20
CA PHE A 21 -1.67 11.82 -10.47
C PHE A 21 -1.84 12.35 -11.91
N THR A 22 -0.95 13.28 -12.33
CA THR A 22 -1.00 13.88 -13.69
C THR A 22 -0.93 12.79 -14.80
N PHE A 23 -0.19 11.70 -14.53
CA PHE A 23 -0.06 10.58 -15.48
C PHE A 23 -1.30 9.66 -15.44
N ALA A 24 -1.88 9.46 -14.22
CA ALA A 24 -3.08 8.61 -14.04
C ALA A 24 -4.35 9.20 -14.69
N ARG A 25 -4.45 10.55 -14.74
CA ARG A 25 -5.63 11.23 -15.35
C ARG A 25 -5.53 11.35 -16.89
N GLN A 26 -4.45 10.83 -17.51
CA GLN A 26 -4.27 10.91 -18.97
C GLN A 26 -5.20 9.93 -19.73
N GLU A 27 -5.33 8.68 -19.22
CA GLU A 27 -6.18 7.66 -19.86
C GLU A 27 -6.99 6.86 -18.83
N GLY A 28 -8.33 6.86 -19.00
CA GLY A 28 -9.21 6.11 -18.09
C GLY A 28 -9.32 6.70 -16.69
N ARG A 29 -10.47 7.35 -16.38
CA ARG A 29 -10.74 7.94 -15.05
C ARG A 29 -9.60 8.86 -14.52
N LYS A 30 -9.75 9.38 -13.27
CA LYS A 30 -8.74 10.27 -12.65
C LYS A 30 -7.83 9.51 -11.67
N ASP A 31 -8.41 8.61 -10.85
CA ASP A 31 -7.64 7.83 -9.87
C ASP A 31 -7.42 6.37 -10.33
N SER A 32 -7.01 6.23 -11.61
CA SER A 32 -6.72 4.90 -12.20
C SER A 32 -5.60 5.02 -13.23
N LEU A 33 -4.51 4.24 -13.03
CA LEU A 33 -3.36 4.26 -13.95
C LEU A 33 -3.67 3.47 -15.24
N SER A 34 -2.77 3.59 -16.23
CA SER A 34 -2.91 2.88 -17.51
C SER A 34 -1.94 1.69 -17.57
N VAL A 35 -2.24 0.70 -18.44
CA VAL A 35 -1.39 -0.50 -18.57
C VAL A 35 0.04 -0.17 -19.07
N ASN A 36 0.18 0.91 -19.87
CA ASN A 36 1.49 1.33 -20.40
C ASN A 36 2.18 2.37 -19.48
N GLU A 37 1.39 3.23 -18.81
CA GLU A 37 1.93 4.28 -17.92
C GLU A 37 2.52 3.70 -16.61
N PHE A 38 1.91 2.63 -16.06
CA PHE A 38 2.43 1.99 -14.82
C PHE A 38 3.74 1.23 -15.13
N LYS A 39 3.79 0.57 -16.33
CA LYS A 39 4.96 -0.20 -16.78
C LYS A 39 6.24 0.68 -16.87
N GLU A 40 6.07 1.97 -17.23
CA GLU A 40 7.19 2.93 -17.33
C GLU A 40 7.73 3.32 -15.94
N LEU A 41 6.82 3.45 -14.95
CA LEU A 41 7.19 3.82 -13.57
C LEU A 41 8.04 2.73 -12.88
N VAL A 42 7.82 1.45 -13.23
CA VAL A 42 8.59 0.32 -12.68
C VAL A 42 10.04 0.33 -13.22
N THR A 43 10.22 0.76 -14.49
CA THR A 43 11.55 0.82 -15.12
C THR A 43 12.09 2.28 -15.21
N GLN A 44 11.76 3.13 -14.20
CA GLN A 44 12.21 4.53 -14.19
C GLN A 44 12.46 5.05 -12.75
N GLN A 45 11.42 4.98 -11.87
CA GLN A 45 11.52 5.47 -10.49
C GLN A 45 11.28 4.36 -9.42
N LEU A 46 10.96 3.12 -9.86
CA LEU A 46 10.70 2.00 -8.93
C LEU A 46 11.35 0.67 -9.42
N PRO A 47 12.62 0.67 -9.95
CA PRO A 47 13.29 -0.57 -10.42
C PRO A 47 13.91 -1.42 -9.29
N HIS A 48 14.53 -0.77 -8.27
CA HIS A 48 15.16 -1.48 -7.14
C HIS A 48 14.12 -2.19 -6.25
N LEU A 49 12.90 -1.61 -6.12
CA LEU A 49 11.82 -2.20 -5.31
C LEU A 49 11.33 -3.52 -5.96
N LEU A 50 10.95 -3.45 -7.26
CA LEU A 50 10.49 -4.62 -8.01
C LEU A 50 11.64 -5.12 -8.91
N LYS A 51 12.40 -6.10 -8.39
CA LYS A 51 13.57 -6.67 -9.12
C LYS A 51 13.21 -7.23 -10.52
N ASP A 52 12.02 -7.84 -10.66
CA ASP A 52 11.58 -8.42 -11.94
C ASP A 52 10.85 -7.35 -12.78
N VAL A 53 11.63 -6.41 -13.34
CA VAL A 53 11.09 -5.32 -14.18
C VAL A 53 10.75 -5.79 -15.61
N GLY A 54 11.50 -6.79 -16.13
CA GLY A 54 11.26 -7.32 -17.47
C GLY A 54 9.99 -8.15 -17.59
N SER A 55 9.82 -9.14 -16.69
CA SER A 55 8.64 -10.01 -16.69
C SER A 55 7.59 -9.53 -15.67
N LEU A 56 6.89 -8.43 -16.04
CA LEU A 56 5.84 -7.84 -15.18
C LEU A 56 4.45 -8.47 -15.51
N ASP A 57 4.36 -9.29 -16.58
CA ASP A 57 3.11 -9.95 -17.01
C ASP A 57 2.49 -10.86 -15.92
N GLU A 58 3.34 -11.52 -15.10
CA GLU A 58 2.85 -12.40 -14.01
C GLU A 58 1.98 -11.61 -13.00
N LYS A 59 2.46 -10.42 -12.60
CA LYS A 59 1.75 -9.56 -11.64
C LYS A 59 0.76 -8.60 -12.36
N MET A 60 0.94 -8.38 -13.69
CA MET A 60 0.05 -7.51 -14.48
C MET A 60 -1.35 -8.12 -14.65
N LYS A 61 -1.42 -9.46 -14.89
CA LYS A 61 -2.72 -10.17 -15.03
C LYS A 61 -3.57 -10.01 -13.76
N SER A 62 -2.91 -9.97 -12.57
CA SER A 62 -3.61 -9.77 -11.29
C SER A 62 -4.17 -8.34 -11.19
N LEU A 63 -3.40 -7.34 -11.71
CA LEU A 63 -3.84 -5.93 -11.71
C LEU A 63 -5.05 -5.74 -12.65
N ASP A 64 -4.94 -6.26 -13.89
CA ASP A 64 -6.04 -6.18 -14.88
C ASP A 64 -6.87 -7.49 -14.85
N VAL A 65 -7.51 -7.76 -13.70
CA VAL A 65 -8.32 -8.97 -13.50
C VAL A 65 -9.80 -8.78 -13.96
N ASN A 66 -10.27 -7.51 -14.02
CA ASN A 66 -11.65 -7.21 -14.44
C ASN A 66 -11.76 -7.10 -15.99
N GLN A 67 -10.61 -6.97 -16.70
CA GLN A 67 -10.56 -6.86 -18.17
C GLN A 67 -11.32 -5.61 -18.67
N ASP A 68 -10.70 -4.42 -18.46
CA ASP A 68 -11.29 -3.13 -18.88
C ASP A 68 -10.21 -2.08 -19.24
N SER A 69 -8.94 -2.52 -19.47
CA SER A 69 -7.81 -1.61 -19.81
C SER A 69 -7.60 -0.47 -18.77
N GLU A 70 -8.02 -0.70 -17.50
CA GLU A 70 -7.88 0.30 -16.42
C GLU A 70 -7.09 -0.29 -15.24
N LEU A 71 -6.42 0.60 -14.50
CA LEU A 71 -5.59 0.20 -13.34
C LEU A 71 -5.96 1.04 -12.10
N LYS A 72 -7.26 1.02 -11.74
CA LYS A 72 -7.79 1.75 -10.56
C LYS A 72 -7.09 1.29 -9.27
N PHE A 73 -7.12 2.11 -8.20
CA PHE A 73 -6.45 1.73 -6.92
C PHE A 73 -7.02 0.42 -6.34
N ASN A 74 -8.30 0.10 -6.62
CA ASN A 74 -8.93 -1.15 -6.15
C ASN A 74 -8.36 -2.36 -6.93
N GLU A 75 -7.84 -2.12 -8.15
CA GLU A 75 -7.23 -3.16 -9.01
C GLU A 75 -5.69 -3.10 -8.92
N TYR A 76 -5.14 -1.87 -8.73
CA TYR A 76 -3.68 -1.63 -8.62
C TYR A 76 -3.15 -2.04 -7.23
N TRP A 77 -4.07 -2.23 -6.25
CA TRP A 77 -3.73 -2.65 -4.88
C TRP A 77 -2.93 -3.99 -4.85
N ARG A 78 -3.06 -4.83 -5.91
CA ARG A 78 -2.32 -6.10 -6.02
C ARG A 78 -0.80 -5.86 -6.10
N LEU A 79 -0.39 -4.74 -6.74
CA LEU A 79 1.04 -4.37 -6.86
C LEU A 79 1.50 -3.57 -5.63
N ILE A 80 0.60 -2.69 -5.08
CA ILE A 80 0.93 -1.88 -3.88
C ILE A 80 1.38 -2.80 -2.72
N GLY A 81 0.74 -3.97 -2.58
CA GLY A 81 1.13 -4.94 -1.57
C GLY A 81 2.52 -5.51 -1.86
N GLU A 82 2.78 -5.80 -3.16
CA GLU A 82 4.09 -6.31 -3.60
C GLU A 82 5.18 -5.20 -3.49
N LEU A 83 4.76 -3.91 -3.55
CA LEU A 83 5.69 -2.77 -3.40
C LEU A 83 6.30 -2.78 -1.98
N ALA A 84 5.43 -2.92 -0.96
CA ALA A 84 5.85 -2.96 0.47
C ALA A 84 6.33 -4.37 0.90
N LYS A 85 6.07 -5.41 0.06
CA LYS A 85 6.50 -6.80 0.37
C LYS A 85 7.90 -7.08 -0.21
N GLU A 86 8.13 -6.65 -1.48
CA GLU A 86 9.43 -6.85 -2.17
C GLU A 86 10.53 -5.91 -1.65
N ILE A 87 10.16 -4.89 -0.84
CA ILE A 87 11.14 -3.94 -0.26
C ILE A 87 12.13 -4.66 0.70
N ARG A 88 11.67 -5.73 1.37
CA ARG A 88 12.51 -6.48 2.32
C ARG A 88 12.76 -7.95 1.90
N LYS A 89 11.73 -8.65 1.35
CA LYS A 89 11.90 -10.07 0.96
C LYS A 89 11.86 -10.33 -0.57
N LYS A 90 12.50 -9.43 -1.36
CA LYS A 90 12.57 -9.61 -2.84
C LYS A 90 13.47 -10.83 -3.17
N LYS A 91 14.57 -10.96 -2.40
CA LYS A 91 15.52 -12.07 -2.53
C LYS A 91 15.95 -12.50 -1.12
N ASP A 92 14.96 -12.89 -0.28
CA ASP A 92 15.21 -13.30 1.12
C ASP A 92 16.09 -14.56 1.25
N LEU A 93 16.10 -15.42 0.21
CA LEU A 93 16.92 -16.65 0.21
C LEU A 93 18.40 -16.36 -0.14
N LYS A 94 18.63 -15.40 -1.06
CA LYS A 94 19.99 -15.02 -1.49
C LYS A 94 20.66 -14.07 -0.47
N ILE A 95 19.90 -13.04 -0.03
CA ILE A 95 20.40 -12.04 0.95
C ILE A 95 19.44 -11.95 2.17
N ARG A 96 19.97 -11.53 3.33
CA ARG A 96 19.15 -11.38 4.55
C ARG A 96 19.61 -10.21 5.46
N LYS A 97 20.27 -9.18 4.86
CA LYS A 97 20.74 -7.99 5.61
C LYS A 97 21.22 -6.89 4.65
N LYS A 98 20.30 -5.95 4.31
CA LYS A 98 20.61 -4.82 3.42
C LYS A 98 19.65 -3.65 3.68
N MET B 1 16.92 -8.16 4.53
CA MET B 1 15.52 -8.08 4.92
C MET B 1 15.30 -6.92 5.91
N ALA B 2 15.45 -5.68 5.39
CA ALA B 2 15.30 -4.46 6.19
C ALA B 2 14.80 -3.28 5.32
N ALA B 3 14.15 -2.28 5.97
CA ALA B 3 13.62 -1.10 5.27
C ALA B 3 14.71 -0.02 5.11
N GLU B 4 15.26 0.12 3.88
CA GLU B 4 16.31 1.11 3.57
C GLU B 4 15.79 2.21 2.61
N PRO B 5 16.13 3.52 2.85
CA PRO B 5 15.68 4.63 1.98
C PRO B 5 16.33 4.61 0.58
N LEU B 6 15.50 4.71 -0.48
CA LEU B 6 15.97 4.69 -1.87
C LEU B 6 15.50 5.96 -2.63
N THR B 7 14.51 5.83 -3.56
CA THR B 7 13.97 6.98 -4.31
C THR B 7 12.73 7.56 -3.60
N GLU B 8 12.09 8.59 -4.20
CA GLU B 8 10.89 9.24 -3.61
C GLU B 8 9.69 8.27 -3.48
N LEU B 9 9.34 7.58 -4.59
CA LEU B 9 8.20 6.63 -4.60
C LEU B 9 8.51 5.36 -3.77
N GLU B 10 9.78 4.90 -3.83
CA GLU B 10 10.22 3.71 -3.07
C GLU B 10 10.28 4.00 -1.56
N GLU B 11 10.64 5.25 -1.18
CA GLU B 11 10.71 5.66 0.23
C GLU B 11 9.29 5.77 0.85
N SER B 12 8.26 6.05 0.01
CA SER B 12 6.86 6.17 0.47
C SER B 12 6.40 4.92 1.26
N ILE B 13 6.43 3.74 0.60
CA ILE B 13 6.04 2.46 1.25
C ILE B 13 7.09 2.01 2.29
N GLU B 14 8.37 2.37 2.04
CA GLU B 14 9.49 2.03 2.94
C GLU B 14 9.35 2.74 4.31
N THR B 15 8.81 3.99 4.31
CA THR B 15 8.61 4.76 5.54
C THR B 15 7.51 4.13 6.43
N VAL B 16 6.52 3.44 5.81
CA VAL B 16 5.43 2.77 6.55
C VAL B 16 6.01 1.66 7.46
N VAL B 17 7.10 1.00 6.97
CA VAL B 17 7.77 -0.08 7.73
C VAL B 17 8.59 0.52 8.89
N THR B 18 9.52 1.44 8.57
CA THR B 18 10.42 2.08 9.57
C THR B 18 9.67 2.72 10.78
N THR B 19 8.46 3.25 10.54
CA THR B 19 7.67 3.92 11.61
C THR B 19 6.98 2.92 12.55
N PHE B 20 6.45 1.78 12.02
CA PHE B 20 5.72 0.80 12.86
C PHE B 20 6.32 -0.63 12.81
N PHE B 21 7.64 -0.76 12.54
CA PHE B 21 8.28 -2.09 12.53
C PHE B 21 8.74 -2.45 13.96
N THR B 22 9.10 -1.42 14.77
CA THR B 22 9.52 -1.62 16.18
C THR B 22 8.37 -2.30 16.98
N PHE B 23 7.12 -1.86 16.73
CA PHE B 23 5.93 -2.45 17.37
C PHE B 23 5.58 -3.81 16.72
N ALA B 24 5.85 -3.95 15.40
CA ALA B 24 5.59 -5.19 14.66
C ALA B 24 6.50 -6.36 15.13
N ARG B 25 7.74 -6.04 15.58
CA ARG B 25 8.69 -7.07 16.08
C ARG B 25 8.61 -7.20 17.62
N GLN B 26 7.43 -6.90 18.22
CA GLN B 26 7.21 -7.00 19.67
C GLN B 26 6.66 -8.40 20.02
N GLU B 27 5.71 -8.89 19.21
CA GLU B 27 5.11 -10.23 19.39
C GLU B 27 5.75 -11.21 18.38
N GLY B 28 5.15 -12.41 18.19
CA GLY B 28 5.69 -13.39 17.24
C GLY B 28 5.84 -12.84 15.82
N ARG B 29 6.83 -13.37 15.05
CA ARG B 29 7.13 -12.94 13.66
C ARG B 29 7.61 -11.46 13.61
N LYS B 30 8.69 -11.22 12.84
CA LYS B 30 9.29 -9.87 12.73
C LYS B 30 8.50 -8.96 11.78
N ASP B 31 8.15 -9.47 10.59
CA ASP B 31 7.39 -8.70 9.58
C ASP B 31 5.87 -8.97 9.72
N SER B 32 5.32 -8.64 10.92
CA SER B 32 3.89 -8.86 11.20
C SER B 32 3.36 -7.98 12.34
N LEU B 33 2.14 -7.44 12.15
CA LEU B 33 1.47 -6.61 13.16
C LEU B 33 0.49 -7.50 13.97
N SER B 34 0.62 -7.52 15.30
CA SER B 34 -0.24 -8.36 16.16
C SER B 34 -1.71 -7.87 16.16
N VAL B 35 -2.63 -8.72 16.67
CA VAL B 35 -4.08 -8.40 16.73
C VAL B 35 -4.37 -7.07 17.48
N ASN B 36 -3.60 -6.79 18.56
CA ASN B 36 -3.77 -5.56 19.36
C ASN B 36 -2.62 -4.57 19.08
N GLU B 37 -2.37 -4.31 17.78
CA GLU B 37 -1.30 -3.37 17.34
C GLU B 37 -1.79 -2.50 16.18
N PHE B 38 -2.38 -3.13 15.13
CA PHE B 38 -2.92 -2.38 13.98
C PHE B 38 -4.14 -1.56 14.41
N LYS B 39 -4.93 -2.11 15.37
CA LYS B 39 -6.13 -1.43 15.90
C LYS B 39 -5.71 -0.15 16.67
N GLU B 40 -4.60 -0.24 17.42
CA GLU B 40 -4.06 0.92 18.18
C GLU B 40 -3.51 1.98 17.21
N LEU B 41 -2.90 1.51 16.08
CA LEU B 41 -2.35 2.41 15.05
C LEU B 41 -3.47 3.22 14.38
N VAL B 42 -4.61 2.56 14.08
CA VAL B 42 -5.77 3.22 13.45
C VAL B 42 -6.52 4.12 14.45
N THR B 43 -6.42 3.86 15.77
CA THR B 43 -7.11 4.66 16.80
C THR B 43 -6.12 5.48 17.68
N GLN B 44 -5.06 6.05 17.06
CA GLN B 44 -4.07 6.87 17.80
C GLN B 44 -3.28 7.79 16.84
N GLN B 45 -2.47 7.21 15.93
CA GLN B 45 -1.66 7.98 14.97
C GLN B 45 -2.23 7.90 13.53
N LEU B 46 -3.29 7.09 13.31
CA LEU B 46 -3.91 6.94 11.98
C LEU B 46 -5.47 6.98 12.06
N PRO B 47 -6.10 7.91 12.87
CA PRO B 47 -7.58 8.01 12.98
C PRO B 47 -8.26 8.77 11.82
N HIS B 48 -7.58 9.80 11.28
CA HIS B 48 -8.14 10.62 10.17
C HIS B 48 -8.08 9.89 8.81
N LEU B 49 -7.32 8.78 8.71
CA LEU B 49 -7.19 8.02 7.46
C LEU B 49 -8.44 7.13 7.23
N LEU B 50 -8.71 6.21 8.19
CA LEU B 50 -9.89 5.33 8.12
C LEU B 50 -11.01 5.96 8.97
N LYS B 51 -12.10 6.42 8.30
CA LYS B 51 -13.25 7.07 9.00
C LYS B 51 -13.85 6.19 10.13
N ASP B 52 -13.87 4.86 9.92
CA ASP B 52 -14.41 3.92 10.91
C ASP B 52 -13.29 3.43 11.84
N VAL B 53 -13.04 4.20 12.92
CA VAL B 53 -11.98 3.86 13.92
C VAL B 53 -12.48 2.87 15.00
N GLY B 54 -13.81 2.80 15.23
CA GLY B 54 -14.37 1.90 16.23
C GLY B 54 -14.60 0.49 15.70
N SER B 55 -15.55 0.33 14.75
CA SER B 55 -15.88 -0.98 14.16
C SER B 55 -14.82 -1.40 13.10
N LEU B 56 -13.76 -2.08 13.58
CA LEU B 56 -12.65 -2.57 12.72
C LEU B 56 -12.83 -4.06 12.36
N ASP B 57 -13.90 -4.72 12.88
CA ASP B 57 -14.15 -6.16 12.60
C ASP B 57 -14.55 -6.42 11.13
N GLU B 58 -15.13 -5.41 10.46
CA GLU B 58 -15.53 -5.52 9.03
C GLU B 58 -14.30 -5.78 8.13
N LYS B 59 -13.13 -5.20 8.53
CA LYS B 59 -11.87 -5.37 7.80
C LYS B 59 -11.00 -6.48 8.45
N MET B 60 -11.13 -6.66 9.80
CA MET B 60 -10.36 -7.69 10.55
C MET B 60 -10.50 -9.11 9.93
N LYS B 61 -11.74 -9.52 9.59
CA LYS B 61 -11.98 -10.86 8.98
C LYS B 61 -11.35 -10.95 7.57
N SER B 62 -11.38 -9.83 6.82
CA SER B 62 -10.79 -9.75 5.47
C SER B 62 -9.24 -9.80 5.55
N LEU B 63 -8.68 -9.19 6.63
CA LEU B 63 -7.23 -9.16 6.85
C LEU B 63 -6.69 -10.55 7.25
N ASP B 64 -7.13 -11.07 8.42
CA ASP B 64 -6.69 -12.38 8.93
C ASP B 64 -7.48 -13.51 8.24
N VAL B 65 -7.04 -13.89 7.02
CA VAL B 65 -7.69 -14.95 6.21
C VAL B 65 -7.14 -16.36 6.53
N ASN B 66 -5.86 -16.45 6.92
CA ASN B 66 -5.22 -17.75 7.25
C ASN B 66 -5.61 -18.27 8.67
N GLN B 67 -6.22 -17.40 9.52
CA GLN B 67 -6.64 -17.76 10.90
C GLN B 67 -5.43 -18.18 11.78
N ASP B 68 -4.47 -17.25 11.94
CA ASP B 68 -3.26 -17.48 12.74
C ASP B 68 -3.12 -16.45 13.90
N SER B 69 -4.17 -15.61 14.14
CA SER B 69 -4.16 -14.55 15.19
C SER B 69 -3.21 -13.38 14.83
N GLU B 70 -1.89 -13.67 14.72
CA GLU B 70 -0.88 -12.65 14.37
C GLU B 70 -1.03 -12.26 12.89
N LEU B 71 -1.28 -10.97 12.64
CA LEU B 71 -1.50 -10.45 11.27
C LEU B 71 -0.17 -10.21 10.53
N LYS B 72 0.13 -11.06 9.54
CA LYS B 72 1.37 -10.93 8.74
C LYS B 72 1.17 -9.81 7.70
N PHE B 73 2.24 -9.34 7.02
CA PHE B 73 2.10 -8.25 6.02
C PHE B 73 1.19 -8.67 4.85
N ASN B 74 1.15 -9.98 4.52
CA ASN B 74 0.26 -10.51 3.47
C ASN B 74 -1.21 -10.42 3.92
N GLU B 75 -1.44 -10.53 5.25
CA GLU B 75 -2.79 -10.39 5.83
C GLU B 75 -3.15 -8.90 6.01
N TYR B 76 -2.14 -8.07 6.37
CA TYR B 76 -2.31 -6.60 6.54
C TYR B 76 -2.47 -5.89 5.16
N TRP B 77 -2.08 -6.61 4.07
CA TRP B 77 -2.17 -6.13 2.68
C TRP B 77 -3.58 -5.62 2.30
N ARG B 78 -4.65 -6.19 2.91
CA ARG B 78 -6.05 -5.78 2.63
C ARG B 78 -6.33 -4.35 3.14
N LEU B 79 -5.67 -3.93 4.25
CA LEU B 79 -5.86 -2.56 4.82
C LEU B 79 -5.01 -1.56 4.02
N ILE B 80 -3.79 -1.99 3.59
CA ILE B 80 -2.89 -1.14 2.77
C ILE B 80 -3.63 -0.58 1.53
N GLY B 81 -4.54 -1.41 0.93
CA GLY B 81 -5.35 -0.97 -0.20
C GLY B 81 -6.44 0.02 0.23
N GLU B 82 -7.04 -0.21 1.42
CA GLU B 82 -8.08 0.69 1.98
C GLU B 82 -7.47 2.00 2.49
N LEU B 83 -6.18 1.98 2.89
CA LEU B 83 -5.46 3.17 3.40
C LEU B 83 -5.48 4.33 2.38
N ALA B 84 -5.10 4.02 1.11
CA ALA B 84 -5.09 5.02 0.03
C ALA B 84 -6.48 5.21 -0.62
N LYS B 85 -7.39 4.22 -0.40
CA LYS B 85 -8.76 4.27 -0.95
C LYS B 85 -9.68 5.18 -0.11
N GLU B 86 -9.43 5.27 1.21
CA GLU B 86 -10.26 6.09 2.12
C GLU B 86 -9.64 7.49 2.38
N ILE B 87 -8.41 7.76 1.88
CA ILE B 87 -7.77 9.09 2.07
C ILE B 87 -8.35 10.12 1.07
N ARG B 88 -8.47 9.71 -0.21
CA ARG B 88 -8.99 10.59 -1.28
C ARG B 88 -10.52 10.70 -1.23
N LYS B 89 -11.22 9.57 -0.99
CA LYS B 89 -12.68 9.57 -0.93
C LYS B 89 -13.23 8.56 0.11
N LYS B 90 -13.31 8.99 1.38
CA LYS B 90 -13.87 8.15 2.46
C LYS B 90 -15.40 8.07 2.32
N LYS B 91 -16.03 9.22 1.96
CA LYS B 91 -17.48 9.31 1.73
C LYS B 91 -17.72 9.78 0.29
N ASP B 92 -17.60 8.85 -0.68
CA ASP B 92 -17.77 9.17 -2.11
C ASP B 92 -19.26 9.34 -2.50
N LEU B 93 -19.88 10.42 -1.97
CA LEU B 93 -21.30 10.76 -2.21
C LEU B 93 -21.65 12.11 -1.55
N LYS B 94 -21.23 12.29 -0.29
CA LYS B 94 -21.47 13.52 0.49
C LYS B 94 -20.41 14.60 0.21
N ILE B 95 -19.11 14.25 0.40
CA ILE B 95 -17.99 15.19 0.19
C ILE B 95 -16.90 14.58 -0.72
N ARG B 96 -16.37 15.38 -1.66
CA ARG B 96 -15.32 14.91 -2.60
C ARG B 96 -14.53 16.08 -3.24
N LYS B 97 -13.82 16.84 -2.38
CA LYS B 97 -12.97 17.98 -2.83
C LYS B 97 -12.10 18.54 -1.67
N LYS B 98 -11.43 17.63 -0.92
CA LYS B 98 -10.57 18.01 0.22
C LYS B 98 -9.20 17.30 0.13
NAA ANW C . -9.23 20.62 -7.41
NAB ANW C . -10.85 21.89 -8.51
CAC ANW C . -4.05 14.13 -5.58
CAD ANW C . -3.77 15.36 -6.45
CAE ANW C . -2.50 16.05 -5.97
CAF ANW C . -4.84 16.24 -6.38
CAG ANW C . -5.50 16.61 -7.55
CAH ANW C . -6.45 17.64 -7.53
CAI ANW C . -6.75 18.27 -6.33
CAJ ANW C . -6.12 17.89 -5.16
CAK ANW C . -5.17 16.86 -5.18
CAL ANW C . -8.32 19.65 -7.46
CAM ANW C . -9.74 21.14 -8.53
CAN ANW C . -9.32 20.70 -9.79
CAO ANW C . -8.37 19.69 -9.85
CAP ANW C . -7.87 19.16 -8.68
CAQ ANW C . -6.98 18.09 -8.72
CAR ANW C . -9.73 21.35 -10.95
OAS ANW C . -7.68 19.26 -6.31
OAT ANW C . -6.69 17.56 -9.79
OAU ANW C . -9.43 20.88 -12.07
OAV ANW C . -10.38 22.42 -10.88
HNAB ANW C . -11.19 22.23 -7.63
HNAA ANW C . -11.34 22.07 -9.36
HAC ANW C . -4.11 14.50 -4.56
HACA ANW C . -5.04 13.73 -5.82
HACB ANW C . -3.26 13.38 -5.58
HAD ANW C . -3.64 15.04 -7.49
HAE ANW C . -2.66 16.29 -4.92
HAEA ANW C . -1.67 15.34 -5.99
HAEB ANW C . -2.30 17.00 -6.45
HAG ANW C . -5.25 16.13 -8.49
HAJ ANW C . -6.37 18.37 -4.21
HAK ANW C . -4.68 16.56 -4.25
HAO ANW C . -8.02 19.33 -10.82
NAA ANW D . 14.38 -7.98 10.18
NAB ANW D . 14.40 -10.18 10.94
CAC ANW D . 13.15 0.15 11.53
CAD ANW D . 14.45 -0.38 10.95
CAE ANW D . 14.84 0.42 9.71
CAF ANW D . 14.32 -1.73 10.61
CAG ANW D . 15.14 -2.67 11.21
CAH ANW D . 14.98 -4.02 10.94
CAI ANW D . 13.99 -4.43 10.05
CAJ ANW D . 13.18 -3.49 9.43
CAK ANW D . 13.33 -2.14 9.71
CAL ANW D . 14.56 -6.69 10.44
CAM ANW D . 14.85 -8.94 11.01
CAN ANW D . 15.57 -8.60 12.15
CAO ANW D . 15.79 -7.26 12.43
CAP ANW D . 15.28 -6.29 11.57
CAQ ANW D . 15.62 -4.96 11.74
CAR ANW D . 16.20 -9.58 12.90
OAS ANW D . 13.80 -5.75 9.81
OAT ANW D . 16.49 -4.62 12.54
OAU ANW D . 16.77 -9.28 13.97
OAV ANW D . 16.24 -10.76 12.50
HNAB ANW D . 13.87 -10.48 10.14
HNAA ANW D . 14.55 -10.82 11.69
HAC ANW D . 12.40 0.04 10.74
HACA ANW D . 12.81 -0.50 12.34
HACB ANW D . 13.16 1.20 11.78
HAD ANW D . 15.24 -0.29 11.70
HAE ANW D . 14.03 0.28 8.99
HAEA ANW D . 14.84 1.49 9.95
HAEB ANW D . 15.74 0.07 9.21
HAG ANW D . 15.95 -2.35 11.87
HAJ ANW D . 12.41 -3.81 8.72
HAK ANW D . 12.66 -1.40 9.28
HAO ANW D . 16.39 -6.96 13.30
N MET A 1 -12.05 14.24 -3.11
CA MET A 1 -11.56 13.57 -4.36
C MET A 1 -10.02 13.66 -4.53
N ALA A 2 -9.35 14.58 -3.79
CA ALA A 2 -7.88 14.74 -3.88
C ALA A 2 -7.20 14.33 -2.56
N ALA A 3 -5.93 13.89 -2.66
CA ALA A 3 -5.15 13.45 -1.48
C ALA A 3 -4.41 14.62 -0.82
N GLU A 4 -4.85 15.00 0.39
CA GLU A 4 -4.24 16.11 1.15
C GLU A 4 -3.25 15.57 2.22
N PRO A 5 -2.06 16.24 2.44
CA PRO A 5 -1.05 15.79 3.44
C PRO A 5 -1.60 15.70 4.89
N LEU A 6 -1.23 14.61 5.62
CA LEU A 6 -1.68 14.37 7.01
C LEU A 6 -0.49 13.83 7.90
N THR A 7 -0.76 12.98 8.94
CA THR A 7 0.29 12.41 9.82
C THR A 7 1.33 11.58 9.02
N GLU A 8 2.52 11.31 9.62
CA GLU A 8 3.62 10.54 8.97
C GLU A 8 3.13 9.27 8.23
N LEU A 9 2.35 8.40 8.91
CA LEU A 9 1.83 7.15 8.30
C LEU A 9 0.73 7.44 7.25
N GLU A 10 -0.11 8.47 7.52
CA GLU A 10 -1.20 8.86 6.60
C GLU A 10 -0.64 9.56 5.35
N GLU A 11 0.48 10.29 5.52
CA GLU A 11 1.15 11.01 4.44
C GLU A 11 1.98 10.07 3.54
N SER A 12 2.38 8.89 4.07
CA SER A 12 3.17 7.92 3.29
C SER A 12 2.38 7.44 2.05
N ILE A 13 1.14 6.94 2.29
CA ILE A 13 0.26 6.50 1.19
C ILE A 13 -0.27 7.70 0.36
N GLU A 14 -0.25 8.93 0.95
CA GLU A 14 -0.70 10.16 0.26
C GLU A 14 0.34 10.64 -0.77
N THR A 15 1.64 10.53 -0.43
CA THR A 15 2.74 10.95 -1.32
C THR A 15 2.77 10.10 -2.62
N VAL A 16 2.40 8.79 -2.50
CA VAL A 16 2.35 7.88 -3.66
C VAL A 16 1.21 8.30 -4.64
N VAL A 17 0.11 8.85 -4.07
CA VAL A 17 -1.04 9.32 -4.86
C VAL A 17 -0.71 10.66 -5.57
N THR A 18 -0.37 11.70 -4.76
CA THR A 18 -0.06 13.05 -5.28
C THR A 18 0.98 13.09 -6.42
N THR A 19 2.04 12.27 -6.33
CA THR A 19 3.12 12.25 -7.34
C THR A 19 2.69 11.63 -8.68
N PHE A 20 2.22 10.37 -8.66
CA PHE A 20 1.83 9.66 -9.91
C PHE A 20 0.44 10.07 -10.45
N PHE A 21 -0.45 10.64 -9.62
CA PHE A 21 -1.80 11.07 -10.08
C PHE A 21 -1.74 12.31 -11.01
N THR A 22 -0.65 13.11 -10.93
CA THR A 22 -0.49 14.30 -11.80
C THR A 22 -0.27 13.86 -13.27
N PHE A 23 0.41 12.71 -13.47
CA PHE A 23 0.68 12.15 -14.81
C PHE A 23 -0.36 11.09 -15.19
N ALA A 24 -0.83 10.30 -14.19
CA ALA A 24 -1.82 9.23 -14.42
C ALA A 24 -3.26 9.71 -14.19
N ARG A 25 -3.65 10.81 -14.89
CA ARG A 25 -5.00 11.37 -14.79
C ARG A 25 -5.58 11.72 -16.20
N GLN A 26 -4.98 11.17 -17.27
CA GLN A 26 -5.42 11.42 -18.66
C GLN A 26 -6.02 10.16 -19.31
N GLU A 27 -5.33 9.00 -19.15
CA GLU A 27 -5.80 7.72 -19.73
C GLU A 27 -6.70 6.94 -18.75
N GLY A 28 -8.03 7.06 -18.93
CA GLY A 28 -8.98 6.34 -18.10
C GLY A 28 -9.21 6.96 -16.72
N ARG A 29 -10.07 8.01 -16.65
CA ARG A 29 -10.42 8.70 -15.38
C ARG A 29 -9.19 9.30 -14.64
N LYS A 30 -9.46 10.06 -13.55
CA LYS A 30 -8.41 10.69 -12.74
C LYS A 30 -7.99 9.78 -11.56
N ASP A 31 -9.00 9.18 -10.89
CA ASP A 31 -8.75 8.27 -9.74
C ASP A 31 -8.06 6.96 -10.17
N SER A 32 -8.34 6.50 -11.42
CA SER A 32 -7.75 5.27 -11.94
C SER A 32 -6.43 5.54 -12.70
N LEU A 33 -5.53 4.55 -12.67
CA LEU A 33 -4.21 4.65 -13.33
C LEU A 33 -4.24 3.99 -14.73
N SER A 34 -3.18 4.20 -15.53
CA SER A 34 -3.10 3.64 -16.89
C SER A 34 -2.32 2.32 -16.92
N VAL A 35 -2.41 1.59 -18.05
CA VAL A 35 -1.70 0.30 -18.24
C VAL A 35 -0.28 0.52 -18.82
N ASN A 36 -0.12 1.50 -19.75
CA ASN A 36 1.19 1.80 -20.36
C ASN A 36 2.10 2.61 -19.41
N GLU A 37 1.54 3.63 -18.72
CA GLU A 37 2.31 4.47 -17.76
C GLU A 37 2.82 3.64 -16.57
N PHE A 38 2.09 2.56 -16.21
CA PHE A 38 2.49 1.66 -15.11
C PHE A 38 3.78 0.89 -15.49
N LYS A 39 3.90 0.51 -16.78
CA LYS A 39 5.08 -0.22 -17.30
C LYS A 39 6.34 0.67 -17.26
N GLU A 40 6.17 1.99 -17.52
CA GLU A 40 7.29 2.96 -17.49
C GLU A 40 7.61 3.40 -16.04
N LEU A 41 6.60 3.41 -15.15
CA LEU A 41 6.79 3.78 -13.72
C LEU A 41 7.71 2.78 -13.01
N VAL A 42 7.46 1.47 -13.23
CA VAL A 42 8.27 0.40 -12.62
C VAL A 42 9.68 0.30 -13.27
N THR A 43 9.81 0.70 -14.55
CA THR A 43 11.09 0.65 -15.27
C THR A 43 11.78 2.05 -15.36
N GLN A 44 11.60 2.91 -14.34
CA GLN A 44 12.22 4.26 -14.35
C GLN A 44 12.30 4.89 -12.94
N GLN A 45 11.12 5.15 -12.32
CA GLN A 45 11.06 5.77 -10.97
C GLN A 45 10.81 4.74 -9.84
N LEU A 46 10.61 3.45 -10.18
CA LEU A 46 10.37 2.39 -9.18
C LEU A 46 11.09 1.07 -9.62
N PRO A 47 12.45 1.10 -9.84
CA PRO A 47 13.21 -0.09 -10.28
C PRO A 47 13.81 -0.95 -9.14
N HIS A 48 14.76 -0.39 -8.34
CA HIS A 48 15.43 -1.11 -7.23
C HIS A 48 14.46 -1.85 -6.28
N LEU A 49 13.26 -1.28 -6.06
CA LEU A 49 12.26 -1.89 -5.16
C LEU A 49 11.70 -3.20 -5.77
N LEU A 50 11.20 -3.12 -7.02
CA LEU A 50 10.67 -4.30 -7.72
C LEU A 50 11.79 -4.88 -8.61
N LYS A 51 12.40 -6.01 -8.16
CA LYS A 51 13.54 -6.66 -8.85
C LYS A 51 13.30 -6.90 -10.37
N ASP A 52 12.06 -7.26 -10.75
CA ASP A 52 11.71 -7.53 -12.15
C ASP A 52 11.10 -6.30 -12.85
N VAL A 53 11.94 -5.53 -13.58
CA VAL A 53 11.48 -4.32 -14.32
C VAL A 53 11.12 -4.67 -15.79
N GLY A 54 11.29 -5.95 -16.19
CA GLY A 54 10.97 -6.41 -17.55
C GLY A 54 9.85 -7.45 -17.56
N SER A 55 9.80 -8.31 -16.50
CA SER A 55 8.77 -9.37 -16.38
C SER A 55 7.49 -8.82 -15.71
N LEU A 56 6.71 -8.02 -16.47
CA LEU A 56 5.44 -7.44 -15.98
C LEU A 56 4.23 -8.16 -16.61
N ASP A 57 4.25 -9.52 -16.56
CA ASP A 57 3.16 -10.35 -17.12
C ASP A 57 2.35 -11.02 -15.99
N GLU A 58 3.03 -11.54 -14.96
CA GLU A 58 2.36 -12.23 -13.83
C GLU A 58 1.63 -11.23 -12.90
N LYS A 59 2.13 -9.97 -12.83
CA LYS A 59 1.53 -8.93 -11.96
C LYS A 59 0.44 -8.14 -12.71
N MET A 60 0.66 -7.82 -14.00
CA MET A 60 -0.30 -7.04 -14.80
C MET A 60 -1.68 -7.74 -14.92
N LYS A 61 -1.67 -9.09 -15.07
CA LYS A 61 -2.93 -9.86 -15.17
C LYS A 61 -3.70 -9.85 -13.83
N SER A 62 -2.96 -9.98 -12.71
CA SER A 62 -3.54 -9.97 -11.36
C SER A 62 -4.08 -8.57 -10.98
N LEU A 63 -3.47 -7.51 -11.55
CA LEU A 63 -3.89 -6.12 -11.28
C LEU A 63 -5.23 -5.82 -11.98
N ASP A 64 -5.24 -5.85 -13.33
CA ASP A 64 -6.45 -5.59 -14.11
C ASP A 64 -7.30 -6.87 -14.23
N VAL A 65 -7.96 -7.26 -13.13
CA VAL A 65 -8.80 -8.47 -13.09
C VAL A 65 -10.21 -8.24 -13.69
N ASN A 66 -10.68 -6.97 -13.66
CA ASN A 66 -12.00 -6.60 -14.20
C ASN A 66 -12.02 -6.65 -15.76
N GLN A 67 -10.82 -6.52 -16.39
CA GLN A 67 -10.67 -6.54 -17.87
C GLN A 67 -11.41 -5.37 -18.53
N ASP A 68 -10.85 -4.15 -18.35
CA ASP A 68 -11.42 -2.91 -18.93
C ASP A 68 -10.30 -1.92 -19.37
N SER A 69 -9.01 -2.38 -19.42
CA SER A 69 -7.86 -1.53 -19.80
C SER A 69 -7.71 -0.29 -18.88
N GLU A 70 -8.14 -0.41 -17.61
CA GLU A 70 -8.06 0.69 -16.62
C GLU A 70 -7.70 0.12 -15.24
N LEU A 71 -6.51 0.48 -14.72
CA LEU A 71 -6.05 -0.01 -13.41
C LEU A 71 -6.46 0.95 -12.28
N LYS A 72 -7.70 0.79 -11.77
CA LYS A 72 -8.21 1.61 -10.66
C LYS A 72 -7.42 1.26 -9.39
N PHE A 73 -7.44 2.10 -8.33
CA PHE A 73 -6.67 1.78 -7.11
C PHE A 73 -7.15 0.46 -6.44
N ASN A 74 -8.42 0.05 -6.71
CA ASN A 74 -8.95 -1.22 -6.20
C ASN A 74 -8.31 -2.41 -6.96
N GLU A 75 -7.99 -2.19 -8.27
CA GLU A 75 -7.33 -3.19 -9.13
C GLU A 75 -5.79 -3.09 -8.98
N TYR A 76 -5.26 -1.85 -8.94
CA TYR A 76 -3.80 -1.57 -8.74
C TYR A 76 -3.31 -2.11 -7.37
N TRP A 77 -4.28 -2.30 -6.44
CA TRP A 77 -4.08 -2.84 -5.07
C TRP A 77 -3.06 -4.01 -5.02
N ARG A 78 -3.06 -4.90 -6.04
CA ARG A 78 -2.13 -6.06 -6.12
C ARG A 78 -0.63 -5.65 -6.17
N LEU A 79 -0.32 -4.41 -6.62
CA LEU A 79 1.08 -3.93 -6.71
C LEU A 79 1.50 -3.21 -5.41
N ILE A 80 0.54 -2.49 -4.76
CA ILE A 80 0.81 -1.77 -3.50
C ILE A 80 1.17 -2.79 -2.38
N GLY A 81 0.48 -3.96 -2.38
CA GLY A 81 0.78 -5.02 -1.42
C GLY A 81 2.16 -5.65 -1.66
N GLU A 82 2.55 -5.75 -2.95
CA GLU A 82 3.87 -6.29 -3.34
C GLU A 82 4.99 -5.23 -3.16
N LEU A 83 4.61 -3.93 -3.13
CA LEU A 83 5.56 -2.81 -2.95
C LEU A 83 6.31 -2.91 -1.59
N ALA A 84 5.54 -3.05 -0.49
CA ALA A 84 6.13 -3.18 0.86
C ALA A 84 6.69 -4.59 1.12
N LYS A 85 6.19 -5.60 0.37
CA LYS A 85 6.68 -6.98 0.49
C LYS A 85 8.07 -7.11 -0.15
N GLU A 86 8.25 -6.52 -1.36
CA GLU A 86 9.55 -6.56 -2.07
C GLU A 86 10.61 -5.65 -1.41
N ILE A 87 10.20 -4.69 -0.56
CA ILE A 87 11.14 -3.78 0.15
C ILE A 87 12.02 -4.56 1.16
N ARG A 88 11.46 -5.62 1.77
CA ARG A 88 12.17 -6.45 2.77
C ARG A 88 12.44 -7.88 2.28
N LYS A 89 11.49 -8.48 1.52
CA LYS A 89 11.65 -9.86 1.00
C LYS A 89 11.52 -9.91 -0.54
N LYS A 90 12.55 -9.40 -1.25
CA LYS A 90 12.60 -9.41 -2.72
C LYS A 90 13.28 -10.70 -3.22
N LYS A 91 14.40 -11.06 -2.55
CA LYS A 91 15.17 -12.26 -2.86
C LYS A 91 15.36 -13.09 -1.56
N ASP A 92 14.23 -13.54 -0.96
CA ASP A 92 14.25 -14.32 0.30
C ASP A 92 14.67 -15.78 0.04
N LEU A 93 15.98 -15.99 -0.23
CA LEU A 93 16.54 -17.32 -0.50
C LEU A 93 18.08 -17.29 -0.45
N LYS A 94 18.71 -16.38 -1.23
CA LYS A 94 20.18 -16.23 -1.29
C LYS A 94 20.66 -15.11 -0.34
N ILE A 95 19.89 -14.00 -0.25
CA ILE A 95 20.24 -12.86 0.62
C ILE A 95 19.07 -12.44 1.54
N ARG A 96 19.39 -12.02 2.78
CA ARG A 96 18.38 -11.61 3.76
C ARG A 96 18.96 -10.58 4.76
N LYS A 97 19.58 -9.52 4.23
CA LYS A 97 20.18 -8.44 5.06
C LYS A 97 20.37 -7.15 4.25
N LYS A 98 19.30 -6.32 4.16
CA LYS A 98 19.33 -5.04 3.43
C LYS A 98 19.26 -3.88 4.40
N MET B 1 15.75 -8.45 4.77
CA MET B 1 14.74 -8.56 5.83
C MET B 1 14.34 -7.17 6.39
N ALA B 2 15.28 -6.21 6.39
CA ALA B 2 15.04 -4.85 6.88
C ALA B 2 14.74 -3.89 5.72
N ALA B 3 13.92 -2.85 6.00
CA ALA B 3 13.55 -1.86 4.98
C ALA B 3 14.53 -0.68 4.97
N GLU B 4 15.16 -0.43 3.80
CA GLU B 4 16.12 0.66 3.64
C GLU B 4 15.61 1.70 2.61
N PRO B 5 15.67 3.05 2.93
CA PRO B 5 15.18 4.11 2.02
C PRO B 5 15.91 4.15 0.66
N LEU B 6 15.16 4.41 -0.43
CA LEU B 6 15.72 4.48 -1.79
C LEU B 6 15.21 5.74 -2.56
N THR B 7 14.17 5.60 -3.42
CA THR B 7 13.60 6.74 -4.19
C THR B 7 12.38 7.32 -3.44
N GLU B 8 11.96 8.56 -3.79
CA GLU B 8 10.80 9.21 -3.13
C GLU B 8 9.53 8.32 -3.11
N LEU B 9 9.23 7.62 -4.23
CA LEU B 9 8.04 6.72 -4.30
C LEU B 9 8.31 5.39 -3.57
N GLU B 10 9.54 4.83 -3.72
CA GLU B 10 9.92 3.57 -3.05
C GLU B 10 10.10 3.77 -1.53
N GLU B 11 10.44 5.01 -1.11
CA GLU B 11 10.63 5.35 0.31
C GLU B 11 9.29 5.53 1.05
N SER B 12 8.20 5.86 0.32
CA SER B 12 6.86 6.04 0.91
C SER B 12 6.42 4.77 1.67
N ILE B 13 6.39 3.60 0.97
CA ILE B 13 6.03 2.31 1.60
C ILE B 13 7.16 1.81 2.53
N GLU B 14 8.39 2.30 2.32
CA GLU B 14 9.57 1.95 3.14
C GLU B 14 9.43 2.51 4.56
N THR B 15 8.95 3.77 4.67
CA THR B 15 8.73 4.43 5.97
C THR B 15 7.60 3.74 6.77
N VAL B 16 6.58 3.21 6.05
CA VAL B 16 5.45 2.48 6.68
C VAL B 16 5.97 1.26 7.48
N VAL B 17 7.07 0.63 6.99
CA VAL B 17 7.69 -0.53 7.66
C VAL B 17 8.50 -0.07 8.91
N THR B 18 9.51 0.79 8.69
CA THR B 18 10.40 1.29 9.79
C THR B 18 9.63 1.94 10.95
N THR B 19 8.51 2.65 10.67
CA THR B 19 7.71 3.31 11.71
C THR B 19 7.04 2.30 12.67
N PHE B 20 6.42 1.23 12.11
CA PHE B 20 5.72 0.22 12.94
C PHE B 20 6.43 -1.17 12.93
N PHE B 21 7.77 -1.19 12.77
CA PHE B 21 8.54 -2.46 12.77
C PHE B 21 8.82 -2.91 14.23
N THR B 22 9.05 -1.93 15.13
CA THR B 22 9.32 -2.18 16.56
C THR B 22 8.08 -2.77 17.27
N PHE B 23 6.87 -2.34 16.86
CA PHE B 23 5.61 -2.83 17.44
C PHE B 23 5.18 -4.16 16.78
N ALA B 24 5.48 -4.33 15.47
CA ALA B 24 5.13 -5.55 14.73
C ALA B 24 5.99 -6.77 15.15
N ARG B 25 7.25 -6.51 15.57
CA ARG B 25 8.17 -7.59 16.00
C ARG B 25 7.89 -8.11 17.42
N GLN B 26 7.06 -7.39 18.20
CA GLN B 26 6.72 -7.80 19.58
C GLN B 26 5.93 -9.13 19.61
N GLU B 27 5.05 -9.34 18.61
CA GLU B 27 4.23 -10.57 18.49
C GLU B 27 4.75 -11.48 17.36
N GLY B 28 4.06 -12.62 17.12
CA GLY B 28 4.44 -13.61 16.09
C GLY B 28 5.02 -13.03 14.80
N ARG B 29 6.23 -13.50 14.41
CA ARG B 29 6.95 -13.06 13.19
C ARG B 29 7.37 -11.58 13.25
N LYS B 30 8.59 -11.28 12.74
CA LYS B 30 9.13 -9.92 12.74
C LYS B 30 8.43 -9.04 11.68
N ASP B 31 8.20 -9.60 10.48
CA ASP B 31 7.55 -8.89 9.37
C ASP B 31 6.03 -9.19 9.36
N SER B 32 5.38 -9.03 10.54
CA SER B 32 3.93 -9.28 10.69
C SER B 32 3.35 -8.55 11.92
N LEU B 33 2.23 -7.84 11.72
CA LEU B 33 1.55 -7.08 12.79
C LEU B 33 0.61 -8.00 13.60
N SER B 34 0.10 -7.50 14.75
CA SER B 34 -0.82 -8.26 15.62
C SER B 34 -2.27 -7.79 15.43
N VAL B 35 -3.24 -8.59 15.94
CA VAL B 35 -4.68 -8.26 15.83
C VAL B 35 -5.11 -7.14 16.81
N ASN B 36 -4.36 -6.96 17.92
CA ASN B 36 -4.67 -5.92 18.92
C ASN B 36 -3.81 -4.65 18.73
N GLU B 37 -2.55 -4.82 18.25
CA GLU B 37 -1.62 -3.68 18.04
C GLU B 37 -1.97 -2.85 16.79
N PHE B 38 -2.53 -3.47 15.73
CA PHE B 38 -2.92 -2.74 14.51
C PHE B 38 -4.14 -1.82 14.78
N LYS B 39 -5.06 -2.30 15.65
CA LYS B 39 -6.28 -1.54 16.03
C LYS B 39 -5.92 -0.25 16.79
N GLU B 40 -4.87 -0.31 17.64
CA GLU B 40 -4.39 0.86 18.41
C GLU B 40 -3.78 1.93 17.46
N LEU B 41 -3.17 1.47 16.34
CA LEU B 41 -2.56 2.38 15.35
C LEU B 41 -3.62 3.16 14.55
N VAL B 42 -4.80 2.55 14.30
CA VAL B 42 -5.89 3.21 13.56
C VAL B 42 -6.66 4.22 14.46
N THR B 43 -6.68 3.99 15.79
CA THR B 43 -7.40 4.88 16.73
C THR B 43 -6.46 5.89 17.44
N GLN B 44 -5.15 5.90 17.11
CA GLN B 44 -4.18 6.83 17.75
C GLN B 44 -3.34 7.62 16.73
N GLN B 45 -2.57 6.90 15.87
CA GLN B 45 -1.68 7.54 14.89
C GLN B 45 -2.24 7.59 13.45
N LEU B 46 -3.38 6.90 13.19
CA LEU B 46 -4.00 6.88 11.84
C LEU B 46 -5.56 6.99 11.92
N PRO B 47 -6.16 7.89 12.77
CA PRO B 47 -7.63 8.03 12.88
C PRO B 47 -8.27 8.97 11.82
N HIS B 48 -7.54 10.02 11.39
CA HIS B 48 -8.06 10.99 10.39
C HIS B 48 -8.22 10.33 9.00
N LEU B 49 -7.32 9.38 8.66
CA LEU B 49 -7.37 8.70 7.35
C LEU B 49 -8.58 7.77 7.25
N LEU B 50 -8.65 6.74 8.12
CA LEU B 50 -9.77 5.78 8.12
C LEU B 50 -10.93 6.33 8.97
N LYS B 51 -12.04 6.70 8.29
CA LYS B 51 -13.25 7.26 8.96
C LYS B 51 -13.77 6.37 10.11
N ASP B 52 -13.68 5.04 9.95
CA ASP B 52 -14.15 4.09 10.97
C ASP B 52 -12.99 3.66 11.90
N VAL B 53 -12.93 4.25 13.11
CA VAL B 53 -11.88 3.94 14.10
C VAL B 53 -12.34 2.92 15.17
N GLY B 54 -13.67 2.87 15.45
CA GLY B 54 -14.21 1.94 16.42
C GLY B 54 -14.56 0.58 15.83
N SER B 55 -15.44 0.58 14.81
CA SER B 55 -15.88 -0.67 14.14
C SER B 55 -14.87 -1.10 13.06
N LEU B 56 -13.89 -1.94 13.45
CA LEU B 56 -12.87 -2.46 12.53
C LEU B 56 -13.14 -3.93 12.14
N ASP B 57 -14.32 -4.48 12.52
CA ASP B 57 -14.70 -5.88 12.20
C ASP B 57 -14.89 -6.07 10.68
N GLU B 58 -15.27 -4.99 9.96
CA GLU B 58 -15.46 -5.02 8.50
C GLU B 58 -14.13 -5.33 7.78
N LYS B 59 -13.00 -4.85 8.36
CA LYS B 59 -11.65 -5.08 7.81
C LYS B 59 -10.93 -6.25 8.51
N MET B 60 -11.09 -6.37 9.86
CA MET B 60 -10.43 -7.43 10.68
C MET B 60 -10.78 -8.86 10.19
N LYS B 61 -12.06 -9.10 9.86
CA LYS B 61 -12.51 -10.43 9.37
C LYS B 61 -11.80 -10.81 8.05
N SER B 62 -11.58 -9.80 7.18
CA SER B 62 -10.90 -10.02 5.89
C SER B 62 -9.36 -10.03 6.08
N LEU B 63 -8.86 -9.24 7.05
CA LEU B 63 -7.41 -9.15 7.35
C LEU B 63 -6.84 -10.51 7.81
N ASP B 64 -7.45 -11.09 8.86
CA ASP B 64 -7.02 -12.39 9.39
C ASP B 64 -7.76 -13.52 8.63
N VAL B 65 -7.37 -13.71 7.36
CA VAL B 65 -7.97 -14.73 6.47
C VAL B 65 -7.36 -16.14 6.66
N ASN B 66 -6.17 -16.23 7.31
CA ASN B 66 -5.49 -17.51 7.55
C ASN B 66 -5.85 -18.13 8.93
N GLN B 67 -6.59 -17.39 9.79
CA GLN B 67 -6.98 -17.86 11.15
C GLN B 67 -5.74 -18.24 12.01
N ASP B 68 -4.65 -17.45 11.87
CA ASP B 68 -3.37 -17.70 12.61
C ASP B 68 -3.04 -16.59 13.63
N SER B 69 -3.88 -15.52 13.72
CA SER B 69 -3.66 -14.37 14.64
C SER B 69 -2.37 -13.59 14.28
N GLU B 70 -1.92 -13.69 13.01
CA GLU B 70 -0.72 -12.99 12.54
C GLU B 70 -1.07 -12.17 11.28
N LEU B 71 -0.93 -10.83 11.38
CA LEU B 71 -1.27 -9.92 10.28
C LEU B 71 -0.02 -9.57 9.44
N LYS B 72 0.50 -10.56 8.68
CA LYS B 72 1.65 -10.37 7.77
C LYS B 72 1.21 -9.40 6.66
N PHE B 73 2.16 -8.76 5.93
CA PHE B 73 1.77 -7.81 4.86
C PHE B 73 0.82 -8.43 3.80
N ASN B 74 0.84 -9.78 3.66
CA ASN B 74 -0.06 -10.50 2.74
C ASN B 74 -1.49 -10.56 3.33
N GLU B 75 -1.58 -10.82 4.65
CA GLU B 75 -2.87 -10.85 5.39
C GLU B 75 -3.35 -9.41 5.69
N TYR B 76 -2.38 -8.49 5.92
CA TYR B 76 -2.63 -7.07 6.20
C TYR B 76 -3.02 -6.30 4.90
N TRP B 77 -2.84 -6.95 3.73
CA TRP B 77 -3.14 -6.41 2.40
C TRP B 77 -4.54 -5.73 2.30
N ARG B 78 -5.57 -6.29 2.98
CA ARG B 78 -6.95 -5.72 2.94
C ARG B 78 -7.03 -4.26 3.43
N LEU B 79 -6.32 -3.93 4.53
CA LEU B 79 -6.33 -2.56 5.09
C LEU B 79 -5.41 -1.61 4.29
N ILE B 80 -4.41 -2.15 3.57
CA ILE B 80 -3.48 -1.34 2.76
C ILE B 80 -4.20 -0.72 1.54
N GLY B 81 -5.12 -1.48 0.91
CA GLY B 81 -5.88 -0.97 -0.23
C GLY B 81 -6.84 0.15 0.17
N GLU B 82 -7.53 -0.03 1.32
CA GLU B 82 -8.46 0.97 1.86
C GLU B 82 -7.70 2.19 2.42
N LEU B 83 -6.42 1.96 2.84
CA LEU B 83 -5.55 3.04 3.39
C LEU B 83 -5.36 4.17 2.35
N ALA B 84 -4.93 3.80 1.12
CA ALA B 84 -4.69 4.78 0.04
C ALA B 84 -5.97 5.17 -0.73
N LYS B 85 -7.05 4.37 -0.60
CA LYS B 85 -8.32 4.65 -1.29
C LYS B 85 -9.14 5.74 -0.55
N GLU B 86 -9.15 5.68 0.80
CA GLU B 86 -9.90 6.63 1.64
C GLU B 86 -9.19 8.00 1.80
N ILE B 87 -7.86 8.07 1.52
CA ILE B 87 -7.10 9.34 1.66
C ILE B 87 -7.65 10.45 0.74
N ARG B 88 -8.03 10.09 -0.52
CA ARG B 88 -8.57 11.06 -1.48
C ARG B 88 -10.11 11.12 -1.43
N LYS B 89 -10.76 9.97 -1.19
CA LYS B 89 -12.23 9.91 -1.13
C LYS B 89 -12.73 8.80 -0.17
N LYS B 90 -12.96 9.16 1.11
CA LYS B 90 -13.47 8.21 2.11
C LYS B 90 -15.01 8.12 2.00
N LYS B 91 -15.65 9.27 1.67
CA LYS B 91 -17.10 9.36 1.49
C LYS B 91 -17.38 9.98 0.10
N ASP B 92 -17.39 9.15 -0.97
CA ASP B 92 -17.61 9.62 -2.35
C ASP B 92 -19.12 9.86 -2.64
N LEU B 93 -19.69 10.83 -1.92
CA LEU B 93 -21.13 11.21 -2.04
C LEU B 93 -21.41 12.46 -1.17
N LYS B 94 -20.99 12.40 0.11
CA LYS B 94 -21.17 13.50 1.08
C LYS B 94 -20.13 14.61 0.84
N ILE B 95 -18.84 14.22 0.75
CA ILE B 95 -17.72 15.17 0.53
C ILE B 95 -17.03 14.85 -0.81
N ARG B 96 -16.67 15.90 -1.58
CA ARG B 96 -15.98 15.72 -2.88
C ARG B 96 -14.81 16.72 -3.09
N LYS B 97 -14.21 17.21 -1.99
CA LYS B 97 -13.06 18.16 -2.05
C LYS B 97 -12.35 18.28 -0.70
N LYS B 98 -11.25 17.54 -0.51
CA LYS B 98 -10.47 17.57 0.74
C LYS B 98 -8.99 17.25 0.46
NAA ANW C . -10.17 16.56 -10.54
NAB ANW C . -12.06 17.53 -11.49
CAC ANW C . -2.67 15.03 -8.02
CAD ANW C . -3.52 15.79 -6.99
CAE ANW C . -3.35 15.13 -5.62
CAF ANW C . -4.85 15.77 -7.38
CAG ANW C . -5.43 16.92 -7.90
CAH ANW C . -6.72 16.88 -8.42
CAI ANW C . -7.44 15.70 -8.39
CAJ ANW C . -6.88 14.55 -7.86
CAK ANW C . -5.58 14.58 -7.35
CAL ANW C . -9.06 16.67 -9.81
CAM ANW C . -10.83 17.64 -10.99
CAN ANW C . -10.36 18.91 -10.74
CAO ANW C . -9.22 19.06 -9.96
CAP ANW C . -8.55 17.93 -9.51
CAQ ANW C . -7.29 18.04 -8.94
CAR ANW C . -10.89 20.01 -11.41
OAS ANW C . -8.60 15.60 -9.10
OAT ANW C . -6.69 19.11 -8.93
OAU ANW C . -10.49 21.17 -11.14
OAV ANW C . -11.75 19.84 -12.31
HNAB ANW C . -12.44 16.63 -11.70
HNAA ANW C . -12.62 18.35 -11.60
HAC ANW C . -3.07 14.01 -8.03
HACA ANW C . -2.87 15.42 -9.02
HACB ANW C . -1.62 14.92 -7.75
HAD ANW C . -3.17 16.81 -6.95
HAE ANW C . -3.68 14.11 -5.72
HAEA ANW C . -2.29 15.09 -5.37
HAEB ANW C . -3.98 15.56 -4.84
HAG ANW C . -4.86 17.85 -7.92
HAJ ANW C . -7.43 13.62 -7.85
HAK ANW C . -5.11 13.66 -6.98
HAO ANW C . -8.85 20.06 -9.70
NAA ANW D . 20.33 -5.25 12.19
NAB ANW D . 21.85 -6.80 13.00
CAC ANW D . 13.03 -1.97 10.01
CAD ANW D . 13.70 -1.58 11.34
CAE ANW D . 13.71 -0.06 11.49
CAF ANW D . 15.00 -2.08 11.36
CAG ANW D . 15.37 -2.98 12.36
CAH ANW D . 16.68 -3.45 12.41
CAI ANW D . 17.61 -3.02 11.48
CAJ ANW D . 17.24 -2.12 10.50
CAK ANW D . 15.94 -1.64 10.44
CAL ANW D . 19.14 -4.65 12.28
CAM ANW D . 20.81 -6.00 13.19
CAN ANW D . 20.09 -6.17 14.36
CAO ANW D . 18.84 -5.56 14.48
CAP ANW D . 18.36 -4.78 13.43
CAQ ANW D . 17.07 -4.31 13.44
CAR ANW D . 20.66 -6.79 15.47
OAS ANW D . 18.84 -3.62 11.43
OAT ANW D . 16.28 -4.63 14.33
OAU ANW D . 19.98 -6.98 16.50
OAV ANW D . 21.86 -7.13 15.45
HNAB ANW D . 22.40 -6.72 12.17
HNAA ANW D . 22.06 -7.52 13.67
HAC ANW D . 13.62 -1.51 9.23
HACA ANW D . 13.12 -3.05 9.87
HACB ANW D . 12.03 -1.56 9.89
HAD ANW D . 13.14 -2.03 12.16
HAE ANW D . 14.29 0.32 10.66
HAEA ANW D . 12.70 0.33 11.35
HAEB ANW D . 14.21 0.29 12.39
HAG ANW D . 14.63 -3.35 13.07
HAJ ANW D . 17.97 -1.80 9.74
HAK ANW D . 15.65 -0.94 9.65
HAO ANW D . 18.24 -5.70 15.38
#